data_8ZY5
#
_entry.id   8ZY5
#
_cell.length_a   1.00
_cell.length_b   1.00
_cell.length_c   1.00
_cell.angle_alpha   90.00
_cell.angle_beta   90.00
_cell.angle_gamma   90.00
#
_symmetry.space_group_name_H-M   'P 1'
#
loop_
_entity.id
_entity.type
_entity.pdbx_description
1 polymer 'Spike glycoprotein'
2 branched 2-acetamido-2-deoxy-beta-D-glucopyranose-(1-4)-2-acetamido-2-deoxy-beta-D-glucopyranose
3 non-polymer 2-acetamido-2-deoxy-beta-D-glucopyranose
#
_entity_poly.entity_id   1
_entity_poly.type   'polypeptide(L)'
_entity_poly.pdbx_seq_one_letter_code
;MFILLLIGYTAATTCVTGPTIENKQNVSSLMRGVYYPDDIYRSNVNVLFTVPFLRFNSTLTWYNFWNQAYTSRVMEFGDG
IYFSTVDKSNAVRGWIFGTTLDNTTQSALLINNGSLVTIQVCYFQFCANPAFLVAGGQQTSAAVYISSHNCTYSEVLSHI
SLDFTEDTGSFKRLREFVFKNNDGFLHIYGAYQPHVIDIGATPSLPSTFKPLIPLWKLPLGLNITNFKVVLTFRSNSQPL
QANFAVGSLKLTTIMLSFDVNGTIDKAVDCSSDPLSELKCTLKSFNVSKGIYPTSNFRILPSTEVVRFPNITNFCPFDKV
FNATRFPNVYAWQRTKISDCIADYTVLYNSTSFSTFKCYGVSPSKLIDLCFTSVYADTFLIRFSEVRQIAPGETGVIADY
NYKLPDDFTGCVLAWNTAQQDIGSYFYRSHRAVKLKPFERDLSSDENGVRTLSTYDFNPNVPLDYQATRVVVLSFELLNA
PATVCGPKLSTQLVKNRCVNFNFNGLRGTGVLTDSDKRFQSFQQFGRDSADFTDSVRDPQTLQILDISPCSFGGVSVITP
GTQTSSKVAVLYQDVNCTDVPTALGLDQISAAWRVYAIGNDVFQTQAGCLVGAEHTNISYECDIPIGAGVCASYNSPAAR
VGTNSIIAYAMSIGAESSIAYSNNSIAIPTNFSIQVTTEVLPVSVSKTSVDCTMYICGDSQECNKLLLQYGSFCAQLNRA
LSGVAVEQDKNTEAVFAQVKQIYKAPVIKDLGGFNFSQLLPDPTKPSQRSFIEDLLFDKVTLSDAGFIKQYGDCLGDIAA
RDLICAQKFNGLTVLPPLLTDEMIAAYTSALVSGTATAGWTFGIGAALQVPFAMQMAYRFNGIGVTQNVLYENQKLIANQ
FNSAIGKIQDSLSSTASALGKLQDVVNQNAQALNTLVKQLSSNFGAISSVLNDILSRLDKVEAEVQIDRLITGRLQSLQT
YVTQQLIRAAEIRASANLAATKMSECVLGQSKRVDFCGKGYHLMSFPQSAPHGVVFLHVTYVPAQEKNFTTAPAICYDGK
AHFPREGVFVSNGTHWFVTQRNFYEPQIITTDNTFVSGSCDVVIGIVNNTVYDPLQPELDSFKEELDKYFKNHTSPDVDL
GDISGINASVVNIQKEIDRLNEVAKNLNESLIDLQELGKYEQGSGYIPEAPRDGQAYVRKDGEWVLLSTFLLEVLFQGPG
HHHHHHHHSAWSHPQFEKGGGSGGGGSGGSAWSHPQFEKSA
;
_entity_poly.pdbx_strand_id   A,B,C
#
loop_
_chem_comp.id
_chem_comp.type
_chem_comp.name
_chem_comp.formula
NAG D-saccharide, beta linking 2-acetamido-2-deoxy-beta-D-glucopyranose 'C8 H15 N O6'
#
# COMPACT_ATOMS: atom_id res chain seq x y z
N LYS A 24 -38.53 -44.45 -14.34
CA LYS A 24 -37.65 -44.92 -13.28
C LYS A 24 -36.19 -44.86 -13.71
N GLN A 25 -35.92 -44.05 -14.72
CA GLN A 25 -34.58 -43.92 -15.27
C GLN A 25 -34.01 -42.54 -14.92
N ASN A 26 -32.81 -42.24 -15.44
CA ASN A 26 -32.13 -40.98 -15.20
C ASN A 26 -32.27 -40.07 -16.41
N VAL A 27 -32.28 -38.76 -16.15
CA VAL A 27 -32.04 -37.74 -17.15
C VAL A 27 -30.95 -36.81 -16.63
N SER A 28 -30.63 -35.79 -17.43
CA SER A 28 -29.55 -34.87 -17.13
C SER A 28 -30.10 -33.51 -16.75
N SER A 29 -29.54 -32.93 -15.68
CA SER A 29 -29.89 -31.58 -15.26
C SER A 29 -29.27 -30.61 -16.24
N LEU A 30 -29.97 -30.33 -17.32
CA LEU A 30 -29.44 -29.48 -18.39
C LEU A 30 -29.69 -28.01 -18.04
N MET A 31 -28.93 -27.56 -17.03
CA MET A 31 -29.02 -26.21 -16.44
C MET A 31 -30.45 -25.86 -16.04
N ARG A 32 -31.11 -26.77 -15.32
CA ARG A 32 -32.48 -26.56 -14.91
C ARG A 32 -32.62 -26.53 -13.39
N GLY A 33 -31.70 -25.86 -12.71
CA GLY A 33 -31.77 -25.77 -11.26
C GLY A 33 -31.33 -24.44 -10.70
N VAL A 34 -31.31 -23.41 -11.53
CA VAL A 34 -30.82 -22.10 -11.13
C VAL A 34 -31.96 -21.28 -10.56
N TYR A 35 -31.77 -20.76 -9.35
CA TYR A 35 -32.78 -19.98 -8.66
C TYR A 35 -32.13 -18.73 -8.07
N TYR A 36 -32.95 -17.91 -7.43
CA TYR A 36 -32.48 -16.65 -6.84
C TYR A 36 -32.02 -16.92 -5.41
N PRO A 37 -30.73 -16.80 -5.10
CA PRO A 37 -30.24 -17.20 -3.77
C PRO A 37 -30.61 -16.23 -2.67
N ASP A 38 -30.49 -14.94 -2.95
CA ASP A 38 -30.76 -13.90 -1.96
C ASP A 38 -31.99 -13.10 -2.37
N ASP A 39 -32.74 -12.66 -1.36
CA ASP A 39 -33.97 -11.91 -1.60
C ASP A 39 -33.71 -10.47 -2.04
N ILE A 40 -32.48 -9.98 -1.89
CA ILE A 40 -32.16 -8.59 -2.20
C ILE A 40 -32.10 -8.38 -3.71
N TYR A 41 -32.10 -7.12 -4.13
CA TYR A 41 -32.16 -6.76 -5.54
C TYR A 41 -30.77 -6.39 -6.06
N ARG A 42 -30.44 -6.91 -7.23
CA ARG A 42 -29.17 -6.60 -7.89
C ARG A 42 -29.43 -6.44 -9.38
N SER A 43 -28.56 -5.68 -10.03
CA SER A 43 -28.68 -5.44 -11.47
C SER A 43 -27.32 -5.13 -12.06
N ASN A 44 -27.10 -5.63 -13.28
CA ASN A 44 -25.91 -5.37 -14.10
C ASN A 44 -24.61 -5.80 -13.43
N VAL A 45 -24.68 -6.84 -12.60
CA VAL A 45 -23.51 -7.33 -11.88
C VAL A 45 -23.40 -8.84 -12.08
N ASN A 46 -22.20 -9.36 -11.87
CA ASN A 46 -21.94 -10.80 -11.85
C ASN A 46 -21.32 -11.12 -10.50
N VAL A 47 -22.04 -11.88 -9.68
CA VAL A 47 -21.64 -12.12 -8.31
C VAL A 47 -21.57 -13.61 -8.03
N LEU A 48 -20.75 -13.97 -7.06
CA LEU A 48 -20.47 -15.35 -6.70
C LEU A 48 -21.30 -15.75 -5.47
N PHE A 49 -21.54 -17.05 -5.34
CA PHE A 49 -22.31 -17.60 -4.23
C PHE A 49 -21.74 -18.96 -3.86
N THR A 50 -22.01 -19.38 -2.63
CA THR A 50 -21.63 -20.68 -2.08
C THR A 50 -22.86 -21.38 -1.52
N VAL A 51 -23.90 -21.47 -2.34
CA VAL A 51 -25.24 -21.76 -1.83
C VAL A 51 -25.60 -23.21 -2.13
N PRO A 52 -26.67 -23.76 -1.54
CA PRO A 52 -27.23 -24.99 -2.09
C PRO A 52 -27.70 -24.77 -3.53
N PHE A 53 -27.41 -25.76 -4.37
CA PHE A 53 -27.60 -25.64 -5.80
C PHE A 53 -27.63 -27.06 -6.36
N LEU A 54 -28.30 -27.22 -7.49
CA LEU A 54 -28.29 -28.47 -8.24
C LEU A 54 -27.38 -28.29 -9.45
N ARG A 55 -26.20 -28.88 -9.38
CA ARG A 55 -25.15 -28.63 -10.36
C ARG A 55 -25.51 -29.20 -11.73
N PHE A 56 -24.79 -28.73 -12.75
CA PHE A 56 -25.13 -29.05 -14.13
C PHE A 56 -24.79 -30.50 -14.44
N ASN A 57 -25.60 -31.09 -15.32
CA ASN A 57 -25.48 -32.49 -15.77
C ASN A 57 -25.53 -33.47 -14.60
N SER A 58 -26.49 -33.25 -13.70
CA SER A 58 -26.70 -34.13 -12.56
C SER A 58 -27.70 -35.22 -12.93
N THR A 59 -28.13 -36.00 -11.94
CA THR A 59 -29.02 -37.12 -12.16
C THR A 59 -30.35 -36.88 -11.47
N LEU A 60 -31.41 -37.44 -12.06
CA LEU A 60 -32.75 -37.36 -11.50
C LEU A 60 -33.31 -38.77 -11.35
N THR A 61 -34.42 -38.87 -10.63
CA THR A 61 -34.99 -40.18 -10.28
C THR A 61 -36.50 -40.11 -10.56
N TRP A 62 -36.87 -39.72 -11.77
CA TRP A 62 -38.27 -39.47 -12.07
C TRP A 62 -39.03 -40.76 -12.32
N TYR A 63 -40.27 -40.80 -11.85
CA TYR A 63 -41.13 -41.96 -11.94
C TYR A 63 -42.35 -41.62 -12.78
N ASN A 64 -42.88 -42.61 -13.49
CA ASN A 64 -44.01 -42.36 -14.38
C ASN A 64 -45.24 -43.15 -13.92
N PHE A 65 -46.39 -42.68 -14.39
CA PHE A 65 -47.69 -43.23 -13.99
C PHE A 65 -48.19 -44.17 -15.08
N TRP A 66 -48.46 -45.41 -14.70
CA TRP A 66 -49.08 -46.43 -15.55
C TRP A 66 -50.40 -46.84 -14.93
N ASN A 67 -51.00 -47.91 -15.48
CA ASN A 67 -52.15 -48.54 -14.84
C ASN A 67 -51.77 -49.11 -13.48
N GLN A 68 -50.58 -49.68 -13.36
CA GLN A 68 -49.98 -50.03 -12.09
C GLN A 68 -48.68 -49.25 -11.94
N ALA A 69 -48.50 -48.61 -10.79
CA ALA A 69 -47.42 -47.64 -10.63
C ALA A 69 -47.08 -47.53 -9.14
N TYR A 70 -46.38 -46.46 -8.79
CA TYR A 70 -45.93 -46.25 -7.41
C TYR A 70 -47.10 -46.03 -6.47
N THR A 71 -46.93 -46.48 -5.22
CA THR A 71 -47.94 -46.32 -4.18
C THR A 71 -47.46 -45.36 -3.09
N SER A 72 -46.32 -45.63 -2.47
CA SER A 72 -45.77 -44.77 -1.44
C SER A 72 -44.26 -44.99 -1.38
N ARG A 73 -43.51 -43.89 -1.32
CA ARG A 73 -42.07 -43.94 -1.21
C ARG A 73 -41.59 -42.73 -0.41
N VAL A 74 -40.62 -42.94 0.46
CA VAL A 74 -40.07 -41.88 1.31
C VAL A 74 -38.70 -41.55 0.76
N MET A 75 -38.64 -40.55 -0.11
CA MET A 75 -37.35 -40.11 -0.63
C MET A 75 -36.75 -39.05 0.29
N GLU A 76 -35.42 -38.96 0.25
CA GLU A 76 -34.68 -38.19 1.24
C GLU A 76 -34.70 -36.71 0.90
N PHE A 77 -35.11 -35.89 1.89
CA PHE A 77 -35.05 -34.43 1.79
C PHE A 77 -33.64 -34.01 2.20
N GLY A 78 -32.72 -34.10 1.25
CA GLY A 78 -31.35 -33.75 1.55
C GLY A 78 -31.04 -32.31 1.23
N ASP A 79 -31.13 -31.46 2.26
CA ASP A 79 -31.00 -29.98 2.22
C ASP A 79 -31.64 -29.35 0.99
N GLY A 80 -32.87 -29.75 0.71
CA GLY A 80 -33.61 -29.18 -0.41
C GLY A 80 -33.83 -30.18 -1.53
N ILE A 81 -34.97 -30.04 -2.21
CA ILE A 81 -35.35 -30.90 -3.33
C ILE A 81 -35.68 -30.03 -4.53
N TYR A 82 -35.10 -30.35 -5.68
CA TYR A 82 -35.56 -29.81 -6.94
C TYR A 82 -36.66 -30.72 -7.46
N PHE A 83 -37.89 -30.23 -7.41
CA PHE A 83 -39.05 -30.98 -7.86
C PHE A 83 -39.44 -30.51 -9.27
N SER A 84 -39.96 -31.45 -10.06
CA SER A 84 -40.43 -31.11 -11.40
C SER A 84 -41.55 -32.05 -11.76
N THR A 85 -42.30 -31.69 -12.80
CA THR A 85 -43.36 -32.56 -13.31
C THR A 85 -43.64 -32.09 -14.72
N VAL A 86 -44.34 -32.88 -15.53
CA VAL A 86 -44.80 -32.37 -16.86
C VAL A 86 -46.29 -32.10 -16.64
N ASP A 87 -46.90 -32.77 -15.66
CA ASP A 87 -48.28 -32.45 -15.22
C ASP A 87 -49.37 -32.64 -16.28
N LYS A 88 -49.55 -33.83 -16.82
CA LYS A 88 -50.69 -34.12 -17.69
C LYS A 88 -51.97 -33.99 -16.87
N SER A 89 -52.83 -33.07 -17.28
CA SER A 89 -54.03 -32.60 -16.55
C SER A 89 -53.58 -32.12 -15.18
N ASN A 90 -54.23 -32.53 -14.09
CA ASN A 90 -53.84 -32.16 -12.73
C ASN A 90 -53.50 -33.44 -11.98
N ALA A 91 -52.24 -33.87 -12.10
CA ALA A 91 -51.79 -35.14 -11.54
C ALA A 91 -51.17 -34.97 -10.16
N VAL A 92 -50.28 -34.01 -9.98
CA VAL A 92 -49.68 -33.74 -8.68
C VAL A 92 -50.55 -32.75 -7.92
N ARG A 93 -50.74 -33.01 -6.63
CA ARG A 93 -51.55 -32.16 -5.78
C ARG A 93 -50.76 -31.47 -4.68
N GLY A 94 -49.56 -31.97 -4.34
CA GLY A 94 -48.78 -31.29 -3.33
C GLY A 94 -47.70 -32.20 -2.76
N TRP A 95 -47.12 -31.72 -1.66
CA TRP A 95 -45.94 -32.34 -1.07
C TRP A 95 -46.15 -32.47 0.42
N ILE A 96 -45.46 -33.42 1.02
CA ILE A 96 -45.51 -33.66 2.46
C ILE A 96 -44.07 -33.63 2.94
N PHE A 97 -43.78 -32.69 3.85
CA PHE A 97 -42.47 -32.54 4.45
C PHE A 97 -42.52 -33.04 5.89
N GLY A 98 -41.54 -33.82 6.30
CA GLY A 98 -41.55 -34.31 7.66
C GLY A 98 -40.21 -34.89 8.05
N THR A 99 -40.21 -35.56 9.21
CA THR A 99 -39.05 -36.27 9.70
C THR A 99 -39.35 -37.67 10.22
N THR A 100 -40.62 -37.96 10.55
CA THR A 100 -41.00 -39.33 10.92
C THR A 100 -42.30 -39.79 10.28
N LEU A 101 -43.11 -38.88 9.72
CA LEU A 101 -44.31 -39.18 8.92
C LEU A 101 -45.35 -39.95 9.74
N ASP A 102 -45.51 -39.55 10.99
CA ASP A 102 -46.53 -40.10 11.88
C ASP A 102 -47.20 -38.93 12.59
N ASN A 103 -47.96 -39.24 13.65
CA ASN A 103 -48.48 -38.21 14.53
C ASN A 103 -47.58 -37.99 15.74
N THR A 104 -46.30 -38.32 15.61
CA THR A 104 -45.29 -38.05 16.63
C THR A 104 -44.63 -36.70 16.45
N THR A 105 -44.32 -36.32 15.22
CA THR A 105 -43.75 -35.03 14.89
C THR A 105 -44.60 -34.41 13.79
N GLN A 106 -44.78 -33.08 13.83
CA GLN A 106 -45.65 -32.37 12.91
C GLN A 106 -45.12 -32.41 11.49
N SER A 107 -46.01 -32.19 10.53
CA SER A 107 -45.66 -32.28 9.12
C SER A 107 -46.40 -31.20 8.33
N ALA A 108 -45.84 -30.83 7.19
CA ALA A 108 -46.30 -29.64 6.46
C ALA A 108 -47.58 -29.91 5.67
N LEU A 109 -47.52 -30.85 4.72
CA LEU A 109 -48.65 -31.29 3.88
C LEU A 109 -49.23 -30.11 3.08
N LEU A 110 -48.44 -29.69 2.09
CA LEU A 110 -48.96 -28.80 1.05
C LEU A 110 -49.95 -29.56 0.17
N ILE A 111 -51.09 -28.92 -0.13
CA ILE A 111 -52.10 -29.48 -1.00
C ILE A 111 -52.61 -28.39 -1.94
N ASN A 112 -53.39 -28.81 -2.93
CA ASN A 112 -53.97 -27.91 -3.92
C ASN A 112 -55.43 -28.28 -4.17
N ASN A 113 -56.21 -28.45 -3.10
CA ASN A 113 -57.62 -28.75 -3.25
C ASN A 113 -58.38 -27.53 -3.79
N GLY A 114 -59.37 -27.81 -4.64
CA GLY A 114 -60.16 -26.78 -5.27
C GLY A 114 -59.37 -25.83 -6.15
N SER A 115 -59.22 -24.59 -5.71
CA SER A 115 -58.33 -23.63 -6.35
C SER A 115 -57.52 -22.87 -5.30
N LEU A 116 -57.36 -23.44 -4.12
CA LEU A 116 -56.61 -22.83 -3.03
C LEU A 116 -55.46 -23.73 -2.64
N VAL A 117 -54.28 -23.14 -2.45
CA VAL A 117 -53.13 -23.84 -1.89
C VAL A 117 -53.07 -23.50 -0.40
N THR A 118 -53.02 -24.53 0.43
CA THR A 118 -53.03 -24.37 1.88
C THR A 118 -51.88 -25.15 2.50
N ILE A 119 -51.40 -24.65 3.64
CA ILE A 119 -50.36 -25.32 4.40
C ILE A 119 -50.83 -25.45 5.84
N GLN A 120 -50.67 -26.65 6.41
CA GLN A 120 -51.17 -26.96 7.74
C GLN A 120 -50.14 -27.81 8.47
N VAL A 121 -49.31 -27.16 9.29
CA VAL A 121 -48.34 -27.90 10.08
C VAL A 121 -49.03 -28.45 11.32
N CYS A 122 -49.52 -29.68 11.23
CA CYS A 122 -50.23 -30.33 12.32
C CYS A 122 -49.66 -31.73 12.50
N TYR A 123 -50.18 -32.43 13.50
CA TYR A 123 -49.86 -33.85 13.69
C TYR A 123 -50.83 -34.67 12.85
N PHE A 124 -50.30 -35.45 11.91
CA PHE A 124 -51.08 -36.15 10.90
C PHE A 124 -50.99 -37.65 11.09
N GLN A 125 -52.14 -38.30 11.22
CA GLN A 125 -52.28 -39.73 10.95
C GLN A 125 -52.97 -39.92 9.60
N PHE A 126 -52.16 -39.82 8.54
CA PHE A 126 -52.71 -39.96 7.20
C PHE A 126 -52.83 -41.43 6.81
N CYS A 127 -53.30 -41.66 5.60
CA CYS A 127 -53.48 -43.01 5.07
C CYS A 127 -52.18 -43.51 4.44
N ALA A 128 -52.25 -44.63 3.73
CA ALA A 128 -51.05 -45.24 3.17
C ALA A 128 -50.57 -44.48 1.94
N ASN A 129 -51.39 -44.45 0.88
CA ASN A 129 -51.04 -43.71 -0.32
C ASN A 129 -51.77 -42.37 -0.40
N PRO A 130 -51.04 -41.25 -0.47
CA PRO A 130 -51.70 -39.94 -0.50
C PRO A 130 -52.36 -39.67 -1.84
N ALA A 131 -53.69 -39.56 -1.83
CA ALA A 131 -54.43 -39.41 -3.07
C ALA A 131 -55.72 -38.64 -2.82
N PHE A 132 -56.25 -38.09 -3.90
CA PHE A 132 -57.52 -37.37 -3.89
C PHE A 132 -58.54 -38.13 -4.73
N LEU A 133 -59.72 -38.38 -4.13
CA LEU A 133 -60.86 -39.06 -4.75
C LEU A 133 -60.51 -40.44 -5.32
N VAL A 144 -56.24 -37.39 1.48
CA VAL A 144 -54.80 -37.52 1.74
C VAL A 144 -54.57 -37.84 3.23
N TYR A 145 -55.40 -37.29 4.11
CA TYR A 145 -55.25 -37.52 5.54
C TYR A 145 -56.64 -37.62 6.15
N ILE A 146 -56.71 -38.29 7.30
CA ILE A 146 -57.96 -38.47 8.03
C ILE A 146 -57.92 -37.85 9.42
N SER A 147 -56.79 -37.96 10.13
CA SER A 147 -56.67 -37.44 11.49
C SER A 147 -55.59 -36.39 11.55
N SER A 148 -55.91 -35.25 12.15
CA SER A 148 -54.96 -34.15 12.31
C SER A 148 -55.27 -33.44 13.62
N HIS A 149 -54.28 -33.33 14.50
CA HIS A 149 -54.47 -32.63 15.76
C HIS A 149 -53.25 -31.79 16.11
N ASN A 150 -53.50 -30.79 16.96
CA ASN A 150 -52.51 -29.84 17.48
C ASN A 150 -51.79 -29.10 16.36
N CYS A 151 -52.56 -28.31 15.62
CA CYS A 151 -52.01 -27.52 14.53
C CYS A 151 -51.24 -26.32 15.09
N THR A 152 -50.00 -26.16 14.64
CA THR A 152 -49.17 -25.03 15.03
C THR A 152 -49.09 -23.96 13.95
N TYR A 153 -49.63 -24.23 12.76
CA TYR A 153 -49.57 -23.30 11.64
C TYR A 153 -50.64 -23.71 10.64
N SER A 154 -51.43 -22.75 10.16
CA SER A 154 -52.47 -23.05 9.20
C SER A 154 -52.73 -21.81 8.36
N GLU A 155 -52.31 -21.83 7.09
CA GLU A 155 -52.43 -20.68 6.22
C GLU A 155 -53.00 -21.05 4.86
N VAL A 156 -53.85 -20.17 4.35
CA VAL A 156 -54.44 -20.29 3.02
C VAL A 156 -53.83 -19.21 2.13
N LEU A 157 -53.41 -19.60 0.94
CA LEU A 157 -52.60 -18.73 0.10
C LEU A 157 -53.23 -18.41 -1.24
N SER A 158 -53.73 -19.43 -1.95
CA SER A 158 -54.25 -19.34 -3.33
C SER A 158 -53.25 -18.71 -4.30
N LYS A 172 -49.24 -30.91 -19.76
CA LYS A 172 -48.05 -30.54 -20.52
C LYS A 172 -47.53 -29.18 -20.09
N ARG A 173 -47.48 -28.97 -18.77
CA ARG A 173 -46.99 -27.74 -18.17
C ARG A 173 -45.91 -28.11 -17.17
N LEU A 174 -44.79 -27.39 -17.20
CA LEU A 174 -43.59 -27.85 -16.48
C LEU A 174 -43.76 -27.73 -14.97
N ARG A 175 -43.95 -26.50 -14.47
CA ARG A 175 -44.22 -26.20 -13.06
C ARG A 175 -43.12 -26.74 -12.14
N GLU A 176 -41.90 -26.25 -12.34
CA GLU A 176 -40.75 -26.77 -11.62
C GLU A 176 -40.46 -25.93 -10.37
N PHE A 177 -40.15 -26.62 -9.27
CA PHE A 177 -39.99 -26.00 -7.97
C PHE A 177 -38.64 -26.36 -7.37
N VAL A 178 -38.19 -25.51 -6.46
CA VAL A 178 -37.00 -25.76 -5.64
C VAL A 178 -37.39 -25.49 -4.19
N PHE A 179 -37.23 -26.49 -3.33
CA PHE A 179 -37.55 -26.37 -1.92
C PHE A 179 -36.27 -26.43 -1.11
N LYS A 180 -36.11 -25.49 -0.17
CA LYS A 180 -34.99 -25.54 0.75
C LYS A 180 -35.43 -25.05 2.11
N ASN A 181 -34.67 -25.41 3.14
CA ASN A 181 -35.00 -25.09 4.52
C ASN A 181 -33.78 -24.48 5.20
N ASN A 182 -33.77 -23.16 5.33
CA ASN A 182 -32.66 -22.45 5.96
C ASN A 182 -33.22 -21.60 7.09
N ASP A 183 -32.66 -21.81 8.30
CA ASP A 183 -32.92 -20.99 9.49
C ASP A 183 -34.40 -20.96 9.87
N GLY A 184 -35.01 -22.15 9.86
CA GLY A 184 -36.42 -22.26 10.20
C GLY A 184 -37.37 -21.68 9.19
N PHE A 185 -36.92 -21.47 7.95
CA PHE A 185 -37.73 -20.88 6.90
C PHE A 185 -37.75 -21.82 5.71
N LEU A 186 -38.94 -22.10 5.18
CA LEU A 186 -39.11 -23.00 4.04
C LEU A 186 -39.21 -22.15 2.78
N HIS A 187 -38.09 -22.03 2.06
CA HIS A 187 -38.06 -21.26 0.83
C HIS A 187 -38.52 -22.12 -0.35
N ILE A 188 -39.46 -21.60 -1.13
CA ILE A 188 -40.00 -22.25 -2.31
C ILE A 188 -39.75 -21.34 -3.51
N TYR A 189 -39.17 -21.89 -4.56
CA TYR A 189 -38.87 -21.15 -5.78
C TYR A 189 -39.55 -21.86 -6.95
N GLY A 190 -40.58 -21.25 -7.52
CA GLY A 190 -41.41 -21.89 -8.51
C GLY A 190 -41.30 -21.24 -9.88
N ALA A 191 -41.52 -22.05 -10.92
CA ALA A 191 -41.52 -21.57 -12.29
C ALA A 191 -42.62 -22.29 -13.05
N TYR A 192 -43.55 -21.51 -13.63
CA TYR A 192 -44.68 -22.05 -14.39
C TYR A 192 -44.37 -22.02 -15.89
N GLN A 193 -43.48 -22.90 -16.29
CA GLN A 193 -43.05 -22.92 -17.70
C GLN A 193 -44.05 -23.70 -18.55
N PRO A 194 -44.50 -23.16 -19.68
CA PRO A 194 -45.33 -23.93 -20.61
C PRO A 194 -44.52 -24.97 -21.37
N HIS A 195 -44.38 -26.15 -20.77
CA HIS A 195 -43.46 -27.18 -21.24
C HIS A 195 -43.83 -27.71 -22.62
N VAL A 196 -42.80 -28.05 -23.39
CA VAL A 196 -42.94 -28.68 -24.70
C VAL A 196 -43.33 -30.15 -24.52
N ILE A 197 -43.68 -30.80 -25.62
CA ILE A 197 -44.10 -32.20 -25.61
C ILE A 197 -42.97 -33.12 -25.18
N ALA A 201 -45.15 -41.53 -24.64
CA ALA A 201 -43.98 -40.79 -25.10
C ALA A 201 -42.74 -41.17 -24.28
N THR A 202 -41.58 -40.69 -24.72
CA THR A 202 -40.32 -40.91 -24.02
C THR A 202 -39.85 -39.59 -23.42
N PRO A 203 -40.03 -39.36 -22.12
CA PRO A 203 -39.81 -38.02 -21.55
C PRO A 203 -38.35 -37.68 -21.30
N SER A 204 -38.07 -36.37 -21.29
CA SER A 204 -36.73 -35.84 -21.04
C SER A 204 -36.82 -34.41 -20.54
N LEU A 205 -35.71 -33.68 -20.55
CA LEU A 205 -35.70 -32.32 -20.03
C LEU A 205 -35.15 -31.37 -21.10
N PRO A 206 -35.67 -30.15 -21.20
CA PRO A 206 -35.19 -29.21 -22.22
C PRO A 206 -33.84 -28.61 -21.82
N SER A 207 -33.30 -27.78 -22.73
CA SER A 207 -32.03 -27.12 -22.52
C SER A 207 -32.15 -25.60 -22.40
N THR A 208 -33.36 -25.06 -22.42
CA THR A 208 -33.56 -23.62 -22.28
C THR A 208 -33.35 -23.21 -20.83
N PHE A 209 -32.54 -22.18 -20.63
CA PHE A 209 -32.26 -21.66 -19.30
C PHE A 209 -33.51 -21.05 -18.68
N LYS A 210 -33.67 -21.23 -17.37
CA LYS A 210 -34.86 -20.68 -16.71
C LYS A 210 -34.54 -20.16 -15.31
N PRO A 211 -34.59 -18.84 -15.11
CA PRO A 211 -34.37 -18.27 -13.77
C PRO A 211 -35.60 -18.35 -12.88
N LEU A 212 -35.73 -19.45 -12.13
CA LEU A 212 -36.87 -19.74 -11.25
C LEU A 212 -37.19 -18.62 -10.27
N ILE A 213 -38.36 -18.02 -10.44
CA ILE A 213 -38.80 -16.83 -9.69
C ILE A 213 -39.05 -17.22 -8.24
N PRO A 214 -38.53 -16.46 -7.26
CA PRO A 214 -38.78 -16.80 -5.84
C PRO A 214 -40.23 -16.54 -5.46
N LEU A 215 -40.91 -17.61 -5.06
CA LEU A 215 -42.28 -17.52 -4.59
C LEU A 215 -42.29 -17.19 -3.10
N TRP A 216 -43.45 -17.39 -2.48
CA TRP A 216 -43.59 -17.22 -1.03
C TRP A 216 -42.70 -18.17 -0.24
N LYS A 217 -42.23 -17.68 0.92
CA LYS A 217 -41.51 -18.48 1.90
C LYS A 217 -42.34 -18.57 3.18
N LEU A 218 -42.01 -19.55 4.02
CA LEU A 218 -42.85 -19.86 5.16
C LEU A 218 -42.05 -19.81 6.45
N PRO A 219 -42.58 -19.21 7.51
CA PRO A 219 -41.94 -19.33 8.84
C PRO A 219 -42.45 -20.53 9.63
N LEU A 220 -42.13 -21.74 9.13
CA LEU A 220 -42.70 -22.95 9.70
C LEU A 220 -42.12 -23.28 11.07
N GLY A 221 -40.79 -23.22 11.20
CA GLY A 221 -40.15 -23.66 12.42
C GLY A 221 -40.22 -25.16 12.59
N LEU A 222 -39.61 -25.88 11.66
CA LEU A 222 -39.64 -27.33 11.64
C LEU A 222 -38.42 -27.82 10.89
N ASN A 223 -37.87 -28.96 11.33
CA ASN A 223 -36.76 -29.58 10.60
C ASN A 223 -37.31 -30.66 9.69
N ILE A 224 -36.74 -30.74 8.49
CA ILE A 224 -37.23 -31.65 7.45
C ILE A 224 -36.08 -32.53 6.99
N THR A 225 -36.32 -33.85 6.98
CA THR A 225 -35.38 -34.78 6.37
C THR A 225 -36.05 -35.83 5.50
N ASN A 226 -37.38 -35.95 5.53
CA ASN A 226 -38.12 -36.93 4.75
C ASN A 226 -39.23 -36.24 3.98
N PHE A 227 -39.67 -36.87 2.89
CA PHE A 227 -40.38 -36.20 1.81
C PHE A 227 -41.29 -37.19 1.11
N LYS A 228 -42.57 -36.84 0.92
CA LYS A 228 -43.49 -37.70 0.19
C LYS A 228 -44.44 -36.88 -0.69
N VAL A 229 -44.63 -37.33 -1.93
CA VAL A 229 -45.39 -36.59 -2.93
C VAL A 229 -46.82 -37.10 -2.96
N VAL A 230 -47.80 -36.18 -3.03
CA VAL A 230 -49.21 -36.52 -3.11
C VAL A 230 -49.63 -36.52 -4.57
N LEU A 231 -50.31 -37.59 -4.99
CA LEU A 231 -50.74 -37.76 -6.38
C LEU A 231 -52.26 -37.81 -6.44
N THR A 232 -52.77 -38.10 -7.64
CA THR A 232 -54.19 -38.33 -7.87
C THR A 232 -54.41 -39.77 -8.30
N PHE A 233 -55.30 -40.47 -7.60
CA PHE A 233 -55.67 -41.84 -7.94
C PHE A 233 -57.16 -41.88 -8.22
N ARG A 234 -57.53 -42.20 -9.45
CA ARG A 234 -58.92 -42.35 -9.85
C ARG A 234 -59.20 -43.84 -10.03
N SER A 235 -59.60 -44.49 -8.94
CA SER A 235 -59.93 -45.93 -8.87
C SER A 235 -58.79 -46.82 -9.35
N ALA A 242 -49.22 -38.68 -13.49
CA ALA A 242 -48.30 -38.46 -14.59
C ALA A 242 -46.86 -38.61 -14.12
N ASN A 243 -45.99 -37.72 -14.59
CA ASN A 243 -44.57 -37.76 -14.25
C ASN A 243 -44.27 -36.78 -13.12
N PHE A 244 -43.35 -37.17 -12.24
CA PHE A 244 -42.80 -36.28 -11.23
C PHE A 244 -41.33 -36.63 -11.06
N ALA A 245 -40.51 -35.61 -10.81
CA ALA A 245 -39.06 -35.73 -10.87
C ALA A 245 -38.44 -35.10 -9.64
N VAL A 246 -37.48 -35.81 -9.04
CA VAL A 246 -36.85 -35.43 -7.79
C VAL A 246 -35.34 -35.34 -7.99
N GLY A 247 -34.76 -34.19 -7.66
CA GLY A 247 -33.32 -34.02 -7.70
C GLY A 247 -32.69 -34.10 -6.33
N SER A 248 -31.50 -33.51 -6.16
CA SER A 248 -30.82 -33.51 -4.87
C SER A 248 -29.91 -32.29 -4.80
N LEU A 249 -30.21 -31.39 -3.87
CA LEU A 249 -29.46 -30.16 -3.68
C LEU A 249 -28.14 -30.45 -2.97
N LYS A 250 -27.12 -29.65 -3.29
CA LYS A 250 -25.84 -29.78 -2.60
C LYS A 250 -25.16 -28.43 -2.56
N LEU A 251 -24.23 -28.28 -1.61
CA LEU A 251 -23.49 -27.02 -1.48
C LEU A 251 -22.54 -26.85 -2.66
N THR A 252 -22.69 -25.73 -3.38
CA THR A 252 -21.91 -25.48 -4.58
C THR A 252 -21.64 -24.00 -4.68
N THR A 253 -20.42 -23.66 -5.12
CA THR A 253 -20.13 -22.30 -5.53
C THR A 253 -20.58 -22.09 -6.97
N ILE A 254 -21.27 -20.97 -7.21
CA ILE A 254 -21.82 -20.64 -8.51
C ILE A 254 -21.59 -19.17 -8.78
N MET A 255 -21.70 -18.79 -10.05
CA MET A 255 -21.58 -17.42 -10.49
C MET A 255 -22.85 -17.03 -11.23
N LEU A 256 -23.46 -15.91 -10.84
CA LEU A 256 -24.74 -15.50 -11.39
C LEU A 256 -24.63 -14.09 -11.94
N SER A 257 -25.14 -13.91 -13.15
CA SER A 257 -25.21 -12.61 -13.80
C SER A 257 -26.63 -12.07 -13.72
N PHE A 258 -26.75 -10.76 -13.84
CA PHE A 258 -28.04 -10.09 -13.81
C PHE A 258 -28.08 -9.04 -14.91
N ASP A 259 -29.30 -8.73 -15.36
CA ASP A 259 -29.52 -7.72 -16.38
C ASP A 259 -30.02 -6.42 -15.72
N VAL A 260 -30.45 -5.47 -16.55
CA VAL A 260 -30.99 -4.22 -16.05
C VAL A 260 -32.35 -4.40 -15.40
N ASN A 261 -33.05 -5.49 -15.70
CA ASN A 261 -34.37 -5.76 -15.15
C ASN A 261 -34.33 -6.59 -13.88
N GLY A 262 -33.14 -6.95 -13.39
CA GLY A 262 -33.05 -7.82 -12.24
C GLY A 262 -33.20 -9.29 -12.54
N THR A 263 -33.27 -9.67 -13.82
CA THR A 263 -33.42 -11.07 -14.21
C THR A 263 -32.06 -11.72 -14.38
N ILE A 264 -31.99 -13.01 -14.04
CA ILE A 264 -30.76 -13.77 -14.15
C ILE A 264 -30.53 -14.12 -15.62
N ASP A 265 -29.38 -13.72 -16.15
CA ASP A 265 -29.08 -14.00 -17.56
C ASP A 265 -28.60 -15.43 -17.74
N LYS A 266 -27.50 -15.79 -17.09
CA LYS A 266 -26.89 -17.09 -17.27
C LYS A 266 -26.13 -17.47 -16.02
N ALA A 267 -25.84 -18.77 -15.89
CA ALA A 267 -25.15 -19.31 -14.73
C ALA A 267 -23.90 -20.04 -15.18
N VAL A 268 -22.98 -20.25 -14.23
CA VAL A 268 -21.69 -20.87 -14.51
C VAL A 268 -21.60 -22.28 -13.91
N ASP A 269 -21.85 -22.40 -12.60
CA ASP A 269 -21.69 -23.62 -11.81
C ASP A 269 -20.25 -24.18 -11.94
N CYS A 270 -19.33 -23.42 -11.35
CA CYS A 270 -17.91 -23.80 -11.36
C CYS A 270 -17.61 -24.88 -10.32
N SER A 271 -18.20 -26.05 -10.55
CA SER A 271 -17.78 -27.28 -9.90
C SER A 271 -17.83 -28.44 -10.87
N SER A 272 -18.00 -28.17 -12.15
CA SER A 272 -18.21 -29.19 -13.18
C SER A 272 -17.19 -29.11 -14.31
N ASP A 273 -16.82 -27.92 -14.76
CA ASP A 273 -16.01 -27.81 -15.95
C ASP A 273 -14.80 -26.91 -15.69
N PRO A 274 -13.66 -27.17 -16.33
CA PRO A 274 -12.52 -26.23 -16.24
C PRO A 274 -12.82 -24.85 -16.79
N LEU A 275 -13.64 -24.74 -17.84
CA LEU A 275 -14.03 -23.43 -18.34
C LEU A 275 -14.91 -22.70 -17.33
N SER A 276 -15.76 -23.44 -16.61
CA SER A 276 -16.57 -22.85 -15.55
C SER A 276 -15.70 -22.32 -14.42
N GLU A 277 -14.67 -23.08 -14.04
CA GLU A 277 -13.74 -22.63 -13.00
C GLU A 277 -12.93 -21.42 -13.46
N LEU A 278 -12.58 -21.37 -14.75
CA LEU A 278 -11.95 -20.19 -15.32
C LEU A 278 -12.87 -18.98 -15.26
N LYS A 279 -14.16 -19.17 -15.55
CA LYS A 279 -15.12 -18.08 -15.50
C LYS A 279 -15.33 -17.56 -14.09
N CYS A 280 -15.36 -18.46 -13.10
CA CYS A 280 -15.44 -18.00 -11.72
C CYS A 280 -14.15 -17.35 -11.24
N THR A 281 -13.00 -17.79 -11.76
CA THR A 281 -11.73 -17.23 -11.32
C THR A 281 -11.54 -15.82 -11.86
N LEU A 282 -11.83 -15.62 -13.15
CA LEU A 282 -11.56 -14.34 -13.80
C LEU A 282 -12.68 -13.33 -13.64
N LYS A 283 -13.75 -13.68 -12.92
CA LYS A 283 -14.88 -12.80 -12.60
C LYS A 283 -15.56 -12.26 -13.86
N SER A 284 -15.65 -13.09 -14.89
CA SER A 284 -16.24 -12.65 -16.15
C SER A 284 -16.86 -13.84 -16.87
N PHE A 285 -17.77 -13.53 -17.79
CA PHE A 285 -18.40 -14.54 -18.63
C PHE A 285 -17.79 -14.65 -20.01
N ASN A 286 -17.13 -13.59 -20.49
CA ASN A 286 -16.35 -13.63 -21.71
C ASN A 286 -14.88 -13.58 -21.35
N VAL A 287 -14.11 -14.55 -21.83
CA VAL A 287 -12.72 -14.72 -21.46
C VAL A 287 -11.88 -14.60 -22.73
N SER A 288 -10.85 -13.76 -22.68
CA SER A 288 -9.95 -13.59 -23.81
C SER A 288 -9.07 -14.83 -23.99
N LYS A 289 -8.48 -14.93 -25.18
CA LYS A 289 -7.63 -16.07 -25.51
C LYS A 289 -6.32 -16.01 -24.73
N GLY A 290 -5.96 -17.11 -24.10
CA GLY A 290 -4.68 -17.19 -23.41
C GLY A 290 -4.68 -18.29 -22.36
N ILE A 291 -3.70 -18.21 -21.48
CA ILE A 291 -3.51 -19.13 -20.37
C ILE A 291 -3.74 -18.37 -19.07
N TYR A 292 -4.49 -18.98 -18.15
CA TYR A 292 -4.83 -18.34 -16.88
C TYR A 292 -4.73 -19.34 -15.74
N PRO A 293 -4.08 -18.99 -14.64
CA PRO A 293 -4.18 -19.81 -13.44
C PRO A 293 -5.56 -19.72 -12.83
N THR A 294 -6.02 -20.82 -12.23
CA THR A 294 -7.37 -20.92 -11.72
C THR A 294 -7.34 -21.24 -10.22
N SER A 295 -8.48 -21.01 -9.58
CA SER A 295 -8.65 -21.25 -8.16
C SER A 295 -9.04 -22.70 -7.91
N ASN A 296 -9.53 -22.99 -6.71
CA ASN A 296 -9.82 -24.36 -6.30
C ASN A 296 -11.31 -24.58 -6.07
N PHE A 297 -12.15 -24.12 -7.00
CA PHE A 297 -13.59 -24.23 -6.84
C PHE A 297 -14.12 -25.64 -7.04
N ARG A 298 -13.32 -26.57 -7.57
CA ARG A 298 -13.84 -27.88 -7.95
C ARG A 298 -14.09 -28.76 -6.72
N ILE A 299 -13.18 -28.76 -5.77
CA ILE A 299 -13.23 -29.67 -4.63
C ILE A 299 -13.91 -28.99 -3.47
N LEU A 300 -14.53 -29.80 -2.61
CA LEU A 300 -15.23 -29.33 -1.42
C LEU A 300 -15.11 -30.42 -0.36
N PRO A 301 -15.07 -30.05 0.93
CA PRO A 301 -14.93 -31.07 1.96
C PRO A 301 -16.17 -31.92 2.15
N SER A 302 -15.95 -33.13 2.65
CA SER A 302 -17.01 -34.07 2.95
C SER A 302 -16.56 -34.94 4.11
N THR A 303 -17.52 -35.35 4.96
CA THR A 303 -17.37 -36.21 6.14
C THR A 303 -16.48 -35.58 7.21
N GLU A 304 -16.26 -36.32 8.31
CA GLU A 304 -15.45 -35.82 9.40
C GLU A 304 -14.50 -36.92 9.86
N VAL A 305 -13.29 -36.52 10.23
CA VAL A 305 -12.23 -37.44 10.65
C VAL A 305 -11.91 -36.98 12.08
N VAL A 306 -12.97 -36.69 12.84
CA VAL A 306 -12.83 -36.33 14.24
C VAL A 306 -12.19 -37.49 14.99
N ARG A 307 -11.05 -37.22 15.65
CA ARG A 307 -10.32 -38.23 16.42
C ARG A 307 -9.83 -37.58 17.71
N PHE A 308 -10.36 -38.07 18.83
CA PHE A 308 -10.08 -37.57 20.17
C PHE A 308 -9.44 -38.69 21.01
N PRO A 309 -8.66 -38.34 22.04
CA PRO A 309 -7.92 -39.37 22.78
C PRO A 309 -8.83 -40.31 23.57
N ASN A 310 -8.35 -41.54 23.73
CA ASN A 310 -9.10 -42.60 24.40
C ASN A 310 -9.02 -42.34 25.91
N ILE A 311 -9.91 -41.47 26.38
CA ILE A 311 -10.05 -41.15 27.79
C ILE A 311 -11.44 -41.58 28.23
N THR A 312 -11.51 -42.34 29.32
CA THR A 312 -12.78 -42.89 29.77
C THR A 312 -13.28 -42.31 31.08
N ASN A 313 -12.46 -41.51 31.77
CA ASN A 313 -12.87 -40.97 33.06
C ASN A 313 -13.87 -39.84 32.88
N PHE A 314 -14.92 -39.85 33.70
CA PHE A 314 -15.86 -38.74 33.79
C PHE A 314 -15.38 -37.76 34.85
N CYS A 315 -15.68 -36.49 34.66
CA CYS A 315 -14.79 -35.56 35.33
C CYS A 315 -15.47 -35.03 36.60
N PRO A 316 -14.74 -34.94 37.73
CA PRO A 316 -15.39 -34.63 39.01
C PRO A 316 -15.86 -33.19 39.14
N PHE A 317 -17.01 -32.89 38.52
CA PHE A 317 -17.60 -31.57 38.70
C PHE A 317 -18.22 -31.40 40.08
N ASP A 318 -18.77 -32.48 40.66
CA ASP A 318 -19.43 -32.37 41.95
C ASP A 318 -18.46 -32.13 43.10
N LYS A 319 -17.21 -32.57 42.98
CA LYS A 319 -16.20 -32.34 43.99
C LYS A 319 -15.41 -31.04 43.77
N VAL A 320 -15.74 -30.28 42.72
CA VAL A 320 -15.15 -28.96 42.53
C VAL A 320 -16.20 -27.86 42.47
N PHE A 321 -17.45 -28.14 42.11
CA PHE A 321 -18.50 -27.14 42.10
C PHE A 321 -19.44 -27.23 43.29
N ASN A 322 -19.52 -28.39 43.94
CA ASN A 322 -20.47 -28.56 45.03
C ASN A 322 -19.80 -29.08 46.30
N ALA A 323 -18.74 -28.41 46.74
CA ALA A 323 -18.15 -28.73 48.02
C ALA A 323 -19.09 -28.31 49.17
N THR A 324 -18.76 -28.77 50.38
CA THR A 324 -19.58 -28.45 51.55
C THR A 324 -19.54 -26.96 51.87
N ARG A 325 -18.37 -26.34 51.79
CA ARG A 325 -18.28 -24.88 51.93
C ARG A 325 -17.11 -24.38 51.09
N PHE A 326 -17.38 -23.38 50.25
CA PHE A 326 -16.35 -22.79 49.43
C PHE A 326 -15.43 -21.93 50.28
N PRO A 327 -14.16 -21.79 49.89
CA PRO A 327 -13.20 -21.06 50.72
C PRO A 327 -13.41 -19.55 50.64
N ASN A 328 -12.66 -18.83 51.47
CA ASN A 328 -12.66 -17.38 51.45
C ASN A 328 -11.99 -16.86 50.18
N VAL A 329 -12.31 -15.61 49.83
CA VAL A 329 -11.77 -15.01 48.62
C VAL A 329 -10.28 -14.70 48.78
N TYR A 330 -9.83 -14.31 49.97
CA TYR A 330 -8.43 -14.02 50.17
C TYR A 330 -7.57 -15.28 50.29
N ALA A 331 -8.19 -16.44 50.48
CA ALA A 331 -7.50 -17.72 50.60
C ALA A 331 -8.08 -18.72 49.60
N TRP A 332 -8.18 -18.28 48.34
CA TRP A 332 -8.80 -19.09 47.30
C TRP A 332 -7.94 -20.31 46.96
N GLN A 333 -8.60 -21.44 46.79
CA GLN A 333 -7.92 -22.68 46.46
C GLN A 333 -7.87 -22.91 44.96
N ARG A 334 -6.81 -23.57 44.52
CA ARG A 334 -6.61 -23.89 43.11
C ARG A 334 -6.47 -25.40 42.97
N THR A 335 -7.33 -25.99 42.15
CA THR A 335 -7.33 -27.43 41.93
C THR A 335 -6.92 -27.72 40.49
N LYS A 336 -5.91 -28.54 40.31
CA LYS A 336 -5.51 -28.94 38.97
C LYS A 336 -6.41 -30.06 38.49
N ILE A 337 -7.03 -29.87 37.33
CA ILE A 337 -7.97 -30.84 36.77
C ILE A 337 -7.24 -31.57 35.64
N SER A 338 -7.15 -32.89 35.74
CA SER A 338 -6.34 -33.66 34.81
C SER A 338 -7.01 -34.99 34.49
N ASP A 339 -6.86 -35.41 33.22
CA ASP A 339 -7.32 -36.69 32.70
C ASP A 339 -8.82 -36.89 32.90
N CYS A 340 -9.60 -36.03 32.25
CA CYS A 340 -11.04 -36.11 32.36
C CYS A 340 -11.68 -35.55 31.10
N ILE A 341 -13.01 -35.67 31.05
CA ILE A 341 -13.78 -35.29 29.88
C ILE A 341 -14.70 -34.13 30.26
N ALA A 342 -14.70 -33.09 29.42
CA ALA A 342 -15.36 -31.83 29.73
C ALA A 342 -16.77 -31.89 29.13
N ASP A 343 -17.65 -32.57 29.85
CA ASP A 343 -19.01 -32.81 29.36
C ASP A 343 -19.83 -31.53 29.33
N TYR A 344 -19.81 -30.76 30.41
CA TYR A 344 -20.56 -29.51 30.62
C TYR A 344 -22.06 -29.69 30.44
N THR A 345 -22.59 -30.90 30.61
CA THR A 345 -23.99 -31.19 30.39
C THR A 345 -24.66 -31.84 31.60
N VAL A 346 -23.89 -32.36 32.56
CA VAL A 346 -24.48 -32.81 33.81
C VAL A 346 -24.85 -31.61 34.68
N LEU A 347 -24.29 -30.44 34.37
CA LEU A 347 -24.59 -29.21 35.08
C LEU A 347 -25.77 -28.44 34.49
N TYR A 348 -26.37 -28.93 33.40
CA TYR A 348 -27.55 -28.29 32.85
C TYR A 348 -28.81 -28.53 33.68
N ASN A 349 -28.77 -29.43 34.65
CA ASN A 349 -29.87 -29.62 35.58
C ASN A 349 -29.43 -29.22 36.98
N SER A 350 -30.33 -28.53 37.69
CA SER A 350 -30.25 -28.11 39.08
C SER A 350 -29.13 -27.12 39.38
N THR A 351 -28.45 -26.57 38.38
CA THR A 351 -27.46 -25.51 38.57
C THR A 351 -27.73 -24.43 37.54
N SER A 352 -28.11 -23.24 38.02
CA SER A 352 -28.40 -22.11 37.14
C SER A 352 -27.19 -21.19 37.13
N PHE A 353 -26.55 -21.08 35.97
CA PHE A 353 -25.26 -20.42 35.82
C PHE A 353 -25.51 -18.94 35.57
N SER A 354 -25.22 -18.10 36.57
CA SER A 354 -25.52 -16.68 36.46
C SER A 354 -24.59 -15.94 35.51
N THR A 355 -23.34 -16.38 35.41
CA THR A 355 -22.39 -15.72 34.52
C THR A 355 -21.41 -16.77 34.01
N PHE A 356 -21.33 -16.92 32.69
CA PHE A 356 -20.40 -17.86 32.04
C PHE A 356 -19.73 -17.09 30.91
N LYS A 357 -18.62 -16.43 31.23
CA LYS A 357 -17.93 -15.58 30.27
C LYS A 357 -16.54 -16.16 30.01
N CYS A 358 -16.25 -16.46 28.74
CA CYS A 358 -14.98 -17.07 28.37
C CYS A 358 -14.15 -16.07 27.57
N TYR A 359 -12.90 -15.88 27.98
CA TYR A 359 -11.96 -15.02 27.29
C TYR A 359 -10.93 -15.88 26.58
N GLY A 360 -10.72 -15.61 25.29
CA GLY A 360 -9.78 -16.37 24.50
C GLY A 360 -10.45 -17.48 23.71
N VAL A 361 -11.38 -18.19 24.34
CA VAL A 361 -12.20 -19.19 23.69
C VAL A 361 -13.66 -18.79 23.84
N SER A 362 -14.52 -19.55 23.20
CA SER A 362 -15.94 -19.27 23.27
C SER A 362 -16.66 -20.41 23.98
N PRO A 363 -17.77 -20.13 24.69
CA PRO A 363 -18.56 -21.21 25.29
C PRO A 363 -19.22 -22.12 24.27
N SER A 364 -19.38 -21.69 23.02
CA SER A 364 -19.92 -22.54 21.98
C SER A 364 -18.90 -23.52 21.42
N LYS A 365 -17.63 -23.36 21.74
CA LYS A 365 -16.57 -24.20 21.18
C LYS A 365 -15.83 -24.99 22.25
N LEU A 366 -16.38 -25.08 23.46
CA LEU A 366 -15.73 -25.85 24.51
C LEU A 366 -15.83 -27.35 24.29
N ILE A 367 -16.78 -27.80 23.47
CA ILE A 367 -16.90 -29.22 23.15
C ILE A 367 -15.75 -29.65 22.23
N ASP A 368 -15.43 -28.83 21.23
CA ASP A 368 -14.51 -29.21 20.17
C ASP A 368 -13.04 -29.23 20.60
N LEU A 369 -12.71 -28.70 21.76
CA LEU A 369 -11.31 -28.50 22.15
C LEU A 369 -10.90 -29.45 23.26
N CYS A 370 -9.67 -29.97 23.15
CA CYS A 370 -9.03 -30.71 24.22
C CYS A 370 -7.89 -29.88 24.79
N PHE A 371 -7.93 -29.65 26.10
CA PHE A 371 -6.97 -28.80 26.78
C PHE A 371 -5.78 -29.60 27.25
N THR A 372 -4.60 -28.99 27.16
CA THR A 372 -3.40 -29.64 27.69
C THR A 372 -3.44 -29.70 29.21
N SER A 373 -3.75 -28.59 29.87
CA SER A 373 -3.98 -28.62 31.31
C SER A 373 -4.91 -27.49 31.71
N VAL A 374 -5.70 -27.80 32.75
CA VAL A 374 -6.77 -26.95 33.29
C VAL A 374 -6.51 -26.78 34.78
N TYR A 375 -6.61 -25.54 35.26
CA TYR A 375 -6.66 -25.26 36.69
C TYR A 375 -7.98 -24.58 37.01
N ALA A 376 -8.50 -24.81 38.21
CA ALA A 376 -9.76 -24.22 38.65
C ALA A 376 -9.52 -23.49 39.97
N ASP A 377 -9.68 -22.17 39.95
CA ASP A 377 -9.57 -21.35 41.15
C ASP A 377 -10.98 -21.11 41.69
N THR A 378 -11.23 -21.56 42.91
CA THR A 378 -12.58 -21.61 43.44
C THR A 378 -12.70 -20.77 44.72
N PHE A 379 -13.76 -19.97 44.80
CA PHE A 379 -13.98 -19.08 45.95
C PHE A 379 -15.43 -18.61 45.95
N LEU A 380 -15.74 -17.73 46.90
CA LEU A 380 -17.12 -17.30 47.14
C LEU A 380 -17.11 -15.83 47.57
N ILE A 381 -17.91 -15.00 46.90
CA ILE A 381 -17.92 -13.55 47.13
C ILE A 381 -19.35 -13.03 47.23
N ARG A 382 -19.49 -11.70 47.28
CA ARG A 382 -20.79 -11.06 47.22
C ARG A 382 -21.33 -11.06 45.79
N PHE A 383 -22.63 -10.76 45.67
CA PHE A 383 -23.30 -10.83 44.38
C PHE A 383 -22.96 -9.66 43.46
N SER A 384 -22.67 -8.48 44.01
CA SER A 384 -22.33 -7.34 43.16
C SER A 384 -20.87 -7.32 42.76
N GLU A 385 -20.02 -8.15 43.36
CA GLU A 385 -18.59 -8.14 43.09
C GLU A 385 -18.18 -9.19 42.07
N VAL A 386 -19.14 -9.90 41.45
CA VAL A 386 -18.82 -10.84 40.38
C VAL A 386 -18.31 -10.12 39.14
N ARG A 387 -18.74 -8.89 38.91
CA ARG A 387 -18.36 -8.12 37.74
C ARG A 387 -16.90 -7.66 37.77
N GLN A 388 -16.21 -7.82 38.90
CA GLN A 388 -14.80 -7.46 39.01
C GLN A 388 -13.84 -8.53 38.52
N ILE A 389 -14.33 -9.75 38.30
CA ILE A 389 -13.46 -10.87 37.88
C ILE A 389 -13.45 -10.84 36.36
N ALA A 390 -12.53 -10.02 35.82
CA ALA A 390 -12.30 -9.89 34.39
C ALA A 390 -10.91 -9.31 34.24
N PRO A 391 -10.20 -9.59 33.14
CA PRO A 391 -8.88 -8.98 32.94
C PRO A 391 -8.97 -7.48 32.74
N GLY A 392 -8.02 -6.76 33.36
CA GLY A 392 -7.99 -5.31 33.27
C GLY A 392 -9.12 -4.64 34.02
N GLU A 393 -9.11 -4.75 35.36
CA GLU A 393 -10.18 -4.22 36.19
C GLU A 393 -9.70 -4.04 37.61
N THR A 394 -10.24 -3.04 38.33
CA THR A 394 -9.89 -2.80 39.71
C THR A 394 -11.15 -2.69 40.56
N GLY A 395 -10.99 -3.02 41.84
CA GLY A 395 -12.06 -3.01 42.80
C GLY A 395 -11.54 -3.35 44.19
N VAL A 396 -12.25 -4.24 44.88
CA VAL A 396 -11.72 -4.76 46.17
C VAL A 396 -11.16 -6.13 45.78
N ILE A 397 -11.95 -6.97 45.14
CA ILE A 397 -11.51 -8.36 44.82
C ILE A 397 -10.44 -8.29 43.72
N ALA A 398 -10.51 -7.34 42.81
CA ALA A 398 -9.53 -7.34 41.73
C ALA A 398 -8.22 -6.66 42.11
N ASP A 399 -8.13 -6.04 43.28
CA ASP A 399 -6.90 -5.40 43.73
C ASP A 399 -6.32 -6.02 44.98
N TYR A 400 -7.16 -6.39 45.94
CA TYR A 400 -6.69 -6.83 47.24
C TYR A 400 -6.93 -8.30 47.53
N ASN A 401 -7.61 -9.01 46.65
CA ASN A 401 -7.83 -10.43 46.93
C ASN A 401 -7.44 -11.35 45.78
N TYR A 402 -7.70 -10.96 44.54
CA TYR A 402 -7.51 -11.87 43.40
C TYR A 402 -7.40 -11.01 42.15
N LYS A 403 -6.23 -10.98 41.54
CA LYS A 403 -6.04 -10.29 40.26
C LYS A 403 -5.82 -11.31 39.16
N LEU A 404 -6.43 -11.05 38.00
CA LEU A 404 -6.35 -11.91 36.83
C LEU A 404 -5.42 -11.29 35.79
N PRO A 405 -4.62 -12.10 35.10
CA PRO A 405 -3.61 -11.55 34.20
C PRO A 405 -4.20 -10.96 32.93
N ASP A 406 -3.43 -10.11 32.28
CA ASP A 406 -3.85 -9.45 31.06
C ASP A 406 -3.84 -10.38 29.85
N ASP A 407 -3.05 -11.44 29.89
CA ASP A 407 -3.00 -12.43 28.81
C ASP A 407 -3.86 -13.65 29.10
N PHE A 408 -5.01 -13.43 29.73
CA PHE A 408 -5.85 -14.50 30.23
C PHE A 408 -6.52 -15.26 29.09
N THR A 409 -6.63 -16.58 29.27
CA THR A 409 -7.34 -17.46 28.34
C THR A 409 -8.06 -18.50 29.19
N GLY A 410 -9.31 -18.21 29.53
CA GLY A 410 -10.04 -19.07 30.42
C GLY A 410 -11.52 -18.79 30.40
N CYS A 411 -12.20 -19.22 31.45
CA CYS A 411 -13.65 -19.06 31.57
C CYS A 411 -14.01 -18.75 33.02
N VAL A 412 -14.66 -17.62 33.24
CA VAL A 412 -15.18 -17.26 34.55
C VAL A 412 -16.62 -17.76 34.63
N LEU A 413 -16.92 -18.52 35.69
CA LEU A 413 -18.19 -19.20 35.85
C LEU A 413 -18.68 -18.95 37.27
N ALA A 414 -19.74 -18.17 37.41
CA ALA A 414 -20.21 -17.83 38.75
C ALA A 414 -21.72 -17.99 38.83
N TRP A 415 -22.19 -18.53 39.95
CA TRP A 415 -23.61 -18.73 40.16
C TRP A 415 -24.00 -18.29 41.55
N ASN A 416 -25.19 -17.67 41.66
CA ASN A 416 -25.65 -17.15 42.93
C ASN A 416 -26.18 -18.32 43.73
N THR A 417 -25.82 -18.38 45.00
CA THR A 417 -26.40 -19.35 45.94
C THR A 417 -26.46 -18.71 47.34
N ALA A 418 -27.64 -18.21 47.69
CA ALA A 418 -27.84 -17.53 48.95
C ALA A 418 -28.43 -18.43 50.03
N GLN A 419 -28.62 -19.71 49.74
CA GLN A 419 -29.19 -20.66 50.69
C GLN A 419 -28.23 -21.77 51.08
N GLN A 420 -27.27 -22.12 50.22
CA GLN A 420 -26.34 -23.20 50.54
C GLN A 420 -25.30 -22.75 51.56
N ASP A 421 -24.84 -21.51 51.48
CA ASP A 421 -23.76 -21.00 52.32
C ASP A 421 -24.30 -19.90 53.22
N ILE A 422 -24.45 -20.20 54.50
CA ILE A 422 -25.01 -19.28 55.49
C ILE A 422 -23.96 -19.07 56.57
N GLY A 423 -23.71 -17.81 56.92
CA GLY A 423 -22.75 -17.56 57.99
C GLY A 423 -21.97 -16.27 57.88
N SER A 424 -20.64 -16.35 58.00
CA SER A 424 -19.78 -15.19 57.92
C SER A 424 -18.48 -15.56 57.21
N TYR A 425 -18.02 -14.68 56.32
CA TYR A 425 -16.80 -14.90 55.56
C TYR A 425 -15.90 -13.67 55.67
N PHE A 426 -14.65 -13.82 55.22
CA PHE A 426 -13.64 -12.80 55.40
C PHE A 426 -13.11 -12.33 54.05
N TYR A 427 -12.73 -11.05 53.98
CA TYR A 427 -12.13 -10.51 52.76
C TYR A 427 -11.14 -9.41 53.13
N ARG A 428 -10.14 -9.24 52.27
CA ARG A 428 -9.08 -8.27 52.50
C ARG A 428 -9.41 -6.97 51.78
N SER A 429 -9.28 -5.84 52.50
CA SER A 429 -9.64 -4.56 51.93
C SER A 429 -8.65 -3.44 52.22
N HIS A 430 -7.56 -3.69 52.94
CA HIS A 430 -6.64 -2.64 53.35
C HIS A 430 -5.19 -3.05 53.10
N ARG A 431 -4.90 -3.56 51.90
CA ARG A 431 -3.53 -3.86 51.54
C ARG A 431 -2.83 -2.61 51.02
N ALA A 432 -1.53 -2.53 51.32
CA ALA A 432 -0.76 -1.36 50.91
C ALA A 432 -0.46 -1.37 49.42
N VAL A 433 -0.09 -2.53 48.87
CA VAL A 433 0.26 -2.69 47.46
C VAL A 433 -0.72 -3.67 46.84
N LYS A 434 -1.14 -3.37 45.61
CA LYS A 434 -2.01 -4.28 44.86
C LYS A 434 -1.28 -5.57 44.52
N LEU A 435 -2.05 -6.64 44.40
CA LEU A 435 -1.47 -7.95 44.11
C LEU A 435 -0.99 -8.05 42.66
N LYS A 436 0.02 -8.89 42.47
CA LYS A 436 0.36 -9.37 41.15
C LYS A 436 -0.70 -10.39 40.71
N PRO A 437 -0.84 -10.64 39.40
CA PRO A 437 -1.85 -11.62 38.95
C PRO A 437 -1.62 -13.02 39.46
N PHE A 438 -2.73 -13.70 39.79
CA PHE A 438 -2.79 -15.08 40.27
C PHE A 438 -1.97 -15.29 41.53
N GLU A 439 -1.99 -14.30 42.42
CA GLU A 439 -1.22 -14.35 43.66
C GLU A 439 -2.15 -14.50 44.86
N ARG A 440 -1.56 -14.89 45.99
CA ARG A 440 -2.30 -15.12 47.21
C ARG A 440 -1.58 -14.45 48.38
N ASP A 441 -2.36 -13.92 49.32
CA ASP A 441 -1.84 -13.29 50.52
C ASP A 441 -2.66 -13.74 51.71
N LEU A 442 -2.00 -14.19 52.77
CA LEU A 442 -2.68 -14.65 53.97
C LEU A 442 -2.25 -13.92 55.23
N SER A 443 -1.53 -12.81 55.11
CA SER A 443 -1.11 -12.04 56.27
C SER A 443 -2.30 -11.26 56.80
N SER A 444 -2.77 -11.65 57.99
CA SER A 444 -3.95 -10.99 58.55
C SER A 444 -3.63 -9.62 59.14
N ASP A 445 -2.42 -9.43 59.67
CA ASP A 445 -2.03 -8.21 60.37
C ASP A 445 -0.75 -7.65 59.77
N GLU A 446 -0.70 -7.55 58.44
CA GLU A 446 0.50 -7.02 57.79
C GLU A 446 0.66 -5.53 58.02
N ASN A 447 -0.44 -4.81 58.27
CA ASN A 447 -0.39 -3.41 58.65
C ASN A 447 -0.39 -3.21 60.15
N GLY A 448 -0.35 -4.28 60.93
CA GLY A 448 -0.50 -4.20 62.38
C GLY A 448 -1.94 -4.36 62.81
N VAL A 449 -2.84 -3.62 62.18
CA VAL A 449 -4.28 -3.74 62.44
C VAL A 449 -4.82 -4.93 61.68
N ARG A 450 -6.04 -5.32 61.97
CA ARG A 450 -6.68 -6.42 61.25
C ARG A 450 -7.13 -5.93 59.87
N THR A 451 -6.52 -6.49 58.83
CA THR A 451 -6.82 -6.11 57.46
C THR A 451 -7.89 -6.99 56.82
N LEU A 452 -8.40 -7.98 57.55
CA LEU A 452 -9.43 -8.88 57.04
C LEU A 452 -10.75 -8.52 57.71
N SER A 453 -11.69 -8.03 56.91
CA SER A 453 -13.01 -7.64 57.41
C SER A 453 -14.02 -8.73 57.14
N THR A 454 -15.05 -8.79 57.99
CA THR A 454 -16.07 -9.81 57.91
C THR A 454 -17.27 -9.32 57.12
N TYR A 455 -18.00 -10.26 56.53
CA TYR A 455 -19.30 -9.99 55.93
C TYR A 455 -20.20 -11.21 56.06
N ASP A 456 -21.46 -10.95 56.42
CA ASP A 456 -22.40 -11.97 56.80
C ASP A 456 -23.25 -12.40 55.61
N PHE A 457 -23.85 -13.58 55.73
CA PHE A 457 -24.68 -14.17 54.69
C PHE A 457 -25.88 -14.82 55.35
N ASN A 458 -27.05 -14.25 55.12
CA ASN A 458 -28.34 -14.79 55.53
C ASN A 458 -29.23 -14.81 54.29
N PRO A 459 -30.27 -15.64 54.28
CA PRO A 459 -31.24 -15.59 53.17
C PRO A 459 -31.96 -14.26 53.06
N ASN A 460 -32.23 -13.58 54.17
CA ASN A 460 -33.03 -12.36 54.19
C ASN A 460 -32.16 -11.11 54.06
N VAL A 461 -31.32 -11.07 53.03
CA VAL A 461 -30.36 -9.99 52.83
C VAL A 461 -30.63 -9.41 51.44
N PRO A 462 -30.44 -8.09 51.21
CA PRO A 462 -30.69 -7.49 49.88
C PRO A 462 -29.83 -7.99 48.73
N LEU A 463 -30.01 -7.33 47.58
CA LEU A 463 -29.54 -7.81 46.28
C LEU A 463 -28.04 -8.03 46.22
N ASP A 464 -27.27 -7.01 46.59
CA ASP A 464 -25.83 -7.04 46.35
C ASP A 464 -25.10 -7.96 47.32
N TYR A 465 -25.58 -8.04 48.57
CA TYR A 465 -24.83 -8.69 49.63
C TYR A 465 -25.23 -10.16 49.78
N GLN A 466 -25.26 -10.91 48.69
CA GLN A 466 -25.59 -12.33 48.75
C GLN A 466 -24.48 -13.15 48.12
N ALA A 467 -24.37 -14.39 48.56
CA ALA A 467 -23.24 -15.23 48.21
C ALA A 467 -23.31 -15.67 46.76
N THR A 468 -22.15 -15.65 46.12
CA THR A 468 -22.00 -16.11 44.74
C THR A 468 -20.74 -16.95 44.66
N ARG A 469 -20.89 -18.18 44.18
CA ARG A 469 -19.76 -19.09 44.05
C ARG A 469 -19.12 -18.87 42.69
N VAL A 470 -17.80 -18.64 42.69
CA VAL A 470 -17.05 -18.34 41.48
C VAL A 470 -16.00 -19.42 41.28
N VAL A 471 -15.96 -19.96 40.06
CA VAL A 471 -14.90 -20.86 39.61
C VAL A 471 -14.28 -20.24 38.36
N VAL A 472 -12.98 -20.01 38.41
CA VAL A 472 -12.24 -19.48 37.27
C VAL A 472 -11.44 -20.65 36.70
N LEU A 473 -11.80 -21.08 35.49
CA LEU A 473 -11.15 -22.20 34.82
C LEU A 473 -10.12 -21.63 33.87
N SER A 474 -8.85 -21.75 34.23
CA SER A 474 -7.75 -21.28 33.40
C SER A 474 -7.09 -22.50 32.76
N PHE A 475 -7.24 -22.64 31.45
CA PHE A 475 -6.66 -23.73 30.70
C PHE A 475 -5.73 -23.19 29.62
N GLU A 476 -4.78 -24.01 29.19
CA GLU A 476 -3.92 -23.60 28.09
C GLU A 476 -3.85 -24.66 27.01
N LEU A 477 -3.64 -24.20 25.78
CA LEU A 477 -3.69 -25.03 24.58
C LEU A 477 -2.39 -24.84 23.81
N LEU A 478 -1.61 -25.90 23.66
CA LEU A 478 -0.32 -25.82 22.98
C LEU A 478 0.03 -27.21 22.43
N ASN A 479 1.26 -27.34 21.91
CA ASN A 479 1.72 -28.57 21.28
C ASN A 479 2.16 -29.56 22.36
N ALA A 480 1.18 -30.25 22.93
CA ALA A 480 1.41 -31.20 24.00
C ALA A 480 0.28 -32.23 23.97
N PRO A 481 0.52 -33.45 24.46
CA PRO A 481 -0.59 -34.42 24.58
C PRO A 481 -1.58 -33.98 25.63
N ALA A 482 -2.85 -33.85 25.22
CA ALA A 482 -3.88 -33.27 26.07
C ALA A 482 -4.30 -34.24 27.16
N THR A 483 -4.78 -33.68 28.27
CA THR A 483 -5.31 -34.46 29.38
C THR A 483 -6.82 -34.32 29.53
N VAL A 484 -7.32 -33.10 29.67
CA VAL A 484 -8.75 -32.83 29.76
C VAL A 484 -9.25 -32.52 28.36
N CYS A 485 -10.21 -33.31 27.89
CA CYS A 485 -10.67 -33.15 26.51
C CYS A 485 -12.19 -33.27 26.43
N GLY A 486 -12.73 -32.85 25.29
CA GLY A 486 -14.16 -32.73 25.11
C GLY A 486 -14.85 -34.07 24.94
N PRO A 487 -16.18 -34.04 24.97
CA PRO A 487 -16.98 -35.27 24.93
C PRO A 487 -17.32 -35.77 23.55
N LYS A 488 -16.68 -35.29 22.50
CA LYS A 488 -17.05 -35.66 21.13
C LYS A 488 -16.41 -36.99 20.75
N LEU A 489 -17.23 -37.92 20.30
CA LEU A 489 -16.76 -39.26 19.95
C LEU A 489 -15.93 -39.23 18.67
N SER A 490 -15.01 -40.18 18.56
CA SER A 490 -14.13 -40.24 17.40
C SER A 490 -14.84 -40.92 16.24
N THR A 491 -14.27 -40.74 15.04
CA THR A 491 -14.76 -41.37 13.83
C THR A 491 -13.64 -42.16 13.17
N GLN A 492 -13.97 -42.83 12.08
CA GLN A 492 -13.00 -43.65 11.36
C GLN A 492 -12.07 -42.76 10.54
N LEU A 493 -10.78 -43.04 10.61
CA LEU A 493 -9.79 -42.32 9.82
C LEU A 493 -9.91 -42.75 8.36
N VAL A 494 -10.25 -41.82 7.48
CA VAL A 494 -10.34 -42.07 6.05
C VAL A 494 -9.27 -41.24 5.36
N LYS A 495 -8.57 -41.85 4.41
CA LYS A 495 -7.46 -41.23 3.71
C LYS A 495 -7.82 -41.03 2.24
N ASN A 496 -7.00 -40.19 1.58
CA ASN A 496 -7.06 -39.91 0.14
C ASN A 496 -8.41 -39.33 -0.29
N ARG A 497 -9.08 -38.60 0.61
CA ARG A 497 -10.29 -37.87 0.30
C ARG A 497 -10.22 -36.51 0.96
N CYS A 498 -10.80 -35.49 0.31
CA CYS A 498 -10.75 -34.14 0.86
C CYS A 498 -11.75 -34.05 2.01
N VAL A 499 -11.23 -34.06 3.23
CA VAL A 499 -12.04 -34.20 4.42
C VAL A 499 -11.75 -33.07 5.40
N ASN A 500 -12.76 -32.77 6.22
CA ASN A 500 -12.56 -31.93 7.38
C ASN A 500 -12.17 -32.80 8.57
N PHE A 501 -11.13 -32.37 9.28
CA PHE A 501 -10.60 -33.14 10.40
C PHE A 501 -10.54 -32.27 11.63
N ASN A 502 -10.73 -32.91 12.79
CA ASN A 502 -10.66 -32.25 14.10
C ASN A 502 -9.73 -33.10 14.96
N PHE A 503 -8.44 -32.82 14.88
CA PHE A 503 -7.41 -33.57 15.60
C PHE A 503 -7.04 -32.78 16.85
N ASN A 504 -7.58 -33.21 18.00
CA ASN A 504 -7.34 -32.61 19.31
C ASN A 504 -7.70 -31.12 19.35
N GLY A 505 -8.76 -30.73 18.65
CA GLY A 505 -9.09 -29.34 18.54
C GLY A 505 -8.36 -28.58 17.46
N LEU A 506 -7.68 -29.29 16.55
CA LEU A 506 -7.00 -28.65 15.42
C LEU A 506 -7.85 -28.86 14.16
N ARG A 507 -8.85 -28.00 13.99
CA ARG A 507 -9.76 -28.12 12.86
C ARG A 507 -9.07 -27.72 11.58
N GLY A 508 -9.27 -28.51 10.53
CA GLY A 508 -8.64 -28.22 9.26
C GLY A 508 -9.30 -29.00 8.14
N THR A 509 -8.82 -28.75 6.93
CA THR A 509 -9.34 -29.38 5.72
C THR A 509 -8.18 -29.87 4.87
N GLY A 510 -8.25 -31.12 4.42
CA GLY A 510 -7.21 -31.62 3.54
C GLY A 510 -7.31 -33.10 3.31
N VAL A 511 -6.22 -33.66 2.80
CA VAL A 511 -6.09 -35.09 2.53
C VAL A 511 -5.00 -35.63 3.44
N LEU A 512 -5.35 -36.66 4.21
CA LEU A 512 -4.40 -37.28 5.14
C LEU A 512 -3.71 -38.45 4.46
N THR A 513 -2.39 -38.46 4.52
CA THR A 513 -1.58 -39.49 3.87
C THR A 513 -0.59 -40.03 4.88
N ASP A 514 -0.35 -41.34 4.85
CA ASP A 514 0.60 -41.96 5.78
C ASP A 514 2.01 -41.47 5.49
N SER A 515 2.64 -40.87 6.49
CA SER A 515 3.97 -40.27 6.32
C SER A 515 4.85 -40.67 7.48
N ASP A 516 6.15 -40.46 7.29
CA ASP A 516 7.16 -40.86 8.27
C ASP A 516 7.98 -39.68 8.80
N LYS A 517 7.31 -38.59 9.13
CA LYS A 517 7.98 -37.41 9.65
C LYS A 517 8.53 -37.68 11.04
N ARG A 518 9.58 -36.93 11.40
CA ARG A 518 10.29 -37.12 12.65
C ARG A 518 9.66 -36.20 13.70
N PHE A 519 8.94 -36.81 14.65
CA PHE A 519 8.35 -36.09 15.76
C PHE A 519 8.98 -36.53 17.08
N GLN A 520 8.84 -35.69 18.09
CA GLN A 520 9.28 -36.04 19.43
C GLN A 520 8.19 -36.85 20.11
N SER A 521 8.40 -37.19 21.39
CA SER A 521 7.39 -37.90 22.14
C SER A 521 6.24 -37.01 22.59
N PHE A 522 6.43 -35.68 22.56
CA PHE A 522 5.42 -34.74 23.01
C PHE A 522 4.78 -33.94 21.90
N GLN A 523 5.28 -34.03 20.66
CA GLN A 523 4.74 -33.23 19.57
C GLN A 523 3.42 -33.81 19.09
N GLN A 524 2.46 -32.92 18.82
CA GLN A 524 1.15 -33.31 18.33
C GLN A 524 0.84 -32.81 16.94
N PHE A 525 1.46 -31.72 16.49
CA PHE A 525 1.29 -31.25 15.13
C PHE A 525 2.60 -30.61 14.67
N GLY A 526 2.77 -30.54 13.35
CA GLY A 526 4.01 -30.05 12.75
C GLY A 526 3.79 -28.76 11.98
N ARG A 527 4.66 -27.79 12.25
CA ARG A 527 4.63 -26.51 11.56
C ARG A 527 5.53 -26.58 10.33
N ASP A 528 5.04 -26.08 9.21
CA ASP A 528 5.78 -26.12 7.95
C ASP A 528 5.40 -24.89 7.14
N SER A 529 6.34 -24.46 6.31
CA SER A 529 6.25 -23.27 5.44
C SER A 529 6.02 -22.05 6.32
N ALA A 530 4.96 -21.27 6.09
CA ALA A 530 4.70 -20.08 6.90
C ALA A 530 3.66 -20.38 7.98
N ASP A 531 4.07 -21.23 8.93
CA ASP A 531 3.27 -21.66 10.09
C ASP A 531 1.96 -22.32 9.65
N PHE A 532 2.10 -23.44 8.95
CA PHE A 532 0.97 -24.24 8.51
C PHE A 532 1.07 -25.63 9.12
N THR A 533 -0.06 -26.16 9.58
CA THR A 533 -0.11 -27.50 10.16
C THR A 533 -0.03 -28.51 9.02
N ASP A 534 1.12 -29.13 8.84
CA ASP A 534 1.32 -30.04 7.72
C ASP A 534 1.55 -31.49 8.10
N SER A 535 2.01 -31.76 9.32
CA SER A 535 2.14 -33.13 9.82
C SER A 535 1.50 -33.19 11.20
N VAL A 536 0.59 -34.15 11.39
CA VAL A 536 -0.14 -34.28 12.63
C VAL A 536 -0.03 -35.72 13.13
N ARG A 537 -0.51 -35.92 14.36
CA ARG A 537 -0.45 -37.23 15.00
C ARG A 537 -1.83 -37.54 15.55
N ASP A 538 -2.42 -38.64 15.08
CA ASP A 538 -3.74 -39.04 15.57
C ASP A 538 -3.61 -39.58 17.00
N PRO A 539 -4.59 -39.28 17.86
CA PRO A 539 -4.46 -39.68 19.27
C PRO A 539 -4.70 -41.16 19.50
N GLN A 540 -5.49 -41.79 18.64
CA GLN A 540 -5.71 -43.23 18.69
C GLN A 540 -4.89 -43.89 17.60
N THR A 541 -4.16 -44.94 17.97
CA THR A 541 -3.18 -45.65 17.12
C THR A 541 -2.16 -44.67 16.54
N LEU A 542 -1.34 -44.13 17.46
CA LEU A 542 -0.43 -43.02 17.24
C LEU A 542 0.52 -43.21 16.07
N GLN A 543 0.35 -42.41 15.04
CA GLN A 543 1.20 -42.45 13.86
C GLN A 543 1.19 -41.04 13.25
N ILE A 544 1.98 -40.87 12.19
CA ILE A 544 2.18 -39.55 11.60
C ILE A 544 1.37 -39.49 10.31
N LEU A 545 0.54 -38.46 10.19
CA LEU A 545 -0.26 -38.23 8.99
C LEU A 545 0.09 -36.87 8.41
N ASP A 546 0.43 -36.85 7.13
CA ASP A 546 0.70 -35.60 6.43
C ASP A 546 -0.59 -35.07 5.81
N ILE A 547 -0.83 -33.78 6.00
CA ILE A 547 -2.01 -33.12 5.45
C ILE A 547 -1.57 -32.47 4.15
N SER A 548 -1.75 -33.19 3.05
CA SER A 548 -1.65 -32.56 1.76
C SER A 548 -2.87 -31.69 1.53
N PRO A 549 -2.73 -30.58 0.79
CA PRO A 549 -3.92 -29.85 0.35
C PRO A 549 -4.75 -30.73 -0.57
N CYS A 550 -6.07 -30.63 -0.44
CA CYS A 550 -6.93 -31.67 -0.97
C CYS A 550 -7.25 -31.51 -2.45
N SER A 551 -6.55 -30.64 -3.15
CA SER A 551 -6.55 -30.61 -4.61
C SER A 551 -5.18 -30.07 -5.05
N PHE A 552 -5.07 -29.67 -6.30
CA PHE A 552 -3.84 -29.10 -6.82
C PHE A 552 -4.06 -27.64 -7.17
N GLY A 553 -3.24 -26.76 -6.58
CA GLY A 553 -3.34 -25.35 -6.89
C GLY A 553 -2.66 -24.95 -8.18
N GLY A 554 -1.67 -25.74 -8.62
CA GLY A 554 -0.96 -25.44 -9.84
C GLY A 554 -1.65 -25.95 -11.09
N VAL A 555 -2.85 -25.45 -11.36
CA VAL A 555 -3.64 -25.85 -12.52
C VAL A 555 -3.86 -24.61 -13.38
N SER A 556 -3.42 -24.67 -14.63
CA SER A 556 -3.61 -23.60 -15.58
C SER A 556 -4.62 -24.02 -16.63
N VAL A 557 -5.35 -23.04 -17.17
CA VAL A 557 -6.38 -23.28 -18.16
C VAL A 557 -6.01 -22.52 -19.43
N ILE A 558 -5.94 -23.23 -20.55
CA ILE A 558 -5.57 -22.65 -21.84
C ILE A 558 -6.82 -22.65 -22.70
N THR A 559 -7.18 -21.49 -23.21
CA THR A 559 -8.42 -21.38 -23.99
C THR A 559 -8.24 -20.37 -25.10
N PRO A 560 -8.99 -20.49 -26.18
CA PRO A 560 -9.30 -19.35 -27.03
C PRO A 560 -10.46 -18.59 -26.42
N GLY A 561 -10.95 -17.58 -27.16
CA GLY A 561 -12.08 -16.82 -26.69
C GLY A 561 -13.36 -17.65 -26.63
N THR A 562 -14.20 -17.34 -25.65
CA THR A 562 -15.47 -18.04 -25.54
C THR A 562 -16.46 -17.62 -26.63
N GLN A 563 -16.20 -16.50 -27.29
CA GLN A 563 -16.92 -16.14 -28.52
C GLN A 563 -16.39 -16.88 -29.73
N THR A 564 -15.27 -17.60 -29.60
CA THR A 564 -14.67 -18.33 -30.71
C THR A 564 -15.00 -19.82 -30.67
N SER A 565 -14.61 -20.50 -29.60
CA SER A 565 -14.72 -21.95 -29.59
C SER A 565 -15.39 -22.53 -28.35
N SER A 566 -15.17 -21.91 -27.18
CA SER A 566 -15.52 -22.47 -25.86
C SER A 566 -14.93 -23.87 -25.66
N LYS A 567 -13.69 -24.04 -26.09
CA LYS A 567 -12.95 -25.29 -25.95
C LYS A 567 -11.76 -25.05 -25.02
N VAL A 568 -11.47 -26.02 -24.16
CA VAL A 568 -10.59 -25.82 -23.02
C VAL A 568 -9.47 -26.85 -23.03
N ALA A 569 -8.31 -26.47 -22.47
CA ALA A 569 -7.21 -27.39 -22.22
C ALA A 569 -6.68 -27.13 -20.82
N VAL A 570 -6.20 -28.19 -20.16
CA VAL A 570 -5.79 -28.11 -18.77
C VAL A 570 -4.30 -28.45 -18.67
N LEU A 571 -3.55 -27.58 -17.99
CA LEU A 571 -2.13 -27.80 -17.74
C LEU A 571 -1.89 -28.02 -16.26
N TYR A 572 -1.20 -29.11 -15.93
CA TYR A 572 -0.76 -29.39 -14.56
C TYR A 572 0.75 -29.22 -14.53
N GLN A 573 1.24 -28.36 -13.65
CA GLN A 573 2.67 -28.11 -13.53
C GLN A 573 3.24 -28.86 -12.32
N ASP A 574 4.57 -28.91 -12.25
CA ASP A 574 5.37 -29.41 -11.13
C ASP A 574 5.08 -30.88 -10.78
N VAL A 575 4.60 -31.67 -11.74
CA VAL A 575 4.13 -33.03 -11.48
C VAL A 575 4.14 -33.79 -12.80
N ASN A 576 4.22 -35.11 -12.70
CA ASN A 576 4.08 -35.99 -13.86
C ASN A 576 2.61 -36.08 -14.24
N CYS A 577 2.28 -36.90 -15.24
CA CYS A 577 0.89 -36.99 -15.64
C CYS A 577 0.27 -38.32 -15.28
N THR A 578 1.07 -39.29 -14.84
CA THR A 578 0.53 -40.52 -14.27
C THR A 578 -0.11 -40.30 -12.91
N ASP A 579 0.49 -39.46 -12.07
CA ASP A 579 -0.03 -39.15 -10.75
C ASP A 579 -1.00 -37.97 -10.76
N VAL A 580 -1.47 -37.57 -11.93
CA VAL A 580 -2.56 -36.56 -11.99
C VAL A 580 -3.85 -37.03 -11.33
N PRO A 581 -4.34 -38.28 -11.52
CA PRO A 581 -5.49 -38.72 -10.71
C PRO A 581 -5.24 -38.76 -9.21
N THR A 582 -4.02 -39.04 -8.76
CA THR A 582 -3.75 -39.07 -7.33
C THR A 582 -3.69 -37.66 -6.74
N ALA A 583 -3.08 -36.72 -7.47
CA ALA A 583 -2.97 -35.35 -6.97
C ALA A 583 -4.31 -34.62 -7.08
N LEU A 584 -5.04 -34.83 -8.16
CA LEU A 584 -6.33 -34.18 -8.35
C LEU A 584 -7.42 -34.81 -7.51
N GLY A 585 -7.35 -36.13 -7.28
CA GLY A 585 -8.33 -36.81 -6.47
C GLY A 585 -9.69 -36.96 -7.14
N LEU A 586 -9.78 -37.79 -8.18
CA LEU A 586 -11.00 -37.90 -8.97
C LEU A 586 -12.10 -38.71 -8.29
N ASP A 587 -11.91 -39.16 -7.06
CA ASP A 587 -12.98 -39.84 -6.34
C ASP A 587 -14.10 -38.90 -5.94
N GLN A 588 -13.83 -37.60 -5.82
CA GLN A 588 -14.81 -36.63 -5.38
C GLN A 588 -15.17 -35.57 -6.41
N ILE A 589 -14.37 -35.38 -7.46
CA ILE A 589 -14.63 -34.34 -8.45
C ILE A 589 -15.72 -34.83 -9.41
N SER A 590 -16.26 -33.91 -10.19
CA SER A 590 -17.42 -34.19 -11.02
C SER A 590 -17.06 -35.05 -12.22
N ALA A 591 -18.11 -35.50 -12.93
CA ALA A 591 -17.92 -36.41 -14.05
C ALA A 591 -17.30 -35.71 -15.26
N ALA A 592 -17.61 -34.42 -15.45
CA ALA A 592 -17.03 -33.71 -16.57
C ALA A 592 -15.57 -33.36 -16.33
N TRP A 593 -15.14 -33.29 -15.07
CA TRP A 593 -13.72 -33.20 -14.77
C TRP A 593 -12.97 -34.49 -15.03
N ARG A 594 -13.64 -35.64 -14.97
CA ARG A 594 -12.95 -36.92 -15.06
C ARG A 594 -12.42 -37.23 -16.45
N VAL A 595 -12.91 -36.52 -17.47
CA VAL A 595 -12.30 -36.64 -18.80
C VAL A 595 -10.91 -36.01 -18.81
N TYR A 596 -10.78 -34.83 -18.21
CA TYR A 596 -9.49 -34.14 -18.23
C TYR A 596 -8.51 -34.66 -17.19
N ALA A 597 -9.00 -35.40 -16.19
CA ALA A 597 -8.08 -36.01 -15.23
C ALA A 597 -7.28 -37.13 -15.87
N ILE A 598 -7.95 -38.02 -16.58
CA ILE A 598 -7.30 -39.06 -17.38
C ILE A 598 -8.06 -39.23 -18.68
N GLY A 599 -7.35 -39.11 -19.81
CA GLY A 599 -7.97 -39.15 -21.11
C GLY A 599 -7.04 -39.76 -22.17
N ASN A 600 -7.50 -39.63 -23.42
CA ASN A 600 -6.72 -40.11 -24.56
C ASN A 600 -5.75 -39.07 -25.10
N ASP A 601 -5.82 -37.83 -24.62
CA ASP A 601 -5.01 -36.73 -25.15
C ASP A 601 -4.09 -36.14 -24.09
N VAL A 602 -3.47 -37.00 -23.28
CA VAL A 602 -2.50 -36.53 -22.29
C VAL A 602 -1.15 -36.31 -22.98
N PHE A 603 -0.44 -35.28 -22.55
CA PHE A 603 0.91 -35.01 -23.07
C PHE A 603 1.82 -34.54 -21.95
N GLN A 604 2.81 -35.36 -21.60
CA GLN A 604 3.84 -34.96 -20.65
C GLN A 604 4.85 -34.04 -21.33
N THR A 605 5.25 -33.00 -20.64
CA THR A 605 6.23 -32.03 -21.15
C THR A 605 7.13 -31.63 -20.00
N GLN A 606 7.89 -30.55 -20.19
CA GLN A 606 8.76 -30.05 -19.12
C GLN A 606 7.95 -29.38 -18.01
N ALA A 607 6.83 -28.77 -18.35
CA ALA A 607 6.03 -28.01 -17.39
C ALA A 607 4.80 -28.77 -16.92
N GLY A 608 4.93 -30.07 -16.69
CA GLY A 608 3.81 -30.87 -16.24
C GLY A 608 3.24 -31.76 -17.34
N CYS A 609 1.92 -31.80 -17.40
CA CYS A 609 1.26 -32.37 -18.57
C CYS A 609 0.08 -31.52 -18.99
N LEU A 610 -0.22 -31.59 -20.28
CA LEU A 610 -1.31 -30.86 -20.90
C LEU A 610 -2.34 -31.86 -21.40
N VAL A 611 -3.61 -31.63 -21.05
CA VAL A 611 -4.72 -32.50 -21.39
C VAL A 611 -5.69 -31.70 -22.24
N GLY A 612 -6.07 -32.27 -23.39
CA GLY A 612 -6.97 -31.62 -24.32
C GLY A 612 -6.34 -31.23 -25.65
N ALA A 613 -5.04 -31.47 -25.82
CA ALA A 613 -4.37 -31.11 -27.05
C ALA A 613 -3.40 -32.22 -27.45
N GLU A 614 -3.18 -32.36 -28.75
CA GLU A 614 -2.32 -33.39 -29.30
C GLU A 614 -1.10 -32.80 -29.98
N HIS A 615 -0.01 -33.56 -29.99
CA HIS A 615 1.27 -33.12 -30.53
C HIS A 615 1.30 -33.33 -32.03
N THR A 616 1.67 -32.28 -32.75
CA THR A 616 2.08 -32.37 -34.15
C THR A 616 3.55 -32.02 -34.26
N ASN A 617 4.28 -32.79 -35.06
CA ASN A 617 5.74 -32.65 -35.12
C ASN A 617 6.14 -31.36 -35.82
N ILE A 618 5.35 -30.92 -36.81
CA ILE A 618 5.66 -29.68 -37.50
C ILE A 618 5.38 -28.50 -36.58
N SER A 619 6.28 -27.52 -36.59
CA SER A 619 6.26 -26.40 -35.65
C SER A 619 5.76 -25.14 -36.33
N TYR A 620 4.94 -24.37 -35.60
CA TYR A 620 4.47 -23.09 -36.11
C TYR A 620 4.83 -21.97 -35.14
N GLU A 621 4.30 -20.78 -35.39
CA GLU A 621 4.50 -19.64 -34.50
C GLU A 621 3.65 -19.80 -33.25
N CYS A 622 4.16 -19.31 -32.13
CA CYS A 622 3.48 -19.46 -30.85
C CYS A 622 2.28 -18.53 -30.76
N ASP A 623 1.10 -19.11 -30.51
CA ASP A 623 -0.12 -18.35 -30.29
C ASP A 623 -0.37 -18.14 -28.79
N ILE A 624 -0.53 -19.23 -28.05
CA ILE A 624 -0.74 -19.19 -26.60
C ILE A 624 0.53 -19.71 -25.94
N PRO A 625 1.26 -18.89 -25.19
CA PRO A 625 2.49 -19.36 -24.56
C PRO A 625 2.25 -20.30 -23.38
N ILE A 626 2.48 -21.59 -23.59
CA ILE A 626 2.39 -22.55 -22.50
C ILE A 626 3.55 -22.39 -21.54
N GLY A 627 4.75 -22.24 -22.07
CA GLY A 627 5.96 -22.20 -21.28
C GLY A 627 6.81 -23.45 -21.51
N ALA A 628 8.10 -23.28 -21.16
CA ALA A 628 9.14 -24.30 -21.30
C ALA A 628 9.29 -24.80 -22.74
N GLY A 629 9.09 -23.90 -23.71
CA GLY A 629 9.38 -24.18 -25.09
C GLY A 629 8.21 -24.68 -25.92
N VAL A 630 7.16 -25.19 -25.27
CA VAL A 630 6.00 -25.69 -26.01
C VAL A 630 4.97 -24.57 -26.10
N CYS A 631 4.10 -24.67 -27.10
CA CYS A 631 3.08 -23.67 -27.35
C CYS A 631 1.81 -24.36 -27.81
N ALA A 632 0.71 -23.62 -27.80
CA ALA A 632 -0.57 -24.13 -28.24
C ALA A 632 -1.25 -23.11 -29.14
N SER A 633 -2.15 -23.60 -29.99
CA SER A 633 -2.84 -22.74 -30.94
C SER A 633 -4.21 -23.34 -31.23
N TYR A 634 -5.00 -22.60 -31.97
CA TYR A 634 -6.32 -23.05 -32.39
C TYR A 634 -6.47 -23.16 -33.89
N ASN A 635 -5.65 -22.40 -34.65
CA ASN A 635 -5.71 -22.46 -36.11
C ASN A 635 -5.26 -23.81 -36.64
N SER A 636 -4.22 -24.39 -36.01
CA SER A 636 -3.60 -25.68 -36.38
C SER A 636 -3.21 -25.78 -37.85
N THR A 643 -11.30 -31.13 -36.92
CA THR A 643 -11.75 -29.89 -37.53
C THR A 643 -12.03 -28.81 -36.48
N ASN A 644 -12.07 -29.23 -35.22
CA ASN A 644 -12.28 -28.30 -34.11
C ASN A 644 -11.54 -28.86 -32.89
N SER A 645 -10.29 -28.42 -32.71
CA SER A 645 -9.48 -28.86 -31.59
C SER A 645 -8.40 -27.84 -31.33
N ILE A 646 -7.87 -27.87 -30.10
CA ILE A 646 -6.70 -27.09 -29.73
C ILE A 646 -5.47 -27.92 -30.04
N ILE A 647 -4.53 -27.33 -30.76
CA ILE A 647 -3.33 -28.06 -31.15
C ILE A 647 -2.19 -27.58 -30.26
N ALA A 648 -1.19 -28.45 -30.09
CA ALA A 648 -0.02 -28.12 -29.28
C ALA A 648 1.23 -28.59 -29.99
N TYR A 649 2.30 -27.80 -29.90
CA TYR A 649 3.51 -28.08 -30.64
C TYR A 649 4.69 -27.47 -29.87
N ALA A 650 5.86 -27.49 -30.50
CA ALA A 650 7.02 -26.78 -30.00
C ALA A 650 7.24 -25.53 -30.85
N MET A 651 7.93 -24.55 -30.27
CA MET A 651 8.16 -23.29 -30.98
C MET A 651 9.17 -23.47 -32.10
N SER A 652 8.84 -22.91 -33.26
CA SER A 652 9.79 -22.77 -34.36
C SER A 652 10.56 -21.49 -34.09
N ILE A 653 11.83 -21.63 -33.75
CA ILE A 653 12.70 -20.49 -33.48
C ILE A 653 13.04 -19.78 -34.78
N GLY A 654 12.94 -20.51 -35.89
CA GLY A 654 13.18 -19.94 -37.20
C GLY A 654 13.58 -21.03 -38.17
N ALA A 655 13.58 -20.65 -39.45
CA ALA A 655 14.01 -21.56 -40.49
C ALA A 655 15.53 -21.68 -40.48
N GLU A 656 16.03 -22.90 -40.47
CA GLU A 656 17.46 -23.16 -40.36
C GLU A 656 18.14 -22.83 -41.68
N SER A 657 19.05 -21.86 -41.65
CA SER A 657 19.75 -21.41 -42.84
C SER A 657 21.23 -21.72 -42.72
N SER A 658 21.93 -21.61 -43.85
CA SER A 658 23.37 -21.86 -43.92
C SER A 658 23.98 -20.93 -44.95
N ILE A 659 25.16 -20.40 -44.61
CA ILE A 659 25.91 -19.50 -45.48
C ILE A 659 27.25 -20.14 -45.79
N ALA A 660 27.61 -20.17 -47.07
CA ALA A 660 28.84 -20.82 -47.51
C ALA A 660 30.01 -19.85 -47.35
N TYR A 661 30.65 -19.91 -46.20
CA TYR A 661 31.88 -19.14 -45.95
C TYR A 661 33.02 -19.86 -46.64
N SER A 662 33.39 -19.39 -47.83
CA SER A 662 34.32 -20.11 -48.70
C SER A 662 35.73 -19.53 -48.69
N ASN A 663 36.02 -18.63 -47.74
CA ASN A 663 37.36 -18.13 -47.38
C ASN A 663 37.96 -17.17 -48.41
N ASN A 664 37.36 -17.06 -49.60
CA ASN A 664 37.85 -16.10 -50.59
C ASN A 664 36.72 -15.47 -51.39
N SER A 665 35.46 -15.76 -51.08
CA SER A 665 34.33 -15.31 -51.88
C SER A 665 33.48 -14.33 -51.08
N ILE A 666 32.98 -13.32 -51.77
CA ILE A 666 32.03 -12.37 -51.20
C ILE A 666 30.74 -12.53 -52.01
N ALA A 667 29.64 -12.09 -51.43
CA ALA A 667 28.41 -11.89 -52.17
C ALA A 667 28.03 -10.42 -52.12
N ILE A 668 27.74 -9.85 -53.29
CA ILE A 668 27.52 -8.42 -53.45
C ILE A 668 26.09 -8.21 -53.93
N PRO A 669 25.32 -7.31 -53.32
CA PRO A 669 24.00 -6.98 -53.87
C PRO A 669 24.12 -6.20 -55.17
N THR A 670 23.25 -6.54 -56.12
CA THR A 670 23.17 -5.86 -57.41
C THR A 670 21.88 -5.09 -57.62
N ASN A 671 20.91 -5.21 -56.71
CA ASN A 671 19.66 -4.50 -56.82
C ASN A 671 19.09 -4.29 -55.43
N PHE A 672 18.28 -3.25 -55.27
CA PHE A 672 17.83 -2.81 -53.97
C PHE A 672 16.31 -2.67 -53.94
N SER A 673 15.81 -2.21 -52.81
CA SER A 673 14.40 -1.92 -52.63
C SER A 673 14.26 -0.90 -51.51
N ILE A 674 13.10 -0.24 -51.48
CA ILE A 674 12.76 0.72 -50.45
C ILE A 674 11.46 0.28 -49.82
N GLN A 675 11.44 0.15 -48.49
CA GLN A 675 10.22 -0.24 -47.78
C GLN A 675 9.99 0.68 -46.60
N VAL A 676 8.72 0.88 -46.26
CA VAL A 676 8.34 1.77 -45.17
C VAL A 676 7.84 0.92 -44.02
N THR A 677 8.41 1.13 -42.84
CA THR A 677 8.08 0.39 -41.63
C THR A 677 7.37 1.30 -40.64
N THR A 678 6.40 0.75 -39.93
CA THR A 678 5.57 1.51 -39.02
C THR A 678 5.91 1.14 -37.58
N GLU A 679 6.24 2.13 -36.76
CA GLU A 679 6.46 1.93 -35.34
C GLU A 679 5.49 2.80 -34.55
N VAL A 680 4.93 2.25 -33.48
CA VAL A 680 3.91 2.91 -32.68
C VAL A 680 4.44 3.08 -31.27
N LEU A 681 4.38 4.32 -30.76
CA LEU A 681 4.88 4.62 -29.42
C LEU A 681 3.82 5.38 -28.64
N PRO A 682 3.44 4.92 -27.45
CA PRO A 682 2.55 5.73 -26.60
C PRO A 682 3.28 6.95 -26.06
N VAL A 683 2.51 7.99 -25.75
CA VAL A 683 3.03 9.27 -25.32
C VAL A 683 2.50 9.66 -23.95
N SER A 684 1.19 9.53 -23.73
CA SER A 684 0.58 9.89 -22.47
C SER A 684 -0.58 8.94 -22.18
N VAL A 685 -1.11 9.02 -20.96
CA VAL A 685 -2.35 8.33 -20.63
C VAL A 685 -3.37 9.39 -20.24
N SER A 686 -4.60 8.97 -19.97
CA SER A 686 -5.65 9.90 -19.57
C SER A 686 -5.35 10.51 -18.20
N LYS A 687 -5.53 11.83 -18.10
CA LYS A 687 -5.22 12.56 -16.88
C LYS A 687 -6.41 12.43 -15.95
N THR A 688 -6.39 11.41 -15.10
CA THR A 688 -7.49 11.12 -14.19
C THR A 688 -7.22 11.78 -12.85
N SER A 689 -8.16 12.61 -12.40
CA SER A 689 -8.08 13.28 -11.12
C SER A 689 -9.25 12.84 -10.26
N VAL A 690 -8.96 12.42 -9.03
CA VAL A 690 -9.97 11.97 -8.10
C VAL A 690 -10.17 13.09 -7.08
N ASP A 691 -11.34 13.11 -6.44
CA ASP A 691 -11.68 14.14 -5.47
C ASP A 691 -11.76 13.55 -4.07
N CYS A 692 -11.54 14.41 -3.08
CA CYS A 692 -11.71 14.00 -1.68
C CYS A 692 -13.19 13.78 -1.36
N THR A 693 -14.00 14.81 -1.56
CA THR A 693 -15.44 14.68 -1.45
C THR A 693 -15.96 13.88 -2.63
N MET A 694 -17.08 13.19 -2.42
CA MET A 694 -17.91 12.42 -3.34
C MET A 694 -17.30 11.07 -3.70
N TYR A 695 -16.07 10.76 -3.28
CA TYR A 695 -15.55 9.41 -3.49
C TYR A 695 -15.88 8.54 -2.29
N ILE A 696 -15.34 8.88 -1.12
CA ILE A 696 -15.59 8.10 0.08
C ILE A 696 -16.96 8.41 0.65
N CYS A 697 -17.27 9.70 0.76
CA CYS A 697 -18.45 10.18 1.46
C CYS A 697 -19.46 10.64 0.43
N GLY A 698 -20.66 10.06 0.45
CA GLY A 698 -21.71 10.48 -0.45
C GLY A 698 -22.38 11.75 0.01
N ASP A 699 -21.63 12.86 0.02
CA ASP A 699 -22.03 14.17 0.56
C ASP A 699 -22.49 14.06 2.01
N SER A 700 -21.81 13.20 2.78
CA SER A 700 -22.21 12.93 4.16
C SER A 700 -21.45 13.83 5.12
N GLN A 701 -22.17 14.37 6.10
CA GLN A 701 -21.55 15.30 7.04
C GLN A 701 -20.65 14.58 8.03
N GLU A 702 -21.10 13.43 8.55
CA GLU A 702 -20.31 12.69 9.53
C GLU A 702 -19.08 12.06 8.89
N CYS A 703 -19.21 11.57 7.66
CA CYS A 703 -18.07 11.02 6.93
C CYS A 703 -17.03 12.09 6.63
N ASN A 704 -17.48 13.30 6.26
CA ASN A 704 -16.52 14.38 6.03
C ASN A 704 -15.88 14.85 7.33
N LYS A 705 -16.65 14.83 8.43
CA LYS A 705 -16.10 15.16 9.74
C LYS A 705 -15.01 14.18 10.17
N LEU A 706 -15.21 12.90 9.88
CA LEU A 706 -14.14 11.93 10.12
C LEU A 706 -13.02 12.02 9.09
N LEU A 707 -13.31 12.53 7.89
CA LEU A 707 -12.28 12.74 6.88
C LEU A 707 -11.38 13.93 7.17
N LEU A 708 -11.84 14.86 8.03
CA LEU A 708 -11.02 16.05 8.35
C LEU A 708 -9.72 15.68 9.06
N GLN A 709 -9.67 14.52 9.73
CA GLN A 709 -8.41 14.10 10.32
C GLN A 709 -7.48 13.44 9.30
N TYR A 710 -7.94 13.19 8.07
CA TYR A 710 -7.12 12.65 7.00
C TYR A 710 -7.02 13.62 5.84
N GLY A 711 -6.92 14.92 6.14
CA GLY A 711 -6.83 15.91 5.08
C GLY A 711 -5.53 15.85 4.31
N SER A 712 -4.42 15.56 5.01
CA SER A 712 -3.11 15.50 4.38
C SER A 712 -3.00 14.33 3.41
N PHE A 713 -3.76 13.25 3.65
CA PHE A 713 -3.75 12.10 2.76
C PHE A 713 -4.29 12.47 1.38
N CYS A 714 -5.49 13.07 1.33
CA CYS A 714 -6.06 13.39 0.04
C CYS A 714 -5.38 14.61 -0.57
N ALA A 715 -4.75 15.47 0.26
CA ALA A 715 -3.89 16.51 -0.29
C ALA A 715 -2.69 15.91 -1.02
N GLN A 716 -2.08 14.87 -0.44
CA GLN A 716 -1.00 14.14 -1.11
C GLN A 716 -1.47 13.50 -2.40
N LEU A 717 -2.66 12.87 -2.37
CA LEU A 717 -3.19 12.19 -3.56
C LEU A 717 -3.49 13.19 -4.68
N ASN A 718 -4.08 14.34 -4.34
CA ASN A 718 -4.39 15.35 -5.33
C ASN A 718 -3.12 15.98 -5.90
N ARG A 719 -2.12 16.23 -5.05
CA ARG A 719 -0.87 16.79 -5.53
C ARG A 719 -0.13 15.81 -6.44
N ALA A 720 -0.14 14.52 -6.09
CA ALA A 720 0.53 13.51 -6.92
C ALA A 720 -0.16 13.35 -8.26
N LEU A 721 -1.49 13.32 -8.28
CA LEU A 721 -2.21 13.17 -9.55
C LEU A 721 -2.11 14.41 -10.41
N SER A 722 -2.10 15.61 -9.80
CA SER A 722 -1.90 16.83 -10.56
C SER A 722 -0.49 16.91 -11.13
N GLY A 723 0.51 16.45 -10.37
CA GLY A 723 1.87 16.39 -10.89
C GLY A 723 2.01 15.39 -12.03
N VAL A 724 1.26 14.27 -11.95
CA VAL A 724 1.23 13.32 -13.06
C VAL A 724 0.61 13.94 -14.31
N ALA A 725 -0.48 14.69 -14.14
CA ALA A 725 -1.14 15.34 -15.27
C ALA A 725 -0.25 16.39 -15.93
N VAL A 726 0.41 17.23 -15.13
CA VAL A 726 1.33 18.22 -15.67
C VAL A 726 2.54 17.55 -16.30
N GLU A 727 2.99 16.42 -15.74
CA GLU A 727 4.10 15.66 -16.31
C GLU A 727 3.74 15.09 -17.67
N GLN A 728 2.51 14.60 -17.84
CA GLN A 728 2.12 14.04 -19.13
C GLN A 728 1.83 15.13 -20.16
N ASP A 729 1.35 16.30 -19.73
CA ASP A 729 1.28 17.45 -20.63
C ASP A 729 2.68 17.85 -21.10
N LYS A 730 3.65 17.82 -20.18
CA LYS A 730 5.05 18.09 -20.54
C LYS A 730 5.61 17.04 -21.49
N ASN A 731 5.22 15.77 -21.29
CA ASN A 731 5.66 14.69 -22.18
C ASN A 731 5.12 14.89 -23.59
N THR A 732 3.83 15.22 -23.70
CA THR A 732 3.20 15.47 -24.99
C THR A 732 3.80 16.69 -25.67
N GLU A 733 4.12 17.74 -24.91
CA GLU A 733 4.81 18.90 -25.47
C GLU A 733 6.22 18.56 -25.92
N ALA A 734 6.93 17.72 -25.16
CA ALA A 734 8.33 17.43 -25.46
C ALA A 734 8.48 16.52 -26.67
N VAL A 735 7.56 15.57 -26.87
CA VAL A 735 7.70 14.66 -28.00
C VAL A 735 7.38 15.36 -29.31
N PHE A 736 6.42 16.28 -29.30
CA PHE A 736 5.92 16.87 -30.55
C PHE A 736 6.50 18.25 -30.80
N ALA A 737 6.33 19.18 -29.86
CA ALA A 737 6.73 20.57 -30.06
C ALA A 737 8.25 20.69 -29.94
N GLN A 738 8.93 20.34 -31.03
CA GLN A 738 10.37 20.49 -31.12
C GLN A 738 10.76 21.71 -31.94
N VAL A 739 10.18 21.87 -33.12
CA VAL A 739 10.37 23.08 -33.92
C VAL A 739 9.25 24.05 -33.59
N LYS A 740 9.59 25.33 -33.58
CA LYS A 740 8.65 26.37 -33.19
C LYS A 740 7.93 27.01 -34.37
N GLN A 741 8.63 27.22 -35.48
CA GLN A 741 8.01 27.81 -36.66
C GLN A 741 7.16 26.74 -37.36
N ILE A 742 5.86 26.96 -37.40
CA ILE A 742 4.94 26.02 -38.05
C ILE A 742 5.00 26.29 -39.55
N TYR A 743 5.77 25.46 -40.27
CA TYR A 743 5.92 25.66 -41.70
C TYR A 743 4.67 25.19 -42.44
N LYS A 744 4.27 25.95 -43.44
CA LYS A 744 3.07 25.66 -44.20
C LYS A 744 3.34 24.55 -45.22
N ALA A 745 2.25 23.96 -45.70
CA ALA A 745 2.34 22.92 -46.71
C ALA A 745 2.76 23.52 -48.05
N PRO A 746 3.52 22.78 -48.85
CA PRO A 746 3.83 23.24 -50.21
C PRO A 746 2.59 23.23 -51.10
N VAL A 747 2.63 24.07 -52.13
CA VAL A 747 1.51 24.17 -53.05
C VAL A 747 1.36 22.91 -53.90
N ILE A 748 2.46 22.18 -54.14
CA ILE A 748 2.45 20.97 -54.94
C ILE A 748 2.83 19.80 -54.05
N LYS A 749 1.99 18.77 -54.05
CA LYS A 749 2.24 17.57 -53.26
C LYS A 749 3.14 16.57 -53.97
N ASP A 750 3.57 16.87 -55.20
CA ASP A 750 4.46 16.00 -55.97
C ASP A 750 5.84 16.63 -55.97
N LEU A 751 6.75 16.09 -55.16
CA LEU A 751 8.08 16.64 -54.97
C LEU A 751 9.07 15.76 -55.72
N GLY A 752 9.28 16.06 -57.00
CA GLY A 752 10.24 15.32 -57.80
C GLY A 752 9.83 13.91 -58.15
N GLY A 753 8.53 13.61 -58.13
CA GLY A 753 8.03 12.29 -58.41
C GLY A 753 7.59 11.51 -57.19
N PHE A 754 7.91 11.98 -55.99
CA PHE A 754 7.51 11.31 -54.75
C PHE A 754 6.18 11.89 -54.28
N ASN A 755 5.16 11.05 -54.19
CA ASN A 755 3.84 11.52 -53.79
C ASN A 755 3.81 11.80 -52.29
N PHE A 756 3.27 12.97 -51.92
CA PHE A 756 3.20 13.38 -50.53
C PHE A 756 1.79 13.74 -50.09
N SER A 757 0.78 13.48 -50.92
CA SER A 757 -0.59 13.83 -50.57
C SER A 757 -1.16 12.93 -49.50
N GLN A 758 -0.57 11.75 -49.28
CA GLN A 758 -1.05 10.87 -48.23
C GLN A 758 -0.64 11.37 -46.85
N LEU A 759 0.59 11.88 -46.72
CA LEU A 759 1.10 12.32 -45.44
C LEU A 759 0.56 13.68 -45.01
N LEU A 760 0.30 14.57 -45.96
CA LEU A 760 -0.15 15.92 -45.65
C LEU A 760 -1.66 16.02 -45.80
N PRO A 761 -2.33 16.90 -45.06
CA PRO A 761 -3.77 17.08 -45.26
C PRO A 761 -4.09 17.73 -46.59
N ASP A 762 -5.28 17.44 -47.09
CA ASP A 762 -5.74 18.04 -48.34
C ASP A 762 -6.06 19.52 -48.14
N PRO A 763 -5.73 20.38 -49.11
CA PRO A 763 -5.98 21.82 -48.93
C PRO A 763 -7.45 22.20 -49.01
N THR A 764 -8.31 21.36 -49.57
CA THR A 764 -9.74 21.66 -49.67
C THR A 764 -10.52 21.11 -48.49
N LYS A 765 -10.05 21.42 -47.27
CA LYS A 765 -10.66 20.97 -46.04
C LYS A 765 -10.31 21.98 -44.96
N PRO A 766 -11.24 22.30 -44.05
CA PRO A 766 -10.91 23.22 -42.95
C PRO A 766 -10.17 22.57 -41.79
N SER A 767 -9.98 21.26 -41.82
CA SER A 767 -9.31 20.56 -40.73
C SER A 767 -7.79 20.57 -40.95
N GLN A 768 -7.07 19.87 -40.08
CA GLN A 768 -5.63 19.69 -40.22
C GLN A 768 -5.20 18.24 -40.22
N ARG A 769 -6.06 17.31 -39.81
CA ARG A 769 -5.73 15.89 -39.79
C ARG A 769 -5.64 15.36 -41.20
N SER A 770 -4.57 14.63 -41.49
CA SER A 770 -4.34 14.10 -42.83
C SER A 770 -5.13 12.80 -43.02
N PHE A 771 -4.94 12.16 -44.17
CA PHE A 771 -5.69 10.94 -44.46
C PHE A 771 -5.20 9.76 -43.64
N ILE A 772 -3.88 9.62 -43.51
CA ILE A 772 -3.30 8.53 -42.72
C ILE A 772 -3.60 8.74 -41.25
N GLU A 773 -3.58 9.99 -40.78
CA GLU A 773 -3.96 10.28 -39.41
C GLU A 773 -5.44 10.02 -39.17
N ASP A 774 -6.29 10.24 -40.18
CA ASP A 774 -7.70 9.89 -40.06
C ASP A 774 -7.90 8.39 -39.99
N LEU A 775 -7.12 7.63 -40.77
CA LEU A 775 -7.16 6.17 -40.68
C LEU A 775 -6.71 5.69 -39.30
N LEU A 776 -5.66 6.31 -38.76
CA LEU A 776 -5.17 5.97 -37.41
C LEU A 776 -6.19 6.31 -36.34
N PHE A 777 -6.90 7.42 -36.49
CA PHE A 777 -7.93 7.78 -35.52
C PHE A 777 -9.14 6.87 -35.63
N ASP A 778 -9.41 6.35 -36.83
CA ASP A 778 -10.49 5.38 -36.98
C ASP A 778 -10.11 3.99 -36.47
N LYS A 779 -8.81 3.63 -36.49
CA LYS A 779 -8.40 2.35 -35.94
C LYS A 779 -8.56 2.29 -34.43
N VAL A 780 -8.05 3.29 -33.72
CA VAL A 780 -8.04 3.28 -32.27
C VAL A 780 -9.40 3.76 -31.78
N THR A 781 -10.07 2.92 -30.98
CA THR A 781 -11.36 3.25 -30.41
C THR A 781 -11.18 3.58 -28.94
N LEU A 782 -11.70 4.73 -28.52
CA LEU A 782 -11.55 5.18 -27.14
C LEU A 782 -12.87 5.04 -26.38
N GLN A 807 -14.70 5.16 -15.66
CA GLN A 807 -15.30 6.31 -14.95
C GLN A 807 -16.80 6.33 -15.24
N LYS A 808 -17.61 6.13 -14.20
CA LYS A 808 -19.09 6.25 -14.37
C LYS A 808 -19.49 7.33 -13.36
N PHE A 809 -18.64 7.55 -12.34
CA PHE A 809 -18.90 8.58 -11.31
C PHE A 809 -17.92 8.40 -10.16
N ASN A 810 -18.07 9.15 -9.03
CA ASN A 810 -17.20 9.06 -7.81
C ASN A 810 -15.97 9.97 -7.98
N GLY A 811 -16.16 11.25 -8.32
CA GLY A 811 -15.13 12.26 -8.49
C GLY A 811 -14.02 11.89 -9.44
N LEU A 812 -14.08 10.71 -10.06
CA LEU A 812 -13.05 10.27 -11.00
C LEU A 812 -13.27 11.02 -12.31
N THR A 813 -12.64 12.18 -12.44
CA THR A 813 -12.85 13.07 -13.57
C THR A 813 -11.62 13.04 -14.47
N VAL A 814 -11.85 12.86 -15.77
CA VAL A 814 -10.78 12.80 -16.76
C VAL A 814 -10.61 14.20 -17.35
N LEU A 815 -9.52 14.86 -17.01
CA LEU A 815 -9.23 16.18 -17.55
C LEU A 815 -8.83 16.06 -19.02
N PRO A 816 -9.19 17.04 -19.86
CA PRO A 816 -8.75 17.01 -21.24
C PRO A 816 -7.27 17.33 -21.34
N PRO A 817 -6.59 16.86 -22.39
CA PRO A 817 -5.18 17.24 -22.58
C PRO A 817 -5.05 18.72 -22.95
N LEU A 818 -3.90 19.28 -22.59
CA LEU A 818 -3.61 20.67 -22.92
C LEU A 818 -3.51 20.87 -24.43
N LEU A 819 -2.86 19.93 -25.11
CA LEU A 819 -2.77 19.97 -26.57
C LEU A 819 -3.95 19.22 -27.16
N THR A 820 -4.80 19.93 -27.90
CA THR A 820 -5.87 19.27 -28.61
C THR A 820 -5.31 18.56 -29.84
N ASP A 821 -6.14 17.70 -30.44
CA ASP A 821 -5.68 16.87 -31.55
C ASP A 821 -5.41 17.69 -32.81
N GLU A 822 -6.06 18.85 -32.94
CA GLU A 822 -5.80 19.70 -34.11
C GLU A 822 -4.43 20.36 -34.03
N MET A 823 -4.00 20.76 -32.84
CA MET A 823 -2.66 21.35 -32.70
C MET A 823 -1.58 20.30 -32.87
N ILE A 824 -1.84 19.06 -32.42
CA ILE A 824 -0.90 17.96 -32.64
C ILE A 824 -0.83 17.62 -34.13
N ALA A 825 -1.97 17.67 -34.82
CA ALA A 825 -1.99 17.47 -36.27
C ALA A 825 -1.24 18.58 -36.99
N ALA A 826 -1.33 19.82 -36.48
CA ALA A 826 -0.57 20.93 -37.04
C ALA A 826 0.93 20.73 -36.85
N TYR A 827 1.32 20.24 -35.66
CA TYR A 827 2.73 19.90 -35.42
C TYR A 827 3.24 18.82 -36.36
N THR A 828 2.46 17.76 -36.55
CA THR A 828 2.89 16.68 -37.44
C THR A 828 2.96 17.14 -38.89
N SER A 829 1.99 17.96 -39.32
CA SER A 829 2.01 18.51 -40.67
C SER A 829 3.21 19.44 -40.87
N ALA A 830 3.53 20.24 -39.85
CA ALA A 830 4.71 21.11 -39.91
C ALA A 830 6.00 20.30 -39.99
N LEU A 831 6.09 19.22 -39.22
CA LEU A 831 7.30 18.39 -39.25
C LEU A 831 7.46 17.68 -40.59
N VAL A 832 6.36 17.14 -41.15
CA VAL A 832 6.45 16.43 -42.42
C VAL A 832 6.74 17.42 -43.56
N SER A 833 6.13 18.60 -43.53
CA SER A 833 6.43 19.61 -44.55
C SER A 833 7.84 20.17 -44.42
N GLY A 834 8.36 20.25 -43.19
CA GLY A 834 9.75 20.66 -43.02
C GLY A 834 10.74 19.63 -43.53
N THR A 835 10.43 18.34 -43.33
CA THR A 835 11.29 17.30 -43.90
C THR A 835 11.16 17.24 -45.41
N ALA A 836 10.00 17.58 -45.96
CA ALA A 836 9.81 17.57 -47.40
C ALA A 836 10.49 18.76 -48.08
N THR A 837 10.37 19.96 -47.50
CA THR A 837 10.91 21.15 -48.14
C THR A 837 12.36 21.41 -47.73
N ALA A 838 12.62 21.54 -46.43
CA ALA A 838 13.96 21.80 -45.96
C ALA A 838 14.76 20.50 -45.92
N GLY A 839 16.03 20.61 -45.54
CA GLY A 839 16.89 19.44 -45.50
C GLY A 839 17.21 18.97 -44.10
N TRP A 840 18.50 18.88 -43.79
CA TRP A 840 18.96 18.46 -42.47
C TRP A 840 19.00 19.61 -41.47
N THR A 841 18.72 20.84 -41.92
CA THR A 841 18.77 22.02 -41.07
C THR A 841 17.42 22.37 -40.50
N PHE A 842 16.57 21.38 -40.26
CA PHE A 842 15.21 21.64 -39.81
C PHE A 842 15.21 22.17 -38.37
N GLY A 843 16.01 21.55 -37.49
CA GLY A 843 16.09 22.00 -36.13
C GLY A 843 17.21 22.99 -35.90
N ILE A 844 18.30 22.85 -36.65
CA ILE A 844 19.47 23.70 -36.48
C ILE A 844 19.28 24.95 -37.34
N GLY A 845 19.05 26.08 -36.70
CA GLY A 845 18.83 27.32 -37.43
C GLY A 845 17.46 27.35 -38.11
N ALA A 846 17.37 28.21 -39.12
CA ALA A 846 16.15 28.31 -39.92
C ALA A 846 16.10 27.17 -40.94
N ALA A 847 15.00 27.13 -41.69
CA ALA A 847 14.79 26.09 -42.67
C ALA A 847 15.48 26.48 -43.97
N LEU A 848 16.49 25.71 -44.36
CA LEU A 848 17.23 25.93 -45.60
C LEU A 848 16.57 25.09 -46.69
N GLN A 849 16.07 25.74 -47.75
CA GLN A 849 15.34 25.01 -48.77
C GLN A 849 16.29 24.17 -49.62
N VAL A 850 15.93 22.91 -49.84
CA VAL A 850 16.71 21.96 -50.62
C VAL A 850 15.71 21.20 -51.50
N PRO A 851 16.00 20.99 -52.79
CA PRO A 851 15.13 20.14 -53.61
C PRO A 851 15.10 18.70 -53.09
N PHE A 852 13.93 18.07 -53.21
CA PHE A 852 13.71 16.77 -52.57
C PHE A 852 14.49 15.65 -53.23
N ALA A 853 14.71 15.75 -54.55
CA ALA A 853 15.55 14.77 -55.23
C ALA A 853 16.99 14.83 -54.72
N MET A 854 17.53 16.04 -54.56
CA MET A 854 18.86 16.18 -53.98
C MET A 854 18.86 15.87 -52.50
N GLN A 855 17.76 16.14 -51.80
CA GLN A 855 17.67 15.80 -50.38
C GLN A 855 17.75 14.29 -50.17
N MET A 856 17.05 13.52 -50.99
CA MET A 856 17.15 12.06 -50.89
C MET A 856 18.49 11.57 -51.44
N ALA A 857 19.09 12.30 -52.39
CA ALA A 857 20.40 11.94 -52.92
C ALA A 857 21.49 12.06 -51.85
N TYR A 858 21.46 13.12 -51.05
CA TYR A 858 22.37 13.20 -49.92
C TYR A 858 21.88 12.42 -48.70
N ARG A 859 20.65 11.90 -48.72
CA ARG A 859 20.31 10.85 -47.76
C ARG A 859 21.04 9.55 -48.10
N PHE A 860 21.13 9.21 -49.39
CA PHE A 860 21.91 8.02 -49.78
C PHE A 860 23.40 8.23 -49.59
N ASN A 861 23.88 9.47 -49.70
CA ASN A 861 25.32 9.73 -49.57
C ASN A 861 25.80 9.61 -48.13
N GLY A 862 24.89 9.60 -47.15
CA GLY A 862 25.26 9.41 -45.77
C GLY A 862 25.13 7.97 -45.32
N ILE A 863 25.14 7.04 -46.27
CA ILE A 863 24.96 5.62 -46.01
C ILE A 863 26.19 4.82 -46.44
N GLY A 864 26.65 5.03 -47.67
CA GLY A 864 27.71 4.23 -48.24
C GLY A 864 27.38 3.98 -49.69
N VAL A 865 26.13 4.25 -50.05
CA VAL A 865 25.69 4.22 -51.43
C VAL A 865 26.14 5.50 -52.11
N THR A 866 26.78 5.35 -53.27
CA THR A 866 27.28 6.50 -54.01
C THR A 866 26.10 7.31 -54.56
N GLN A 867 26.29 8.64 -54.63
CA GLN A 867 25.22 9.58 -54.99
C GLN A 867 24.66 9.37 -56.40
N ASN A 868 25.40 8.68 -57.28
CA ASN A 868 24.96 8.51 -58.66
C ASN A 868 23.80 7.53 -58.80
N VAL A 869 23.54 6.74 -57.76
CA VAL A 869 22.59 5.62 -57.84
C VAL A 869 21.18 6.12 -58.04
N LEU A 870 20.79 7.17 -57.30
CA LEU A 870 19.47 7.76 -57.40
C LEU A 870 19.20 8.38 -58.76
N TYR A 871 20.22 8.87 -59.44
CA TYR A 871 20.04 9.66 -60.64
C TYR A 871 19.95 8.81 -61.91
N GLU A 872 19.96 7.49 -61.77
CA GLU A 872 19.72 6.60 -62.91
C GLU A 872 18.32 6.02 -62.92
N ASN A 873 17.74 5.73 -61.76
CA ASN A 873 16.41 5.13 -61.65
C ASN A 873 15.59 5.86 -60.59
N GLN A 874 15.52 7.19 -60.72
CA GLN A 874 14.73 8.00 -59.80
C GLN A 874 13.24 7.68 -59.90
N LYS A 875 12.77 7.37 -61.11
CA LYS A 875 11.37 7.00 -61.31
C LYS A 875 11.06 5.66 -60.63
N LEU A 876 11.98 4.71 -60.70
CA LEU A 876 11.80 3.42 -60.03
C LEU A 876 11.76 3.58 -58.52
N ILE A 877 12.63 4.44 -57.98
CA ILE A 877 12.66 4.70 -56.55
C ILE A 877 11.37 5.40 -56.09
N ALA A 878 10.91 6.38 -56.88
CA ALA A 878 9.68 7.10 -56.53
C ALA A 878 8.45 6.19 -56.62
N ASN A 879 8.41 5.31 -57.62
CA ASN A 879 7.30 4.37 -57.72
C ASN A 879 7.36 3.32 -56.62
N GLN A 880 8.56 2.94 -56.18
CA GLN A 880 8.69 2.05 -55.03
C GLN A 880 8.19 2.72 -53.76
N PHE A 881 8.49 4.02 -53.59
CA PHE A 881 8.02 4.77 -52.43
C PHE A 881 6.50 4.89 -52.45
N ASN A 882 5.92 5.16 -53.63
CA ASN A 882 4.47 5.25 -53.76
C ASN A 882 3.79 3.92 -53.50
N SER A 883 4.38 2.82 -54.00
CA SER A 883 3.83 1.49 -53.75
C SER A 883 3.92 1.11 -52.29
N ALA A 884 5.01 1.50 -51.61
CA ALA A 884 5.15 1.22 -50.19
C ALA A 884 4.16 2.03 -49.36
N ILE A 885 3.90 3.28 -49.76
CA ILE A 885 2.89 4.10 -49.08
C ILE A 885 1.50 3.50 -49.25
N GLY A 886 1.18 3.04 -50.47
CA GLY A 886 -0.10 2.37 -50.68
C GLY A 886 -0.22 1.07 -49.91
N LYS A 887 0.89 0.33 -49.81
CA LYS A 887 0.87 -0.94 -49.08
C LYS A 887 0.72 -0.73 -47.58
N ILE A 888 1.36 0.30 -47.01
CA ILE A 888 1.18 0.53 -45.58
C ILE A 888 -0.20 1.12 -45.31
N GLN A 889 -0.78 1.86 -46.28
CA GLN A 889 -2.15 2.31 -46.13
C GLN A 889 -3.13 1.14 -46.11
N ASP A 890 -2.91 0.17 -47.01
CA ASP A 890 -3.76 -1.02 -47.03
C ASP A 890 -3.55 -1.89 -45.78
N SER A 891 -2.32 -1.93 -45.26
CA SER A 891 -2.05 -2.68 -44.03
C SER A 891 -2.69 -2.01 -42.83
N LEU A 892 -2.75 -0.68 -42.82
CA LEU A 892 -3.46 0.03 -41.76
C LEU A 892 -4.97 -0.18 -41.88
N SER A 893 -5.49 -0.23 -43.11
CA SER A 893 -6.93 -0.37 -43.29
C SER A 893 -7.41 -1.79 -42.99
N SER A 894 -6.60 -2.80 -43.31
CA SER A 894 -7.07 -4.18 -43.18
C SER A 894 -6.94 -4.71 -41.76
N THR A 895 -5.72 -4.78 -41.24
CA THR A 895 -5.46 -5.43 -39.96
C THR A 895 -5.68 -4.45 -38.82
N ALA A 896 -6.57 -4.82 -37.88
CA ALA A 896 -6.88 -4.00 -36.72
C ALA A 896 -6.04 -4.36 -35.50
N SER A 897 -4.82 -4.86 -35.70
CA SER A 897 -3.95 -5.24 -34.60
C SER A 897 -2.56 -4.61 -34.68
N ALA A 898 -2.34 -3.71 -35.64
CA ALA A 898 -1.02 -3.08 -35.77
C ALA A 898 -0.80 -2.02 -34.70
N LEU A 899 -1.87 -1.37 -34.24
CA LEU A 899 -1.80 -0.31 -33.24
C LEU A 899 -2.25 -0.80 -31.87
N GLY A 900 -1.89 -2.03 -31.52
CA GLY A 900 -2.38 -2.62 -30.29
C GLY A 900 -1.78 -2.07 -29.02
N LYS A 901 -0.65 -1.35 -29.12
CA LYS A 901 -0.01 -0.80 -27.92
C LYS A 901 -0.82 0.34 -27.32
N LEU A 902 -1.36 1.21 -28.17
CA LEU A 902 -2.19 2.31 -27.69
C LEU A 902 -3.49 1.80 -27.08
N GLN A 903 -4.09 0.79 -27.72
CA GLN A 903 -5.28 0.16 -27.16
C GLN A 903 -4.97 -0.57 -25.87
N ASP A 904 -3.74 -1.11 -25.74
CA ASP A 904 -3.32 -1.71 -24.47
C ASP A 904 -3.20 -0.65 -23.37
N VAL A 905 -2.70 0.53 -23.72
CA VAL A 905 -2.59 1.62 -22.75
C VAL A 905 -3.98 2.08 -22.29
N VAL A 906 -4.90 2.26 -23.24
CA VAL A 906 -6.27 2.67 -22.94
C VAL A 906 -6.99 1.60 -22.14
N ASN A 907 -6.77 0.33 -22.48
CA ASN A 907 -7.36 -0.79 -21.74
C ASN A 907 -6.82 -0.88 -20.33
N GLN A 908 -5.53 -0.57 -20.14
CA GLN A 908 -4.95 -0.58 -18.79
C GLN A 908 -5.54 0.52 -17.93
N ASN A 909 -5.71 1.72 -18.50
CA ASN A 909 -6.34 2.82 -17.76
C ASN A 909 -7.80 2.52 -17.41
N ALA A 910 -8.54 1.96 -18.38
CA ALA A 910 -9.94 1.62 -18.14
C ALA A 910 -10.07 0.48 -17.14
N GLN A 911 -9.15 -0.49 -17.18
CA GLN A 911 -9.17 -1.58 -16.21
C GLN A 911 -8.83 -1.09 -14.82
N ALA A 912 -7.91 -0.13 -14.71
CA ALA A 912 -7.59 0.45 -13.40
C ALA A 912 -8.79 1.21 -12.81
N LEU A 913 -9.47 2.02 -13.64
CA LEU A 913 -10.64 2.75 -13.14
C LEU A 913 -11.79 1.82 -12.80
N ASN A 914 -12.02 0.79 -13.64
CA ASN A 914 -13.08 -0.18 -13.37
C ASN A 914 -12.77 -1.02 -12.13
N THR A 915 -11.51 -1.32 -11.89
CA THR A 915 -11.17 -2.09 -10.69
C THR A 915 -11.25 -1.22 -9.46
N LEU A 916 -11.00 0.09 -9.60
CA LEU A 916 -11.21 1.01 -8.49
C LEU A 916 -12.68 1.09 -8.09
N VAL A 917 -13.57 1.23 -9.10
CA VAL A 917 -14.99 1.28 -8.77
C VAL A 917 -15.54 -0.09 -8.38
N LYS A 918 -14.82 -1.17 -8.70
CA LYS A 918 -15.17 -2.48 -8.16
C LYS A 918 -14.73 -2.63 -6.71
N GLN A 919 -13.56 -2.09 -6.35
CA GLN A 919 -13.10 -2.10 -4.96
C GLN A 919 -13.92 -1.19 -4.07
N LEU A 920 -14.59 -0.19 -4.65
CA LEU A 920 -15.53 0.63 -3.88
C LEU A 920 -16.75 -0.15 -3.39
N SER A 921 -17.04 -1.33 -3.94
CA SER A 921 -18.26 -2.07 -3.64
C SER A 921 -18.12 -3.05 -2.49
N SER A 922 -16.96 -3.10 -1.82
CA SER A 922 -16.75 -4.00 -0.70
C SER A 922 -17.03 -3.28 0.61
N ASN A 923 -16.98 -4.03 1.71
CA ASN A 923 -17.29 -3.47 3.03
C ASN A 923 -16.07 -3.28 3.93
N PHE A 924 -14.96 -3.96 3.63
CA PHE A 924 -13.68 -3.85 4.37
C PHE A 924 -13.84 -4.16 5.86
N GLY A 925 -14.67 -5.14 6.18
CA GLY A 925 -14.88 -5.55 7.55
C GLY A 925 -15.99 -4.85 8.27
N ALA A 926 -16.62 -3.85 7.66
CA ALA A 926 -17.77 -3.19 8.28
C ALA A 926 -19.02 -4.01 8.03
N ILE A 927 -20.15 -3.54 8.58
CA ILE A 927 -21.40 -4.31 8.45
C ILE A 927 -22.03 -4.20 7.08
N SER A 928 -21.62 -3.24 6.26
CA SER A 928 -22.18 -3.07 4.94
C SER A 928 -21.19 -2.32 4.06
N SER A 929 -21.39 -2.44 2.74
CA SER A 929 -20.53 -1.74 1.79
C SER A 929 -20.87 -0.26 1.70
N VAL A 930 -22.14 0.10 1.86
CA VAL A 930 -22.59 1.47 1.69
C VAL A 930 -22.74 2.10 3.07
N LEU A 931 -22.54 3.41 3.15
CA LEU A 931 -22.59 4.13 4.41
C LEU A 931 -24.00 4.56 4.80
N ASN A 932 -24.96 4.48 3.89
CA ASN A 932 -26.30 5.00 4.17
C ASN A 932 -27.03 4.14 5.17
N ASP A 933 -26.99 2.82 5.00
CA ASP A 933 -27.66 1.94 5.96
C ASP A 933 -26.90 1.86 7.28
N ILE A 934 -25.58 2.11 7.26
CA ILE A 934 -24.82 2.17 8.50
C ILE A 934 -25.19 3.42 9.29
N LEU A 935 -25.32 4.56 8.61
CA LEU A 935 -25.74 5.78 9.27
C LEU A 935 -27.22 5.75 9.66
N SER A 936 -28.03 4.93 8.99
CA SER A 936 -29.45 4.86 9.28
C SER A 936 -29.78 3.88 10.40
N ARG A 937 -29.10 2.73 10.44
CA ARG A 937 -29.46 1.68 11.38
C ARG A 937 -28.75 1.79 12.73
N LEU A 938 -27.60 2.44 12.78
CA LEU A 938 -26.77 2.45 13.96
C LEU A 938 -26.70 3.84 14.58
N ASP A 939 -26.47 3.87 15.89
CA ASP A 939 -26.12 5.09 16.58
C ASP A 939 -24.71 5.53 16.19
N LYS A 940 -24.38 6.78 16.51
CA LYS A 940 -23.13 7.37 16.06
C LYS A 940 -21.91 6.73 16.73
N VAL A 941 -22.04 6.35 18.00
CA VAL A 941 -20.92 5.79 18.75
C VAL A 941 -20.54 4.40 18.23
N GLU A 942 -21.49 3.66 17.65
CA GLU A 942 -21.18 2.37 17.06
C GLU A 942 -20.85 2.49 15.57
N ALA A 943 -21.52 3.40 14.86
CA ALA A 943 -21.25 3.57 13.44
C ALA A 943 -19.94 4.28 13.18
N GLU A 944 -19.33 4.91 14.20
CA GLU A 944 -18.04 5.56 14.04
C GLU A 944 -16.96 4.56 13.66
N VAL A 945 -16.97 3.38 14.28
CA VAL A 945 -15.98 2.34 13.97
C VAL A 945 -16.17 1.79 12.57
N GLN A 946 -17.42 1.59 12.15
CA GLN A 946 -17.69 1.06 10.81
C GLN A 946 -17.30 2.07 9.73
N ILE A 947 -17.61 3.35 9.93
CA ILE A 947 -17.22 4.39 8.98
C ILE A 947 -15.71 4.54 8.96
N ASP A 948 -15.04 4.36 10.12
CA ASP A 948 -13.58 4.40 10.16
C ASP A 948 -12.96 3.25 9.38
N ARG A 949 -13.52 2.05 9.49
CA ARG A 949 -13.01 0.91 8.73
C ARG A 949 -13.22 1.10 7.23
N LEU A 950 -14.39 1.62 6.84
CA LEU A 950 -14.66 1.85 5.42
C LEU A 950 -13.78 2.96 4.85
N ILE A 951 -13.55 4.03 5.61
CA ILE A 951 -12.73 5.13 5.12
C ILE A 951 -11.26 4.70 5.07
N THR A 952 -10.82 3.82 5.98
CA THR A 952 -9.46 3.30 5.91
C THR A 952 -9.26 2.42 4.69
N GLY A 953 -10.24 1.54 4.41
CA GLY A 953 -10.15 0.69 3.23
C GLY A 953 -10.16 1.48 1.93
N ARG A 954 -11.00 2.52 1.86
CA ARG A 954 -11.06 3.33 0.65
C ARG A 954 -9.81 4.20 0.48
N LEU A 955 -9.22 4.67 1.59
CA LEU A 955 -7.96 5.41 1.48
C LEU A 955 -6.82 4.50 1.01
N GLN A 956 -6.79 3.25 1.47
CA GLN A 956 -5.76 2.34 0.97
C GLN A 956 -6.00 1.98 -0.50
N SER A 957 -7.26 1.90 -0.92
CA SER A 957 -7.56 1.66 -2.34
C SER A 957 -7.11 2.83 -3.20
N LEU A 958 -7.35 4.06 -2.75
CA LEU A 958 -6.86 5.24 -3.46
C LEU A 958 -5.34 5.30 -3.49
N GLN A 959 -4.69 4.94 -2.38
CA GLN A 959 -3.23 4.94 -2.35
C GLN A 959 -2.63 3.90 -3.30
N THR A 960 -3.27 2.72 -3.37
CA THR A 960 -2.87 1.70 -4.33
C THR A 960 -3.04 2.18 -5.77
N TYR A 961 -4.17 2.83 -6.06
CA TYR A 961 -4.41 3.36 -7.41
C TYR A 961 -3.42 4.44 -7.78
N VAL A 962 -3.09 5.34 -6.84
CA VAL A 962 -2.15 6.41 -7.10
C VAL A 962 -0.74 5.87 -7.33
N THR A 963 -0.34 4.86 -6.54
CA THR A 963 0.97 4.24 -6.71
C THR A 963 1.09 3.52 -8.06
N GLN A 964 0.05 2.78 -8.44
CA GLN A 964 0.07 2.11 -9.74
C GLN A 964 0.01 3.11 -10.89
N GLN A 965 -0.69 4.23 -10.71
CA GLN A 965 -0.69 5.29 -11.70
C GLN A 965 0.69 5.92 -11.85
N LEU A 966 1.42 6.06 -10.73
CA LEU A 966 2.79 6.58 -10.78
C LEU A 966 3.71 5.63 -11.52
N ILE A 967 3.56 4.31 -11.31
CA ILE A 967 4.37 3.34 -12.03
C ILE A 967 4.06 3.37 -13.53
N ARG A 968 2.77 3.43 -13.88
CA ARG A 968 2.37 3.51 -15.28
C ARG A 968 2.86 4.80 -15.93
N ALA A 969 2.82 5.91 -15.20
CA ALA A 969 3.35 7.17 -15.71
C ALA A 969 4.85 7.12 -15.89
N ALA A 970 5.56 6.38 -15.04
CA ALA A 970 7.00 6.20 -15.24
C ALA A 970 7.31 5.42 -16.50
N GLU A 971 6.56 4.34 -16.75
CA GLU A 971 6.77 3.56 -17.99
C GLU A 971 6.42 4.38 -19.23
N ILE A 972 5.33 5.14 -19.16
CA ILE A 972 4.92 6.00 -20.27
C ILE A 972 5.91 7.15 -20.47
N ARG A 973 6.52 7.64 -19.37
CA ARG A 973 7.57 8.64 -19.48
C ARG A 973 8.80 8.08 -20.20
N ALA A 974 9.16 6.83 -19.90
CA ALA A 974 10.28 6.19 -20.59
C ALA A 974 9.99 6.02 -22.08
N SER A 975 8.76 5.60 -22.42
CA SER A 975 8.39 5.46 -23.82
C SER A 975 8.32 6.81 -24.54
N ALA A 976 7.87 7.86 -23.84
CA ALA A 976 7.79 9.19 -24.44
C ALA A 976 9.17 9.78 -24.66
N ASN A 977 10.11 9.51 -23.74
CA ASN A 977 11.48 9.95 -23.94
C ASN A 977 12.16 9.20 -25.08
N LEU A 978 11.83 7.90 -25.24
CA LEU A 978 12.31 7.15 -26.40
C LEU A 978 11.75 7.73 -27.70
N ALA A 979 10.47 8.11 -27.70
CA ALA A 979 9.87 8.70 -28.88
C ALA A 979 10.44 10.08 -29.18
N ALA A 980 10.75 10.86 -28.15
CA ALA A 980 11.38 12.15 -28.34
C ALA A 980 12.79 12.00 -28.91
N THR A 981 13.55 11.01 -28.45
CA THR A 981 14.85 10.72 -29.02
C THR A 981 14.74 10.26 -30.47
N LYS A 982 13.72 9.45 -30.77
CA LYS A 982 13.50 9.00 -32.14
C LYS A 982 13.13 10.16 -33.07
N MET A 983 12.33 11.11 -32.58
CA MET A 983 11.97 12.22 -33.45
C MET A 983 13.14 13.21 -33.59
N SER A 984 13.95 13.36 -32.55
CA SER A 984 15.12 14.22 -32.66
C SER A 984 16.23 13.62 -33.50
N GLU A 985 16.27 12.30 -33.64
CA GLU A 985 17.35 11.66 -34.38
C GLU A 985 16.95 11.11 -35.74
N CYS A 986 15.70 10.66 -35.91
CA CYS A 986 15.28 10.07 -37.18
C CYS A 986 14.37 10.95 -38.01
N VAL A 987 13.63 11.87 -37.40
CA VAL A 987 12.78 12.79 -38.15
C VAL A 987 13.52 14.09 -38.45
N LEU A 988 14.12 14.69 -37.43
CA LEU A 988 14.83 15.95 -37.60
C LEU A 988 16.14 15.78 -38.38
N GLY A 989 16.67 14.57 -38.45
CA GLY A 989 17.86 14.30 -39.21
C GLY A 989 17.96 12.82 -39.54
N GLN A 990 19.11 12.44 -40.05
CA GLN A 990 19.39 11.04 -40.39
C GLN A 990 20.23 10.42 -39.28
N SER A 991 19.76 9.31 -38.73
CA SER A 991 20.47 8.58 -37.70
C SER A 991 21.23 7.42 -38.32
N LYS A 992 22.48 7.26 -37.92
CA LYS A 992 23.32 6.18 -38.42
C LYS A 992 23.37 4.99 -37.48
N ARG A 993 22.51 4.95 -36.47
CA ARG A 993 22.42 3.79 -35.59
C ARG A 993 21.75 2.63 -36.31
N VAL A 994 22.26 1.43 -36.09
CA VAL A 994 21.76 0.25 -36.78
C VAL A 994 20.50 -0.24 -36.09
N ASP A 995 19.41 -0.40 -36.86
CA ASP A 995 18.12 -0.95 -36.41
C ASP A 995 17.51 -0.14 -35.27
N PHE A 996 17.66 1.19 -35.35
CA PHE A 996 17.02 2.09 -34.41
C PHE A 996 15.65 2.53 -34.90
N CYS A 997 15.57 2.98 -36.15
CA CYS A 997 14.33 3.39 -36.79
C CYS A 997 14.15 2.55 -38.04
N GLY A 998 13.50 1.40 -37.90
CA GLY A 998 13.22 0.54 -39.01
C GLY A 998 14.39 -0.35 -39.39
N LYS A 999 14.07 -1.43 -40.11
CA LYS A 999 15.08 -2.38 -40.59
C LYS A 999 15.56 -1.89 -41.95
N GLY A 1000 16.77 -1.33 -41.97
CA GLY A 1000 17.31 -0.80 -43.21
C GLY A 1000 18.58 -0.01 -42.93
N TYR A 1001 18.91 0.87 -43.88
CA TYR A 1001 20.16 1.62 -43.82
C TYR A 1001 19.96 3.08 -43.46
N HIS A 1002 19.09 3.80 -44.17
CA HIS A 1002 18.82 5.18 -43.81
C HIS A 1002 17.49 5.28 -43.07
N LEU A 1003 17.43 6.21 -42.12
CA LEU A 1003 16.42 6.22 -41.09
C LEU A 1003 15.59 7.50 -41.14
N MET A 1004 15.16 7.89 -42.34
CA MET A 1004 14.32 9.08 -42.50
C MET A 1004 12.88 8.72 -42.19
N SER A 1005 12.28 9.43 -41.24
CA SER A 1005 10.97 9.06 -40.72
C SER A 1005 10.00 10.22 -40.82
N PHE A 1006 8.73 9.88 -41.01
CA PHE A 1006 7.63 10.82 -40.96
C PHE A 1006 6.81 10.57 -39.71
N PRO A 1007 6.52 11.59 -38.92
CA PRO A 1007 5.65 11.40 -37.74
C PRO A 1007 4.19 11.67 -38.04
N GLN A 1008 3.32 10.82 -37.49
CA GLN A 1008 1.88 11.00 -37.57
C GLN A 1008 1.31 10.89 -36.16
N SER A 1009 0.25 11.64 -35.89
CA SER A 1009 -0.36 11.62 -34.58
C SER A 1009 -1.17 10.34 -34.38
N ALA A 1010 -1.51 10.08 -33.13
CA ALA A 1010 -2.30 8.91 -32.75
C ALA A 1010 -2.93 9.21 -31.41
N PRO A 1011 -4.08 8.54 -31.07
CA PRO A 1011 -4.75 8.86 -29.80
C PRO A 1011 -3.90 8.45 -28.61
N HIS A 1012 -3.37 9.46 -27.92
CA HIS A 1012 -2.32 9.32 -26.91
C HIS A 1012 -1.13 8.54 -27.44
N GLY A 1013 -0.60 8.98 -28.59
CA GLY A 1013 0.59 8.34 -29.10
C GLY A 1013 1.08 8.97 -30.39
N VAL A 1014 2.23 8.47 -30.84
CA VAL A 1014 2.83 8.89 -32.10
C VAL A 1014 3.14 7.64 -32.91
N VAL A 1015 3.11 7.78 -34.23
CA VAL A 1015 3.39 6.69 -35.15
C VAL A 1015 4.42 7.17 -36.16
N PHE A 1016 5.58 6.52 -36.20
CA PHE A 1016 6.65 6.86 -37.10
C PHE A 1016 6.63 5.94 -38.31
N LEU A 1017 6.74 6.52 -39.50
CA LEU A 1017 6.90 5.78 -40.73
C LEU A 1017 8.33 5.97 -41.20
N HIS A 1018 9.15 4.93 -41.07
CA HIS A 1018 10.53 4.97 -41.51
C HIS A 1018 10.63 4.49 -42.95
N VAL A 1019 11.34 5.25 -43.77
CA VAL A 1019 11.60 4.90 -45.16
C VAL A 1019 13.01 4.30 -45.18
N THR A 1020 13.09 2.97 -45.22
CA THR A 1020 14.34 2.25 -45.12
C THR A 1020 14.72 1.61 -46.44
N TYR A 1021 16.02 1.38 -46.60
CA TYR A 1021 16.65 0.93 -47.83
C TYR A 1021 17.23 -0.45 -47.61
N VAL A 1022 16.75 -1.45 -48.34
CA VAL A 1022 17.15 -2.84 -48.12
C VAL A 1022 17.66 -3.44 -49.43
N PRO A 1023 18.87 -4.00 -49.46
CA PRO A 1023 19.33 -4.71 -50.66
C PRO A 1023 18.54 -5.98 -50.90
N ALA A 1024 18.31 -6.30 -52.18
CA ALA A 1024 17.41 -7.40 -52.53
C ALA A 1024 18.11 -8.55 -53.23
N GLN A 1025 18.78 -8.31 -54.36
CA GLN A 1025 19.31 -9.37 -55.21
C GLN A 1025 20.81 -9.46 -55.02
N GLU A 1026 21.33 -10.69 -54.96
CA GLU A 1026 22.71 -10.96 -54.59
C GLU A 1026 23.44 -11.69 -55.71
N LYS A 1027 24.76 -11.54 -55.74
CA LYS A 1027 25.57 -12.24 -56.72
C LYS A 1027 26.91 -12.63 -56.11
N ASN A 1028 27.37 -13.85 -56.43
CA ASN A 1028 28.61 -14.38 -55.89
C ASN A 1028 29.81 -13.88 -56.68
N PHE A 1029 30.89 -13.56 -55.97
CA PHE A 1029 32.16 -13.17 -56.59
C PHE A 1029 33.30 -13.70 -55.74
N THR A 1030 34.48 -13.81 -56.35
CA THR A 1030 35.69 -14.15 -55.61
C THR A 1030 36.50 -12.88 -55.35
N THR A 1031 37.23 -12.87 -54.24
CA THR A 1031 37.73 -11.64 -53.67
C THR A 1031 39.11 -11.83 -53.07
N ALA A 1032 40.00 -10.87 -53.34
CA ALA A 1032 41.28 -10.74 -52.66
C ALA A 1032 41.36 -9.36 -52.03
N PRO A 1033 42.03 -9.22 -50.89
CA PRO A 1033 42.09 -7.90 -50.23
C PRO A 1033 42.94 -6.87 -50.96
N ALA A 1034 44.14 -7.25 -51.37
CA ALA A 1034 45.09 -6.30 -51.93
C ALA A 1034 45.46 -6.70 -53.35
N ILE A 1035 46.07 -5.76 -54.07
CA ILE A 1035 46.49 -5.99 -55.45
C ILE A 1035 47.97 -5.61 -55.57
N CYS A 1036 48.80 -6.54 -56.01
CA CYS A 1036 50.23 -6.28 -56.15
C CYS A 1036 50.52 -5.76 -57.55
N TYR A 1037 50.96 -4.51 -57.64
CA TYR A 1037 51.41 -3.92 -58.90
C TYR A 1037 52.78 -3.31 -58.67
N ASP A 1038 53.74 -3.69 -59.52
CA ASP A 1038 55.12 -3.19 -59.53
C ASP A 1038 55.82 -3.40 -58.18
N GLY A 1039 55.53 -4.53 -57.54
CA GLY A 1039 56.08 -4.79 -56.23
C GLY A 1039 55.51 -3.94 -55.12
N LYS A 1040 54.29 -3.42 -55.30
CA LYS A 1040 53.64 -2.59 -54.29
C LYS A 1040 52.20 -3.04 -54.10
N ALA A 1041 51.76 -3.06 -52.84
CA ALA A 1041 50.43 -3.55 -52.48
C ALA A 1041 49.45 -2.38 -52.43
N HIS A 1042 48.49 -2.38 -53.34
CA HIS A 1042 47.44 -1.38 -53.36
C HIS A 1042 46.18 -1.91 -52.69
N PHE A 1043 45.56 -1.06 -51.87
CA PHE A 1043 44.35 -1.31 -51.11
C PHE A 1043 43.26 -0.36 -51.58
N PRO A 1044 42.00 -0.79 -51.59
CA PRO A 1044 40.93 0.08 -52.11
C PRO A 1044 40.58 1.20 -51.14
N ARG A 1045 40.33 2.39 -51.69
CA ARG A 1045 39.92 3.52 -50.86
C ARG A 1045 38.50 3.34 -50.36
N GLU A 1046 37.60 2.85 -51.21
CA GLU A 1046 36.28 2.45 -50.77
C GLU A 1046 35.86 1.21 -51.56
N GLY A 1047 34.99 0.41 -50.96
CA GLY A 1047 34.48 -0.78 -51.61
C GLY A 1047 35.46 -1.93 -51.57
N VAL A 1048 35.03 -3.06 -52.13
CA VAL A 1048 35.81 -4.29 -52.18
C VAL A 1048 36.24 -4.55 -53.61
N PHE A 1049 37.26 -5.39 -53.75
CA PHE A 1049 37.77 -5.84 -55.04
C PHE A 1049 37.01 -7.09 -55.47
N VAL A 1050 36.08 -6.93 -56.40
CA VAL A 1050 35.33 -8.06 -56.91
C VAL A 1050 36.04 -8.57 -58.16
N SER A 1051 35.72 -9.81 -58.54
CA SER A 1051 36.34 -10.42 -59.71
C SER A 1051 35.29 -11.13 -60.54
N ASN A 1052 35.29 -10.87 -61.84
CA ASN A 1052 34.51 -11.63 -62.79
C ASN A 1052 35.34 -12.81 -63.28
N GLY A 1053 34.88 -13.48 -64.33
CA GLY A 1053 35.65 -14.57 -64.89
C GLY A 1053 36.84 -14.15 -65.72
N THR A 1054 36.94 -12.87 -66.06
CA THR A 1054 38.03 -12.37 -66.90
C THR A 1054 38.83 -11.25 -66.26
N HIS A 1055 38.18 -10.30 -65.60
CA HIS A 1055 38.85 -9.11 -65.10
C HIS A 1055 38.67 -8.99 -63.58
N TRP A 1056 39.34 -7.98 -63.03
CA TRP A 1056 39.21 -7.62 -61.62
C TRP A 1056 38.73 -6.18 -61.54
N PHE A 1057 37.66 -5.95 -60.77
CA PHE A 1057 37.06 -4.62 -60.64
C PHE A 1057 36.99 -4.25 -59.17
N VAL A 1058 36.65 -3.00 -58.90
CA VAL A 1058 36.44 -2.51 -57.53
C VAL A 1058 35.05 -1.88 -57.48
N THR A 1059 34.33 -2.11 -56.39
CA THR A 1059 32.97 -1.61 -56.28
C THR A 1059 32.68 -1.22 -54.84
N GLN A 1060 31.54 -0.57 -54.64
CA GLN A 1060 31.11 -0.25 -53.29
C GLN A 1060 30.52 -1.48 -52.62
N ARG A 1061 30.40 -1.41 -51.29
CA ARG A 1061 29.96 -2.57 -50.52
C ARG A 1061 28.46 -2.83 -50.69
N ASN A 1062 27.65 -1.79 -50.74
CA ASN A 1062 26.21 -1.93 -50.67
C ASN A 1062 25.52 -1.89 -52.03
N PHE A 1063 26.28 -1.81 -53.12
CA PHE A 1063 25.70 -1.81 -54.46
C PHE A 1063 26.72 -2.38 -55.43
N TYR A 1064 26.24 -2.89 -56.55
CA TYR A 1064 27.10 -3.33 -57.64
C TYR A 1064 27.22 -2.21 -58.66
N GLU A 1065 28.32 -1.47 -58.60
CA GLU A 1065 28.74 -0.56 -59.66
C GLU A 1065 30.24 -0.71 -59.82
N PRO A 1066 30.70 -1.55 -60.75
CA PRO A 1066 32.14 -1.79 -60.89
C PRO A 1066 32.82 -0.88 -61.90
N GLN A 1067 34.04 -0.48 -61.56
CA GLN A 1067 34.91 0.26 -62.46
C GLN A 1067 36.28 -0.42 -62.49
N ILE A 1068 37.15 0.05 -63.38
CA ILE A 1068 38.48 -0.52 -63.50
C ILE A 1068 39.35 -0.07 -62.33
N ILE A 1069 40.40 -0.83 -62.06
CA ILE A 1069 41.30 -0.53 -60.95
C ILE A 1069 42.17 0.66 -61.34
N THR A 1070 41.99 1.78 -60.65
CA THR A 1070 42.63 3.04 -61.00
C THR A 1070 43.37 3.54 -59.77
N THR A 1071 44.48 4.28 -60.00
CA THR A 1071 45.27 4.84 -58.91
C THR A 1071 44.47 5.85 -58.08
N ASP A 1072 43.42 6.46 -58.66
CA ASP A 1072 42.54 7.31 -57.87
C ASP A 1072 41.71 6.51 -56.87
N ASN A 1073 41.32 5.29 -57.24
CA ASN A 1073 40.45 4.46 -56.39
C ASN A 1073 41.21 3.64 -55.36
N THR A 1074 42.53 3.53 -55.48
CA THR A 1074 43.35 2.74 -54.56
C THR A 1074 44.42 3.61 -53.92
N PHE A 1075 45.05 3.08 -52.88
CA PHE A 1075 46.22 3.72 -52.30
C PHE A 1075 47.27 2.66 -52.02
N VAL A 1076 48.52 3.09 -52.13
CA VAL A 1076 49.68 2.21 -51.99
C VAL A 1076 50.13 2.18 -50.54
N SER A 1077 50.49 0.98 -50.06
CA SER A 1077 50.97 0.80 -48.70
C SER A 1077 51.68 -0.55 -48.59
N GLY A 1078 52.83 -0.56 -47.92
CA GLY A 1078 53.52 -1.79 -47.61
C GLY A 1078 54.21 -2.43 -48.82
N SER A 1079 54.40 -3.73 -48.70
CA SER A 1079 55.07 -4.55 -49.72
C SER A 1079 54.14 -5.69 -50.13
N CYS A 1080 54.61 -6.50 -51.08
CA CYS A 1080 53.80 -7.56 -51.67
C CYS A 1080 53.99 -8.92 -51.01
N ASP A 1081 54.83 -9.01 -49.97
CA ASP A 1081 55.03 -10.26 -49.25
C ASP A 1081 54.51 -10.23 -47.82
N VAL A 1082 54.16 -9.06 -47.30
CA VAL A 1082 53.70 -8.94 -45.92
C VAL A 1082 52.22 -9.22 -45.75
N VAL A 1083 51.47 -9.32 -46.85
CA VAL A 1083 50.02 -9.53 -46.81
C VAL A 1083 49.72 -10.92 -47.32
N ILE A 1084 48.73 -11.56 -46.71
CA ILE A 1084 48.27 -12.87 -47.15
C ILE A 1084 46.99 -12.70 -47.96
N GLY A 1085 46.71 -13.69 -48.82
CA GLY A 1085 45.52 -13.66 -49.64
C GLY A 1085 45.57 -12.73 -50.83
N ILE A 1086 46.74 -12.20 -51.17
CA ILE A 1086 46.84 -11.21 -52.24
C ILE A 1086 46.89 -11.92 -53.60
N VAL A 1087 46.19 -11.37 -54.57
CA VAL A 1087 46.39 -11.71 -55.98
C VAL A 1087 46.92 -10.46 -56.68
N ASN A 1088 47.38 -10.66 -57.92
CA ASN A 1088 48.04 -9.57 -58.65
C ASN A 1088 47.62 -9.49 -60.11
N ASN A 1089 47.56 -8.25 -60.59
CA ASN A 1089 47.36 -7.91 -62.00
C ASN A 1089 47.85 -6.48 -62.20
N THR A 1090 47.50 -5.87 -63.32
CA THR A 1090 47.88 -4.49 -63.60
C THR A 1090 46.84 -3.52 -63.07
N VAL A 1091 47.32 -2.37 -62.60
CA VAL A 1091 46.48 -1.28 -62.15
C VAL A 1091 46.57 -0.15 -63.17
N TYR A 1092 45.41 0.31 -63.65
CA TYR A 1092 45.39 1.32 -64.69
C TYR A 1092 45.81 2.68 -64.13
N ASP A 1093 46.38 3.51 -65.01
CA ASP A 1093 46.83 4.84 -64.65
C ASP A 1093 45.94 5.89 -65.30
N PRO A 1094 45.45 6.87 -64.54
CA PRO A 1094 44.56 7.88 -65.13
C PRO A 1094 45.28 8.89 -66.02
N LEU A 1095 46.57 9.10 -65.77
CA LEU A 1095 47.35 10.06 -66.54
C LEU A 1095 47.80 9.44 -67.86
N LYS B 24 34.26 -16.63 47.59
CA LYS B 24 33.58 -15.36 47.84
C LYS B 24 34.02 -14.32 46.82
N GLN B 25 34.31 -14.76 45.61
CA GLN B 25 34.79 -13.87 44.56
C GLN B 25 33.83 -13.87 43.38
N ASN B 26 34.20 -13.20 42.29
CA ASN B 26 33.36 -13.08 41.11
C ASN B 26 33.92 -13.94 39.98
N VAL B 27 33.03 -14.51 39.16
CA VAL B 27 33.34 -15.02 37.84
C VAL B 27 32.38 -14.38 36.85
N SER B 28 32.55 -14.73 35.58
CA SER B 28 31.81 -14.13 34.49
C SER B 28 30.80 -15.12 33.92
N SER B 29 29.61 -14.59 33.60
CA SER B 29 28.56 -15.40 32.96
C SER B 29 28.94 -15.61 31.51
N LEU B 30 29.68 -16.69 31.24
CA LEU B 30 30.15 -16.96 29.88
C LEU B 30 29.08 -17.72 29.11
N MET B 31 28.01 -16.97 28.79
CA MET B 31 26.84 -17.43 28.03
C MET B 31 26.18 -18.64 28.69
N ARG B 32 25.96 -18.54 30.01
CA ARG B 32 25.41 -19.65 30.77
C ARG B 32 24.10 -19.29 31.46
N GLY B 33 23.20 -18.61 30.75
CA GLY B 33 21.92 -18.26 31.33
C GLY B 33 20.75 -18.34 30.37
N VAL B 34 20.92 -19.06 29.27
CA VAL B 34 19.91 -19.12 28.22
C VAL B 34 18.96 -20.28 28.51
N TYR B 35 17.67 -20.00 28.53
CA TYR B 35 16.64 -21.00 28.81
C TYR B 35 15.51 -20.85 27.79
N TYR B 36 14.51 -21.73 27.93
CA TYR B 36 13.38 -21.72 27.00
C TYR B 36 12.31 -20.79 27.54
N PRO B 37 12.02 -19.66 26.86
CA PRO B 37 11.10 -18.67 27.44
C PRO B 37 9.64 -19.09 27.39
N ASP B 38 9.22 -19.65 26.27
CA ASP B 38 7.83 -20.03 26.07
C ASP B 38 7.71 -21.55 26.00
N ASP B 39 6.61 -22.06 26.53
CA ASP B 39 6.37 -23.50 26.55
C ASP B 39 5.97 -24.06 25.19
N ILE B 40 5.63 -23.20 24.22
CA ILE B 40 5.18 -23.64 22.90
C ILE B 40 6.36 -24.17 22.10
N TYR B 41 6.06 -24.85 21.00
CA TYR B 41 7.08 -25.50 20.18
C TYR B 41 7.40 -24.64 18.96
N ARG B 42 8.69 -24.51 18.68
CA ARG B 42 9.16 -23.79 17.50
C ARG B 42 10.33 -24.54 16.90
N SER B 43 10.55 -24.35 15.59
CA SER B 43 11.62 -25.03 14.89
C SER B 43 12.03 -24.21 13.67
N ASN B 44 13.35 -24.18 13.41
CA ASN B 44 13.96 -23.56 12.23
C ASN B 44 13.65 -22.08 12.11
N VAL B 45 13.49 -21.39 13.24
CA VAL B 45 13.19 -19.96 13.24
C VAL B 45 14.15 -19.25 14.17
N ASN B 46 14.28 -17.94 13.96
CA ASN B 46 15.02 -17.05 14.85
C ASN B 46 14.06 -15.98 15.32
N VAL B 47 13.69 -16.01 16.60
CA VAL B 47 12.64 -15.16 17.13
C VAL B 47 13.17 -14.35 18.30
N LEU B 48 12.54 -13.20 18.53
CA LEU B 48 12.97 -12.23 19.53
C LEU B 48 12.13 -12.38 20.80
N PHE B 49 12.69 -11.96 21.92
CA PHE B 49 12.01 -12.01 23.20
C PHE B 49 12.40 -10.80 24.03
N THR B 50 11.55 -10.47 25.00
CA THR B 50 11.73 -9.39 25.97
C THR B 50 11.58 -9.94 27.38
N VAL B 51 12.35 -10.99 27.69
CA VAL B 51 12.05 -11.82 28.85
C VAL B 51 13.03 -11.53 29.98
N PRO B 52 12.79 -12.01 31.20
CA PRO B 52 13.89 -12.07 32.17
C PRO B 52 15.00 -12.98 31.67
N PHE B 53 16.24 -12.52 31.85
CA PHE B 53 17.42 -13.15 31.25
C PHE B 53 18.62 -12.65 32.03
N LEU B 54 19.61 -13.53 32.15
CA LEU B 54 20.90 -13.20 32.77
C LEU B 54 21.89 -12.93 31.64
N ARG B 55 22.21 -11.66 31.44
CA ARG B 55 22.92 -11.23 30.25
C ARG B 55 24.38 -11.70 30.25
N PHE B 56 25.00 -11.64 29.09
CA PHE B 56 26.33 -12.20 28.90
C PHE B 56 27.37 -11.36 29.61
N ASN B 57 28.39 -12.05 30.14
CA ASN B 57 29.49 -11.45 30.93
C ASN B 57 28.96 -10.67 32.13
N SER B 58 28.08 -11.31 32.89
CA SER B 58 27.54 -10.73 34.11
C SER B 58 28.39 -11.17 35.30
N THR B 59 27.92 -10.88 36.51
CA THR B 59 28.65 -11.20 37.73
C THR B 59 27.86 -12.19 38.58
N LEU B 60 28.58 -13.01 39.33
CA LEU B 60 28.00 -13.96 40.27
C LEU B 60 28.56 -13.70 41.66
N THR B 61 27.99 -14.37 42.64
CA THR B 61 28.35 -14.18 44.04
C THR B 61 28.53 -15.56 44.70
N TRP B 62 29.37 -16.39 44.09
CA TRP B 62 29.49 -17.78 44.53
C TRP B 62 30.40 -17.93 45.73
N TYR B 63 30.00 -18.80 46.65
CA TYR B 63 30.67 -19.01 47.92
C TYR B 63 31.16 -20.45 47.99
N ASN B 64 32.25 -20.68 48.70
CA ASN B 64 32.84 -22.01 48.79
C ASN B 64 32.77 -22.54 50.22
N PHE B 65 32.94 -23.86 50.34
CA PHE B 65 32.78 -24.57 51.60
C PHE B 65 34.18 -24.93 52.12
N TRP B 66 34.49 -24.47 53.33
CA TRP B 66 35.72 -24.79 54.03
C TRP B 66 35.39 -25.52 55.33
N ASN B 67 36.41 -25.67 56.19
CA ASN B 67 36.17 -26.16 57.54
C ASN B 67 35.29 -25.18 58.32
N GLN B 68 35.51 -23.88 58.12
CA GLN B 68 34.59 -22.85 58.57
C GLN B 68 34.09 -22.10 57.35
N ALA B 69 32.77 -21.94 57.25
CA ALA B 69 32.18 -21.41 56.02
C ALA B 69 30.90 -20.66 56.39
N TYR B 70 30.05 -20.44 55.39
CA TYR B 70 28.80 -19.70 55.57
C TYR B 70 27.85 -20.45 56.48
N THR B 71 27.03 -19.69 57.22
CA THR B 71 26.00 -20.25 58.08
C THR B 71 24.60 -19.96 57.56
N SER B 72 24.26 -18.68 57.39
CA SER B 72 22.95 -18.28 56.87
C SER B 72 23.08 -16.92 56.20
N ARG B 73 22.50 -16.79 55.01
CA ARG B 73 22.51 -15.53 54.28
C ARG B 73 21.26 -15.46 53.41
N VAL B 74 20.59 -14.32 53.46
CA VAL B 74 19.37 -14.10 52.68
C VAL B 74 19.75 -13.16 51.55
N MET B 75 20.11 -13.73 50.40
CA MET B 75 20.35 -12.95 49.21
C MET B 75 19.05 -12.81 48.39
N GLU B 76 18.98 -11.73 47.62
CA GLU B 76 17.71 -11.23 47.12
C GLU B 76 17.22 -12.03 45.93
N PHE B 77 15.92 -12.35 45.94
CA PHE B 77 15.25 -13.00 44.81
C PHE B 77 14.70 -11.90 43.90
N GLY B 78 15.56 -11.41 43.02
CA GLY B 78 15.14 -10.35 42.13
C GLY B 78 14.64 -10.85 40.79
N ASP B 79 13.31 -10.94 40.67
CA ASP B 79 12.54 -11.47 39.52
C ASP B 79 13.18 -12.71 38.88
N GLY B 80 13.56 -13.65 39.72
CA GLY B 80 14.19 -14.88 39.26
C GLY B 80 15.67 -14.90 39.62
N ILE B 81 16.20 -16.10 39.83
CA ILE B 81 17.58 -16.28 40.23
C ILE B 81 18.19 -17.42 39.41
N TYR B 82 19.43 -17.22 38.96
CA TYR B 82 20.19 -18.27 38.29
C TYR B 82 21.06 -18.97 39.32
N PHE B 83 20.70 -20.18 39.68
CA PHE B 83 21.45 -20.97 40.65
C PHE B 83 22.39 -21.91 39.93
N SER B 84 23.56 -22.13 40.53
CA SER B 84 24.50 -23.09 39.98
C SER B 84 25.24 -23.76 41.12
N THR B 85 25.89 -24.88 40.80
CA THR B 85 26.71 -25.57 41.78
C THR B 85 27.67 -26.46 41.03
N VAL B 86 28.72 -26.98 41.66
CA VAL B 86 29.57 -28.01 40.99
C VAL B 86 29.21 -29.32 41.70
N ASP B 87 28.70 -29.24 42.94
CA ASP B 87 28.11 -30.42 43.63
C ASP B 87 29.09 -31.55 43.93
N LYS B 88 30.19 -31.29 44.62
CA LYS B 88 31.06 -32.37 45.09
C LYS B 88 30.26 -33.24 46.06
N SER B 89 30.12 -34.53 45.70
CA SER B 89 29.21 -35.51 46.33
C SER B 89 27.80 -34.93 46.30
N ASN B 90 27.06 -34.94 47.40
CA ASN B 90 25.72 -34.35 47.48
C ASN B 90 25.77 -33.25 48.53
N ALA B 91 26.17 -32.05 48.11
CA ALA B 91 26.36 -30.93 49.02
C ALA B 91 25.13 -30.05 49.16
N VAL B 92 24.50 -29.69 48.04
CA VAL B 92 23.28 -28.91 48.08
C VAL B 92 22.08 -29.84 48.15
N ARG B 93 21.08 -29.43 48.92
CA ARG B 93 19.86 -30.22 49.09
C ARG B 93 18.60 -29.52 48.60
N GLY B 94 18.63 -28.19 48.46
CA GLY B 94 17.46 -27.51 47.95
C GLY B 94 17.46 -26.04 48.34
N TRP B 95 16.29 -25.43 48.17
CA TRP B 95 16.15 -23.99 48.29
C TRP B 95 14.93 -23.67 49.14
N ILE B 96 14.96 -22.51 49.77
CA ILE B 96 13.83 -21.98 50.53
C ILE B 96 13.49 -20.65 49.89
N PHE B 97 12.28 -20.57 49.33
CA PHE B 97 11.76 -19.34 48.75
C PHE B 97 10.71 -18.77 49.70
N GLY B 98 10.67 -17.45 49.82
CA GLY B 98 9.69 -16.85 50.69
C GLY B 98 9.70 -15.35 50.58
N THR B 99 9.10 -14.69 51.58
CA THR B 99 9.13 -13.24 51.68
C THR B 99 9.48 -12.71 53.06
N THR B 100 9.32 -13.50 54.12
CA THR B 100 9.77 -13.10 55.45
C THR B 100 10.48 -14.19 56.22
N LEU B 101 10.41 -15.45 55.79
CA LEU B 101 11.17 -16.59 56.34
C LEU B 101 10.89 -16.82 57.82
N ASP B 102 9.62 -16.70 58.18
CA ASP B 102 9.13 -17.01 59.52
C ASP B 102 7.87 -17.85 59.36
N ASN B 103 7.14 -18.04 60.46
CA ASN B 103 5.81 -18.67 60.40
C ASN B 103 4.71 -17.62 60.29
N THR B 104 5.04 -16.43 59.78
CA THR B 104 4.07 -15.40 59.45
C THR B 104 3.55 -15.52 58.02
N THR B 105 4.43 -15.85 57.08
CA THR B 105 4.06 -16.08 55.69
C THR B 105 4.69 -17.38 55.23
N GLN B 106 3.99 -18.11 54.36
CA GLN B 106 4.38 -19.44 53.94
C GLN B 106 5.66 -19.40 53.09
N SER B 107 6.33 -20.55 53.01
CA SER B 107 7.60 -20.67 52.31
C SER B 107 7.64 -21.98 51.53
N ALA B 108 8.50 -22.03 50.52
CA ALA B 108 8.49 -23.12 49.55
C ALA B 108 9.16 -24.38 50.10
N LEU B 109 10.45 -24.30 50.42
CA LEU B 109 11.28 -25.39 50.95
C LEU B 109 11.31 -26.60 50.00
N LEU B 110 11.98 -26.38 48.88
CA LEU B 110 12.41 -27.50 48.06
C LEU B 110 13.52 -28.27 48.78
N ILE B 111 13.37 -29.59 48.87
CA ILE B 111 14.36 -30.45 49.50
C ILE B 111 14.59 -31.67 48.60
N ASN B 112 15.64 -32.42 48.93
CA ASN B 112 16.01 -33.62 48.18
C ASN B 112 16.37 -34.76 49.13
N ASN B 113 15.52 -34.99 50.13
CA ASN B 113 15.75 -36.08 51.07
C ASN B 113 15.54 -37.43 50.38
N GLY B 114 16.38 -38.39 50.77
CA GLY B 114 16.35 -39.73 50.19
C GLY B 114 16.64 -39.76 48.70
N SER B 115 15.61 -40.08 47.91
CA SER B 115 15.69 -39.97 46.46
C SER B 115 14.42 -39.30 45.90
N LEU B 116 13.72 -38.54 46.73
CA LEU B 116 12.51 -37.84 46.34
C LEU B 116 12.69 -36.34 46.52
N VAL B 117 12.23 -35.57 45.54
CA VAL B 117 12.17 -34.12 45.65
C VAL B 117 10.72 -33.75 45.97
N THR B 118 10.54 -32.99 47.04
CA THR B 118 9.22 -32.61 47.52
C THR B 118 9.14 -31.10 47.69
N ILE B 119 7.94 -30.56 47.55
CA ILE B 119 7.68 -29.14 47.80
C ILE B 119 6.50 -29.02 48.75
N GLN B 120 6.66 -28.18 49.78
CA GLN B 120 5.67 -28.03 50.84
C GLN B 120 5.52 -26.55 51.17
N VAL B 121 4.50 -25.91 50.62
CA VAL B 121 4.23 -24.52 50.95
C VAL B 121 3.44 -24.48 52.25
N CYS B 122 4.14 -24.37 53.37
CA CYS B 122 3.53 -24.34 54.69
C CYS B 122 4.14 -23.20 55.49
N TYR B 123 3.63 -22.99 56.70
CA TYR B 123 4.21 -22.03 57.63
C TYR B 123 5.32 -22.71 58.41
N PHE B 124 6.54 -22.19 58.27
CA PHE B 124 7.74 -22.84 58.78
C PHE B 124 8.38 -22.00 59.87
N GLN B 125 8.57 -22.60 61.05
CA GLN B 125 9.51 -22.08 62.04
C GLN B 125 10.81 -22.89 61.96
N PHE B 126 11.57 -22.61 60.91
CA PHE B 126 12.81 -23.33 60.69
C PHE B 126 13.93 -22.74 61.55
N CYS B 127 15.04 -23.48 61.63
CA CYS B 127 16.12 -23.18 62.56
C CYS B 127 17.05 -22.12 61.98
N ALA B 128 18.23 -21.97 62.58
CA ALA B 128 19.16 -20.92 62.18
C ALA B 128 19.81 -21.24 60.84
N ASN B 129 20.57 -22.33 60.77
CA ASN B 129 21.20 -22.73 59.53
C ASN B 129 20.53 -23.96 58.92
N PRO B 130 20.13 -23.91 57.65
CA PRO B 130 19.46 -25.06 57.03
C PRO B 130 20.46 -26.16 56.70
N ALA B 131 20.32 -27.30 57.37
CA ALA B 131 21.29 -28.37 57.19
C ALA B 131 20.62 -29.72 57.41
N PHE B 132 21.23 -30.76 56.84
CA PHE B 132 20.79 -32.14 57.00
C PHE B 132 21.84 -32.91 57.76
N LEU B 133 21.43 -33.57 58.84
CA LEU B 133 22.27 -34.40 59.72
C LEU B 133 23.50 -33.68 60.27
N VAL B 144 16.25 -29.34 58.71
CA VAL B 144 16.13 -28.05 58.07
C VAL B 144 14.99 -27.25 58.70
N TYR B 145 13.95 -27.96 59.17
CA TYR B 145 12.80 -27.31 59.79
C TYR B 145 12.30 -28.21 60.91
N ILE B 146 11.68 -27.59 61.92
CA ILE B 146 11.14 -28.29 63.06
C ILE B 146 9.63 -28.12 63.20
N SER B 147 9.11 -26.92 62.94
CA SER B 147 7.70 -26.64 63.06
C SER B 147 7.11 -26.23 61.72
N SER B 148 6.03 -26.90 61.33
CA SER B 148 5.37 -26.60 60.05
C SER B 148 3.87 -26.76 60.26
N HIS B 149 3.12 -25.69 60.01
CA HIS B 149 1.67 -25.74 60.17
C HIS B 149 0.96 -25.01 59.05
N ASN B 150 -0.28 -25.42 58.81
CA ASN B 150 -1.20 -24.85 57.81
C ASN B 150 -0.59 -24.92 56.39
N CYS B 151 -0.40 -26.16 55.93
CA CYS B 151 0.12 -26.40 54.60
C CYS B 151 -0.94 -26.11 53.55
N THR B 152 -0.58 -25.33 52.54
CA THR B 152 -1.47 -25.02 51.43
C THR B 152 -1.10 -25.78 50.16
N TYR B 153 0.03 -26.48 50.15
CA TYR B 153 0.50 -27.21 48.97
C TYR B 153 1.53 -28.22 49.43
N SER B 154 1.40 -29.46 48.98
CA SER B 154 2.34 -30.52 49.37
C SER B 154 2.40 -31.55 48.25
N GLU B 155 3.52 -31.57 47.53
CA GLU B 155 3.65 -32.47 46.38
C GLU B 155 4.99 -33.19 46.41
N VAL B 156 4.94 -34.46 46.00
CA VAL B 156 6.12 -35.32 45.85
C VAL B 156 6.33 -35.55 44.37
N LEU B 157 7.57 -35.40 43.91
CA LEU B 157 7.86 -35.36 42.49
C LEU B 157 8.82 -36.45 42.03
N SER B 158 9.93 -36.63 42.73
CA SER B 158 11.04 -37.53 42.37
C SER B 158 11.56 -37.31 40.95
N LYS B 172 31.19 -33.23 41.08
CA LYS B 172 31.68 -32.68 39.82
C LYS B 172 30.60 -32.73 38.75
N ARG B 173 29.38 -32.37 39.14
CA ARG B 173 28.22 -32.35 38.26
C ARG B 173 27.61 -30.96 38.35
N LEU B 174 27.32 -30.35 37.19
CA LEU B 174 27.01 -28.92 37.16
C LEU B 174 25.66 -28.62 37.80
N ARG B 175 24.58 -29.18 37.24
CA ARG B 175 23.21 -29.08 37.78
C ARG B 175 22.77 -27.64 37.95
N GLU B 176 22.73 -26.91 36.85
CA GLU B 176 22.43 -25.48 36.89
C GLU B 176 20.95 -25.21 36.66
N PHE B 177 20.38 -24.31 37.45
CA PHE B 177 18.95 -24.05 37.47
C PHE B 177 18.68 -22.57 37.26
N VAL B 178 17.48 -22.29 36.74
CA VAL B 178 16.94 -20.94 36.63
C VAL B 178 15.55 -20.96 37.25
N PHE B 179 15.34 -20.14 38.28
CA PHE B 179 14.04 -20.03 38.94
C PHE B 179 13.42 -18.69 38.58
N LYS B 180 12.14 -18.70 38.23
CA LYS B 180 11.45 -17.43 38.03
C LYS B 180 10.00 -17.57 38.47
N ASN B 181 9.38 -16.43 38.75
CA ASN B 181 8.00 -16.37 39.22
C ASN B 181 7.21 -15.46 38.30
N ASN B 182 6.15 -15.98 37.70
CA ASN B 182 5.34 -15.21 36.76
C ASN B 182 3.92 -15.73 36.78
N ASP B 183 2.98 -14.82 37.07
CA ASP B 183 1.54 -15.10 37.11
C ASP B 183 1.20 -16.22 38.10
N GLY B 184 1.79 -16.13 39.28
CA GLY B 184 1.55 -17.12 40.32
C GLY B 184 2.12 -18.48 40.04
N PHE B 185 3.09 -18.59 39.15
CA PHE B 185 3.67 -19.87 38.74
C PHE B 185 5.17 -19.82 38.94
N LEU B 186 5.72 -20.86 39.55
CA LEU B 186 7.16 -20.96 39.79
C LEU B 186 7.77 -21.83 38.69
N HIS B 187 8.39 -21.20 37.70
CA HIS B 187 9.03 -21.91 36.61
C HIS B 187 10.46 -22.26 36.99
N ILE B 188 10.82 -23.52 36.80
CA ILE B 188 12.17 -24.03 37.07
C ILE B 188 12.73 -24.61 35.79
N TYR B 189 13.93 -24.18 35.42
CA TYR B 189 14.61 -24.65 34.21
C TYR B 189 15.95 -25.24 34.62
N GLY B 190 16.08 -26.56 34.51
CA GLY B 190 17.24 -27.26 35.02
C GLY B 190 18.06 -27.91 33.93
N ALA B 191 19.36 -28.05 34.20
CA ALA B 191 20.30 -28.70 33.27
C ALA B 191 21.27 -29.53 34.08
N TYR B 192 21.32 -30.84 33.79
CA TYR B 192 22.20 -31.77 34.49
C TYR B 192 23.47 -32.01 33.66
N GLN B 193 24.30 -30.97 33.58
CA GLN B 193 25.51 -31.06 32.78
C GLN B 193 26.60 -31.80 33.53
N PRO B 194 27.28 -32.77 32.90
CA PRO B 194 28.45 -33.40 33.53
C PRO B 194 29.66 -32.48 33.52
N HIS B 195 29.77 -31.64 34.55
CA HIS B 195 30.74 -30.55 34.61
C HIS B 195 32.18 -31.07 34.62
N VAL B 196 33.06 -30.30 33.96
CA VAL B 196 34.49 -30.54 33.95
C VAL B 196 35.08 -30.13 35.30
N ILE B 197 36.35 -30.47 35.52
CA ILE B 197 37.05 -30.19 36.76
C ILE B 197 37.21 -28.69 36.98
N ALA B 201 41.15 -26.63 44.64
CA ALA B 201 41.12 -26.15 43.26
C ALA B 201 40.63 -24.71 43.19
N THR B 202 40.83 -24.07 42.03
CA THR B 202 40.38 -22.70 41.81
C THR B 202 39.20 -22.72 40.85
N PRO B 203 37.97 -22.53 41.33
CA PRO B 203 36.80 -22.76 40.47
C PRO B 203 36.50 -21.62 39.50
N SER B 204 35.84 -21.97 38.40
CA SER B 204 35.47 -21.02 37.36
C SER B 204 34.25 -21.54 36.60
N LEU B 205 33.95 -20.96 35.44
CA LEU B 205 32.75 -21.36 34.69
C LEU B 205 33.15 -21.64 33.24
N PRO B 206 32.57 -22.68 32.61
CA PRO B 206 32.95 -23.01 31.22
C PRO B 206 32.34 -22.05 30.22
N SER B 207 32.65 -22.28 28.95
CA SER B 207 32.18 -21.45 27.85
C SER B 207 31.30 -22.20 26.86
N THR B 208 30.99 -23.46 27.11
CA THR B 208 30.13 -24.23 26.22
C THR B 208 28.68 -23.81 26.41
N PHE B 209 28.01 -23.52 25.30
CA PHE B 209 26.60 -23.11 25.32
C PHE B 209 25.71 -24.24 25.79
N LYS B 210 24.66 -23.89 26.55
CA LYS B 210 23.77 -24.93 27.05
C LYS B 210 22.32 -24.47 27.09
N PRO B 211 21.46 -25.03 26.23
CA PRO B 211 20.03 -24.73 26.29
C PRO B 211 19.31 -25.45 27.42
N LEU B 212 19.25 -24.80 28.61
CA LEU B 212 18.61 -25.35 29.81
C LEU B 212 17.18 -25.82 29.59
N ILE B 213 16.97 -27.13 29.74
CA ILE B 213 15.70 -27.78 29.43
C ILE B 213 14.65 -27.35 30.46
N PRO B 214 13.44 -26.97 30.03
CA PRO B 214 12.39 -26.59 31.00
C PRO B 214 11.89 -27.80 31.77
N LEU B 215 12.07 -27.75 33.08
CA LEU B 215 11.57 -28.79 33.97
C LEU B 215 10.13 -28.48 34.36
N TRP B 216 9.63 -29.16 35.39
CA TRP B 216 8.31 -28.90 35.94
C TRP B 216 8.15 -27.48 36.47
N LYS B 217 6.93 -26.97 36.38
CA LYS B 217 6.53 -25.69 36.97
C LYS B 217 5.45 -25.94 38.02
N LEU B 218 5.27 -24.96 38.91
CA LEU B 218 4.43 -25.17 40.08
C LEU B 218 3.33 -24.11 40.15
N PRO B 219 2.10 -24.49 40.45
CA PRO B 219 1.05 -23.49 40.76
C PRO B 219 1.02 -23.13 42.25
N LEU B 220 2.02 -22.38 42.69
CA LEU B 220 2.19 -22.12 44.12
C LEU B 220 1.23 -21.05 44.61
N GLY B 221 1.19 -19.90 43.94
CA GLY B 221 0.37 -18.80 44.41
C GLY B 221 0.98 -18.08 45.60
N LEU B 222 2.13 -17.46 45.38
CA LEU B 222 2.87 -16.75 46.41
C LEU B 222 3.84 -15.80 45.73
N ASN B 223 4.14 -14.68 46.38
CA ASN B 223 5.22 -13.82 45.90
C ASN B 223 6.53 -14.28 46.53
N ILE B 224 7.63 -14.12 45.81
CA ILE B 224 8.93 -14.55 46.28
C ILE B 224 9.89 -13.37 46.19
N THR B 225 10.47 -12.98 47.34
CA THR B 225 11.52 -11.98 47.32
C THR B 225 12.71 -12.32 48.21
N ASN B 226 12.62 -13.36 49.05
CA ASN B 226 13.71 -13.78 49.91
C ASN B 226 14.01 -15.24 49.62
N PHE B 227 15.27 -15.63 49.83
CA PHE B 227 15.82 -16.85 49.28
C PHE B 227 16.97 -17.34 50.15
N LYS B 228 16.97 -18.62 50.49
CA LYS B 228 18.03 -19.21 51.30
C LYS B 228 18.30 -20.65 50.89
N VAL B 229 19.58 -20.97 50.68
CA VAL B 229 20.00 -22.27 50.18
C VAL B 229 20.23 -23.22 51.34
N VAL B 230 19.75 -24.47 51.20
CA VAL B 230 19.95 -25.51 52.18
C VAL B 230 21.19 -26.32 51.80
N LEU B 231 22.08 -26.52 52.76
CA LEU B 231 23.33 -27.24 52.54
C LEU B 231 23.36 -28.51 53.39
N THR B 232 24.50 -29.20 53.36
CA THR B 232 24.75 -30.36 54.21
C THR B 232 25.87 -30.02 55.17
N PHE B 233 25.62 -30.18 56.46
CA PHE B 233 26.60 -29.96 57.51
C PHE B 233 26.82 -31.27 58.24
N ARG B 234 28.01 -31.83 58.15
CA ARG B 234 28.37 -33.06 58.85
C ARG B 234 29.30 -32.69 59.99
N SER B 235 28.70 -32.38 61.14
CA SER B 235 29.37 -31.97 62.38
C SER B 235 30.30 -30.77 62.20
N ALA B 242 29.92 -27.72 49.32
CA ALA B 242 30.77 -27.40 48.19
C ALA B 242 30.49 -25.98 47.69
N ASN B 243 30.49 -25.79 46.38
CA ASN B 243 30.26 -24.49 45.78
C ASN B 243 28.81 -24.35 45.36
N PHE B 244 28.25 -23.17 45.62
CA PHE B 244 26.95 -22.77 45.09
C PHE B 244 27.06 -21.33 44.59
N ALA B 245 26.31 -21.02 43.54
CA ALA B 245 26.51 -19.82 42.76
C ALA B 245 25.18 -19.11 42.51
N VAL B 246 25.20 -17.79 42.71
CA VAL B 246 24.02 -16.94 42.71
C VAL B 246 24.12 -15.93 41.59
N GLY B 247 23.13 -15.91 40.70
CA GLY B 247 23.05 -14.89 39.68
C GLY B 247 21.98 -13.84 39.97
N SER B 248 21.56 -13.11 38.94
CA SER B 248 20.50 -12.10 39.09
C SER B 248 19.86 -11.85 37.74
N LEU B 249 18.61 -12.28 37.60
CA LEU B 249 17.85 -12.11 36.38
C LEU B 249 17.46 -10.65 36.19
N LYS B 250 17.37 -10.23 34.93
CA LYS B 250 16.91 -8.87 34.65
C LYS B 250 16.17 -8.86 33.33
N LEU B 251 15.33 -7.84 33.14
CA LEU B 251 14.53 -7.74 31.92
C LEU B 251 15.43 -7.41 30.74
N THR B 252 15.46 -8.29 29.74
CA THR B 252 16.39 -8.14 28.62
C THR B 252 15.72 -8.62 27.34
N THR B 253 15.99 -7.91 26.25
CA THR B 253 15.63 -8.39 24.92
C THR B 253 16.74 -9.30 24.39
N ILE B 254 16.33 -10.43 23.81
CA ILE B 254 17.23 -11.46 23.31
C ILE B 254 16.70 -11.97 21.99
N MET B 255 17.57 -12.66 21.25
CA MET B 255 17.20 -13.33 20.02
C MET B 255 17.63 -14.79 20.12
N LEU B 256 16.71 -15.71 19.83
CA LEU B 256 16.94 -17.13 20.00
C LEU B 256 16.69 -17.87 18.70
N SER B 257 17.59 -18.78 18.36
CA SER B 257 17.45 -19.62 17.19
C SER B 257 17.03 -21.02 17.62
N PHE B 258 16.45 -21.75 16.66
CA PHE B 258 16.01 -23.12 16.90
C PHE B 258 16.40 -23.99 15.71
N ASP B 259 16.58 -25.27 15.96
CA ASP B 259 16.93 -26.24 14.94
C ASP B 259 15.70 -27.05 14.54
N VAL B 260 15.91 -28.09 13.74
CA VAL B 260 14.81 -28.97 13.34
C VAL B 260 14.32 -29.83 14.50
N ASN B 261 15.13 -30.01 15.54
CA ASN B 261 14.76 -30.82 16.69
C ASN B 261 14.09 -30.01 17.79
N GLY B 262 13.89 -28.71 17.59
CA GLY B 262 13.35 -27.86 18.64
C GLY B 262 14.35 -27.40 19.66
N THR B 263 15.64 -27.67 19.45
CA THR B 263 16.68 -27.28 20.38
C THR B 263 17.22 -25.90 20.05
N ILE B 264 17.60 -25.17 21.09
CA ILE B 264 18.16 -23.82 20.92
C ILE B 264 19.60 -23.95 20.44
N ASP B 265 19.90 -23.33 19.30
CA ASP B 265 21.25 -23.40 18.76
C ASP B 265 22.18 -22.40 19.45
N LYS B 266 21.84 -21.12 19.37
CA LYS B 266 22.71 -20.07 19.88
C LYS B 266 21.86 -18.85 20.24
N ALA B 267 22.45 -17.98 21.06
CA ALA B 267 21.76 -16.80 21.56
C ALA B 267 22.56 -15.55 21.22
N VAL B 268 21.87 -14.41 21.25
CA VAL B 268 22.46 -13.12 20.90
C VAL B 268 22.65 -12.24 22.14
N ASP B 269 21.57 -12.01 22.90
CA ASP B 269 21.51 -11.10 24.05
C ASP B 269 21.97 -9.68 23.66
N CYS B 270 21.14 -9.05 22.83
CA CYS B 270 21.42 -7.71 22.31
C CYS B 270 21.10 -6.64 23.36
N SER B 271 21.91 -6.64 24.41
CA SER B 271 21.98 -5.51 25.32
C SER B 271 23.42 -5.26 25.78
N SER B 272 24.39 -5.92 25.17
CA SER B 272 25.78 -5.86 25.61
C SER B 272 26.75 -5.41 24.53
N ASP B 273 26.57 -5.85 23.29
CA ASP B 273 27.55 -5.61 22.25
C ASP B 273 26.89 -5.00 21.02
N PRO B 274 27.59 -4.12 20.30
CA PRO B 274 27.03 -3.59 19.04
C PRO B 274 26.77 -4.64 17.97
N LEU B 275 27.60 -5.69 17.90
CA LEU B 275 27.33 -6.76 16.96
C LEU B 275 26.07 -7.54 17.33
N SER B 276 25.83 -7.69 18.63
CA SER B 276 24.58 -8.30 19.09
C SER B 276 23.37 -7.45 18.71
N GLU B 277 23.49 -6.13 18.86
CA GLU B 277 22.41 -5.22 18.48
C GLU B 277 22.17 -5.24 16.97
N LEU B 278 23.24 -5.38 16.20
CA LEU B 278 23.11 -5.56 14.76
C LEU B 278 22.40 -6.87 14.41
N LYS B 279 22.72 -7.94 15.14
CA LYS B 279 22.08 -9.24 14.89
C LYS B 279 20.60 -9.21 15.23
N CYS B 280 20.22 -8.51 16.32
CA CYS B 280 18.81 -8.35 16.60
C CYS B 280 18.12 -7.41 15.62
N THR B 281 18.83 -6.42 15.08
CA THR B 281 18.22 -5.48 14.15
C THR B 281 17.95 -6.13 12.80
N LEU B 282 18.92 -6.87 12.28
CA LEU B 282 18.81 -7.44 10.94
C LEU B 282 18.16 -8.81 10.92
N LYS B 283 17.68 -9.31 12.07
CA LYS B 283 16.92 -10.56 12.19
C LYS B 283 17.70 -11.77 11.68
N SER B 284 19.02 -11.77 11.87
CA SER B 284 19.84 -12.85 11.36
C SER B 284 21.06 -13.03 12.25
N PHE B 285 21.65 -14.22 12.17
CA PHE B 285 22.89 -14.53 12.87
C PHE B 285 24.13 -14.37 12.00
N ASN B 286 23.99 -14.50 10.69
CA ASN B 286 25.07 -14.23 9.75
C ASN B 286 24.80 -12.90 9.06
N VAL B 287 25.71 -11.96 9.21
CA VAL B 287 25.55 -10.60 8.70
C VAL B 287 26.59 -10.38 7.61
N SER B 288 26.15 -9.86 6.47
CA SER B 288 27.05 -9.56 5.37
C SER B 288 27.90 -8.33 5.69
N LYS B 289 28.96 -8.15 4.92
CA LYS B 289 29.87 -7.03 5.11
C LYS B 289 29.22 -5.74 4.69
N GLY B 290 29.28 -4.72 5.55
CA GLY B 290 28.77 -3.42 5.20
C GLY B 290 28.45 -2.60 6.44
N ILE B 291 27.70 -1.53 6.21
CA ILE B 291 27.24 -0.60 7.25
C ILE B 291 25.72 -0.73 7.36
N TYR B 292 25.23 -0.80 8.60
CA TYR B 292 23.80 -0.95 8.83
C TYR B 292 23.36 -0.06 9.99
N PRO B 293 22.25 0.66 9.85
CA PRO B 293 21.66 1.33 11.02
C PRO B 293 21.05 0.31 11.96
N THR B 294 21.11 0.60 13.24
CA THR B 294 20.65 -0.32 14.27
C THR B 294 19.54 0.30 15.11
N SER B 295 18.85 -0.55 15.85
CA SER B 295 17.75 -0.15 16.71
C SER B 295 18.28 0.25 18.08
N ASN B 296 17.38 0.38 19.05
CA ASN B 296 17.73 0.91 20.36
C ASN B 296 17.60 -0.15 21.45
N PHE B 297 18.12 -1.34 21.20
CA PHE B 297 18.01 -2.44 22.14
C PHE B 297 18.91 -2.30 23.37
N ARG B 298 19.86 -1.37 23.35
CA ARG B 298 20.85 -1.31 24.43
C ARG B 298 20.27 -0.73 25.71
N ILE B 299 19.48 0.33 25.60
CA ILE B 299 18.99 1.05 26.77
C ILE B 299 17.61 0.54 27.13
N LEU B 300 17.29 0.64 28.42
CA LEU B 300 16.02 0.19 28.97
C LEU B 300 15.66 1.10 30.13
N PRO B 301 14.37 1.33 30.38
CA PRO B 301 13.98 2.23 31.48
C PRO B 301 14.23 1.64 32.85
N SER B 302 14.39 2.54 33.82
CA SER B 302 14.60 2.18 35.21
C SER B 302 14.06 3.31 36.07
N THR B 303 13.54 2.97 37.26
CA THR B 303 13.01 3.86 38.29
C THR B 303 11.79 4.65 37.81
N GLU B 304 11.29 5.55 38.65
CA GLU B 304 10.11 6.35 38.32
C GLU B 304 10.36 7.79 38.75
N VAL B 305 9.78 8.72 37.99
CA VAL B 305 9.92 10.15 38.25
C VAL B 305 8.47 10.63 38.39
N VAL B 306 7.66 9.84 39.09
CA VAL B 306 6.27 10.20 39.35
C VAL B 306 6.22 11.51 40.14
N ARG B 307 5.53 12.51 39.59
CA ARG B 307 5.41 13.82 40.22
C ARG B 307 4.00 14.36 39.98
N PHE B 308 3.23 14.48 41.05
CA PHE B 308 1.86 15.00 41.09
C PHE B 308 1.81 16.27 41.93
N PRO B 309 0.83 17.16 41.70
CA PRO B 309 0.83 18.46 42.39
C PRO B 309 0.61 18.34 43.89
N ASN B 310 1.13 19.33 44.61
CA ASN B 310 1.08 19.39 46.07
C ASN B 310 -0.34 19.78 46.47
N ILE B 311 -1.22 18.77 46.51
CA ILE B 311 -2.60 18.94 46.93
C ILE B 311 -2.80 18.10 48.19
N THR B 312 -3.34 18.73 49.23
CA THR B 312 -3.49 18.06 50.53
C THR B 312 -4.93 17.79 50.91
N ASN B 313 -5.91 18.32 50.18
CA ASN B 313 -7.30 18.13 50.55
C ASN B 313 -7.78 16.72 50.21
N PHE B 314 -8.51 16.12 51.14
CA PHE B 314 -9.20 14.87 50.89
C PHE B 314 -10.60 15.15 50.38
N CYS B 315 -11.10 14.28 49.52
CA CYS B 315 -12.13 14.80 48.65
C CYS B 315 -13.51 14.38 49.16
N PRO B 316 -14.50 15.28 49.16
CA PRO B 316 -15.77 15.00 49.84
C PRO B 316 -16.65 13.98 49.12
N PHE B 317 -16.32 12.70 49.26
CA PHE B 317 -17.16 11.64 48.71
C PHE B 317 -18.44 11.47 49.51
N ASP B 318 -18.40 11.69 50.83
CA ASP B 318 -19.59 11.50 51.66
C ASP B 318 -20.65 12.56 51.42
N LYS B 319 -20.26 13.76 51.00
CA LYS B 319 -21.20 14.83 50.70
C LYS B 319 -21.65 14.83 49.25
N VAL B 320 -21.18 13.88 48.44
CA VAL B 320 -21.69 13.71 47.08
C VAL B 320 -22.26 12.32 46.83
N PHE B 321 -21.86 11.29 47.59
CA PHE B 321 -22.42 9.96 47.42
C PHE B 321 -23.42 9.58 48.50
N ASN B 322 -23.36 10.23 49.66
CA ASN B 322 -24.22 9.85 50.77
C ASN B 322 -25.02 11.03 51.32
N ALA B 323 -25.71 11.76 50.45
CA ALA B 323 -26.61 12.80 50.90
C ALA B 323 -27.83 12.18 51.59
N THR B 324 -28.61 13.05 52.25
CA THR B 324 -29.81 12.61 52.97
C THR B 324 -30.86 12.06 51.99
N ARG B 325 -31.06 12.74 50.86
CA ARG B 325 -31.91 12.21 49.81
C ARG B 325 -31.40 12.69 48.46
N PHE B 326 -31.31 11.77 47.50
CA PHE B 326 -30.86 12.10 46.17
C PHE B 326 -31.99 12.80 45.40
N PRO B 327 -31.66 13.65 44.44
CA PRO B 327 -32.70 14.38 43.69
C PRO B 327 -33.42 13.47 42.70
N ASN B 328 -34.46 14.04 42.10
CA ASN B 328 -35.22 13.35 41.06
C ASN B 328 -34.39 13.27 39.78
N VAL B 329 -34.78 12.34 38.91
CA VAL B 329 -34.04 12.17 37.66
C VAL B 329 -34.32 13.31 36.69
N TYR B 330 -35.53 13.88 36.71
CA TYR B 330 -35.83 14.99 35.80
C TYR B 330 -35.27 16.32 36.29
N ALA B 331 -34.84 16.39 37.54
CA ALA B 331 -34.27 17.59 38.15
C ALA B 331 -32.91 17.27 38.75
N TRP B 332 -32.06 16.60 37.97
CA TRP B 332 -30.77 16.13 38.46
C TRP B 332 -29.83 17.29 38.74
N GLN B 333 -29.08 17.17 39.82
CA GLN B 333 -28.11 18.18 40.21
C GLN B 333 -26.72 17.81 39.71
N ARG B 334 -25.91 18.84 39.46
CA ARG B 334 -24.54 18.68 39.00
C ARG B 334 -23.63 19.45 39.94
N THR B 335 -22.66 18.76 40.52
CA THR B 335 -21.72 19.34 41.46
C THR B 335 -20.33 19.36 40.84
N LYS B 336 -19.71 20.54 40.81
CA LYS B 336 -18.34 20.65 40.31
C LYS B 336 -17.38 20.25 41.42
N ILE B 337 -16.54 19.26 41.14
CA ILE B 337 -15.58 18.75 42.11
C ILE B 337 -14.23 19.34 41.77
N SER B 338 -13.64 20.09 42.70
CA SER B 338 -12.43 20.85 42.42
C SER B 338 -11.46 20.75 43.59
N ASP B 339 -10.16 20.67 43.26
CA ASP B 339 -9.04 20.72 44.21
C ASP B 339 -9.14 19.61 45.26
N CYS B 340 -9.05 18.37 44.81
CA CYS B 340 -9.14 17.24 45.72
C CYS B 340 -8.38 16.06 45.15
N ILE B 341 -8.35 14.98 45.92
CA ILE B 341 -7.58 13.79 45.60
C ILE B 341 -8.55 12.62 45.44
N ALA B 342 -8.35 11.85 44.36
CA ALA B 342 -9.30 10.83 43.95
C ALA B 342 -8.82 9.48 44.50
N ASP B 343 -9.13 9.26 45.78
CA ASP B 343 -8.65 8.07 46.48
C ASP B 343 -9.31 6.81 45.98
N TYR B 344 -10.65 6.84 45.86
CA TYR B 344 -11.51 5.71 45.45
C TYR B 344 -11.35 4.49 46.36
N THR B 345 -10.87 4.65 47.58
CA THR B 345 -10.64 3.57 48.51
C THR B 345 -11.35 3.75 49.83
N VAL B 346 -11.84 4.96 50.13
CA VAL B 346 -12.71 5.17 51.27
C VAL B 346 -14.03 4.44 51.05
N LEU B 347 -14.52 4.43 49.81
CA LEU B 347 -15.76 3.79 49.43
C LEU B 347 -15.63 2.28 49.28
N TYR B 348 -14.44 1.71 49.45
CA TYR B 348 -14.28 0.27 49.36
C TYR B 348 -14.87 -0.46 50.56
N ASN B 349 -15.22 0.24 51.63
CA ASN B 349 -15.93 -0.34 52.75
C ASN B 349 -17.35 0.21 52.79
N SER B 350 -18.31 -0.69 53.03
CA SER B 350 -19.73 -0.46 53.26
C SER B 350 -20.49 0.11 52.07
N THR B 351 -19.88 0.21 50.89
CA THR B 351 -20.56 0.62 49.68
C THR B 351 -20.15 -0.33 48.55
N SER B 352 -21.11 -1.12 48.07
CA SER B 352 -20.86 -2.06 46.98
C SER B 352 -21.48 -1.48 45.70
N PHE B 353 -20.63 -1.19 44.73
CA PHE B 353 -21.06 -0.56 43.48
C PHE B 353 -21.57 -1.64 42.53
N SER B 354 -22.84 -1.55 42.15
CA SER B 354 -23.41 -2.52 41.22
C SER B 354 -22.92 -2.32 39.80
N THR B 355 -22.55 -1.10 39.43
CA THR B 355 -22.08 -0.82 38.07
C THR B 355 -21.04 0.29 38.13
N PHE B 356 -19.85 0.01 37.60
CA PHE B 356 -18.78 1.01 37.51
C PHE B 356 -18.19 0.88 36.10
N LYS B 357 -18.77 1.62 35.15
CA LYS B 357 -18.37 1.52 33.76
C LYS B 357 -17.79 2.86 33.31
N CYS B 358 -16.56 2.84 32.82
CA CYS B 358 -15.87 4.05 32.40
C CYS B 358 -15.68 4.05 30.90
N TYR B 359 -16.12 5.13 30.25
CA TYR B 359 -15.95 5.33 28.82
C TYR B 359 -14.87 6.37 28.58
N GLY B 360 -13.90 6.04 27.74
CA GLY B 360 -12.79 6.93 27.46
C GLY B 360 -11.57 6.62 28.27
N VAL B 361 -11.77 6.33 29.56
CA VAL B 361 -10.70 5.88 30.44
C VAL B 361 -11.09 4.51 30.99
N SER B 362 -10.17 3.94 31.76
CA SER B 362 -10.43 2.65 32.37
C SER B 362 -10.43 2.78 33.89
N PRO B 363 -11.23 1.96 34.59
CA PRO B 363 -11.20 2.01 36.07
C PRO B 363 -9.87 1.55 36.67
N SER B 364 -9.03 0.84 35.92
CA SER B 364 -7.73 0.43 36.42
C SER B 364 -6.70 1.54 36.36
N LYS B 365 -6.99 2.65 35.67
CA LYS B 365 -6.02 3.72 35.47
C LYS B 365 -6.47 5.02 36.11
N LEU B 366 -7.49 4.99 36.96
CA LEU B 366 -7.98 6.20 37.61
C LEU B 366 -7.03 6.73 38.67
N ILE B 367 -6.12 5.89 39.18
CA ILE B 367 -5.11 6.35 40.12
C ILE B 367 -4.08 7.22 39.42
N ASP B 368 -3.63 6.80 38.24
CA ASP B 368 -2.49 7.40 37.56
C ASP B 368 -2.79 8.77 36.95
N LEU B 369 -4.05 9.18 36.86
CA LEU B 369 -4.42 10.37 36.10
C LEU B 369 -4.87 11.49 37.02
N CYS B 370 -4.48 12.71 36.67
CA CYS B 370 -4.97 13.93 37.31
C CYS B 370 -5.85 14.68 36.33
N PHE B 371 -7.09 14.97 36.74
CA PHE B 371 -8.09 15.58 35.87
C PHE B 371 -8.03 17.09 35.99
N THR B 372 -8.25 17.77 34.86
CA THR B 372 -8.33 19.23 34.89
C THR B 372 -9.59 19.69 35.61
N SER B 373 -10.75 19.14 35.23
CA SER B 373 -11.96 19.42 35.98
C SER B 373 -12.94 18.26 35.85
N VAL B 374 -13.68 18.05 36.94
CA VAL B 374 -14.61 16.96 37.15
C VAL B 374 -15.97 17.54 37.52
N TYR B 375 -17.02 17.07 36.88
CA TYR B 375 -18.38 17.34 37.29
C TYR B 375 -19.06 16.02 37.64
N ALA B 376 -19.98 16.07 38.60
CA ALA B 376 -20.68 14.88 39.05
C ALA B 376 -22.18 15.15 38.96
N ASP B 377 -22.85 14.42 38.06
CA ASP B 377 -24.29 14.50 37.93
C ASP B 377 -24.90 13.40 38.77
N THR B 378 -25.76 13.77 39.72
CA THR B 378 -26.26 12.82 40.71
C THR B 378 -27.77 12.71 40.64
N PHE B 379 -28.28 11.48 40.64
CA PHE B 379 -29.73 11.25 40.61
C PHE B 379 -30.03 9.84 41.10
N LEU B 380 -31.32 9.48 41.09
CA LEU B 380 -31.80 8.23 41.66
C LEU B 380 -32.92 7.70 40.78
N ILE B 381 -32.80 6.44 40.35
CA ILE B 381 -33.75 5.85 39.41
C ILE B 381 -34.18 4.46 39.86
N ARG B 382 -34.92 3.76 39.01
CA ARG B 382 -35.22 2.36 39.22
C ARG B 382 -34.01 1.49 38.90
N PHE B 383 -34.08 0.22 39.32
CA PHE B 383 -32.95 -0.69 39.18
C PHE B 383 -32.76 -1.18 37.75
N SER B 384 -33.83 -1.31 36.99
CA SER B 384 -33.73 -1.80 35.62
C SER B 384 -33.37 -0.72 34.61
N GLU B 385 -33.43 0.55 35.01
CA GLU B 385 -33.14 1.66 34.12
C GLU B 385 -31.70 2.13 34.22
N VAL B 386 -30.87 1.43 34.97
CA VAL B 386 -29.44 1.74 35.06
C VAL B 386 -28.73 1.49 33.74
N ARG B 387 -29.15 0.48 32.99
CA ARG B 387 -28.56 0.12 31.72
C ARG B 387 -28.76 1.17 30.63
N GLN B 388 -29.69 2.11 30.82
CA GLN B 388 -29.93 3.17 29.84
C GLN B 388 -28.93 4.30 29.91
N ILE B 389 -28.14 4.39 30.98
CA ILE B 389 -27.17 5.48 31.14
C ILE B 389 -25.89 5.00 30.46
N ALA B 390 -25.84 5.21 29.14
CA ALA B 390 -24.69 4.88 28.31
C ALA B 390 -24.81 5.74 27.07
N PRO B 391 -23.69 6.16 26.46
CA PRO B 391 -23.78 6.96 25.24
C PRO B 391 -24.36 6.18 24.06
N GLY B 392 -25.25 6.83 23.32
CA GLY B 392 -25.91 6.20 22.19
C GLY B 392 -26.92 5.14 22.58
N GLU B 393 -27.92 5.53 23.36
CA GLU B 393 -28.97 4.61 23.77
C GLU B 393 -30.23 5.40 24.10
N THR B 394 -31.41 4.82 23.88
CA THR B 394 -32.67 5.47 24.17
C THR B 394 -33.55 4.60 25.05
N GLY B 395 -34.45 5.26 25.78
CA GLY B 395 -35.36 4.63 26.70
C GLY B 395 -36.34 5.66 27.25
N VAL B 396 -36.63 5.61 28.55
CA VAL B 396 -37.49 6.61 29.15
C VAL B 396 -36.60 7.58 29.93
N ILE B 397 -35.41 7.12 30.30
CA ILE B 397 -34.47 7.97 31.02
C ILE B 397 -33.49 8.64 30.07
N ALA B 398 -33.02 7.90 29.07
CA ALA B 398 -32.07 8.44 28.11
C ALA B 398 -32.72 9.27 27.02
N ASP B 399 -34.04 9.37 27.00
CA ASP B 399 -34.75 10.23 26.05
C ASP B 399 -35.42 11.41 26.71
N TYR B 400 -36.11 11.20 27.83
CA TYR B 400 -36.97 12.21 28.42
C TYR B 400 -36.45 12.77 29.73
N ASN B 401 -35.39 12.22 30.29
CA ASN B 401 -34.92 12.78 31.54
C ASN B 401 -33.44 13.18 31.54
N TYR B 402 -32.58 12.37 30.93
CA TYR B 402 -31.13 12.60 31.07
C TYR B 402 -30.42 11.88 29.93
N LYS B 403 -29.85 12.65 29.00
CA LYS B 403 -29.16 12.10 27.85
C LYS B 403 -27.66 12.36 27.95
N LEU B 404 -26.86 11.43 27.45
CA LEU B 404 -25.41 11.52 27.47
C LEU B 404 -24.86 11.86 26.10
N PRO B 405 -23.80 12.65 26.02
CA PRO B 405 -23.21 12.98 24.71
C PRO B 405 -22.50 11.79 24.11
N ASP B 406 -22.38 11.82 22.77
CA ASP B 406 -21.73 10.76 22.03
C ASP B 406 -20.22 10.80 22.14
N ASP B 407 -19.64 11.95 22.49
CA ASP B 407 -18.21 12.09 22.71
C ASP B 407 -17.83 12.02 24.18
N PHE B 408 -18.53 11.17 24.93
CA PHE B 408 -18.41 11.12 26.37
C PHE B 408 -17.07 10.54 26.82
N THR B 409 -16.54 11.09 27.91
CA THR B 409 -15.32 10.59 28.56
C THR B 409 -15.55 10.72 30.06
N GLY B 410 -16.05 9.67 30.68
CA GLY B 410 -16.39 9.72 32.09
C GLY B 410 -16.61 8.34 32.66
N CYS B 411 -17.27 8.29 33.80
CA CYS B 411 -17.52 7.05 34.51
C CYS B 411 -18.91 7.07 35.11
N VAL B 412 -19.73 6.09 34.74
CA VAL B 412 -21.03 5.90 35.35
C VAL B 412 -20.88 4.93 36.52
N LEU B 413 -21.34 5.35 37.69
CA LEU B 413 -21.16 4.58 38.92
C LEU B 413 -22.51 4.54 39.62
N ALA B 414 -23.13 3.37 39.63
CA ALA B 414 -24.48 3.22 40.16
C ALA B 414 -24.53 2.07 41.14
N TRP B 415 -25.21 2.28 42.27
CA TRP B 415 -25.31 1.26 43.29
C TRP B 415 -26.74 1.15 43.79
N ASN B 416 -27.17 -0.08 44.03
CA ASN B 416 -28.52 -0.36 44.52
C ASN B 416 -28.63 0.02 45.97
N THR B 417 -29.72 0.72 46.32
CA THR B 417 -30.05 0.99 47.71
C THR B 417 -31.58 1.07 47.85
N ALA B 418 -32.17 -0.01 48.35
CA ALA B 418 -33.61 -0.11 48.51
C ALA B 418 -34.07 0.16 49.93
N GLN B 419 -33.15 0.49 50.83
CA GLN B 419 -33.49 0.75 52.23
C GLN B 419 -33.23 2.18 52.67
N GLN B 420 -32.28 2.87 52.04
CA GLN B 420 -31.95 4.23 52.43
C GLN B 420 -33.01 5.22 51.97
N ASP B 421 -33.58 5.01 50.78
CA ASP B 421 -34.51 5.95 50.17
C ASP B 421 -35.88 5.28 50.05
N ILE B 422 -36.82 5.71 50.90
CA ILE B 422 -38.16 5.15 50.95
C ILE B 422 -39.14 6.28 50.67
N GLY B 423 -40.09 6.05 49.76
CA GLY B 423 -41.08 7.07 49.48
C GLY B 423 -41.63 7.07 48.07
N SER B 424 -41.67 8.24 47.44
CA SER B 424 -42.16 8.38 46.08
C SER B 424 -41.33 9.41 45.33
N TYR B 425 -41.00 9.11 44.08
CA TYR B 425 -40.19 9.99 43.26
C TYR B 425 -40.88 10.23 41.91
N PHE B 426 -40.40 11.22 41.19
CA PHE B 426 -41.04 11.70 39.97
C PHE B 426 -40.12 11.50 38.77
N TYR B 427 -40.72 11.22 37.61
CA TYR B 427 -39.94 11.09 36.38
C TYR B 427 -40.79 11.51 35.19
N ARG B 428 -40.12 11.98 34.14
CA ARG B 428 -40.80 12.47 32.96
C ARG B 428 -40.91 11.36 31.91
N SER B 429 -42.09 11.23 31.30
CA SER B 429 -42.30 10.17 30.34
C SER B 429 -43.08 10.58 29.10
N HIS B 430 -43.52 11.83 28.98
CA HIS B 430 -44.38 12.26 27.89
C HIS B 430 -43.90 13.57 27.29
N ARG B 431 -42.61 13.65 26.99
CA ARG B 431 -42.09 14.83 26.31
C ARG B 431 -42.25 14.69 24.80
N ALA B 432 -42.52 15.82 24.13
CA ALA B 432 -42.74 15.80 22.70
C ALA B 432 -41.44 15.60 21.93
N VAL B 433 -40.37 16.29 22.33
CA VAL B 433 -39.08 16.22 21.67
C VAL B 433 -38.07 15.64 22.67
N LYS B 434 -37.18 14.78 22.17
CA LYS B 434 -36.12 14.23 22.99
C LYS B 434 -35.13 15.32 23.38
N LEU B 435 -34.49 15.14 24.55
CA LEU B 435 -33.55 16.13 25.05
C LEU B 435 -32.25 16.12 24.27
N LYS B 436 -31.61 17.28 24.23
CA LYS B 436 -30.22 17.37 23.85
C LYS B 436 -29.36 16.83 24.99
N PRO B 437 -28.12 16.41 24.71
CA PRO B 437 -27.27 15.84 25.78
C PRO B 437 -26.95 16.84 26.89
N PHE B 438 -26.93 16.32 28.13
CA PHE B 438 -26.61 17.05 29.35
C PHE B 438 -27.54 18.24 29.58
N GLU B 439 -28.81 18.08 29.24
CA GLU B 439 -29.79 19.15 29.38
C GLU B 439 -30.79 18.80 30.46
N ARG B 440 -31.52 19.83 30.92
CA ARG B 440 -32.49 19.66 31.98
C ARG B 440 -33.79 20.33 31.59
N ASP B 441 -34.90 19.73 32.01
CA ASP B 441 -36.23 20.27 31.77
C ASP B 441 -37.05 20.12 33.04
N LEU B 442 -37.70 21.21 33.46
CA LEU B 442 -38.48 21.21 34.69
C LEU B 442 -39.94 21.60 34.46
N SER B 443 -40.38 21.70 33.21
CA SER B 443 -41.77 22.05 32.92
C SER B 443 -42.64 20.84 33.19
N SER B 444 -43.44 20.89 34.26
CA SER B 444 -44.28 19.76 34.62
C SER B 444 -45.50 19.65 33.71
N ASP B 445 -46.00 20.77 33.18
CA ASP B 445 -47.22 20.80 32.38
C ASP B 445 -46.96 21.45 31.04
N GLU B 446 -45.89 21.02 30.35
CA GLU B 446 -45.58 21.60 29.05
C GLU B 446 -46.56 21.13 27.98
N ASN B 447 -47.18 19.98 28.16
CA ASN B 447 -48.22 19.50 27.27
C ASN B 447 -49.62 19.88 27.74
N GLY B 448 -49.73 20.64 28.81
CA GLY B 448 -51.02 20.93 29.43
C GLY B 448 -51.38 19.94 30.52
N VAL B 449 -51.27 18.66 30.22
CA VAL B 449 -51.49 17.60 31.20
C VAL B 449 -50.23 17.43 32.04
N ARG B 450 -50.32 16.68 33.13
CA ARG B 450 -49.16 16.43 33.97
C ARG B 450 -48.24 15.42 33.30
N THR B 451 -47.04 15.85 32.93
CA THR B 451 -46.08 14.99 32.26
C THR B 451 -45.11 14.32 33.22
N LEU B 452 -45.26 14.52 34.52
CA LEU B 452 -44.40 13.93 35.54
C LEU B 452 -45.17 12.86 36.28
N SER B 453 -44.77 11.61 36.10
CA SER B 453 -45.42 10.48 36.74
C SER B 453 -44.66 10.04 37.98
N THR B 454 -45.38 9.49 38.94
CA THR B 454 -44.83 9.08 40.21
C THR B 454 -44.49 7.60 40.18
N TYR B 455 -43.52 7.22 41.01
CA TYR B 455 -43.18 5.83 41.23
C TYR B 455 -42.63 5.65 42.62
N ASP B 456 -43.11 4.61 43.31
CA ASP B 456 -42.93 4.42 44.74
C ASP B 456 -41.73 3.52 45.01
N PHE B 457 -41.23 3.61 46.25
CA PHE B 457 -40.06 2.86 46.69
C PHE B 457 -40.31 2.39 48.11
N ASN B 458 -40.51 1.09 48.27
CA ASN B 458 -40.59 0.40 49.54
C ASN B 458 -39.60 -0.75 49.49
N PRO B 459 -39.15 -1.25 50.65
CA PRO B 459 -38.32 -2.47 50.62
C PRO B 459 -39.03 -3.70 50.07
N ASN B 460 -40.34 -3.80 50.26
CA ASN B 460 -41.10 -4.97 49.82
C ASN B 460 -41.68 -4.77 48.42
N VAL B 461 -40.81 -4.44 47.47
CA VAL B 461 -41.19 -4.17 46.08
C VAL B 461 -40.38 -5.14 45.23
N PRO B 462 -40.93 -5.63 44.08
CA PRO B 462 -40.17 -6.54 43.21
C PRO B 462 -38.86 -6.02 42.64
N LEU B 463 -38.22 -6.89 41.85
CA LEU B 463 -36.77 -6.84 41.62
C LEU B 463 -36.35 -5.61 40.83
N ASP B 464 -37.04 -5.35 39.71
CA ASP B 464 -36.62 -4.29 38.81
C ASP B 464 -36.98 -2.91 39.37
N TYR B 465 -37.98 -2.85 40.22
CA TYR B 465 -38.56 -1.59 40.70
C TYR B 465 -37.94 -1.14 42.02
N GLN B 466 -36.61 -1.09 42.12
CA GLN B 466 -35.97 -0.67 43.36
C GLN B 466 -35.00 0.46 43.09
N ALA B 467 -34.76 1.27 44.13
CA ALA B 467 -34.02 2.51 43.98
C ALA B 467 -32.53 2.24 43.80
N THR B 468 -31.96 2.89 42.78
CA THR B 468 -30.53 2.82 42.52
C THR B 468 -30.00 4.23 42.41
N ARG B 469 -28.95 4.53 43.17
CA ARG B 469 -28.33 5.83 43.15
C ARG B 469 -27.25 5.85 42.07
N VAL B 470 -27.33 6.83 41.17
CA VAL B 470 -26.42 6.92 40.03
C VAL B 470 -25.65 8.22 40.12
N VAL B 471 -24.33 8.13 39.97
CA VAL B 471 -23.45 9.29 39.84
C VAL B 471 -22.69 9.15 38.53
N VAL B 472 -22.82 10.14 37.66
CA VAL B 472 -22.09 10.18 36.41
C VAL B 472 -20.99 11.20 36.56
N LEU B 473 -19.74 10.74 36.59
CA LEU B 473 -18.58 11.60 36.76
C LEU B 473 -18.03 11.90 35.37
N SER B 474 -18.23 13.12 34.90
CA SER B 474 -17.72 13.56 33.62
C SER B 474 -16.52 14.46 33.87
N PHE B 475 -15.34 14.00 33.45
CA PHE B 475 -14.11 14.77 33.64
C PHE B 475 -13.42 14.95 32.29
N GLU B 476 -12.67 16.04 32.17
CA GLU B 476 -11.91 16.25 30.94
C GLU B 476 -10.43 16.43 31.24
N LEU B 477 -9.62 15.91 30.31
CA LEU B 477 -8.17 15.86 30.44
C LEU B 477 -7.55 16.60 29.27
N LEU B 478 -6.85 17.70 29.55
CA LEU B 478 -6.23 18.50 28.51
C LEU B 478 -5.04 19.25 29.08
N ASN B 479 -4.46 20.15 28.29
CA ASN B 479 -3.24 20.86 28.64
C ASN B 479 -3.61 22.05 29.52
N ALA B 480 -3.76 21.77 30.82
CA ALA B 480 -4.16 22.76 31.80
C ALA B 480 -3.67 22.30 33.16
N PRO B 481 -3.45 23.22 34.11
CA PRO B 481 -3.09 22.79 35.47
C PRO B 481 -4.25 22.07 36.14
N ALA B 482 -4.01 20.83 36.54
CA ALA B 482 -5.06 19.97 37.06
C ALA B 482 -5.48 20.38 38.46
N THR B 483 -6.72 20.05 38.81
CA THR B 483 -7.27 20.30 40.13
C THR B 483 -7.50 19.03 40.92
N VAL B 484 -8.28 18.10 40.39
CA VAL B 484 -8.54 16.80 41.03
C VAL B 484 -7.50 15.82 40.50
N CYS B 485 -6.73 15.22 41.39
CA CYS B 485 -5.68 14.32 40.94
C CYS B 485 -5.61 13.09 41.84
N GLY B 486 -4.87 12.08 41.36
CA GLY B 486 -4.85 10.78 42.00
C GLY B 486 -4.04 10.77 43.28
N PRO B 487 -4.14 9.66 44.01
CA PRO B 487 -3.50 9.57 45.33
C PRO B 487 -2.06 9.08 45.33
N LYS B 488 -1.38 9.06 44.18
CA LYS B 488 -0.04 8.51 44.11
C LYS B 488 0.99 9.54 44.54
N LEU B 489 1.87 9.15 45.46
CA LEU B 489 2.86 10.05 46.02
C LEU B 489 3.95 10.36 44.98
N SER B 490 4.59 11.51 45.16
CA SER B 490 5.63 11.93 44.24
C SER B 490 6.95 11.23 44.54
N THR B 491 7.91 11.41 43.64
CA THR B 491 9.25 10.85 43.80
C THR B 491 10.28 11.93 43.49
N GLN B 492 11.53 11.60 43.74
CA GLN B 492 12.62 12.54 43.50
C GLN B 492 12.90 12.63 42.00
N LEU B 493 13.02 13.86 41.50
CA LEU B 493 13.34 14.10 40.10
C LEU B 493 14.79 13.73 39.83
N VAL B 494 15.01 12.73 38.98
CA VAL B 494 16.34 12.30 38.60
C VAL B 494 16.56 12.60 37.12
N LYS B 495 17.71 13.16 36.79
CA LYS B 495 18.03 13.58 35.45
C LYS B 495 19.16 12.74 34.87
N ASN B 496 19.32 12.85 33.55
CA ASN B 496 20.40 12.22 32.77
C ASN B 496 20.41 10.70 32.90
N ARG B 497 19.24 10.10 33.10
CA ARG B 497 19.08 8.65 33.11
C ARG B 497 17.79 8.31 32.37
N CYS B 498 17.81 7.21 31.62
CA CYS B 498 16.64 6.81 30.84
C CYS B 498 15.59 6.28 31.79
N VAL B 499 14.59 7.09 32.08
CA VAL B 499 13.63 6.83 33.15
C VAL B 499 12.21 6.86 32.60
N ASN B 500 11.33 6.13 33.29
CA ASN B 500 9.90 6.26 33.07
C ASN B 500 9.35 7.35 33.97
N PHE B 501 8.62 8.29 33.38
CA PHE B 501 8.08 9.42 34.12
C PHE B 501 6.57 9.46 33.97
N ASN B 502 5.91 9.92 35.03
CA ASN B 502 4.46 10.07 35.08
C ASN B 502 4.19 11.49 35.56
N PHE B 503 4.17 12.44 34.63
CA PHE B 503 3.97 13.86 34.94
C PHE B 503 2.50 14.20 34.67
N ASN B 504 1.73 14.31 35.75
CA ASN B 504 0.29 14.65 35.73
C ASN B 504 -0.52 13.69 34.86
N GLY B 505 -0.15 12.41 34.85
CA GLY B 505 -0.81 11.46 33.99
C GLY B 505 -0.28 11.42 32.57
N LEU B 506 0.89 12.02 32.30
CA LEU B 506 1.52 11.95 30.99
C LEU B 506 2.67 10.96 31.07
N ARG B 507 2.34 9.68 30.94
CA ARG B 507 3.33 8.61 31.07
C ARG B 507 4.24 8.59 29.85
N GLY B 508 5.54 8.48 30.10
CA GLY B 508 6.50 8.44 29.01
C GLY B 508 7.83 7.89 29.47
N THR B 509 8.74 7.76 28.50
CA THR B 509 10.09 7.25 28.76
C THR B 509 11.09 8.19 28.11
N GLY B 510 12.09 8.61 28.87
CA GLY B 510 13.10 9.48 28.30
C GLY B 510 14.08 9.99 29.34
N VAL B 511 14.86 10.98 28.93
CA VAL B 511 15.85 11.64 29.77
C VAL B 511 15.43 13.08 29.97
N LEU B 512 15.30 13.49 31.23
CA LEU B 512 14.89 14.84 31.57
C LEU B 512 16.12 15.72 31.73
N THR B 513 16.12 16.86 31.05
CA THR B 513 17.23 17.81 31.08
C THR B 513 16.68 19.20 31.35
N ASP B 514 17.40 20.00 32.13
CA ASP B 514 16.96 21.34 32.46
C ASP B 514 17.01 22.21 31.21
N SER B 515 15.88 22.83 30.86
CA SER B 515 15.77 23.60 29.63
C SER B 515 15.01 24.89 29.92
N ASP B 516 15.08 25.82 28.98
CA ASP B 516 14.48 27.13 29.13
C ASP B 516 13.47 27.43 28.03
N LYS B 517 12.58 26.47 27.76
CA LYS B 517 11.55 26.66 26.76
C LYS B 517 10.52 27.69 27.23
N ARG B 518 9.88 28.34 26.26
CA ARG B 518 8.93 29.41 26.52
C ARG B 518 7.53 28.81 26.65
N PHE B 519 7.01 28.77 27.87
CA PHE B 519 5.66 28.30 28.13
C PHE B 519 4.79 29.44 28.62
N GLN B 520 3.48 29.23 28.54
CA GLN B 520 2.52 30.18 29.09
C GLN B 520 2.34 29.88 30.59
N SER B 521 1.42 30.59 31.23
CA SER B 521 1.11 30.31 32.63
C SER B 521 0.25 29.08 32.80
N PHE B 522 -0.39 28.60 31.73
CA PHE B 522 -1.31 27.47 31.80
C PHE B 522 -0.80 26.23 31.09
N GLN B 523 0.30 26.31 30.35
CA GLN B 523 0.81 25.16 29.63
C GLN B 523 1.45 24.17 30.57
N GLN B 524 1.21 22.87 30.33
CA GLN B 524 1.77 21.80 31.12
C GLN B 524 2.70 20.88 30.34
N PHE B 525 2.54 20.77 29.02
CA PHE B 525 3.45 19.99 28.21
C PHE B 525 3.56 20.64 26.83
N GLY B 526 4.64 20.31 26.13
CA GLY B 526 4.96 20.94 24.85
C GLY B 526 4.95 19.95 23.71
N ARG B 527 4.14 20.27 22.70
CA ARG B 527 4.04 19.46 21.49
C ARG B 527 5.06 19.95 20.46
N ASP B 528 5.75 19.00 19.83
CA ASP B 528 6.78 19.35 18.85
C ASP B 528 6.92 18.19 17.88
N SER B 529 7.45 18.49 16.69
CA SER B 529 7.64 17.56 15.57
C SER B 529 6.28 17.02 15.17
N ALA B 530 6.06 15.71 15.15
CA ALA B 530 4.77 15.14 14.77
C ALA B 530 3.95 14.78 16.01
N ASP B 531 3.60 15.83 16.76
CA ASP B 531 2.81 15.75 17.99
C ASP B 531 3.47 14.84 19.02
N PHE B 532 4.65 15.25 19.48
CA PHE B 532 5.40 14.55 20.51
C PHE B 532 5.59 15.49 21.70
N THR B 533 5.34 14.99 22.90
CA THR B 533 5.57 15.76 24.11
C THR B 533 7.06 15.73 24.42
N ASP B 534 7.73 16.87 24.26
CA ASP B 534 9.15 16.91 24.55
C ASP B 534 9.59 18.04 25.47
N SER B 535 8.68 18.93 25.87
CA SER B 535 8.98 19.90 26.91
C SER B 535 7.81 19.89 27.88
N VAL B 536 8.10 19.58 29.16
CA VAL B 536 7.08 19.45 30.18
C VAL B 536 7.45 20.32 31.37
N ARG B 537 6.52 20.38 32.33
CA ARG B 537 6.66 21.21 33.51
C ARG B 537 6.31 20.38 34.73
N ASP B 538 7.25 20.25 35.66
CA ASP B 538 7.00 19.50 36.87
C ASP B 538 6.06 20.27 37.78
N PRO B 539 5.12 19.60 38.44
CA PRO B 539 4.12 20.33 39.23
C PRO B 539 4.67 20.86 40.54
N GLN B 540 5.69 20.22 41.08
CA GLN B 540 6.39 20.69 42.26
C GLN B 540 7.71 21.32 41.84
N THR B 541 7.97 22.53 42.36
CA THR B 541 9.10 23.39 41.98
C THR B 541 9.11 23.61 40.46
N LEU B 542 8.10 24.36 40.02
CA LEU B 542 7.73 24.53 38.61
C LEU B 542 8.86 25.06 37.74
N GLN B 543 9.36 24.21 36.84
CA GLN B 543 10.40 24.58 35.91
C GLN B 543 10.18 23.77 34.64
N ILE B 544 10.97 24.07 33.62
CA ILE B 544 10.81 23.45 32.31
C ILE B 544 11.84 22.35 32.16
N LEU B 545 11.38 21.14 31.87
CA LEU B 545 12.24 19.99 31.64
C LEU B 545 12.02 19.47 30.23
N ASP B 546 13.11 19.37 29.47
CA ASP B 546 13.07 18.82 28.13
C ASP B 546 13.29 17.31 28.19
N ILE B 547 12.41 16.57 27.54
CA ILE B 547 12.53 15.11 27.43
C ILE B 547 13.33 14.85 26.17
N SER B 548 14.65 14.76 26.34
CA SER B 548 15.47 14.20 25.29
C SER B 548 15.18 12.70 25.20
N PRO B 549 15.18 12.13 23.99
CA PRO B 549 15.07 10.67 23.87
C PRO B 549 16.28 9.99 24.53
N CYS B 550 16.02 8.89 25.20
CA CYS B 550 16.94 8.42 26.23
C CYS B 550 18.12 7.62 25.67
N SER B 551 18.27 7.55 24.35
CA SER B 551 19.51 7.10 23.74
C SER B 551 19.65 7.83 22.42
N PHE B 552 20.55 7.37 21.55
CA PHE B 552 20.76 7.97 20.25
C PHE B 552 20.35 6.99 19.17
N GLY B 553 19.40 7.39 18.34
CA GLY B 553 18.95 6.52 17.27
C GLY B 553 19.87 6.50 16.06
N GLY B 554 20.68 7.55 15.89
CA GLY B 554 21.57 7.63 14.75
C GLY B 554 22.90 6.93 14.98
N VAL B 555 22.85 5.61 15.20
CA VAL B 555 24.04 4.81 15.43
C VAL B 555 24.12 3.79 14.31
N SER B 556 25.24 3.80 13.57
CA SER B 556 25.48 2.85 12.51
C SER B 556 26.57 1.86 12.94
N VAL B 557 26.48 0.65 12.42
CA VAL B 557 27.42 -0.42 12.75
C VAL B 557 28.10 -0.87 11.46
N ILE B 558 29.42 -0.85 11.47
CA ILE B 558 30.24 -1.22 10.31
C ILE B 558 30.92 -2.53 10.64
N THR B 559 30.72 -3.53 9.78
CA THR B 559 31.30 -4.83 10.06
C THR B 559 31.72 -5.49 8.76
N PRO B 560 32.70 -6.38 8.80
CA PRO B 560 32.82 -7.42 7.77
C PRO B 560 31.87 -8.56 8.12
N GLY B 561 31.97 -9.65 7.37
CA GLY B 561 31.12 -10.80 7.62
C GLY B 561 31.45 -11.47 8.94
N THR B 562 30.42 -12.00 9.59
CA THR B 562 30.63 -12.72 10.85
C THR B 562 31.30 -14.06 10.62
N GLN B 563 31.30 -14.57 9.38
CA GLN B 563 32.13 -15.70 9.01
C GLN B 563 33.58 -15.30 8.74
N THR B 564 33.88 -14.00 8.70
CA THR B 564 35.23 -13.52 8.45
C THR B 564 35.95 -13.08 9.71
N SER B 565 35.40 -12.12 10.43
CA SER B 565 36.16 -11.53 11.54
C SER B 565 35.41 -11.46 12.85
N SER B 566 34.09 -11.21 12.81
CA SER B 566 33.27 -10.87 13.99
C SER B 566 33.84 -9.66 14.73
N LYS B 567 34.27 -8.66 13.97
CA LYS B 567 34.83 -7.42 14.52
C LYS B 567 33.94 -6.26 14.07
N VAL B 568 33.75 -5.29 14.97
CA VAL B 568 32.70 -4.29 14.82
C VAL B 568 33.30 -2.90 14.99
N ALA B 569 32.77 -1.92 14.26
CA ALA B 569 33.07 -0.51 14.46
C ALA B 569 31.75 0.26 14.53
N VAL B 570 31.75 1.34 15.30
CA VAL B 570 30.51 2.08 15.58
C VAL B 570 30.65 3.50 15.04
N LEU B 571 29.68 3.94 14.26
CA LEU B 571 29.61 5.30 13.76
C LEU B 571 28.49 6.05 14.45
N TYR B 572 28.82 7.21 15.02
CA TYR B 572 27.85 8.13 15.56
C TYR B 572 27.76 9.34 14.64
N GLN B 573 26.57 9.63 14.14
CA GLN B 573 26.37 10.76 13.24
C GLN B 573 25.72 11.94 13.98
N ASP B 574 25.72 13.09 13.30
CA ASP B 574 25.03 14.33 13.69
C ASP B 574 25.48 14.87 15.03
N VAL B 575 26.70 14.55 15.48
CA VAL B 575 27.16 14.89 16.81
C VAL B 575 28.69 14.83 16.81
N ASN B 576 29.31 15.57 17.74
CA ASN B 576 30.74 15.47 17.99
C ASN B 576 31.02 14.16 18.70
N CYS B 577 32.30 13.86 18.95
CA CYS B 577 32.60 12.58 19.53
C CYS B 577 33.00 12.72 21.00
N THR B 578 33.14 13.96 21.48
CA THR B 578 33.34 14.23 22.90
C THR B 578 32.08 14.04 23.72
N ASP B 579 30.93 14.46 23.19
CA ASP B 579 29.65 14.29 23.86
C ASP B 579 28.96 12.97 23.51
N VAL B 580 29.71 12.01 22.96
CA VAL B 580 29.17 10.65 22.81
C VAL B 580 28.82 10.00 24.14
N PRO B 581 29.62 10.09 25.23
CA PRO B 581 29.11 9.62 26.53
C PRO B 581 27.88 10.35 27.04
N THR B 582 27.71 11.63 26.71
CA THR B 582 26.52 12.36 27.15
C THR B 582 25.28 11.89 26.41
N ALA B 583 25.36 11.77 25.09
CA ALA B 583 24.20 11.37 24.30
C ALA B 583 23.89 9.89 24.46
N LEU B 584 24.92 9.05 24.55
CA LEU B 584 24.72 7.61 24.70
C LEU B 584 24.30 7.24 26.11
N GLY B 585 24.79 7.97 27.12
CA GLY B 585 24.43 7.71 28.50
C GLY B 585 25.03 6.43 29.06
N LEU B 586 26.34 6.42 29.29
CA LEU B 586 27.03 5.20 29.71
C LEU B 586 26.83 4.87 31.19
N ASP B 587 26.02 5.62 31.92
CA ASP B 587 25.72 5.27 33.31
C ASP B 587 24.83 4.03 33.40
N GLN B 588 24.08 3.71 32.35
CA GLN B 588 23.17 2.58 32.37
C GLN B 588 23.51 1.48 31.37
N ILE B 589 24.33 1.74 30.36
CA ILE B 589 24.61 0.74 29.34
C ILE B 589 25.63 -0.26 29.87
N SER B 590 25.81 -1.36 29.15
CA SER B 590 26.62 -2.48 29.62
C SER B 590 28.11 -2.17 29.56
N ALA B 591 28.90 -3.07 30.13
CA ALA B 591 30.34 -2.85 30.24
C ALA B 591 31.04 -3.01 28.91
N ALA B 592 30.55 -3.90 28.04
CA ALA B 592 31.15 -4.04 26.71
C ALA B 592 30.81 -2.87 25.81
N TRP B 593 29.68 -2.22 26.05
CA TRP B 593 29.35 -0.98 25.36
C TRP B 593 30.23 0.19 25.78
N ARG B 594 30.79 0.16 26.99
CA ARG B 594 31.58 1.27 27.49
C ARG B 594 32.95 1.38 26.82
N VAL B 595 33.41 0.31 26.17
CA VAL B 595 34.62 0.42 25.35
C VAL B 595 34.36 1.27 24.12
N TYR B 596 33.19 1.09 23.49
CA TYR B 596 32.88 1.85 22.29
C TYR B 596 32.29 3.23 22.58
N ALA B 597 31.86 3.49 23.82
CA ALA B 597 31.39 4.82 24.18
C ALA B 597 32.54 5.81 24.22
N ILE B 598 33.61 5.46 24.92
CA ILE B 598 34.85 6.24 24.87
C ILE B 598 36.02 5.25 24.88
N GLY B 599 37.03 5.53 24.07
CA GLY B 599 38.14 4.62 23.88
C GLY B 599 39.39 5.31 23.35
N ASN B 600 40.35 4.48 22.97
CA ASN B 600 41.61 4.97 22.40
C ASN B 600 41.55 5.14 20.89
N ASP B 601 40.48 4.68 20.24
CA ASP B 601 40.40 4.66 18.78
C ASP B 601 39.23 5.51 18.26
N VAL B 602 38.94 6.62 18.93
CA VAL B 602 37.93 7.55 18.42
C VAL B 602 38.52 8.35 17.27
N PHE B 603 37.69 8.62 16.26
CA PHE B 603 38.14 9.42 15.12
C PHE B 603 36.96 10.27 14.65
N GLN B 604 37.09 11.58 14.82
CA GLN B 604 36.07 12.53 14.38
C GLN B 604 36.18 12.77 12.88
N THR B 605 35.04 12.87 12.21
CA THR B 605 34.98 13.11 10.77
C THR B 605 33.83 14.08 10.51
N GLN B 606 33.42 14.18 9.25
CA GLN B 606 32.29 15.03 8.91
C GLN B 606 30.96 14.41 9.36
N ALA B 607 30.87 13.08 9.36
CA ALA B 607 29.62 12.39 9.68
C ALA B 607 29.63 11.81 11.09
N GLY B 608 30.18 12.53 12.06
CA GLY B 608 30.20 12.05 13.43
C GLY B 608 31.59 11.60 13.85
N CYS B 609 31.62 10.46 14.53
CA CYS B 609 32.89 9.80 14.78
C CYS B 609 32.77 8.29 14.63
N LEU B 610 33.90 7.68 14.29
CA LEU B 610 34.06 6.24 14.26
C LEU B 610 34.83 5.79 15.50
N VAL B 611 34.32 4.76 16.16
CA VAL B 611 34.98 4.12 17.29
C VAL B 611 35.29 2.69 16.89
N GLY B 612 36.55 2.29 17.05
CA GLY B 612 37.02 0.97 16.66
C GLY B 612 37.89 0.95 15.43
N ALA B 613 38.17 2.10 14.82
CA ALA B 613 38.97 2.15 13.62
C ALA B 613 39.99 3.27 13.72
N GLU B 614 41.17 3.04 13.18
CA GLU B 614 42.27 4.01 13.24
C GLU B 614 42.56 4.58 11.85
N HIS B 615 42.99 5.84 11.83
CA HIS B 615 43.14 6.60 10.61
C HIS B 615 44.55 6.36 10.07
N THR B 616 44.63 6.03 8.78
CA THR B 616 45.90 6.00 8.06
C THR B 616 45.86 7.04 6.94
N ASN B 617 46.98 7.73 6.74
CA ASN B 617 47.04 8.82 5.77
C ASN B 617 46.98 8.30 4.34
N ILE B 618 47.57 7.14 4.08
CA ILE B 618 47.56 6.58 2.74
C ILE B 618 46.16 6.08 2.40
N SER B 619 45.71 6.37 1.18
CA SER B 619 44.35 6.13 0.76
C SER B 619 44.26 4.93 -0.18
N TYR B 620 43.21 4.13 0.00
CA TYR B 620 42.97 2.99 -0.88
C TYR B 620 41.58 3.08 -1.49
N GLU B 621 41.16 2.00 -2.16
CA GLU B 621 39.82 1.92 -2.73
C GLU B 621 38.82 1.67 -1.61
N CYS B 622 37.63 2.25 -1.74
CA CYS B 622 36.60 2.14 -0.72
C CYS B 622 36.00 0.74 -0.70
N ASP B 623 36.05 0.08 0.46
CA ASP B 623 35.40 -1.21 0.67
C ASP B 623 34.01 -1.04 1.27
N ILE B 624 33.93 -0.44 2.45
CA ILE B 624 32.67 -0.18 3.14
C ILE B 624 32.43 1.33 3.11
N PRO B 625 31.40 1.82 2.43
CA PRO B 625 31.17 3.28 2.37
C PRO B 625 30.64 3.85 3.68
N ILE B 626 31.50 4.56 4.40
CA ILE B 626 31.05 5.25 5.61
C ILE B 626 30.18 6.44 5.25
N GLY B 627 30.61 7.23 4.27
CA GLY B 627 29.96 8.45 3.90
C GLY B 627 30.81 9.67 4.23
N ALA B 628 30.46 10.77 3.54
CA ALA B 628 31.12 12.08 3.65
C ALA B 628 32.61 12.01 3.33
N GLY B 629 32.99 11.12 2.40
CA GLY B 629 34.33 11.07 1.88
C GLY B 629 35.25 10.04 2.52
N VAL B 630 34.92 9.57 3.73
CA VAL B 630 35.76 8.60 4.41
C VAL B 630 35.21 7.20 4.15
N CYS B 631 36.09 6.21 4.29
CA CYS B 631 35.74 4.82 4.02
C CYS B 631 36.45 3.93 5.03
N ALA B 632 36.01 2.68 5.09
CA ALA B 632 36.62 1.69 5.98
C ALA B 632 36.84 0.40 5.21
N SER B 633 37.79 -0.40 5.69
CA SER B 633 38.13 -1.65 5.05
C SER B 633 38.64 -2.61 6.11
N TYR B 634 38.87 -3.85 5.69
CA TYR B 634 39.42 -4.87 6.58
C TYR B 634 40.75 -5.41 6.10
N ASN B 635 41.02 -5.34 4.79
CA ASN B 635 42.29 -5.82 4.25
C ASN B 635 43.46 -4.97 4.75
N SER B 636 43.27 -3.66 4.83
CA SER B 636 44.26 -2.66 5.27
C SER B 636 45.59 -2.74 4.52
N THR B 643 47.26 -6.77 13.27
CA THR B 643 47.11 -7.87 12.33
C THR B 643 45.65 -8.25 12.15
N ASN B 644 44.79 -7.71 13.01
CA ASN B 644 43.35 -7.95 12.91
C ASN B 644 42.64 -6.68 13.42
N SER B 645 42.29 -5.80 12.49
CA SER B 645 41.61 -4.55 12.82
C SER B 645 40.88 -4.04 11.60
N ILE B 646 39.90 -3.18 11.85
CA ILE B 646 39.19 -2.47 10.79
C ILE B 646 39.86 -1.12 10.57
N ILE B 647 40.30 -0.89 9.35
CA ILE B 647 41.05 0.32 9.04
C ILE B 647 40.09 1.35 8.46
N ALA B 648 40.42 2.62 8.62
CA ALA B 648 39.60 3.72 8.11
C ALA B 648 40.50 4.74 7.44
N TYR B 649 40.05 5.27 6.30
CA TYR B 649 40.85 6.19 5.51
C TYR B 649 39.91 7.11 4.75
N ALA B 650 40.48 7.87 3.82
CA ALA B 650 39.71 8.67 2.88
C ALA B 650 39.77 8.02 1.49
N MET B 651 38.77 8.30 0.67
CA MET B 651 38.72 7.72 -0.66
C MET B 651 39.81 8.29 -1.56
N SER B 652 40.55 7.40 -2.21
CA SER B 652 41.47 7.79 -3.27
C SER B 652 40.62 7.93 -4.53
N ILE B 653 40.48 9.18 -5.00
CA ILE B 653 39.71 9.46 -6.20
C ILE B 653 40.49 9.00 -7.42
N GLY B 654 41.80 8.90 -7.28
CA GLY B 654 42.64 8.40 -8.35
C GLY B 654 44.04 8.95 -8.21
N ALA B 655 44.95 8.36 -9.00
CA ALA B 655 46.32 8.83 -9.05
C ALA B 655 46.38 10.15 -9.81
N GLU B 656 47.01 11.15 -9.21
CA GLU B 656 47.07 12.49 -9.78
C GLU B 656 48.06 12.51 -10.94
N SER B 657 47.57 12.83 -12.13
CA SER B 657 48.40 12.86 -13.33
C SER B 657 48.53 14.28 -13.85
N SER B 658 49.46 14.46 -14.79
CA SER B 658 49.70 15.75 -15.41
C SER B 658 50.10 15.54 -16.87
N ILE B 659 49.59 16.39 -17.74
CA ILE B 659 49.89 16.35 -19.17
C ILE B 659 50.54 17.67 -19.56
N ALA B 660 51.65 17.58 -20.29
CA ALA B 660 52.41 18.76 -20.69
C ALA B 660 51.81 19.32 -21.97
N TYR B 661 50.89 20.27 -21.82
CA TYR B 661 50.32 21.00 -22.95
C TYR B 661 51.31 22.08 -23.35
N SER B 662 52.09 21.83 -24.39
CA SER B 662 53.23 22.66 -24.72
C SER B 662 52.98 23.56 -25.93
N ASN B 663 51.72 23.70 -26.35
CA ASN B 663 51.20 24.69 -27.30
C ASN B 663 51.61 24.44 -28.76
N ASN B 664 52.51 23.49 -29.01
CA ASN B 664 52.86 23.13 -30.37
C ASN B 664 53.16 21.65 -30.56
N SER B 665 53.01 20.84 -29.52
CA SER B 665 53.41 19.44 -29.57
C SER B 665 52.20 18.54 -29.49
N ILE B 666 52.26 17.43 -30.23
CA ILE B 666 51.26 16.38 -30.14
C ILE B 666 52.00 15.13 -29.68
N ALA B 667 51.25 14.18 -29.14
CA ALA B 667 51.75 12.83 -28.94
C ALA B 667 50.91 11.88 -29.78
N ILE B 668 51.57 10.99 -30.49
CA ILE B 668 50.95 10.11 -31.47
C ILE B 668 51.18 8.67 -31.03
N PRO B 669 50.16 7.82 -31.01
CA PRO B 669 50.39 6.40 -30.74
C PRO B 669 51.11 5.73 -31.90
N THR B 670 52.09 4.88 -31.56
CA THR B 670 52.85 4.12 -32.53
C THR B 670 52.59 2.63 -32.48
N ASN B 671 51.83 2.14 -31.49
CA ASN B 671 51.50 0.74 -31.37
C ASN B 671 50.17 0.62 -30.65
N PHE B 672 49.49 -0.49 -30.85
CA PHE B 672 48.12 -0.66 -30.37
C PHE B 672 47.97 -1.98 -29.63
N SER B 673 46.74 -2.25 -29.22
CA SER B 673 46.39 -3.50 -28.56
C SER B 673 44.90 -3.72 -28.76
N ILE B 674 44.49 -4.98 -28.59
CA ILE B 674 43.09 -5.38 -28.67
C ILE B 674 42.74 -6.08 -27.38
N GLN B 675 41.68 -5.62 -26.72
CA GLN B 675 41.24 -6.22 -25.48
C GLN B 675 39.73 -6.47 -25.52
N VAL B 676 39.30 -7.51 -24.81
CA VAL B 676 37.90 -7.91 -24.78
C VAL B 676 37.33 -7.59 -23.41
N THR B 677 36.23 -6.85 -23.39
CA THR B 677 35.58 -6.40 -22.16
C THR B 677 34.24 -7.11 -22.02
N THR B 678 33.91 -7.46 -20.77
CA THR B 678 32.71 -8.23 -20.47
C THR B 678 31.69 -7.33 -19.78
N GLU B 679 30.49 -7.26 -20.34
CA GLU B 679 29.39 -6.51 -19.72
C GLU B 679 28.21 -7.44 -19.50
N VAL B 680 27.61 -7.37 -18.32
CA VAL B 680 26.55 -8.29 -17.92
C VAL B 680 25.27 -7.47 -17.71
N LEU B 681 24.18 -7.90 -18.36
CA LEU B 681 22.91 -7.19 -18.27
C LEU B 681 21.78 -8.18 -17.98
N PRO B 682 20.99 -7.96 -16.94
CA PRO B 682 19.81 -8.82 -16.71
C PRO B 682 18.73 -8.58 -17.75
N VAL B 683 17.88 -9.59 -17.93
CA VAL B 683 16.85 -9.57 -18.96
C VAL B 683 15.46 -9.77 -18.37
N SER B 684 15.29 -10.72 -17.45
CA SER B 684 14.01 -11.01 -16.84
C SER B 684 14.22 -11.49 -15.42
N VAL B 685 13.13 -11.57 -14.66
CA VAL B 685 13.18 -12.21 -13.34
C VAL B 685 12.26 -13.43 -13.40
N SER B 686 12.21 -14.19 -12.30
CA SER B 686 11.36 -15.36 -12.25
C SER B 686 9.88 -14.97 -12.26
N LYS B 687 9.10 -15.64 -13.10
CA LYS B 687 7.69 -15.33 -13.28
C LYS B 687 6.91 -15.97 -12.14
N THR B 688 6.68 -15.21 -11.07
CA THR B 688 6.02 -15.71 -9.88
C THR B 688 4.53 -15.41 -9.97
N SER B 689 3.71 -16.45 -9.87
CA SER B 689 2.26 -16.32 -9.86
C SER B 689 1.73 -16.80 -8.52
N VAL B 690 0.94 -15.96 -7.86
CA VAL B 690 0.36 -16.27 -6.57
C VAL B 690 -1.11 -16.63 -6.81
N ASP B 691 -1.69 -17.38 -5.89
CA ASP B 691 -3.06 -17.85 -6.02
C ASP B 691 -3.94 -17.23 -4.94
N CYS B 692 -5.23 -17.09 -5.27
CA CYS B 692 -6.21 -16.56 -4.32
C CYS B 692 -6.49 -17.56 -3.22
N THR B 693 -6.98 -18.73 -3.59
CA THR B 693 -7.06 -19.85 -2.67
C THR B 693 -5.64 -20.33 -2.36
N MET B 694 -5.47 -20.95 -1.18
CA MET B 694 -4.31 -21.65 -0.64
C MET B 694 -3.25 -20.65 -0.14
N TYR B 695 -3.38 -19.34 -0.41
CA TYR B 695 -2.48 -18.39 0.20
C TYR B 695 -3.06 -17.87 1.51
N ILE B 696 -4.20 -17.19 1.45
CA ILE B 696 -4.81 -16.64 2.65
C ILE B 696 -5.50 -17.74 3.44
N CYS B 697 -6.29 -18.55 2.75
CA CYS B 697 -7.16 -19.53 3.37
C CYS B 697 -6.58 -20.91 3.13
N GLY B 698 -6.29 -21.63 4.22
CA GLY B 698 -5.77 -22.98 4.09
C GLY B 698 -6.85 -23.99 3.79
N ASP B 699 -7.43 -23.88 2.58
CA ASP B 699 -8.59 -24.66 2.13
C ASP B 699 -9.77 -24.54 3.09
N SER B 700 -9.96 -23.35 3.65
CA SER B 700 -10.98 -23.11 4.64
C SER B 700 -12.25 -22.59 3.99
N GLN B 701 -13.39 -23.14 4.41
CA GLN B 701 -14.66 -22.76 3.80
C GLN B 701 -15.10 -21.36 4.23
N GLU B 702 -14.96 -21.04 5.53
CA GLU B 702 -15.40 -19.74 6.03
C GLU B 702 -14.48 -18.62 5.55
N CYS B 703 -13.18 -18.88 5.49
CA CYS B 703 -12.23 -17.91 4.95
C CYS B 703 -12.49 -17.63 3.47
N ASN B 704 -12.78 -18.67 2.70
CA ASN B 704 -13.11 -18.48 1.28
C ASN B 704 -14.43 -17.74 1.12
N LYS B 705 -15.40 -18.05 1.99
CA LYS B 705 -16.71 -17.39 1.96
C LYS B 705 -16.57 -15.89 2.25
N LEU B 706 -15.71 -15.53 3.20
CA LEU B 706 -15.40 -14.12 3.39
C LEU B 706 -14.56 -13.55 2.26
N LEU B 707 -13.74 -14.32 1.56
CA LEU B 707 -12.91 -13.64 0.55
C LEU B 707 -13.81 -13.44 -0.66
N LEU B 708 -15.01 -14.02 -0.67
CA LEU B 708 -15.85 -13.90 -1.89
C LEU B 708 -16.44 -12.50 -1.88
N GLN B 709 -15.93 -11.63 -1.01
CA GLN B 709 -16.35 -10.19 -1.02
C GLN B 709 -15.12 -9.41 -1.50
N TYR B 710 -14.01 -10.10 -1.75
CA TYR B 710 -12.78 -9.50 -2.26
C TYR B 710 -12.33 -10.20 -3.55
N GLY B 711 -13.27 -10.53 -4.42
CA GLY B 711 -12.91 -11.21 -5.66
C GLY B 711 -12.15 -10.32 -6.63
N SER B 712 -12.54 -9.05 -6.72
CA SER B 712 -11.92 -8.13 -7.67
C SER B 712 -10.47 -7.81 -7.29
N PHE B 713 -10.15 -7.86 -5.99
CA PHE B 713 -8.77 -7.64 -5.56
C PHE B 713 -7.84 -8.71 -6.09
N CYS B 714 -8.21 -9.98 -5.91
CA CYS B 714 -7.36 -11.04 -6.42
C CYS B 714 -7.43 -11.17 -7.93
N ALA B 715 -8.53 -10.70 -8.55
CA ALA B 715 -8.55 -10.55 -10.00
C ALA B 715 -7.50 -9.55 -10.48
N GLN B 716 -7.38 -8.41 -9.77
CA GLN B 716 -6.33 -7.44 -10.05
C GLN B 716 -4.94 -8.05 -9.89
N LEU B 717 -4.72 -8.79 -8.80
CA LEU B 717 -3.41 -9.35 -8.51
C LEU B 717 -3.01 -10.40 -9.55
N ASN B 718 -3.93 -11.30 -9.90
CA ASN B 718 -3.65 -12.33 -10.89
C ASN B 718 -3.42 -11.72 -12.27
N ARG B 719 -4.24 -10.73 -12.66
CA ARG B 719 -4.07 -10.09 -13.96
C ARG B 719 -2.76 -9.32 -14.05
N ALA B 720 -2.38 -8.63 -12.97
CA ALA B 720 -1.12 -7.88 -12.96
C ALA B 720 0.08 -8.80 -13.03
N LEU B 721 0.06 -9.90 -12.27
CA LEU B 721 1.21 -10.81 -12.30
C LEU B 721 1.29 -11.58 -13.62
N SER B 722 0.14 -11.94 -14.22
CA SER B 722 0.17 -12.57 -15.53
C SER B 722 0.66 -11.60 -16.60
N GLY B 723 0.28 -10.33 -16.50
CA GLY B 723 0.78 -9.33 -17.43
C GLY B 723 2.28 -9.10 -17.30
N VAL B 724 2.78 -9.14 -16.06
CA VAL B 724 4.22 -8.99 -15.83
C VAL B 724 4.99 -10.20 -16.39
N ALA B 725 4.43 -11.40 -16.24
CA ALA B 725 5.05 -12.61 -16.78
C ALA B 725 5.09 -12.58 -18.31
N VAL B 726 3.97 -12.20 -18.93
CA VAL B 726 3.91 -12.07 -20.38
C VAL B 726 4.84 -10.96 -20.87
N GLU B 727 4.95 -9.89 -20.07
CA GLU B 727 5.85 -8.77 -20.38
C GLU B 727 7.31 -9.20 -20.39
N GLN B 728 7.73 -10.05 -19.45
CA GLN B 728 9.12 -10.47 -19.49
C GLN B 728 9.38 -11.59 -20.49
N ASP B 729 8.36 -12.38 -20.84
CA ASP B 729 8.49 -13.25 -22.01
C ASP B 729 8.73 -12.42 -23.26
N LYS B 730 8.00 -11.32 -23.40
CA LYS B 730 8.22 -10.39 -24.51
C LYS B 730 9.59 -9.73 -24.44
N ASN B 731 10.08 -9.42 -23.24
CA ASN B 731 11.41 -8.83 -23.07
C ASN B 731 12.51 -9.79 -23.51
N THR B 732 12.41 -11.06 -23.08
CA THR B 732 13.38 -12.09 -23.46
C THR B 732 13.32 -12.37 -24.96
N GLU B 733 12.12 -12.34 -25.55
CA GLU B 733 12.00 -12.48 -27.00
C GLU B 733 12.62 -11.29 -27.73
N ALA B 734 12.41 -10.07 -27.22
CA ALA B 734 12.87 -8.89 -27.93
C ALA B 734 14.39 -8.71 -27.84
N VAL B 735 15.00 -9.15 -26.75
CA VAL B 735 16.44 -8.93 -26.61
C VAL B 735 17.23 -9.95 -27.45
N PHE B 736 16.70 -11.17 -27.59
CA PHE B 736 17.44 -12.23 -28.28
C PHE B 736 16.95 -12.44 -29.71
N ALA B 737 15.64 -12.70 -29.87
CA ALA B 737 15.09 -13.04 -31.18
C ALA B 737 14.90 -11.78 -32.00
N GLN B 738 16.00 -11.36 -32.65
CA GLN B 738 15.96 -10.28 -33.62
C GLN B 738 16.15 -10.78 -35.04
N VAL B 739 17.09 -11.70 -35.25
CA VAL B 739 17.25 -12.35 -36.54
C VAL B 739 16.41 -13.62 -36.54
N LYS B 740 15.79 -13.90 -37.68
CA LYS B 740 14.86 -15.02 -37.80
C LYS B 740 15.52 -16.28 -38.33
N GLN B 741 16.41 -16.15 -39.31
CA GLN B 741 17.07 -17.29 -39.90
C GLN B 741 18.18 -17.75 -38.96
N ILE B 742 18.06 -18.97 -38.44
CA ILE B 742 19.04 -19.53 -37.52
C ILE B 742 20.20 -20.07 -38.37
N TYR B 743 21.27 -19.29 -38.48
CA TYR B 743 22.40 -19.70 -39.29
C TYR B 743 23.22 -20.77 -38.58
N LYS B 744 23.67 -21.76 -39.34
CA LYS B 744 24.44 -22.85 -38.77
C LYS B 744 25.88 -22.42 -38.54
N ALA B 745 26.57 -23.20 -37.71
CA ALA B 745 27.98 -22.95 -37.42
C ALA B 745 28.83 -23.29 -38.65
N PRO B 746 29.93 -22.58 -38.86
CA PRO B 746 30.86 -22.95 -39.93
C PRO B 746 31.58 -24.26 -39.62
N VAL B 747 32.02 -24.92 -40.68
CA VAL B 747 32.70 -26.21 -40.53
C VAL B 747 34.08 -26.03 -39.91
N ILE B 748 34.71 -24.86 -40.07
CA ILE B 748 36.02 -24.58 -39.52
C ILE B 748 35.89 -23.45 -38.51
N LYS B 749 36.38 -23.68 -37.30
CA LYS B 749 36.34 -22.68 -36.25
C LYS B 749 37.49 -21.69 -36.33
N ASP B 750 38.42 -21.87 -37.26
CA ASP B 750 39.55 -20.97 -37.46
C ASP B 750 39.26 -20.12 -38.68
N LEU B 751 38.87 -18.86 -38.45
CA LEU B 751 38.46 -17.94 -39.50
C LEU B 751 39.60 -16.95 -39.73
N GLY B 752 40.53 -17.30 -40.61
CA GLY B 752 41.62 -16.41 -40.94
C GLY B 752 42.65 -16.21 -39.84
N GLY B 753 42.76 -17.16 -38.91
CA GLY B 753 43.68 -17.06 -37.81
C GLY B 753 43.04 -16.71 -36.48
N PHE B 754 41.78 -16.28 -36.47
CA PHE B 754 41.08 -15.94 -35.24
C PHE B 754 40.34 -17.16 -34.73
N ASN B 755 40.68 -17.61 -33.52
CA ASN B 755 40.04 -18.79 -32.96
C ASN B 755 38.63 -18.46 -32.49
N PHE B 756 37.67 -19.31 -32.86
CA PHE B 756 36.28 -19.12 -32.51
C PHE B 756 35.68 -20.32 -31.77
N SER B 757 36.51 -21.28 -31.37
CA SER B 757 36.01 -22.49 -30.72
C SER B 757 35.50 -22.21 -29.31
N GLN B 758 35.94 -21.13 -28.68
CA GLN B 758 35.45 -20.79 -27.34
C GLN B 758 34.03 -20.25 -27.41
N LEU B 759 33.72 -19.44 -28.42
CA LEU B 759 32.42 -18.80 -28.54
C LEU B 759 31.34 -19.74 -29.07
N LEU B 760 31.69 -20.67 -29.94
CA LEU B 760 30.71 -21.56 -30.54
C LEU B 760 30.71 -22.91 -29.85
N PRO B 761 29.58 -23.62 -29.82
CA PRO B 761 29.57 -24.97 -29.25
C PRO B 761 30.35 -25.95 -30.11
N ASP B 762 30.89 -26.96 -29.45
CA ASP B 762 31.62 -28.00 -30.16
C ASP B 762 30.66 -28.88 -30.98
N PRO B 763 31.08 -29.34 -32.16
CA PRO B 763 30.16 -30.15 -32.98
C PRO B 763 29.94 -31.56 -32.46
N THR B 764 30.83 -32.07 -31.62
CA THR B 764 30.70 -33.43 -31.10
C THR B 764 29.96 -33.46 -29.77
N LYS B 765 28.79 -32.83 -29.73
CA LYS B 765 27.95 -32.74 -28.55
C LYS B 765 26.51 -32.52 -29.01
N PRO B 766 25.53 -33.14 -28.36
CA PRO B 766 24.13 -32.88 -28.72
C PRO B 766 23.54 -31.62 -28.11
N SER B 767 24.29 -30.92 -27.25
CA SER B 767 23.79 -29.72 -26.61
C SER B 767 23.98 -28.52 -27.54
N GLN B 768 23.70 -27.32 -27.02
CA GLN B 768 23.86 -26.09 -27.79
C GLN B 768 24.65 -25.01 -27.06
N ARG B 769 24.72 -25.04 -25.73
CA ARG B 769 25.51 -24.06 -25.00
C ARG B 769 26.99 -24.29 -25.24
N SER B 770 27.72 -23.20 -25.43
CA SER B 770 29.15 -23.27 -25.74
C SER B 770 29.95 -23.44 -24.45
N PHE B 771 31.28 -23.38 -24.58
CA PHE B 771 32.13 -23.55 -23.41
C PHE B 771 32.05 -22.34 -22.49
N ILE B 772 32.04 -21.14 -23.06
CA ILE B 772 31.92 -19.92 -22.26
C ILE B 772 30.54 -19.84 -21.62
N GLU B 773 29.51 -20.27 -22.35
CA GLU B 773 28.16 -20.32 -21.78
C GLU B 773 28.06 -21.37 -20.68
N ASP B 774 28.80 -22.47 -20.80
CA ASP B 774 28.83 -23.45 -19.71
C ASP B 774 29.53 -22.90 -18.48
N LEU B 775 30.62 -22.14 -18.68
CA LEU B 775 31.28 -21.47 -17.57
C LEU B 775 30.36 -20.44 -16.90
N LEU B 776 29.60 -19.69 -17.71
CA LEU B 776 28.67 -18.70 -17.17
C LEU B 776 27.51 -19.36 -16.43
N PHE B 777 27.07 -20.53 -16.90
CA PHE B 777 26.03 -21.26 -16.20
C PHE B 777 26.54 -21.83 -14.89
N ASP B 778 27.82 -22.24 -14.86
CA ASP B 778 28.39 -22.75 -13.62
C ASP B 778 28.72 -21.66 -12.61
N LYS B 779 28.97 -20.43 -13.07
CA LYS B 779 29.20 -19.34 -12.12
C LYS B 779 27.92 -18.95 -11.39
N VAL B 780 26.83 -18.76 -12.13
CA VAL B 780 25.58 -18.30 -11.56
C VAL B 780 24.86 -19.48 -10.94
N THR B 781 24.58 -19.39 -9.64
CA THR B 781 23.89 -20.44 -8.91
C THR B 781 22.46 -19.98 -8.61
N LEU B 782 21.50 -20.81 -8.94
CA LEU B 782 20.09 -20.47 -8.76
C LEU B 782 19.48 -21.23 -7.58
N GLN B 807 6.86 -23.29 -0.01
CA GLN B 807 5.81 -22.26 0.05
C GLN B 807 4.76 -22.53 -1.00
N LYS B 808 4.78 -23.70 -1.64
CA LYS B 808 3.83 -23.91 -2.76
C LYS B 808 2.42 -24.09 -2.17
N PHE B 809 2.32 -24.59 -0.93
CA PHE B 809 0.99 -24.68 -0.24
C PHE B 809 0.56 -23.27 0.14
N ASN B 810 1.35 -22.24 -0.19
CA ASN B 810 0.95 -20.83 0.04
C ASN B 810 0.53 -20.27 -1.32
N GLY B 811 0.75 -21.02 -2.41
CA GLY B 811 0.26 -20.59 -3.74
C GLY B 811 1.24 -19.76 -4.54
N LEU B 812 2.51 -19.79 -4.20
CA LEU B 812 3.59 -19.05 -4.84
C LEU B 812 4.29 -19.99 -5.81
N THR B 813 3.83 -19.98 -7.06
CA THR B 813 4.31 -20.90 -8.08
C THR B 813 5.17 -20.16 -9.09
N VAL B 814 6.31 -20.72 -9.48
CA VAL B 814 7.19 -20.07 -10.49
C VAL B 814 7.03 -20.69 -11.88
N LEU B 815 6.18 -20.14 -12.73
CA LEU B 815 5.94 -20.66 -14.10
C LEU B 815 7.29 -20.68 -14.82
N PRO B 816 7.56 -21.62 -15.74
CA PRO B 816 8.89 -21.71 -16.34
C PRO B 816 8.97 -20.72 -17.45
N PRO B 817 10.13 -20.18 -17.82
CA PRO B 817 10.12 -19.22 -18.93
C PRO B 817 9.70 -19.86 -20.24
N LEU B 818 9.13 -19.02 -21.11
CA LEU B 818 8.64 -19.49 -22.41
C LEU B 818 9.78 -19.97 -23.30
N LEU B 819 10.87 -19.22 -23.34
CA LEU B 819 12.06 -19.64 -24.08
C LEU B 819 12.98 -20.42 -23.15
N THR B 820 13.18 -21.69 -23.45
CA THR B 820 14.12 -22.49 -22.69
C THR B 820 15.55 -22.09 -23.03
N ASP B 821 16.49 -22.56 -22.20
CA ASP B 821 17.88 -22.13 -22.34
C ASP B 821 18.54 -22.70 -23.60
N GLU B 822 18.01 -23.81 -24.13
CA GLU B 822 18.56 -24.37 -25.36
C GLU B 822 18.22 -23.50 -26.57
N MET B 823 17.01 -22.94 -26.61
CA MET B 823 16.65 -22.04 -27.70
C MET B 823 17.40 -20.71 -27.61
N ILE B 824 17.65 -20.24 -26.39
CA ILE B 824 18.46 -19.03 -26.21
C ILE B 824 19.91 -19.30 -26.62
N ALA B 825 20.41 -20.50 -26.33
CA ALA B 825 21.75 -20.89 -26.79
C ALA B 825 21.81 -20.99 -28.31
N ALA B 826 20.74 -21.48 -28.93
CA ALA B 826 20.67 -21.52 -30.40
C ALA B 826 20.66 -20.12 -30.99
N TYR B 827 19.94 -19.19 -30.34
CA TYR B 827 19.95 -17.79 -30.77
C TYR B 827 21.34 -17.17 -30.66
N THR B 828 22.04 -17.41 -29.55
CA THR B 828 23.38 -16.83 -29.38
C THR B 828 24.37 -17.45 -30.36
N SER B 829 24.26 -18.76 -30.62
CA SER B 829 25.12 -19.41 -31.60
C SER B 829 24.84 -18.88 -33.01
N ALA B 830 23.57 -18.63 -33.33
CA ALA B 830 23.21 -18.07 -34.62
C ALA B 830 23.75 -16.64 -34.78
N LEU B 831 23.67 -15.83 -33.72
CA LEU B 831 24.19 -14.47 -33.79
C LEU B 831 25.70 -14.43 -33.92
N VAL B 832 26.41 -15.29 -33.17
CA VAL B 832 27.87 -15.30 -33.24
C VAL B 832 28.35 -15.84 -34.57
N SER B 833 27.69 -16.89 -35.10
CA SER B 833 28.04 -17.40 -36.42
C SER B 833 27.69 -16.42 -37.53
N GLY B 834 26.63 -15.64 -37.36
CA GLY B 834 26.31 -14.60 -38.33
C GLY B 834 27.32 -13.48 -38.33
N THR B 835 27.80 -13.08 -37.15
CA THR B 835 28.84 -12.07 -37.10
C THR B 835 30.18 -12.61 -37.62
N ALA B 836 30.41 -13.91 -37.48
CA ALA B 836 31.64 -14.49 -37.98
C ALA B 836 31.61 -14.65 -39.51
N THR B 837 30.47 -15.07 -40.08
CA THR B 837 30.40 -15.35 -41.50
C THR B 837 29.95 -14.14 -42.31
N ALA B 838 28.82 -13.55 -41.94
CA ALA B 838 28.32 -12.39 -42.66
C ALA B 838 29.01 -11.11 -42.17
N GLY B 839 28.55 -9.98 -42.66
CA GLY B 839 29.15 -8.70 -42.29
C GLY B 839 28.22 -7.80 -41.51
N TRP B 840 28.11 -6.55 -41.95
CA TRP B 840 27.20 -5.58 -41.34
C TRP B 840 25.76 -5.82 -41.72
N THR B 841 25.51 -6.57 -42.79
CA THR B 841 24.18 -6.83 -43.32
C THR B 841 23.55 -8.09 -42.75
N PHE B 842 23.92 -8.45 -41.51
CA PHE B 842 23.37 -9.64 -40.87
C PHE B 842 21.88 -9.42 -40.59
N GLY B 843 21.49 -8.23 -40.17
CA GLY B 843 20.09 -7.95 -39.91
C GLY B 843 19.38 -7.35 -41.10
N ILE B 844 20.09 -6.55 -41.89
CA ILE B 844 19.50 -5.88 -43.05
C ILE B 844 19.53 -6.86 -44.22
N GLY B 845 18.37 -7.35 -44.62
CA GLY B 845 18.30 -8.31 -45.70
C GLY B 845 18.83 -9.68 -45.30
N ALA B 846 19.26 -10.43 -46.30
CA ALA B 846 19.85 -11.74 -46.07
C ALA B 846 21.31 -11.60 -45.64
N ALA B 847 21.93 -12.74 -45.32
CA ALA B 847 23.32 -12.75 -44.86
C ALA B 847 24.24 -12.84 -46.07
N LEU B 848 25.04 -11.81 -46.28
CA LEU B 848 25.99 -11.74 -47.38
C LEU B 848 27.34 -12.21 -46.85
N GLN B 849 27.92 -13.23 -47.50
CA GLN B 849 29.16 -13.82 -47.00
C GLN B 849 30.34 -12.87 -47.23
N VAL B 850 31.14 -12.67 -46.19
CA VAL B 850 32.33 -11.82 -46.24
C VAL B 850 33.44 -12.55 -45.49
N PRO B 851 34.66 -12.64 -46.02
CA PRO B 851 35.77 -13.23 -45.26
C PRO B 851 36.07 -12.42 -43.99
N PHE B 852 36.47 -13.14 -42.94
CA PHE B 852 36.61 -12.51 -41.62
C PHE B 852 37.81 -11.58 -41.55
N ALA B 853 38.85 -11.84 -42.37
CA ALA B 853 39.98 -10.93 -42.42
C ALA B 853 39.58 -9.59 -43.00
N MET B 854 38.85 -9.60 -44.11
CA MET B 854 38.34 -8.34 -44.66
C MET B 854 37.23 -7.77 -43.82
N GLN B 855 36.47 -8.61 -43.11
CA GLN B 855 35.46 -8.11 -42.19
C GLN B 855 36.09 -7.30 -41.06
N MET B 856 37.18 -7.81 -40.48
CA MET B 856 37.90 -7.05 -39.46
C MET B 856 38.61 -5.84 -40.06
N ALA B 857 39.04 -5.94 -41.33
CA ALA B 857 39.69 -4.82 -41.99
C ALA B 857 38.74 -3.64 -42.19
N TYR B 858 37.50 -3.91 -42.59
CA TYR B 858 36.50 -2.85 -42.69
C TYR B 858 35.84 -2.54 -41.35
N ARG B 859 36.04 -3.35 -40.32
CA ARG B 859 35.79 -2.85 -38.97
C ARG B 859 36.81 -1.78 -38.60
N PHE B 860 38.08 -1.98 -39.00
CA PHE B 860 39.12 -0.97 -38.77
C PHE B 860 38.88 0.29 -39.61
N ASN B 861 38.35 0.13 -40.82
CA ASN B 861 38.17 1.27 -41.71
C ASN B 861 37.03 2.18 -41.27
N GLY B 862 36.17 1.72 -40.36
CA GLY B 862 35.08 2.54 -39.87
C GLY B 862 35.43 3.23 -38.57
N ILE B 863 36.73 3.37 -38.29
CA ILE B 863 37.22 3.95 -37.05
C ILE B 863 38.07 5.19 -37.33
N GLY B 864 39.03 5.08 -38.23
CA GLY B 864 39.99 6.14 -38.48
C GLY B 864 41.34 5.53 -38.72
N VAL B 865 41.47 4.26 -38.35
CA VAL B 865 42.66 3.47 -38.68
C VAL B 865 42.57 3.06 -40.14
N THR B 866 43.63 3.32 -40.89
CA THR B 866 43.66 3.00 -42.31
C THR B 866 43.71 1.48 -42.48
N GLN B 867 43.05 0.98 -43.54
CA GLN B 867 42.85 -0.44 -43.79
C GLN B 867 44.15 -1.23 -43.93
N ASN B 868 45.27 -0.56 -44.23
CA ASN B 868 46.54 -1.26 -44.45
C ASN B 868 47.12 -1.83 -43.17
N VAL B 869 46.65 -1.35 -42.01
CA VAL B 869 47.29 -1.67 -40.73
C VAL B 869 47.10 -3.14 -40.39
N LEU B 870 45.91 -3.67 -40.62
CA LEU B 870 45.60 -5.06 -40.30
C LEU B 870 46.35 -6.05 -41.19
N TYR B 871 46.75 -5.64 -42.38
CA TYR B 871 47.37 -6.54 -43.34
C TYR B 871 48.88 -6.62 -43.20
N GLU B 872 49.46 -5.96 -42.19
CA GLU B 872 50.88 -6.12 -41.91
C GLU B 872 51.15 -7.02 -40.72
N ASN B 873 50.28 -7.01 -39.71
CA ASN B 873 50.45 -7.80 -38.50
C ASN B 873 49.15 -8.51 -38.14
N GLN B 874 48.58 -9.20 -39.13
CA GLN B 874 47.34 -9.95 -38.90
C GLN B 874 47.55 -11.09 -37.92
N LYS B 875 48.73 -11.72 -37.96
CA LYS B 875 49.06 -12.77 -36.99
C LYS B 875 49.16 -12.22 -35.58
N LEU B 876 49.75 -11.03 -35.43
CA LEU B 876 49.84 -10.39 -34.12
C LEU B 876 48.46 -10.03 -33.58
N ILE B 877 47.59 -9.53 -34.45
CA ILE B 877 46.22 -9.18 -34.06
C ILE B 877 45.43 -10.43 -33.67
N ALA B 878 45.57 -11.50 -34.45
CA ALA B 878 44.87 -12.75 -34.15
C ALA B 878 45.37 -13.38 -32.86
N ASN B 879 46.68 -13.33 -32.61
CA ASN B 879 47.22 -13.85 -31.36
C ASN B 879 46.82 -12.99 -30.18
N GLN B 880 46.69 -11.67 -30.38
CA GLN B 880 46.17 -10.81 -29.32
C GLN B 880 44.72 -11.13 -29.00
N PHE B 881 43.91 -11.42 -30.03
CA PHE B 881 42.51 -11.79 -29.84
C PHE B 881 42.41 -13.13 -29.10
N ASN B 882 43.26 -14.10 -29.48
CA ASN B 882 43.27 -15.40 -28.80
C ASN B 882 43.72 -15.28 -27.35
N SER B 883 44.73 -14.45 -27.09
CA SER B 883 45.20 -14.23 -25.73
C SER B 883 44.14 -13.52 -24.88
N ALA B 884 43.42 -12.57 -25.48
CA ALA B 884 42.34 -11.90 -24.75
C ALA B 884 41.19 -12.83 -24.45
N ILE B 885 40.87 -13.74 -25.38
CA ILE B 885 39.83 -14.75 -25.15
C ILE B 885 40.23 -15.69 -24.02
N GLY B 886 41.49 -16.14 -24.02
CA GLY B 886 41.98 -16.98 -22.94
C GLY B 886 42.00 -16.24 -21.60
N LYS B 887 42.33 -14.96 -21.62
CA LYS B 887 42.38 -14.18 -20.38
C LYS B 887 40.98 -13.92 -19.82
N ILE B 888 39.98 -13.67 -20.68
CA ILE B 888 38.64 -13.48 -20.14
C ILE B 888 38.04 -14.82 -19.71
N GLN B 889 38.45 -15.92 -20.35
CA GLN B 889 38.01 -17.23 -19.87
C GLN B 889 38.60 -17.54 -18.50
N ASP B 890 39.88 -17.20 -18.29
CA ASP B 890 40.50 -17.39 -16.98
C ASP B 890 39.90 -16.45 -15.94
N SER B 891 39.51 -15.24 -16.34
CA SER B 891 38.87 -14.30 -15.43
C SER B 891 37.47 -14.76 -15.05
N LEU B 892 36.76 -15.42 -15.98
CA LEU B 892 35.47 -16.00 -15.63
C LEU B 892 35.64 -17.21 -14.73
N SER B 893 36.72 -17.98 -14.92
CA SER B 893 36.92 -19.17 -14.10
C SER B 893 37.35 -18.82 -12.69
N SER B 894 38.16 -17.77 -12.51
CA SER B 894 38.72 -17.47 -11.20
C SER B 894 37.75 -16.69 -10.32
N THR B 895 37.38 -15.48 -10.74
CA THR B 895 36.65 -14.56 -9.89
C THR B 895 35.15 -14.83 -9.98
N ALA B 896 34.52 -15.10 -8.83
CA ALA B 896 33.10 -15.37 -8.74
C ALA B 896 32.29 -14.11 -8.42
N SER B 897 32.77 -12.93 -8.83
CA SER B 897 32.08 -11.67 -8.56
C SER B 897 31.88 -10.84 -9.82
N ALA B 898 32.25 -11.35 -10.99
CA ALA B 898 32.07 -10.60 -12.23
C ALA B 898 30.61 -10.57 -12.66
N LEU B 899 29.86 -11.62 -12.36
CA LEU B 899 28.44 -11.72 -12.72
C LEU B 899 27.54 -11.48 -11.51
N GLY B 900 27.90 -10.52 -10.66
CA GLY B 900 27.15 -10.29 -9.43
C GLY B 900 25.81 -9.63 -9.65
N LYS B 901 25.56 -9.04 -10.83
CA LYS B 901 24.28 -8.37 -11.07
C LYS B 901 23.14 -9.37 -11.21
N LEU B 902 23.39 -10.49 -11.90
CA LEU B 902 22.38 -11.54 -12.04
C LEU B 902 22.09 -12.19 -10.70
N GLN B 903 23.13 -12.43 -9.90
CA GLN B 903 22.94 -12.97 -8.56
C GLN B 903 22.23 -11.98 -7.66
N ASP B 904 22.44 -10.68 -7.88
CA ASP B 904 21.69 -9.65 -7.16
C ASP B 904 20.21 -9.68 -7.53
N VAL B 905 19.91 -9.91 -8.81
CA VAL B 905 18.51 -10.00 -9.25
C VAL B 905 17.83 -11.22 -8.64
N VAL B 906 18.51 -12.37 -8.67
CA VAL B 906 17.96 -13.61 -8.09
C VAL B 906 17.82 -13.47 -6.57
N ASN B 907 18.78 -12.80 -5.92
CA ASN B 907 18.71 -12.57 -4.49
C ASN B 907 17.56 -11.62 -4.14
N GLN B 908 17.29 -10.63 -5.00
CA GLN B 908 16.17 -9.73 -4.76
C GLN B 908 14.83 -10.45 -4.87
N ASN B 909 14.70 -11.33 -5.87
CA ASN B 909 13.48 -12.12 -6.01
C ASN B 909 13.28 -13.08 -4.82
N ALA B 910 14.36 -13.74 -4.40
CA ALA B 910 14.29 -14.65 -3.27
C ALA B 910 14.01 -13.91 -1.96
N GLN B 911 14.57 -12.71 -1.82
CA GLN B 911 14.31 -11.90 -0.63
C GLN B 911 12.87 -11.40 -0.59
N ALA B 912 12.30 -11.08 -1.76
CA ALA B 912 10.90 -10.68 -1.81
C ALA B 912 9.97 -11.84 -1.45
N LEU B 913 10.26 -13.04 -1.97
CA LEU B 913 9.43 -14.20 -1.64
C LEU B 913 9.57 -14.59 -0.17
N ASN B 914 10.80 -14.52 0.37
CA ASN B 914 11.02 -14.81 1.78
C ASN B 914 10.37 -13.75 2.67
N THR B 915 10.35 -12.49 2.22
CA THR B 915 9.65 -11.44 2.94
C THR B 915 8.15 -11.70 2.97
N LEU B 916 7.58 -12.17 1.85
CA LEU B 916 6.16 -12.50 1.81
C LEU B 916 5.81 -13.65 2.75
N VAL B 917 6.62 -14.71 2.74
CA VAL B 917 6.33 -15.83 3.63
C VAL B 917 6.68 -15.53 5.07
N LYS B 918 7.49 -14.50 5.34
CA LYS B 918 7.69 -14.03 6.70
C LYS B 918 6.54 -13.16 7.17
N GLN B 919 5.97 -12.34 6.28
CA GLN B 919 4.81 -11.52 6.62
C GLN B 919 3.55 -12.37 6.80
N LEU B 920 3.52 -13.56 6.21
CA LEU B 920 2.43 -14.50 6.48
C LEU B 920 2.38 -14.99 7.92
N SER B 921 3.48 -14.86 8.68
CA SER B 921 3.58 -15.44 10.02
C SER B 921 3.13 -14.50 11.13
N SER B 922 2.62 -13.31 10.81
CA SER B 922 2.14 -12.38 11.81
C SER B 922 0.63 -12.53 11.99
N ASN B 923 0.08 -11.81 12.97
CA ASN B 923 -1.34 -11.92 13.28
C ASN B 923 -2.17 -10.73 12.85
N PHE B 924 -1.53 -9.57 12.62
CA PHE B 924 -2.17 -8.33 12.13
C PHE B 924 -3.29 -7.87 13.07
N GLY B 925 -3.08 -7.99 14.37
CA GLY B 925 -4.04 -7.56 15.36
C GLY B 925 -5.08 -8.57 15.76
N ALA B 926 -5.10 -9.74 15.12
CA ALA B 926 -6.00 -10.80 15.53
C ALA B 926 -5.41 -11.56 16.71
N ILE B 927 -6.16 -12.55 17.22
CA ILE B 927 -5.70 -13.29 18.39
C ILE B 927 -4.62 -14.31 18.06
N SER B 928 -4.43 -14.64 16.80
CA SER B 928 -3.41 -15.61 16.41
C SER B 928 -3.02 -15.37 14.96
N SER B 929 -1.83 -15.89 14.60
CA SER B 929 -1.36 -15.79 13.23
C SER B 929 -2.06 -16.79 12.32
N VAL B 930 -2.40 -17.96 12.83
CA VAL B 930 -2.99 -19.04 12.04
C VAL B 930 -4.50 -19.02 12.25
N LEU B 931 -5.24 -19.44 11.23
CA LEU B 931 -6.70 -19.41 11.27
C LEU B 931 -7.31 -20.64 11.91
N ASN B 932 -6.52 -21.69 12.14
CA ASN B 932 -7.08 -22.96 12.61
C ASN B 932 -7.54 -22.85 14.06
N ASP B 933 -6.70 -22.27 14.92
CA ASP B 933 -7.09 -22.12 16.32
C ASP B 933 -8.15 -21.03 16.50
N ILE B 934 -8.20 -20.06 15.58
CA ILE B 934 -9.25 -19.06 15.62
C ILE B 934 -10.60 -19.68 15.26
N LEU B 935 -10.61 -20.54 14.23
CA LEU B 935 -11.83 -21.24 13.87
C LEU B 935 -12.20 -22.32 14.87
N SER B 936 -11.23 -22.82 15.64
CA SER B 936 -11.50 -23.89 16.59
C SER B 936 -11.95 -23.37 17.95
N ARG B 937 -11.36 -22.27 18.44
CA ARG B 937 -11.66 -21.79 19.78
C ARG B 937 -12.85 -20.84 19.83
N LEU B 938 -13.15 -20.15 18.73
CA LEU B 938 -14.15 -19.10 18.73
C LEU B 938 -15.37 -19.51 17.93
N ASP B 939 -16.51 -18.96 18.32
CA ASP B 939 -17.72 -19.04 17.51
C ASP B 939 -17.57 -18.16 16.27
N LYS B 940 -18.51 -18.33 15.32
CA LYS B 940 -18.38 -17.66 14.03
C LYS B 940 -18.57 -16.14 14.14
N VAL B 941 -19.47 -15.70 15.02
CA VAL B 941 -19.77 -14.28 15.15
C VAL B 941 -18.59 -13.51 15.75
N GLU B 942 -17.74 -14.16 16.53
CA GLU B 942 -16.56 -13.50 17.07
C GLU B 942 -15.33 -13.72 16.19
N ALA B 943 -15.21 -14.91 15.58
CA ALA B 943 -14.07 -15.18 14.72
C ALA B 943 -14.16 -14.48 13.38
N GLU B 944 -15.35 -13.94 13.03
CA GLU B 944 -15.50 -13.21 11.77
C GLU B 944 -14.61 -11.97 11.74
N VAL B 945 -14.52 -11.25 12.85
CA VAL B 945 -13.70 -10.04 12.92
C VAL B 945 -12.22 -10.39 12.84
N GLN B 946 -11.80 -11.46 13.51
CA GLN B 946 -10.40 -11.87 13.47
C GLN B 946 -9.97 -12.34 12.08
N ILE B 947 -10.83 -13.12 11.42
CA ILE B 947 -10.55 -13.56 10.06
C ILE B 947 -10.56 -12.39 9.09
N ASP B 948 -11.44 -11.39 9.33
CA ASP B 948 -11.46 -10.18 8.51
C ASP B 948 -10.17 -9.38 8.66
N ARG B 949 -9.67 -9.26 9.89
CA ARG B 949 -8.40 -8.55 10.11
C ARG B 949 -7.23 -9.28 9.46
N LEU B 950 -7.21 -10.61 9.56
CA LEU B 950 -6.14 -11.39 8.93
C LEU B 950 -6.19 -11.33 7.42
N ILE B 951 -7.39 -11.41 6.84
CA ILE B 951 -7.51 -11.37 5.38
C ILE B 951 -7.20 -9.96 4.86
N THR B 952 -7.51 -8.91 5.65
CA THR B 952 -7.14 -7.57 5.24
C THR B 952 -5.64 -7.37 5.26
N GLY B 953 -4.97 -7.85 6.32
CA GLY B 953 -3.52 -7.75 6.38
C GLY B 953 -2.82 -8.52 5.29
N ARG B 954 -3.32 -9.72 4.97
CA ARG B 954 -2.70 -10.50 3.91
C ARG B 954 -2.97 -9.92 2.52
N LEU B 955 -4.14 -9.30 2.32
CA LEU B 955 -4.39 -8.63 1.04
C LEU B 955 -3.48 -7.42 0.86
N GLN B 956 -3.25 -6.64 1.93
CA GLN B 956 -2.31 -5.52 1.80
C GLN B 956 -0.87 -6.01 1.62
N SER B 957 -0.53 -7.16 2.22
CA SER B 957 0.80 -7.73 1.98
C SER B 957 0.98 -8.16 0.53
N LEU B 958 -0.04 -8.80 -0.06
CA LEU B 958 0.02 -9.15 -1.48
C LEU B 958 0.05 -7.91 -2.37
N GLN B 959 -0.69 -6.86 -1.99
CA GLN B 959 -0.68 -5.62 -2.77
C GLN B 959 0.70 -4.96 -2.74
N THR B 960 1.35 -4.97 -1.57
CA THR B 960 2.72 -4.48 -1.46
C THR B 960 3.68 -5.29 -2.32
N TYR B 961 3.54 -6.63 -2.29
CA TYR B 961 4.40 -7.49 -3.09
C TYR B 961 4.20 -7.27 -4.59
N VAL B 962 2.95 -7.10 -5.02
CA VAL B 962 2.65 -6.89 -6.44
C VAL B 962 3.18 -5.53 -6.91
N THR B 963 3.04 -4.50 -6.06
CA THR B 963 3.55 -3.17 -6.41
C THR B 963 5.08 -3.17 -6.51
N GLN B 964 5.75 -3.82 -5.57
CA GLN B 964 7.21 -3.90 -5.63
C GLN B 964 7.69 -4.77 -6.79
N GLN B 965 6.92 -5.80 -7.13
CA GLN B 965 7.23 -6.61 -8.31
C GLN B 965 7.07 -5.79 -9.59
N LEU B 966 6.07 -4.90 -9.63
CA LEU B 966 5.89 -4.02 -10.77
C LEU B 966 7.06 -3.05 -10.92
N ILE B 967 7.54 -2.51 -9.80
CA ILE B 967 8.71 -1.60 -9.84
C ILE B 967 9.96 -2.34 -10.31
N ARG B 968 10.17 -3.56 -9.79
CA ARG B 968 11.32 -4.37 -10.19
C ARG B 968 11.23 -4.75 -11.67
N ALA B 969 10.03 -5.08 -12.14
CA ALA B 969 9.84 -5.40 -13.56
C ALA B 969 10.04 -4.18 -14.44
N ALA B 970 9.74 -2.97 -13.94
CA ALA B 970 10.03 -1.76 -14.69
C ALA B 970 11.53 -1.53 -14.84
N GLU B 971 12.28 -1.74 -13.75
CA GLU B 971 13.75 -1.60 -13.82
C GLU B 971 14.36 -2.65 -14.73
N ILE B 972 13.86 -3.88 -14.65
CA ILE B 972 14.32 -4.96 -15.51
C ILE B 972 13.94 -4.70 -16.97
N ARG B 973 12.77 -4.09 -17.21
CA ARG B 973 12.38 -3.69 -18.57
C ARG B 973 13.32 -2.63 -19.13
N ALA B 974 13.73 -1.66 -18.30
CA ALA B 974 14.69 -0.65 -18.74
C ALA B 974 16.04 -1.29 -19.09
N SER B 975 16.51 -2.22 -18.26
CA SER B 975 17.78 -2.90 -18.54
C SER B 975 17.67 -3.79 -19.78
N ALA B 976 16.53 -4.44 -19.99
CA ALA B 976 16.33 -5.28 -21.16
C ALA B 976 16.26 -4.47 -22.43
N ASN B 977 15.64 -3.29 -22.37
CA ASN B 977 15.63 -2.40 -23.54
C ASN B 977 17.01 -1.85 -23.83
N LEU B 978 17.81 -1.58 -22.79
CA LEU B 978 19.20 -1.19 -23.00
C LEU B 978 20.00 -2.32 -23.64
N ALA B 979 19.76 -3.57 -23.22
CA ALA B 979 20.47 -4.71 -23.81
C ALA B 979 20.02 -4.95 -25.25
N ALA B 980 18.75 -4.74 -25.54
CA ALA B 980 18.26 -4.86 -26.91
C ALA B 980 18.86 -3.79 -27.81
N THR B 981 19.00 -2.57 -27.30
CA THR B 981 19.67 -1.52 -28.06
C THR B 981 21.14 -1.83 -28.27
N LYS B 982 21.79 -2.42 -27.26
CA LYS B 982 23.19 -2.81 -27.37
C LYS B 982 23.37 -3.92 -28.41
N MET B 983 22.45 -4.88 -28.46
CA MET B 983 22.57 -5.92 -29.45
C MET B 983 22.22 -5.42 -30.85
N SER B 984 21.28 -4.48 -30.95
CA SER B 984 20.95 -3.90 -32.25
C SER B 984 22.04 -2.97 -32.78
N GLU B 985 22.87 -2.40 -31.91
CA GLU B 985 23.88 -1.44 -32.35
C GLU B 985 25.30 -1.97 -32.32
N CYS B 986 25.65 -2.85 -31.39
CA CYS B 986 27.02 -3.35 -31.27
C CYS B 986 27.22 -4.75 -31.79
N VAL B 987 26.18 -5.57 -31.86
CA VAL B 987 26.32 -6.94 -32.37
C VAL B 987 25.92 -7.03 -33.83
N LEU B 988 24.73 -6.52 -34.18
CA LEU B 988 24.28 -6.53 -35.57
C LEU B 988 25.04 -5.54 -36.44
N GLY B 989 25.77 -4.62 -35.84
CA GLY B 989 26.57 -3.68 -36.61
C GLY B 989 27.64 -3.07 -35.73
N GLN B 990 28.33 -2.08 -36.29
CA GLN B 990 29.36 -1.35 -35.57
C GLN B 990 28.81 -0.01 -35.10
N SER B 991 28.92 0.25 -33.80
CA SER B 991 28.46 1.48 -33.21
C SER B 991 29.63 2.46 -33.05
N LYS B 992 29.40 3.70 -33.44
CA LYS B 992 30.42 4.75 -33.33
C LYS B 992 30.23 5.63 -32.11
N ARG B 993 29.33 5.24 -31.20
CA ARG B 993 29.18 5.98 -29.96
C ARG B 993 30.37 5.72 -29.04
N VAL B 994 30.85 6.77 -28.39
CA VAL B 994 32.03 6.66 -27.54
C VAL B 994 31.63 6.06 -26.21
N ASP B 995 32.32 4.98 -25.82
CA ASP B 995 32.16 4.30 -24.52
C ASP B 995 30.74 3.78 -24.30
N PHE B 996 30.13 3.26 -25.36
CA PHE B 996 28.83 2.60 -25.26
C PHE B 996 28.99 1.11 -25.00
N CYS B 997 29.79 0.44 -25.83
CA CYS B 997 30.09 -0.99 -25.70
C CYS B 997 31.59 -1.12 -25.51
N GLY B 998 32.04 -1.08 -24.27
CA GLY B 998 33.43 -1.28 -23.93
C GLY B 998 34.26 -0.01 -24.10
N LYS B 999 35.43 -0.02 -23.46
CA LYS B 999 36.37 1.09 -23.54
C LYS B 999 37.29 0.84 -24.73
N GLY B 1000 37.04 1.54 -25.83
CA GLY B 1000 37.82 1.34 -27.03
C GLY B 1000 37.23 2.13 -28.19
N TYR B 1001 37.63 1.73 -29.40
CA TYR B 1001 37.25 2.46 -30.60
C TYR B 1001 36.18 1.74 -31.42
N HIS B 1002 36.37 0.47 -31.76
CA HIS B 1002 35.34 -0.26 -32.46
C HIS B 1002 34.61 -1.18 -31.48
N LEU B 1003 33.31 -1.35 -31.73
CA LEU B 1003 32.39 -1.88 -30.74
C LEU B 1003 31.73 -3.17 -31.23
N MET B 1004 32.51 -4.08 -31.79
CA MET B 1004 31.98 -5.36 -32.26
C MET B 1004 31.93 -6.34 -31.10
N SER B 1005 30.77 -6.94 -30.88
CA SER B 1005 30.53 -7.72 -29.67
C SER B 1005 29.96 -9.09 -30.02
N PHE B 1006 30.18 -10.04 -29.10
CA PHE B 1006 29.57 -11.36 -29.15
C PHE B 1006 28.62 -11.51 -27.98
N PRO B 1007 27.38 -11.93 -28.22
CA PRO B 1007 26.46 -12.17 -27.09
C PRO B 1007 26.48 -13.62 -26.63
N GLN B 1008 26.43 -13.80 -25.31
CA GLN B 1008 26.36 -15.11 -24.70
C GLN B 1008 25.21 -15.12 -23.72
N SER B 1009 24.55 -16.27 -23.61
CA SER B 1009 23.42 -16.38 -22.69
C SER B 1009 23.90 -16.49 -21.25
N ALA B 1010 22.98 -16.24 -20.34
CA ALA B 1010 23.24 -16.36 -18.90
C ALA B 1010 21.89 -16.58 -18.22
N PRO B 1011 21.87 -17.21 -17.02
CA PRO B 1011 20.59 -17.42 -16.33
C PRO B 1011 19.91 -16.13 -15.95
N HIS B 1012 18.80 -15.85 -16.65
CA HIS B 1012 18.11 -14.57 -16.65
C HIS B 1012 19.06 -13.40 -16.94
N GLY B 1013 19.82 -13.52 -18.02
CA GLY B 1013 20.68 -12.42 -18.40
C GLY B 1013 21.43 -12.69 -19.69
N VAL B 1014 22.12 -11.65 -20.14
CA VAL B 1014 22.98 -11.72 -21.32
C VAL B 1014 24.33 -11.14 -20.96
N VAL B 1015 25.38 -11.67 -21.60
CA VAL B 1015 26.75 -11.25 -21.36
C VAL B 1015 27.37 -10.89 -22.71
N PHE B 1016 27.79 -9.66 -22.86
CA PHE B 1016 28.40 -9.17 -24.09
C PHE B 1016 29.90 -9.17 -23.93
N LEU B 1017 30.61 -9.69 -24.93
CA LEU B 1017 32.05 -9.61 -25.03
C LEU B 1017 32.39 -8.63 -26.15
N HIS B 1018 32.82 -7.44 -25.79
CA HIS B 1018 33.20 -6.43 -26.76
C HIS B 1018 34.68 -6.55 -27.09
N VAL B 1019 35.00 -6.56 -28.38
CA VAL B 1019 36.38 -6.57 -28.85
C VAL B 1019 36.74 -5.14 -29.19
N THR B 1020 37.51 -4.50 -28.31
CA THR B 1020 37.83 -3.09 -28.42
C THR B 1020 39.30 -2.87 -28.72
N TYR B 1021 39.58 -1.75 -29.36
CA TYR B 1021 40.89 -1.40 -29.90
C TYR B 1021 41.44 -0.22 -29.10
N VAL B 1022 42.56 -0.41 -28.43
CA VAL B 1022 43.12 0.61 -27.54
C VAL B 1022 44.57 0.90 -27.93
N PRO B 1023 44.93 2.16 -28.22
CA PRO B 1023 46.34 2.48 -28.46
C PRO B 1023 47.17 2.35 -27.19
N ALA B 1024 48.42 1.90 -27.36
CA ALA B 1024 49.25 1.55 -26.21
C ALA B 1024 50.49 2.44 -26.07
N GLN B 1025 51.34 2.54 -27.09
CA GLN B 1025 52.63 3.19 -26.97
C GLN B 1025 52.58 4.55 -27.64
N GLU B 1026 53.20 5.55 -27.02
CA GLU B 1026 53.07 6.93 -27.45
C GLU B 1026 54.44 7.51 -27.80
N LYS B 1027 54.43 8.53 -28.66
CA LYS B 1027 55.67 9.20 -29.04
C LYS B 1027 55.41 10.69 -29.23
N ASN B 1028 56.33 11.52 -28.74
CA ASN B 1028 56.18 12.96 -28.80
C ASN B 1028 56.64 13.51 -30.16
N PHE B 1029 55.91 14.50 -30.68
CA PHE B 1029 56.28 15.19 -31.91
C PHE B 1029 55.88 16.66 -31.78
N THR B 1030 56.53 17.50 -32.58
CA THR B 1030 56.12 18.90 -32.69
C THR B 1030 55.27 19.08 -33.94
N THR B 1031 54.34 20.03 -33.87
CA THR B 1031 53.19 20.04 -34.77
C THR B 1031 52.83 21.46 -35.18
N ALA B 1032 52.53 21.64 -36.46
CA ALA B 1032 51.94 22.87 -36.98
C ALA B 1032 50.67 22.51 -37.74
N PRO B 1033 49.67 23.40 -37.73
CA PRO B 1033 48.41 23.08 -38.43
C PRO B 1033 48.52 23.08 -39.95
N ALA B 1034 49.14 24.11 -40.52
CA ALA B 1034 49.15 24.30 -41.96
C ALA B 1034 50.58 24.37 -42.46
N ILE B 1035 50.74 24.23 -43.78
CA ILE B 1035 52.04 24.27 -44.43
C ILE B 1035 51.99 25.32 -45.53
N CYS B 1036 52.90 26.29 -45.47
CA CYS B 1036 52.95 27.34 -46.48
C CYS B 1036 53.89 26.91 -47.60
N TYR B 1037 53.34 26.68 -48.78
CA TYR B 1037 54.12 26.41 -49.99
C TYR B 1037 53.64 27.33 -51.10
N ASP B 1038 54.60 28.02 -51.72
CA ASP B 1038 54.38 28.93 -52.85
C ASP B 1038 53.39 30.04 -52.52
N GLY B 1039 53.42 30.51 -51.28
CA GLY B 1039 52.47 31.52 -50.84
C GLY B 1039 51.06 31.01 -50.66
N LYS B 1040 50.89 29.71 -50.46
CA LYS B 1040 49.57 29.12 -50.28
C LYS B 1040 49.59 28.18 -49.07
N ALA B 1041 48.49 28.19 -48.32
CA ALA B 1041 48.39 27.40 -47.09
C ALA B 1041 47.71 26.07 -47.40
N HIS B 1042 48.44 24.97 -47.24
CA HIS B 1042 47.90 23.64 -47.41
C HIS B 1042 47.54 23.05 -46.06
N PHE B 1043 46.38 22.39 -46.01
CA PHE B 1043 45.83 21.73 -44.84
C PHE B 1043 45.70 20.24 -45.12
N PRO B 1044 45.90 19.38 -44.11
CA PRO B 1044 45.84 17.94 -44.36
C PRO B 1044 44.42 17.45 -44.55
N ARG B 1045 44.26 16.52 -45.50
CA ARG B 1045 42.94 15.94 -45.73
C ARG B 1045 42.55 15.00 -44.61
N GLU B 1046 43.48 14.17 -44.16
CA GLU B 1046 43.30 13.36 -42.96
C GLU B 1046 44.61 13.35 -42.18
N GLY B 1047 44.49 13.19 -40.86
CA GLY B 1047 45.65 13.10 -40.01
C GLY B 1047 46.29 14.45 -39.73
N VAL B 1048 47.30 14.42 -38.86
CA VAL B 1048 48.00 15.62 -38.44
C VAL B 1048 49.39 15.64 -39.07
N PHE B 1049 49.98 16.85 -39.10
CA PHE B 1049 51.34 17.06 -39.60
C PHE B 1049 52.31 16.87 -38.45
N VAL B 1050 53.00 15.73 -38.45
CA VAL B 1050 54.00 15.46 -37.44
C VAL B 1050 55.37 15.88 -37.98
N SER B 1051 56.31 16.07 -37.08
CA SER B 1051 57.65 16.49 -37.47
C SER B 1051 58.69 15.68 -36.71
N ASN B 1052 59.66 15.16 -37.45
CA ASN B 1052 60.84 14.54 -36.86
C ASN B 1052 61.90 15.61 -36.67
N GLY B 1053 63.13 15.20 -36.36
CA GLY B 1053 64.21 16.15 -36.23
C GLY B 1053 64.74 16.70 -37.54
N THR B 1054 64.37 16.10 -38.66
CA THR B 1054 64.86 16.53 -39.97
C THR B 1054 63.76 16.90 -40.94
N HIS B 1055 62.68 16.12 -41.01
CA HIS B 1055 61.64 16.28 -42.02
C HIS B 1055 60.29 16.54 -41.38
N TRP B 1056 59.32 16.86 -42.24
CA TRP B 1056 57.92 17.03 -41.86
C TRP B 1056 57.10 16.00 -42.60
N PHE B 1057 56.26 15.25 -41.87
CA PHE B 1057 55.44 14.20 -42.43
C PHE B 1057 53.99 14.43 -42.05
N VAL B 1058 53.10 13.65 -42.65
CA VAL B 1058 51.68 13.67 -42.31
C VAL B 1058 51.26 12.24 -41.98
N THR B 1059 50.43 12.09 -40.96
CA THR B 1059 50.03 10.75 -40.53
C THR B 1059 48.58 10.79 -40.05
N GLN B 1060 48.04 9.61 -39.80
CA GLN B 1060 46.70 9.52 -39.24
C GLN B 1060 46.73 9.79 -37.74
N ARG B 1061 45.55 10.05 -37.18
CA ARG B 1061 45.47 10.41 -35.76
C ARG B 1061 45.66 9.19 -34.86
N ASN B 1062 45.11 8.05 -35.24
CA ASN B 1062 45.02 6.90 -34.35
C ASN B 1062 46.15 5.89 -34.54
N PHE B 1063 47.11 6.18 -35.42
CA PHE B 1063 48.26 5.32 -35.62
C PHE B 1063 49.41 6.16 -36.15
N TYR B 1064 50.63 5.66 -35.99
CA TYR B 1064 51.81 6.30 -36.55
C TYR B 1064 52.17 5.58 -37.84
N GLU B 1065 51.74 6.15 -38.97
CA GLU B 1065 52.20 5.74 -40.29
C GLU B 1065 52.46 7.01 -41.09
N PRO B 1066 53.69 7.50 -41.12
CA PRO B 1066 53.97 8.75 -41.81
C PRO B 1066 54.39 8.57 -43.26
N GLN B 1067 53.96 9.52 -44.10
CA GLN B 1067 54.39 9.62 -45.49
C GLN B 1067 54.80 11.07 -45.76
N ILE B 1068 55.36 11.30 -46.96
CA ILE B 1068 55.81 12.63 -47.33
C ILE B 1068 54.59 13.50 -47.64
N ILE B 1069 54.78 14.81 -47.57
CA ILE B 1069 53.71 15.77 -47.82
C ILE B 1069 53.46 15.83 -49.32
N THR B 1070 52.27 15.42 -49.73
CA THR B 1070 51.93 15.26 -51.14
C THR B 1070 50.64 16.04 -51.40
N THR B 1071 50.51 16.56 -52.63
CA THR B 1071 49.31 17.29 -53.04
C THR B 1071 48.05 16.43 -52.98
N ASP B 1072 48.20 15.11 -53.11
CA ASP B 1072 47.05 14.22 -52.92
C ASP B 1072 46.59 14.17 -51.47
N ASN B 1073 47.52 14.28 -50.52
CA ASN B 1073 47.19 14.17 -49.11
C ASN B 1073 46.75 15.50 -48.48
N THR B 1074 46.96 16.62 -49.16
CA THR B 1074 46.61 17.93 -48.64
C THR B 1074 45.65 18.63 -49.59
N PHE B 1075 45.09 19.75 -49.13
CA PHE B 1075 44.30 20.61 -49.99
C PHE B 1075 44.64 22.06 -49.69
N VAL B 1076 44.58 22.89 -50.72
CA VAL B 1076 44.97 24.29 -50.64
C VAL B 1076 43.76 25.13 -50.27
N SER B 1077 43.98 26.12 -49.39
CA SER B 1077 42.94 27.04 -48.96
C SER B 1077 43.56 28.28 -48.34
N GLY B 1078 43.03 29.45 -48.69
CA GLY B 1078 43.44 30.68 -48.07
C GLY B 1078 44.82 31.17 -48.46
N SER B 1079 45.40 31.98 -47.58
CA SER B 1079 46.72 32.58 -47.77
C SER B 1079 47.63 32.18 -46.62
N CYS B 1080 48.87 32.65 -46.67
CA CYS B 1080 49.89 32.27 -45.69
C CYS B 1080 50.03 33.24 -44.54
N ASP B 1081 49.23 34.30 -44.49
CA ASP B 1081 49.29 35.25 -43.39
C ASP B 1081 48.02 35.26 -42.54
N VAL B 1082 46.96 34.58 -42.97
CA VAL B 1082 45.70 34.58 -42.24
C VAL B 1082 45.63 33.53 -41.15
N VAL B 1083 46.62 32.63 -41.08
CA VAL B 1083 46.64 31.54 -40.12
C VAL B 1083 47.83 31.73 -39.18
N ILE B 1084 47.62 31.43 -37.90
CA ILE B 1084 48.67 31.50 -36.90
C ILE B 1084 49.22 30.09 -36.69
N GLY B 1085 50.46 30.03 -36.20
CA GLY B 1085 51.10 28.75 -35.93
C GLY B 1085 51.60 28.00 -37.14
N ILE B 1086 51.65 28.63 -38.30
CA ILE B 1086 52.04 27.94 -39.52
C ILE B 1086 53.56 27.87 -39.61
N VAL B 1087 54.08 26.73 -40.07
CA VAL B 1087 55.46 26.61 -40.51
C VAL B 1087 55.45 26.36 -42.02
N ASN B 1088 56.64 26.43 -42.61
CA ASN B 1088 56.75 26.33 -44.06
C ASN B 1088 57.93 25.47 -44.52
N ASN B 1089 57.68 24.70 -45.57
CA ASN B 1089 58.67 23.92 -46.29
C ASN B 1089 58.10 23.62 -47.69
N THR B 1090 58.70 22.67 -48.39
CA THR B 1090 58.22 22.28 -49.71
C THR B 1090 57.23 21.12 -49.60
N VAL B 1091 56.26 21.12 -50.51
CA VAL B 1091 55.29 20.05 -50.64
C VAL B 1091 55.60 19.29 -51.93
N TYR B 1092 55.75 17.98 -51.82
CA TYR B 1092 56.11 17.16 -52.98
C TYR B 1092 54.94 17.06 -53.95
N ASP B 1093 55.29 16.89 -55.23
CA ASP B 1093 54.30 16.77 -56.29
C ASP B 1093 54.27 15.34 -56.82
N PRO B 1094 53.11 14.73 -56.95
CA PRO B 1094 53.05 13.34 -57.43
C PRO B 1094 53.30 13.21 -58.92
N LEU B 1095 53.01 14.26 -59.69
CA LEU B 1095 53.19 14.23 -61.13
C LEU B 1095 54.65 14.49 -61.49
N LYS C 24 -30.62 50.58 13.09
CA LYS C 24 -31.54 49.53 12.65
C LYS C 24 -31.19 49.07 11.25
N GLN C 25 -30.10 49.59 10.72
CA GLN C 25 -29.68 49.31 9.35
C GLN C 25 -28.80 48.06 9.33
N ASN C 26 -28.17 47.79 8.19
CA ASN C 26 -27.42 46.57 7.97
C ASN C 26 -25.96 46.91 7.65
N VAL C 27 -25.03 46.17 8.27
CA VAL C 27 -23.61 46.28 7.99
C VAL C 27 -23.07 44.89 7.68
N SER C 28 -21.76 44.82 7.47
CA SER C 28 -21.09 43.59 7.05
C SER C 28 -20.13 43.11 8.13
N SER C 29 -20.04 41.79 8.27
CA SER C 29 -19.08 41.16 9.18
C SER C 29 -17.72 41.17 8.51
N LEU C 30 -16.89 42.14 8.87
CA LEU C 30 -15.55 42.27 8.28
C LEU C 30 -14.55 41.44 9.10
N MET C 31 -14.73 40.11 8.98
CA MET C 31 -13.89 39.08 9.62
C MET C 31 -13.85 39.26 11.14
N ARG C 32 -15.02 39.44 11.75
CA ARG C 32 -15.09 39.74 13.18
C ARG C 32 -15.89 38.71 13.95
N GLY C 33 -15.69 37.42 13.65
CA GLY C 33 -16.43 36.39 14.36
C GLY C 33 -15.62 35.14 14.63
N VAL C 34 -14.30 35.26 14.59
CA VAL C 34 -13.41 34.11 14.74
C VAL C 34 -13.08 33.92 16.22
N TYR C 35 -13.30 32.71 16.72
CA TYR C 35 -13.08 32.38 18.12
C TYR C 35 -12.35 31.05 18.20
N TYR C 36 -12.02 30.65 19.44
CA TYR C 36 -11.27 29.42 19.67
C TYR C 36 -12.26 28.28 19.81
N PRO C 37 -12.28 27.32 18.87
CA PRO C 37 -13.32 26.28 18.89
C PRO C 37 -13.12 25.24 19.99
N ASP C 38 -11.88 24.80 20.16
CA ASP C 38 -11.56 23.75 21.12
C ASP C 38 -10.71 24.31 22.25
N ASP C 39 -10.91 23.76 23.44
CA ASP C 39 -10.19 24.23 24.62
C ASP C 39 -8.75 23.72 24.67
N ILE C 40 -8.38 22.75 23.83
CA ILE C 40 -7.04 22.17 23.85
C ILE C 40 -6.04 23.13 23.23
N TYR C 41 -4.76 22.86 23.43
CA TYR C 41 -3.68 23.75 23.00
C TYR C 41 -3.09 23.24 21.69
N ARG C 42 -2.85 24.17 20.76
CA ARG C 42 -2.21 23.87 19.50
C ARG C 42 -1.26 25.00 19.13
N SER C 43 -0.24 24.67 18.34
CA SER C 43 0.75 25.66 17.94
C SER C 43 1.37 25.26 16.62
N ASN C 44 1.62 26.27 15.76
CA ASN C 44 2.32 26.15 14.48
C ASN C 44 1.64 25.17 13.52
N VAL C 45 0.31 25.06 13.59
CA VAL C 45 -0.44 24.16 12.74
C VAL C 45 -1.61 24.92 12.12
N ASN C 46 -2.10 24.38 10.99
CA ASN C 46 -3.31 24.87 10.34
C ASN C 46 -4.30 23.72 10.28
N VAL C 47 -5.42 23.85 11.00
CA VAL C 47 -6.36 22.76 11.15
C VAL C 47 -7.76 23.22 10.76
N LEU C 48 -8.57 22.24 10.36
CA LEU C 48 -9.92 22.47 9.87
C LEU C 48 -10.93 22.19 10.96
N PHE C 49 -12.12 22.78 10.82
CA PHE C 49 -13.20 22.62 11.78
C PHE C 49 -14.52 22.67 11.02
N THR C 50 -15.56 22.10 11.64
CA THR C 50 -16.94 22.14 11.14
C THR C 50 -17.86 22.69 12.21
N VAL C 51 -17.49 23.85 12.74
CA VAL C 51 -18.07 24.34 14.00
C VAL C 51 -19.12 25.40 13.71
N PRO C 52 -19.93 25.81 14.68
CA PRO C 52 -20.67 27.06 14.52
C PRO C 52 -19.72 28.24 14.36
N PHE C 53 -20.04 29.10 13.42
CA PHE C 53 -19.16 30.19 13.02
C PHE C 53 -20.03 31.26 12.40
N LEU C 54 -19.56 32.50 12.45
CA LEU C 54 -20.22 33.62 11.78
C LEU C 54 -19.38 33.96 10.55
N ARG C 55 -19.88 33.58 9.38
CA ARG C 55 -19.10 33.64 8.15
C ARG C 55 -18.88 35.08 7.71
N PHE C 56 -17.92 35.25 6.80
CA PHE C 56 -17.51 36.58 6.37
C PHE C 56 -18.57 37.17 5.45
N ASN C 57 -18.65 38.51 5.44
CA ASN C 57 -19.67 39.28 4.71
C ASN C 57 -21.09 38.87 5.11
N SER C 58 -21.33 38.79 6.40
CA SER C 58 -22.64 38.45 6.93
C SER C 58 -23.41 39.73 7.25
N THR C 59 -24.59 39.57 7.86
CA THR C 59 -25.47 40.69 8.15
C THR C 59 -25.70 40.79 9.66
N LEU C 60 -25.89 42.02 10.13
CA LEU C 60 -26.18 42.29 11.54
C LEU C 60 -27.46 43.09 11.66
N THR C 61 -27.93 43.24 12.89
CA THR C 61 -29.20 43.90 13.16
C THR C 61 -29.00 44.89 14.31
N TRP C 62 -27.99 45.74 14.18
CA TRP C 62 -27.63 46.61 15.29
C TRP C 62 -28.56 47.80 15.41
N TYR C 63 -28.95 48.11 16.64
CA TYR C 63 -29.91 49.14 16.97
C TYR C 63 -29.22 50.24 17.76
N ASN C 64 -29.68 51.48 17.60
CA ASN C 64 -29.06 52.61 18.26
C ASN C 64 -30.00 53.21 19.30
N PHE C 65 -29.39 53.90 20.27
CA PHE C 65 -30.12 54.51 21.37
C PHE C 65 -30.30 56.00 21.09
N TRP C 66 -31.56 56.44 21.09
CA TRP C 66 -31.94 57.83 20.93
C TRP C 66 -32.70 58.28 22.18
N ASN C 67 -33.30 59.47 22.10
CA ASN C 67 -34.22 59.90 23.14
C ASN C 67 -35.43 58.98 23.22
N GLN C 68 -35.93 58.55 22.06
CA GLN C 68 -36.91 57.47 21.97
C GLN C 68 -36.28 56.34 21.17
N ALA C 69 -36.38 55.12 21.70
CA ALA C 69 -35.62 54.00 21.16
C ALA C 69 -36.34 52.70 21.52
N TYR C 70 -35.63 51.58 21.41
CA TYR C 70 -36.19 50.27 21.65
C TYR C 70 -36.57 50.08 23.12
N THR C 71 -37.63 49.31 23.34
CA THR C 71 -38.11 48.99 24.68
C THR C 71 -37.87 47.53 25.03
N SER C 72 -38.38 46.61 24.23
CA SER C 72 -38.19 45.18 24.45
C SER C 72 -38.34 44.45 23.12
N ARG C 73 -37.39 43.56 22.83
CA ARG C 73 -37.45 42.76 21.62
C ARG C 73 -36.75 41.43 21.89
N VAL C 74 -37.38 40.34 21.46
CA VAL C 74 -36.85 38.99 21.64
C VAL C 74 -36.28 38.58 20.29
N MET C 75 -34.97 38.74 20.13
CA MET C 75 -34.31 38.25 18.92
C MET C 75 -33.88 36.80 19.12
N GLU C 76 -33.78 36.08 18.01
CA GLU C 76 -33.65 34.64 18.06
C GLU C 76 -32.25 34.20 18.44
N PHE C 77 -32.17 33.29 19.41
CA PHE C 77 -30.91 32.67 19.82
C PHE C 77 -30.76 31.40 19.00
N GLY C 78 -30.25 31.56 17.78
CA GLY C 78 -30.11 30.43 16.88
C GLY C 78 -28.74 29.79 16.94
N ASP C 79 -28.64 28.71 17.72
CA ASP C 79 -27.42 27.94 18.02
C ASP C 79 -26.18 28.82 18.24
N GLY C 80 -26.35 29.85 19.06
CA GLY C 80 -25.28 30.78 19.36
C GLY C 80 -25.57 32.14 18.76
N ILE C 81 -25.02 33.18 19.39
CA ILE C 81 -25.25 34.56 18.97
C ILE C 81 -23.93 35.33 19.08
N TYR C 82 -23.70 36.24 18.14
CA TYR C 82 -22.54 37.12 18.19
C TYR C 82 -23.01 38.50 18.65
N PHE C 83 -22.67 38.84 19.89
CA PHE C 83 -23.07 40.12 20.46
C PHE C 83 -21.93 41.12 20.33
N SER C 84 -22.28 42.38 20.12
CA SER C 84 -21.26 43.42 20.04
C SER C 84 -21.84 44.72 20.57
N THR C 85 -20.97 45.67 20.88
CA THR C 85 -21.39 47.00 21.29
C THR C 85 -20.28 47.98 20.94
N VAL C 86 -20.49 49.27 21.22
CA VAL C 86 -19.37 50.25 21.12
C VAL C 86 -19.27 50.74 22.57
N ASP C 87 -20.37 50.65 23.34
CA ASP C 87 -20.34 50.89 24.80
C ASP C 87 -20.01 52.32 25.22
N LYS C 88 -20.72 53.32 24.72
CA LYS C 88 -20.57 54.68 25.23
C LYS C 88 -20.95 54.71 26.70
N SER C 89 -19.97 55.06 27.55
CA SER C 89 -20.02 54.95 29.03
C SER C 89 -20.35 53.49 29.38
N ASN C 90 -21.31 53.22 30.25
CA ASN C 90 -21.73 51.87 30.59
C ASN C 90 -23.20 51.74 30.20
N ALA C 91 -23.45 51.39 28.94
CA ALA C 91 -24.80 51.34 28.40
C ALA C 91 -25.42 49.95 28.48
N VAL C 92 -24.68 48.93 28.09
CA VAL C 92 -25.17 47.55 28.18
C VAL C 92 -24.79 46.99 29.54
N ARG C 93 -25.70 46.22 30.14
CA ARG C 93 -25.48 45.61 31.43
C ARG C 93 -25.43 44.10 31.40
N GLY C 94 -26.01 43.46 30.38
CA GLY C 94 -25.92 42.02 30.30
C GLY C 94 -27.04 41.46 29.44
N TRP C 95 -27.25 40.15 29.61
CA TRP C 95 -28.09 39.37 28.72
C TRP C 95 -29.01 38.48 29.54
N ILE C 96 -30.14 38.15 28.95
CA ILE C 96 -31.10 37.20 29.52
C ILE C 96 -31.29 36.11 28.47
N PHE C 97 -30.93 34.88 28.84
CA PHE C 97 -31.10 33.73 27.96
C PHE C 97 -32.24 32.86 28.49
N GLY C 98 -33.12 32.44 27.60
CA GLY C 98 -34.24 31.62 28.05
C GLY C 98 -34.91 30.95 26.87
N THR C 99 -36.12 30.43 27.14
CA THR C 99 -36.94 29.84 26.10
C THR C 99 -38.40 30.26 26.15
N THR C 100 -38.87 30.81 27.27
CA THR C 100 -40.21 31.40 27.32
C THR C 100 -40.28 32.75 28.02
N LEU C 101 -39.24 33.14 28.77
CA LEU C 101 -39.10 34.46 29.40
C LEU C 101 -40.24 34.74 30.38
N ASP C 102 -40.61 33.71 31.14
CA ASP C 102 -41.61 33.83 32.19
C ASP C 102 -41.07 33.11 33.42
N ASN C 103 -41.93 32.89 34.42
CA ASN C 103 -41.59 32.04 35.56
C ASN C 103 -42.07 30.61 35.34
N THR C 104 -42.20 30.19 34.08
CA THR C 104 -42.48 28.80 33.72
C THR C 104 -41.21 28.00 33.48
N THR C 105 -40.22 28.61 32.84
CA THR C 105 -38.92 28.00 32.61
C THR C 105 -37.85 28.98 33.02
N GLN C 106 -36.75 28.47 33.58
CA GLN C 106 -35.70 29.29 34.17
C GLN C 106 -34.94 30.09 33.10
N SER C 107 -34.27 31.15 33.56
CA SER C 107 -33.56 32.05 32.66
C SER C 107 -32.21 32.40 33.26
N ALA C 108 -31.28 32.84 32.39
CA ALA C 108 -29.89 33.01 32.79
C ALA C 108 -29.65 34.29 33.58
N LEU C 109 -29.95 35.44 32.97
CA LEU C 109 -29.81 36.79 33.54
C LEU C 109 -28.36 37.07 33.97
N LEU C 110 -27.51 37.19 32.96
CA LEU C 110 -26.20 37.78 33.17
C LEU C 110 -26.35 39.28 33.39
N ILE C 111 -25.80 39.79 34.49
CA ILE C 111 -25.83 41.21 34.82
C ILE C 111 -24.42 41.66 35.20
N ASN C 112 -24.27 42.98 35.32
CA ASN C 112 -22.99 43.60 35.66
C ASN C 112 -23.21 44.71 36.69
N ASN C 113 -23.97 44.42 37.74
CA ASN C 113 -24.20 45.40 38.80
C ASN C 113 -22.92 45.65 39.60
N GLY C 114 -22.73 46.91 40.00
CA GLY C 114 -21.55 47.31 40.73
C GLY C 114 -20.25 47.11 39.98
N SER C 115 -19.44 46.16 40.45
CA SER C 115 -18.27 45.71 39.71
C SER C 115 -18.18 44.19 39.69
N LEU C 116 -19.31 43.52 39.88
CA LEU C 116 -19.38 42.06 39.90
C LEU C 116 -20.30 41.58 38.79
N VAL C 117 -19.85 40.57 38.04
CA VAL C 117 -20.70 39.88 37.08
C VAL C 117 -21.20 38.60 37.75
N THR C 118 -22.52 38.44 37.76
CA THR C 118 -23.18 37.32 38.43
C THR C 118 -24.12 36.63 37.47
N ILE C 119 -24.33 35.33 37.69
CA ILE C 119 -25.29 34.55 36.92
C ILE C 119 -26.21 33.83 37.89
N GLN C 120 -27.51 33.87 37.59
CA GLN C 120 -28.54 33.31 38.48
C GLN C 120 -29.59 32.62 37.62
N VAL C 121 -29.51 31.30 37.53
CA VAL C 121 -30.53 30.55 36.81
C VAL C 121 -31.70 30.28 37.75
N CYS C 122 -32.69 31.16 37.72
CA CYS C 122 -33.86 31.06 38.59
C CYS C 122 -35.11 31.26 37.74
N TYR C 123 -36.27 31.12 38.38
CA TYR C 123 -37.54 31.44 37.76
C TYR C 123 -37.82 32.92 37.96
N PHE C 124 -37.98 33.66 36.86
CA PHE C 124 -38.00 35.12 36.87
C PHE C 124 -39.34 35.64 36.39
N GLN C 125 -39.99 36.46 37.22
CA GLN C 125 -41.04 37.35 36.76
C GLN C 125 -40.48 38.76 36.62
N PHE C 126 -39.73 38.96 35.53
CA PHE C 126 -39.08 40.24 35.29
C PHE C 126 -40.09 41.23 34.69
N CYS C 127 -39.68 42.49 34.64
CA CYS C 127 -40.56 43.59 34.27
C CYS C 127 -40.67 43.72 32.75
N ALA C 128 -41.19 44.86 32.28
CA ALA C 128 -41.41 45.06 30.85
C ALA C 128 -40.09 45.29 30.13
N ASN C 129 -39.41 46.40 30.44
CA ASN C 129 -38.12 46.69 29.83
C ASN C 129 -36.98 46.51 30.83
N PRO C 130 -35.97 45.70 30.50
CA PRO C 130 -34.86 45.46 31.44
C PRO C 130 -33.95 46.68 31.53
N ALA C 131 -33.90 47.30 32.70
CA ALA C 131 -33.13 48.52 32.87
C ALA C 131 -32.65 48.64 34.31
N PHE C 132 -31.60 49.44 34.49
CA PHE C 132 -31.04 49.75 35.80
C PHE C 132 -31.24 51.23 36.09
N LEU C 133 -31.82 51.52 37.25
CA LEU C 133 -32.09 52.87 37.76
C LEU C 133 -32.89 53.74 36.78
N VAL C 144 -34.15 45.14 36.94
CA VAL C 144 -34.29 44.26 35.79
C VAL C 144 -35.30 43.14 36.11
N TYR C 145 -35.37 42.75 37.38
CA TYR C 145 -36.29 41.70 37.80
C TYR C 145 -36.79 42.03 39.20
N ILE C 146 -37.99 41.54 39.52
CA ILE C 146 -38.60 41.76 40.82
C ILE C 146 -38.86 40.44 41.56
N SER C 147 -39.31 39.40 40.86
CA SER C 147 -39.61 38.13 41.48
C SER C 147 -38.70 37.04 40.93
N SER C 148 -38.06 36.29 41.83
CA SER C 148 -37.17 35.21 41.44
C SER C 148 -37.30 34.09 42.45
N HIS C 149 -37.71 32.92 42.00
CA HIS C 149 -37.87 31.77 42.89
C HIS C 149 -37.31 30.50 42.27
N ASN C 150 -36.93 29.57 43.14
CA ASN C 150 -36.38 28.25 42.80
C ASN C 150 -35.12 28.37 41.94
N CYS C 151 -34.09 28.95 42.54
CA CYS C 151 -32.81 29.09 41.86
C CYS C 151 -32.09 27.75 41.80
N THR C 152 -31.62 27.39 40.61
CA THR C 152 -30.85 26.16 40.41
C THR C 152 -29.36 26.42 40.22
N TYR C 153 -28.96 27.67 40.13
CA TYR C 153 -27.56 28.04 39.89
C TYR C 153 -27.38 29.50 40.28
N SER C 154 -26.33 29.79 41.04
CA SER C 154 -26.07 31.17 41.46
C SER C 154 -24.58 31.33 41.69
N GLU C 155 -23.91 32.06 40.79
CA GLU C 155 -22.47 32.22 40.88
C GLU C 155 -22.07 33.68 40.70
N VAL C 156 -21.06 34.08 41.47
CA VAL C 156 -20.45 35.41 41.38
C VAL C 156 -19.06 35.25 40.80
N LEU C 157 -18.72 36.08 39.83
CA LEU C 157 -17.52 35.87 39.02
C LEU C 157 -16.53 37.02 39.10
N SER C 158 -17.00 38.26 38.94
CA SER C 158 -16.18 39.49 38.85
C SER C 158 -15.09 39.39 37.78
N LYS C 172 -16.60 53.91 23.99
CA LYS C 172 -15.78 53.68 22.81
C LYS C 172 -14.88 52.46 22.99
N ARG C 173 -15.45 51.42 23.60
CA ARG C 173 -14.77 50.16 23.87
C ARG C 173 -15.60 49.05 23.27
N LEU C 174 -14.94 48.15 22.51
CA LEU C 174 -15.68 47.25 21.63
C LEU C 174 -16.44 46.18 22.40
N ARG C 175 -15.73 45.35 23.17
CA ARG C 175 -16.30 44.34 24.07
C ARG C 175 -17.23 43.37 23.33
N GLU C 176 -16.67 42.64 22.38
CA GLU C 176 -17.47 41.77 21.54
C GLU C 176 -17.45 40.33 22.06
N PHE C 177 -18.62 39.70 22.04
CA PHE C 177 -18.82 38.39 22.65
C PHE C 177 -19.42 37.42 21.66
N VAL C 178 -19.13 36.14 21.88
CA VAL C 178 -19.74 35.03 21.16
C VAL C 178 -20.31 34.07 22.19
N PHE C 179 -21.62 33.84 22.14
CA PHE C 179 -22.30 32.92 23.05
C PHE C 179 -22.69 31.68 22.27
N LYS C 180 -22.46 30.51 22.85
CA LYS C 180 -22.96 29.29 22.24
C LYS C 180 -23.31 28.28 23.32
N ASN C 181 -24.15 27.32 22.95
CA ASN C 181 -24.63 26.30 23.87
C ASN C 181 -24.36 24.93 23.26
N ASN C 182 -23.62 24.09 23.99
CA ASN C 182 -23.24 22.78 23.48
C ASN C 182 -23.08 21.83 24.66
N ASP C 183 -23.86 20.74 24.65
CA ASP C 183 -23.84 19.69 25.67
C ASP C 183 -24.09 20.25 27.08
N GLY C 184 -25.10 21.10 27.19
CA GLY C 184 -25.45 21.68 28.47
C GLY C 184 -24.45 22.68 29.02
N PHE C 185 -23.59 23.23 28.17
CA PHE C 185 -22.56 24.16 28.59
C PHE C 185 -22.68 25.45 27.80
N LEU C 186 -22.66 26.58 28.51
CA LEU C 186 -22.78 27.90 27.89
C LEU C 186 -21.38 28.47 27.73
N HIS C 187 -20.84 28.40 26.51
CA HIS C 187 -19.52 28.93 26.22
C HIS C 187 -19.61 30.40 25.83
N ILE C 188 -18.79 31.22 26.46
CA ILE C 188 -18.71 32.66 26.20
C ILE C 188 -17.29 32.99 25.78
N TYR C 189 -17.16 33.68 24.65
CA TYR C 189 -15.85 34.08 24.12
C TYR C 189 -15.84 35.60 23.98
N GLY C 190 -15.04 36.26 24.80
CA GLY C 190 -15.08 37.71 24.88
C GLY C 190 -13.79 38.36 24.40
N ALA C 191 -13.92 39.61 23.93
CA ALA C 191 -12.78 40.39 23.48
C ALA C 191 -12.97 41.83 23.89
N TYR C 192 -12.02 42.36 24.67
CA TYR C 192 -12.10 43.73 25.18
C TYR C 192 -11.22 44.65 24.32
N GLN C 193 -11.67 44.84 23.09
CA GLN C 193 -10.89 45.64 22.15
C GLN C 193 -11.13 47.13 22.39
N PRO C 194 -10.07 47.94 22.45
CA PRO C 194 -10.24 49.41 22.52
C PRO C 194 -10.68 49.98 21.17
N HIS C 195 -12.00 50.01 20.95
CA HIS C 195 -12.57 50.34 19.64
C HIS C 195 -12.28 51.78 19.24
N VAL C 196 -12.09 51.96 17.93
CA VAL C 196 -11.92 53.27 17.31
C VAL C 196 -13.26 53.98 17.25
N ILE C 197 -13.23 55.26 16.90
CA ILE C 197 -14.42 56.11 16.81
C ILE C 197 -15.38 55.60 15.73
N ALA C 201 -22.61 60.26 15.52
CA ALA C 201 -21.70 59.63 14.57
C ALA C 201 -22.42 58.55 13.76
N THR C 202 -21.78 58.10 12.68
CA THR C 202 -22.32 57.04 11.84
C THR C 202 -21.54 55.76 12.11
N PRO C 203 -22.11 54.78 12.82
CA PRO C 203 -21.32 53.62 13.27
C PRO C 203 -21.10 52.56 12.20
N SER C 204 -20.00 51.81 12.36
CA SER C 204 -19.63 50.73 11.45
C SER C 204 -18.75 49.72 12.17
N LEU C 205 -18.09 48.85 11.42
CA LEU C 205 -17.26 47.80 12.03
C LEU C 205 -15.87 47.81 11.41
N PRO C 206 -14.82 47.60 12.19
CA PRO C 206 -13.45 47.66 11.65
C PRO C 206 -13.10 46.41 10.86
N SER C 207 -11.89 46.41 10.29
CA SER C 207 -11.40 45.30 9.48
C SER C 207 -10.21 44.59 10.09
N THR C 208 -9.78 44.98 11.29
CA THR C 208 -8.65 44.33 11.95
C THR C 208 -9.09 42.98 12.50
N PHE C 209 -8.32 41.94 12.20
CA PHE C 209 -8.61 40.60 12.69
C PHE C 209 -8.47 40.52 14.21
N LYS C 210 -9.35 39.75 14.85
CA LYS C 210 -9.28 39.64 16.30
C LYS C 210 -9.60 38.24 16.79
N PRO C 211 -8.60 37.51 17.28
CA PRO C 211 -8.85 36.19 17.88
C PRO C 211 -9.47 36.26 19.28
N LEU C 212 -10.80 36.28 19.36
CA LEU C 212 -11.56 36.35 20.60
C LEU C 212 -11.16 35.31 21.63
N ILE C 213 -10.62 35.77 22.75
CA ILE C 213 -10.05 34.92 23.81
C ILE C 213 -11.18 34.17 24.51
N PRO C 214 -11.06 32.85 24.71
CA PRO C 214 -12.13 32.11 25.40
C PRO C 214 -12.20 32.47 26.87
N LEU C 215 -13.35 33.00 27.28
CA LEU C 215 -13.60 33.35 28.66
C LEU C 215 -14.13 32.12 29.41
N TRP C 216 -14.70 32.35 30.59
CA TRP C 216 -15.33 31.30 31.36
C TRP C 216 -16.52 30.67 30.65
N LYS C 217 -16.73 29.39 30.90
CA LYS C 217 -17.91 28.65 30.46
C LYS C 217 -18.72 28.20 31.68
N LEU C 218 -19.99 27.87 31.44
CA LEU C 218 -20.92 27.65 32.53
C LEU C 218 -21.55 26.26 32.42
N PRO C 219 -21.63 25.50 33.50
CA PRO C 219 -22.43 24.25 33.51
C PRO C 219 -23.88 24.52 33.89
N LEU C 220 -24.59 25.23 33.00
CA LEU C 220 -25.95 25.66 33.33
C LEU C 220 -26.95 24.50 33.31
N GLY C 221 -26.90 23.68 32.25
CA GLY C 221 -27.90 22.65 32.08
C GLY C 221 -29.25 23.22 31.72
N LEU C 222 -29.30 23.96 30.61
CA LEU C 222 -30.51 24.64 30.18
C LEU C 222 -30.48 24.78 28.67
N ASN C 223 -31.64 24.66 28.04
CA ASN C 223 -31.76 24.88 26.60
C ASN C 223 -32.22 26.30 26.35
N ILE C 224 -31.64 26.93 25.34
CA ILE C 224 -31.87 28.35 25.05
C ILE C 224 -32.28 28.49 23.59
N THR C 225 -33.38 29.21 23.36
CA THR C 225 -33.75 29.62 22.01
C THR C 225 -34.17 31.08 21.92
N ASN C 226 -34.34 31.77 23.05
CA ASN C 226 -34.78 33.15 23.07
C ASN C 226 -33.82 33.96 23.93
N PHE C 227 -33.74 35.26 23.67
CA PHE C 227 -32.63 36.09 24.15
C PHE C 227 -33.08 37.54 24.24
N LYS C 228 -32.64 38.25 25.28
CA LYS C 228 -33.00 39.64 25.48
C LYS C 228 -31.82 40.41 26.09
N VAL C 229 -31.64 41.67 25.68
CA VAL C 229 -30.52 42.49 26.13
C VAL C 229 -31.00 43.44 27.21
N VAL C 230 -30.22 43.57 28.28
CA VAL C 230 -30.50 44.50 29.37
C VAL C 230 -29.72 45.79 29.10
N LEU C 231 -30.42 46.93 29.17
CA LEU C 231 -29.81 48.22 28.88
C LEU C 231 -29.85 49.09 30.15
N THR C 232 -29.45 50.34 30.00
CA THR C 232 -29.56 51.35 31.04
C THR C 232 -30.52 52.44 30.58
N PHE C 233 -31.55 52.69 31.38
CA PHE C 233 -32.53 53.74 31.12
C PHE C 233 -32.46 54.74 32.26
N ARG C 234 -32.06 55.98 31.94
CA ARG C 234 -32.02 57.05 32.93
C ARG C 234 -33.16 58.00 32.62
N SER C 235 -34.33 57.71 33.20
CA SER C 235 -35.58 58.47 33.05
C SER C 235 -36.00 58.66 31.60
N ALA C 242 -26.64 52.84 24.24
CA ALA C 242 -25.82 53.05 23.05
C ALA C 242 -26.13 52.01 21.99
N ASN C 243 -25.10 51.58 21.26
CA ASN C 243 -25.26 50.62 20.19
C ASN C 243 -25.03 49.21 20.72
N PHE C 244 -25.87 48.27 20.28
CA PHE C 244 -25.66 46.85 20.50
C PHE C 244 -25.99 46.13 19.20
N ALA C 245 -25.23 45.08 18.92
CA ALA C 245 -25.23 44.44 17.61
C ALA C 245 -25.42 42.93 17.75
N VAL C 246 -26.23 42.37 16.86
CA VAL C 246 -26.67 40.99 16.92
C VAL C 246 -26.24 40.28 15.65
N GLY C 247 -25.54 39.15 15.79
CA GLY C 247 -25.20 38.31 14.66
C GLY C 247 -26.03 37.04 14.62
N SER C 248 -25.58 36.04 13.86
CA SER C 248 -26.28 34.76 13.79
C SER C 248 -25.29 33.68 13.41
N LEU C 249 -25.04 32.76 14.34
CA LEU C 249 -24.13 31.65 14.14
C LEU C 249 -24.74 30.61 13.22
N LYS C 250 -23.88 29.95 12.44
CA LYS C 250 -24.36 28.83 11.62
C LYS C 250 -23.23 27.83 11.47
N LEU C 251 -23.59 26.58 11.14
CA LEU C 251 -22.58 25.54 10.97
C LEU C 251 -21.75 25.82 9.73
N THR C 252 -20.43 25.88 9.92
CA THR C 252 -19.53 26.25 8.83
C THR C 252 -18.23 25.49 9.01
N THR C 253 -17.67 25.01 7.90
CA THR C 253 -16.30 24.55 7.89
C THR C 253 -15.34 25.73 7.74
N ILE C 254 -14.33 25.77 8.60
CA ILE C 254 -13.36 26.86 8.63
C ILE C 254 -11.97 26.27 8.78
N MET C 255 -10.97 27.09 8.46
CA MET C 255 -9.57 26.72 8.63
C MET C 255 -8.90 27.75 9.52
N LEU C 256 -8.20 27.28 10.55
CA LEU C 256 -7.58 28.15 11.53
C LEU C 256 -6.11 27.84 11.64
N SER C 257 -5.29 28.90 11.63
CA SER C 257 -3.86 28.79 11.82
C SER C 257 -3.48 29.22 13.24
N PHE C 258 -2.33 28.74 13.69
CA PHE C 258 -1.83 29.08 15.01
C PHE C 258 -0.35 29.41 14.92
N ASP C 259 0.10 30.26 15.83
CA ASP C 259 1.50 30.67 15.92
C ASP C 259 2.21 29.88 17.01
N VAL C 260 3.44 30.29 17.31
CA VAL C 260 4.20 29.64 18.38
C VAL C 260 3.65 29.96 19.76
N ASN C 261 2.87 31.04 19.88
CA ASN C 261 2.30 31.45 21.16
C ASN C 261 0.91 30.87 21.40
N GLY C 262 0.38 30.07 20.48
CA GLY C 262 -0.97 29.56 20.60
C GLY C 262 -2.04 30.53 20.15
N THR C 263 -1.66 31.67 19.57
CA THR C 263 -2.62 32.66 19.10
C THR C 263 -3.03 32.37 17.66
N ILE C 264 -4.27 32.72 17.34
CA ILE C 264 -4.80 32.51 15.99
C ILE C 264 -4.27 33.61 15.09
N ASP C 265 -3.61 33.21 14.00
CA ASP C 265 -3.05 34.18 13.07
C ASP C 265 -4.12 34.71 12.12
N LYS C 266 -4.75 33.82 11.36
CA LYS C 266 -5.70 34.23 10.34
C LYS C 266 -6.71 33.12 10.11
N ALA C 267 -7.85 33.49 9.53
CA ALA C 267 -8.93 32.55 9.27
C ALA C 267 -9.27 32.56 7.79
N VAL C 268 -9.95 31.51 7.34
CA VAL C 268 -10.27 31.31 5.93
C VAL C 268 -11.76 31.45 5.66
N ASP C 269 -12.61 30.70 6.39
CA ASP C 269 -14.05 30.58 6.18
C ASP C 269 -14.36 30.16 4.74
N CYS C 270 -14.01 28.91 4.44
CA CYS C 270 -14.25 28.34 3.11
C CYS C 270 -15.71 27.89 2.96
N SER C 271 -16.59 28.88 2.94
CA SER C 271 -17.96 28.67 2.50
C SER C 271 -18.46 29.88 1.71
N SER C 272 -17.59 30.82 1.37
CA SER C 272 -17.98 32.07 0.73
C SER C 272 -17.24 32.35 -0.57
N ASP C 273 -15.96 32.00 -0.66
CA ASP C 273 -15.14 32.41 -1.79
C ASP C 273 -14.45 31.20 -2.39
N PRO C 274 -14.23 31.20 -3.71
CA PRO C 274 -13.43 30.13 -4.33
C PRO C 274 -11.99 30.06 -3.85
N LEU C 275 -11.37 31.21 -3.56
CA LEU C 275 -10.01 31.20 -3.03
C LEU C 275 -9.97 30.62 -1.62
N SER C 276 -11.00 30.88 -0.82
CA SER C 276 -11.10 30.28 0.50
C SER C 276 -11.25 28.76 0.41
N GLU C 277 -12.07 28.29 -0.54
CA GLU C 277 -12.25 26.86 -0.75
C GLU C 277 -10.96 26.21 -1.24
N LEU C 278 -10.20 26.93 -2.08
CA LEU C 278 -8.90 26.45 -2.52
C LEU C 278 -7.92 26.35 -1.35
N LYS C 279 -7.95 27.34 -0.45
CA LYS C 279 -7.07 27.31 0.73
C LYS C 279 -7.43 26.16 1.66
N CYS C 280 -8.72 25.86 1.82
CA CYS C 280 -9.09 24.70 2.61
C CYS C 280 -8.77 23.39 1.90
N THR C 281 -8.77 23.38 0.57
CA THR C 281 -8.51 22.14 -0.16
C THR C 281 -7.04 21.74 -0.07
N LEU C 282 -6.12 22.69 -0.30
CA LEU C 282 -4.71 22.38 -0.36
C LEU C 282 -4.02 22.41 1.00
N LYS C 283 -4.77 22.63 2.09
CA LYS C 283 -4.25 22.62 3.46
C LYS C 283 -3.15 23.65 3.68
N SER C 284 -3.29 24.82 3.06
CA SER C 284 -2.26 25.84 3.13
C SER C 284 -2.87 27.22 3.01
N PHE C 285 -2.13 28.22 3.47
CA PHE C 285 -2.54 29.60 3.34
C PHE C 285 -1.86 30.34 2.20
N ASN C 286 -0.69 29.88 1.78
CA ASN C 286 -0.03 30.38 0.58
C ASN C 286 -0.16 29.33 -0.52
N VAL C 287 -0.66 29.74 -1.68
CA VAL C 287 -0.98 28.83 -2.76
C VAL C 287 -0.18 29.24 -3.98
N SER C 288 0.54 28.28 -4.57
CA SER C 288 1.35 28.56 -5.75
C SER C 288 0.46 28.79 -6.97
N LYS C 289 1.06 29.38 -8.00
CA LYS C 289 0.33 29.71 -9.22
C LYS C 289 0.00 28.44 -10.00
N GLY C 290 -1.26 28.30 -10.39
CA GLY C 290 -1.66 27.16 -11.20
C GLY C 290 -3.15 26.90 -11.09
N ILE C 291 -3.53 25.70 -11.53
CA ILE C 291 -4.91 25.22 -11.50
C ILE C 291 -5.00 24.07 -10.53
N TYR C 292 -6.04 24.08 -9.68
CA TYR C 292 -6.20 23.03 -8.68
C TYR C 292 -7.67 22.61 -8.61
N PRO C 293 -7.96 21.31 -8.57
CA PRO C 293 -9.31 20.88 -8.23
C PRO C 293 -9.59 21.13 -6.75
N THR C 294 -10.84 21.44 -6.45
CA THR C 294 -11.24 21.80 -5.11
C THR C 294 -12.34 20.86 -4.60
N SER C 295 -12.56 20.89 -3.30
CA SER C 295 -13.55 20.06 -2.64
C SER C 295 -14.90 20.76 -2.66
N ASN C 296 -15.84 20.27 -1.85
CA ASN C 296 -17.21 20.75 -1.88
C ASN C 296 -17.59 21.45 -0.58
N PHE C 297 -16.72 22.34 -0.10
CA PHE C 297 -16.94 23.03 1.16
C PHE C 297 -18.02 24.10 1.10
N ARG C 298 -18.47 24.49 -0.10
CA ARG C 298 -19.39 25.61 -0.22
C ARG C 298 -20.81 25.25 0.22
N ILE C 299 -21.29 24.08 -0.17
CA ILE C 299 -22.67 23.70 0.05
C ILE C 299 -22.78 22.91 1.35
N LEU C 300 -23.95 22.98 1.97
CA LEU C 300 -24.25 22.29 3.21
C LEU C 300 -25.74 21.97 3.22
N PRO C 301 -26.15 20.87 3.85
CA PRO C 301 -27.57 20.51 3.83
C PRO C 301 -28.42 21.42 4.70
N SER C 302 -29.68 21.52 4.34
CA SER C 302 -30.67 22.29 5.07
C SER C 302 -32.03 21.63 4.90
N THR C 303 -32.89 21.77 5.91
CA THR C 303 -34.25 21.21 6.00
C THR C 303 -34.24 19.69 5.98
N GLU C 304 -35.43 19.07 5.97
CA GLU C 304 -35.52 17.62 6.04
C GLU C 304 -36.71 17.16 5.20
N VAL C 305 -36.53 16.07 4.46
CA VAL C 305 -37.48 15.61 3.45
C VAL C 305 -37.87 14.20 3.89
N VAL C 306 -38.12 14.04 5.21
CA VAL C 306 -38.65 12.78 5.73
C VAL C 306 -39.97 12.47 5.06
N ARG C 307 -40.07 11.28 4.45
CA ARG C 307 -41.29 10.82 3.80
C ARG C 307 -41.46 9.33 4.10
N PHE C 308 -42.50 9.00 4.86
CA PHE C 308 -42.82 7.65 5.30
C PHE C 308 -44.20 7.24 4.77
N PRO C 309 -44.46 5.93 4.61
CA PRO C 309 -45.73 5.51 3.98
C PRO C 309 -46.96 5.85 4.80
N ASN C 310 -48.07 6.07 4.09
CA ASN C 310 -49.35 6.44 4.68
C ASN C 310 -49.96 5.20 5.33
N ILE C 311 -49.50 4.93 6.55
CA ILE C 311 -50.01 3.83 7.38
C ILE C 311 -50.64 4.43 8.62
N THR C 312 -51.89 4.04 8.90
CA THR C 312 -52.63 4.64 10.00
C THR C 312 -52.87 3.70 11.18
N ASN C 313 -52.55 2.41 11.04
CA ASN C 313 -52.83 1.46 12.10
C ASN C 313 -51.83 1.62 13.25
N PHE C 314 -52.33 1.48 14.47
CA PHE C 314 -51.46 1.41 15.65
C PHE C 314 -51.23 -0.03 16.03
N CYS C 315 -50.02 -0.33 16.48
CA CYS C 315 -49.58 -1.70 16.33
C CYS C 315 -49.80 -2.47 17.62
N PRO C 316 -50.32 -3.71 17.54
CA PRO C 316 -50.81 -4.38 18.74
C PRO C 316 -49.71 -4.90 19.67
N PHE C 317 -49.13 -4.02 20.47
CA PHE C 317 -48.17 -4.47 21.48
C PHE C 317 -48.83 -5.17 22.65
N ASP C 318 -50.08 -4.83 22.96
CA ASP C 318 -50.74 -5.47 24.10
C ASP C 318 -51.14 -6.91 23.82
N LYS C 319 -51.41 -7.26 22.57
CA LYS C 319 -51.76 -8.63 22.20
C LYS C 319 -50.56 -9.48 21.83
N VAL C 320 -49.35 -8.91 21.88
CA VAL C 320 -48.13 -9.71 21.69
C VAL C 320 -47.22 -9.68 22.91
N PHE C 321 -47.25 -8.64 23.74
CA PHE C 321 -46.41 -8.59 24.92
C PHE C 321 -47.17 -8.85 26.21
N ASN C 322 -48.49 -8.74 26.20
CA ASN C 322 -49.28 -8.92 27.41
C ASN C 322 -50.38 -9.95 27.22
N ALA C 323 -50.03 -11.13 26.72
CA ALA C 323 -50.99 -12.22 26.65
C ALA C 323 -51.32 -12.73 28.05
N THR C 324 -52.37 -13.56 28.13
CA THR C 324 -52.80 -14.13 29.41
C THR C 324 -51.73 -15.07 29.99
N ARG C 325 -51.14 -15.90 29.14
CA ARG C 325 -49.99 -16.70 29.56
C ARG C 325 -49.06 -16.90 28.37
N PHE C 326 -47.77 -16.69 28.61
CA PHE C 326 -46.76 -16.86 27.59
C PHE C 326 -46.47 -18.35 27.39
N PRO C 327 -46.10 -18.76 26.18
CA PRO C 327 -45.89 -20.18 25.90
C PRO C 327 -44.60 -20.70 26.53
N ASN C 328 -44.43 -22.02 26.44
CA ASN C 328 -43.21 -22.68 26.88
C ASN C 328 -42.04 -22.35 25.96
N VAL C 329 -40.83 -22.53 26.48
CA VAL C 329 -39.65 -22.22 25.67
C VAL C 329 -39.43 -23.27 24.58
N TYR C 330 -39.78 -24.53 24.84
CA TYR C 330 -39.61 -25.55 23.82
C TYR C 330 -40.70 -25.53 22.76
N ALA C 331 -41.79 -24.80 23.01
CA ALA C 331 -42.91 -24.65 22.09
C ALA C 331 -43.20 -23.18 21.85
N TRP C 332 -42.15 -22.42 21.54
CA TRP C 332 -42.28 -20.98 21.36
C TRP C 332 -43.07 -20.64 20.12
N GLN C 333 -43.94 -19.64 20.25
CA GLN C 333 -44.77 -19.18 19.14
C GLN C 333 -44.10 -18.03 18.40
N ARG C 334 -44.36 -17.97 17.10
CA ARG C 334 -43.83 -16.93 16.23
C ARG C 334 -45.00 -16.22 15.58
N THR C 335 -45.06 -14.89 15.75
CA THR C 335 -46.12 -14.09 15.17
C THR C 335 -45.53 -13.13 14.15
N LYS C 336 -45.99 -13.22 12.91
CA LYS C 336 -45.62 -12.25 11.89
C LYS C 336 -46.43 -10.98 12.12
N ILE C 337 -45.73 -9.85 12.28
CA ILE C 337 -46.40 -8.59 12.57
C ILE C 337 -46.25 -7.70 11.34
N SER C 338 -47.37 -7.24 10.79
CA SER C 338 -47.36 -6.55 9.52
C SER C 338 -48.34 -5.38 9.54
N ASP C 339 -48.02 -4.34 8.75
CA ASP C 339 -48.83 -3.15 8.54
C ASP C 339 -49.15 -2.43 9.85
N CYS C 340 -48.10 -1.93 10.50
CA CYS C 340 -48.28 -1.25 11.76
C CYS C 340 -47.15 -0.25 11.96
N ILE C 341 -47.27 0.54 13.02
CA ILE C 341 -46.34 1.62 13.31
C ILE C 341 -45.62 1.30 14.62
N ALA C 342 -44.29 1.46 14.60
CA ALA C 342 -43.44 1.01 15.69
C ALA C 342 -43.21 2.20 16.62
N ASP C 343 -44.20 2.43 17.48
CA ASP C 343 -44.18 3.60 18.35
C ASP C 343 -43.12 3.48 19.44
N TYR C 344 -43.08 2.32 20.12
CA TYR C 344 -42.18 2.01 21.23
C TYR C 344 -42.28 3.01 22.39
N THR C 345 -43.40 3.72 22.52
CA THR C 345 -43.57 4.74 23.54
C THR C 345 -44.81 4.52 24.39
N VAL C 346 -45.76 3.71 23.95
CA VAL C 346 -46.87 3.32 24.82
C VAL C 346 -46.40 2.30 25.85
N LEU C 347 -45.26 1.67 25.61
CA LEU C 347 -44.62 0.73 26.52
C LEU C 347 -43.75 1.41 27.56
N TYR C 348 -43.59 2.73 27.49
CA TYR C 348 -42.76 3.44 28.44
C TYR C 348 -43.44 3.60 29.80
N ASN C 349 -44.73 3.29 29.90
CA ASN C 349 -45.43 3.25 31.17
C ASN C 349 -45.76 1.81 31.53
N SER C 350 -45.54 1.48 32.81
CA SER C 350 -45.91 0.23 33.47
C SER C 350 -45.17 -1.01 32.96
N THR C 351 -44.20 -0.87 32.07
CA THR C 351 -43.36 -1.98 31.61
C THR C 351 -41.91 -1.56 31.65
N SER C 352 -41.13 -2.18 32.54
CA SER C 352 -39.72 -1.87 32.68
C SER C 352 -38.92 -3.02 32.08
N PHE C 353 -38.19 -2.73 30.99
CA PHE C 353 -37.50 -3.74 30.21
C PHE C 353 -36.15 -4.02 30.85
N SER C 354 -35.94 -5.27 31.28
CA SER C 354 -34.67 -5.63 31.89
C SER C 354 -33.54 -5.73 30.89
N THR C 355 -33.82 -6.14 29.66
CA THR C 355 -32.78 -6.27 28.65
C THR C 355 -33.37 -5.91 27.29
N PHE C 356 -32.80 -4.89 26.64
CA PHE C 356 -33.20 -4.48 25.30
C PHE C 356 -31.92 -4.35 24.48
N LYS C 357 -31.51 -5.45 23.86
CA LYS C 357 -30.24 -5.50 23.13
C LYS C 357 -30.53 -5.76 21.66
N CYS C 358 -30.07 -4.87 20.79
CA CYS C 358 -30.31 -4.98 19.37
C CYS C 358 -29.02 -5.28 18.64
N TYR C 359 -29.03 -6.34 17.83
CA TYR C 359 -27.91 -6.74 17.00
C TYR C 359 -28.21 -6.36 15.56
N GLY C 360 -27.26 -5.68 14.92
CA GLY C 360 -27.44 -5.22 13.56
C GLY C 360 -27.89 -3.78 13.47
N VAL C 361 -28.82 -3.40 14.35
CA VAL C 361 -29.27 -2.02 14.47
C VAL C 361 -29.05 -1.57 15.91
N SER C 362 -29.36 -0.30 16.16
CA SER C 362 -29.29 0.25 17.50
C SER C 362 -30.70 0.57 18.00
N PRO C 363 -30.93 0.52 19.31
CA PRO C 363 -32.22 0.98 19.85
C PRO C 363 -32.45 2.47 19.69
N SER C 364 -31.41 3.26 19.45
CA SER C 364 -31.55 4.69 19.20
C SER C 364 -32.02 5.00 17.79
N LYS C 365 -32.02 4.02 16.88
CA LYS C 365 -32.39 4.25 15.49
C LYS C 365 -33.61 3.44 15.08
N LEU C 366 -34.37 2.93 16.04
CA LEU C 366 -35.57 2.17 15.72
C LEU C 366 -36.75 3.06 15.36
N ILE C 367 -36.61 4.38 15.51
CA ILE C 367 -37.68 5.31 15.14
C ILE C 367 -37.58 5.65 13.66
N ASP C 368 -36.37 5.86 13.15
CA ASP C 368 -36.14 6.37 11.82
C ASP C 368 -36.25 5.33 10.72
N LEU C 369 -36.47 4.06 11.06
CA LEU C 369 -36.43 2.97 10.08
C LEU C 369 -37.81 2.36 9.88
N CYS C 370 -38.11 2.02 8.63
CA CYS C 370 -39.29 1.24 8.28
C CYS C 370 -38.87 -0.14 7.80
N PHE C 371 -39.45 -1.17 8.40
CA PHE C 371 -39.04 -2.54 8.16
C PHE C 371 -39.91 -3.17 7.07
N THR C 372 -39.30 -4.04 6.27
CA THR C 372 -40.08 -4.78 5.29
C THR C 372 -40.99 -5.80 5.97
N SER C 373 -40.45 -6.61 6.88
CA SER C 373 -41.26 -7.47 7.71
C SER C 373 -40.54 -7.81 9.01
N VAL C 374 -41.34 -7.93 10.08
CA VAL C 374 -40.88 -8.28 11.41
C VAL C 374 -41.63 -9.53 11.89
N TYR C 375 -40.93 -10.36 12.65
CA TYR C 375 -41.48 -11.53 13.32
C TYR C 375 -41.15 -11.41 14.80
N ALA C 376 -42.04 -11.91 15.64
CA ALA C 376 -41.84 -11.90 17.09
C ALA C 376 -41.92 -13.32 17.60
N ASP C 377 -40.79 -13.83 18.09
CA ASP C 377 -40.72 -15.13 18.74
C ASP C 377 -40.85 -14.91 20.24
N THR C 378 -41.89 -15.49 20.83
CA THR C 378 -42.26 -15.16 22.20
C THR C 378 -42.20 -16.40 23.10
N PHE C 379 -41.57 -16.25 24.28
CA PHE C 379 -41.47 -17.36 25.22
C PHE C 379 -41.19 -16.80 26.61
N LEU C 380 -41.09 -17.71 27.59
CA LEU C 380 -40.93 -17.34 28.99
C LEU C 380 -39.95 -18.31 29.64
N ILE C 381 -38.91 -17.76 30.27
CA ILE C 381 -37.82 -18.58 30.82
C ILE C 381 -37.50 -18.16 32.25
N ARG C 382 -36.43 -18.72 32.80
CA ARG C 382 -35.90 -18.28 34.08
C ARG C 382 -35.14 -16.95 33.92
N PHE C 383 -34.85 -16.32 35.05
CA PHE C 383 -34.22 -15.00 35.05
C PHE C 383 -32.74 -15.07 34.69
N SER C 384 -32.04 -16.14 35.06
CA SER C 384 -30.62 -16.24 34.78
C SER C 384 -30.32 -16.76 33.39
N GLU C 385 -31.31 -17.30 32.68
CA GLU C 385 -31.11 -17.83 31.35
C GLU C 385 -31.38 -16.81 30.26
N VAL C 386 -31.65 -15.56 30.62
CA VAL C 386 -31.86 -14.51 29.62
C VAL C 386 -30.57 -14.13 28.92
N ARG C 387 -29.43 -14.36 29.56
CA ARG C 387 -28.14 -14.04 28.98
C ARG C 387 -27.74 -14.99 27.87
N GLN C 388 -28.45 -16.11 27.70
CA GLN C 388 -28.15 -17.09 26.66
C GLN C 388 -28.74 -16.74 25.31
N ILE C 389 -29.65 -15.78 25.26
CA ILE C 389 -30.34 -15.43 24.01
C ILE C 389 -29.49 -14.36 23.34
N ALA C 390 -28.49 -14.83 22.58
CA ALA C 390 -27.58 -14.00 21.80
C ALA C 390 -26.94 -14.90 20.77
N PRO C 391 -26.57 -14.38 19.60
CA PRO C 391 -25.89 -15.23 18.60
C PRO C 391 -24.52 -15.68 19.07
N GLY C 392 -24.18 -16.92 18.74
CA GLY C 392 -22.91 -17.50 19.15
C GLY C 392 -22.82 -17.77 20.64
N GLU C 393 -23.66 -18.67 21.14
CA GLU C 393 -23.73 -18.94 22.57
C GLU C 393 -24.35 -20.30 22.81
N THR C 394 -24.05 -20.85 24.01
CA THR C 394 -24.53 -22.20 24.38
C THR C 394 -24.97 -22.29 25.83
N GLY C 395 -25.91 -23.19 26.15
CA GLY C 395 -26.52 -23.35 27.49
C GLY C 395 -27.64 -24.37 27.42
N VAL C 396 -28.60 -24.38 28.34
CA VAL C 396 -29.77 -25.29 28.18
C VAL C 396 -30.51 -24.63 27.02
N ILE C 397 -31.30 -23.59 27.30
CA ILE C 397 -31.89 -22.85 26.17
C ILE C 397 -30.68 -22.44 25.32
N ALA C 398 -30.84 -22.29 24.02
CA ALA C 398 -29.73 -21.89 23.13
C ALA C 398 -29.01 -23.11 22.59
N ASP C 399 -29.52 -24.30 22.86
CA ASP C 399 -28.95 -25.52 22.24
C ASP C 399 -29.99 -26.60 22.33
N TYR C 400 -30.81 -26.59 23.39
CA TYR C 400 -31.86 -27.59 23.40
C TYR C 400 -33.26 -27.02 23.26
N ASN C 401 -33.42 -25.70 23.30
CA ASN C 401 -34.77 -25.17 23.18
C ASN C 401 -34.93 -24.13 22.09
N TYR C 402 -33.95 -23.22 21.92
CA TYR C 402 -34.14 -22.07 21.03
C TYR C 402 -32.77 -21.51 20.68
N LYS C 403 -32.37 -21.64 19.42
CA LYS C 403 -31.07 -21.17 18.96
C LYS C 403 -31.26 -20.00 17.99
N LEU C 404 -30.32 -19.06 18.01
CA LEU C 404 -30.40 -17.89 17.16
C LEU C 404 -29.35 -17.96 16.06
N PRO C 405 -29.64 -17.45 14.87
CA PRO C 405 -28.66 -17.53 13.77
C PRO C 405 -27.48 -16.60 13.99
N ASP C 406 -26.37 -16.95 13.33
CA ASP C 406 -25.15 -16.15 13.41
C ASP C 406 -25.23 -14.87 12.59
N ASP C 407 -26.11 -14.82 11.59
CA ASP C 407 -26.31 -13.62 10.78
C ASP C 407 -27.52 -12.81 11.23
N PHE C 408 -27.74 -12.78 12.55
CA PHE C 408 -28.94 -12.19 13.13
C PHE C 408 -28.95 -10.67 13.00
N THR C 409 -30.14 -10.12 12.73
CA THR C 409 -30.38 -8.68 12.70
C THR C 409 -31.73 -8.46 13.37
N GLY C 410 -31.72 -8.25 14.68
CA GLY C 410 -32.95 -8.14 15.42
C GLY C 410 -32.76 -7.48 16.75
N CYS C 411 -33.74 -7.66 17.63
CA CYS C 411 -33.72 -7.06 18.96
C CYS C 411 -34.28 -8.06 19.97
N VAL C 412 -33.49 -8.38 20.98
CA VAL C 412 -33.94 -9.20 22.10
C VAL C 412 -34.47 -8.27 23.17
N LEU C 413 -35.72 -8.50 23.57
CA LEU C 413 -36.44 -7.63 24.50
C LEU C 413 -37.03 -8.52 25.58
N ALA C 414 -36.51 -8.42 26.80
CA ALA C 414 -36.95 -9.31 27.85
C ALA C 414 -37.12 -8.55 29.16
N TRP C 415 -38.18 -8.88 29.88
CA TRP C 415 -38.48 -8.22 31.15
C TRP C 415 -38.89 -9.23 32.19
N ASN C 416 -38.48 -8.98 33.43
CA ASN C 416 -38.77 -9.87 34.54
C ASN C 416 -40.21 -9.69 35.00
N THR C 417 -40.91 -10.80 35.22
CA THR C 417 -42.25 -10.76 35.79
C THR C 417 -42.48 -12.01 36.64
N ALA C 418 -42.32 -11.84 37.95
CA ALA C 418 -42.47 -12.94 38.90
C ALA C 418 -43.85 -12.98 39.55
N GLN C 419 -44.76 -12.09 39.15
CA GLN C 419 -46.09 -12.04 39.74
C GLN C 419 -47.21 -12.32 38.74
N GLN C 420 -46.99 -12.04 37.45
CA GLN C 420 -48.03 -12.27 36.45
C GLN C 420 -48.19 -13.74 36.11
N ASP C 421 -47.09 -14.50 36.09
CA ASP C 421 -47.10 -15.89 35.67
C ASP C 421 -46.70 -16.77 36.85
N ILE C 422 -47.67 -17.48 37.42
CA ILE C 422 -47.46 -18.33 38.58
C ILE C 422 -47.85 -19.75 38.20
N GLY C 423 -46.99 -20.71 38.51
CA GLY C 423 -47.32 -22.10 38.22
C GLY C 423 -46.14 -22.99 37.91
N SER C 424 -46.21 -23.75 36.81
CA SER C 424 -45.14 -24.64 36.41
C SER C 424 -45.00 -24.63 34.90
N TYR C 425 -43.76 -24.61 34.42
CA TYR C 425 -43.50 -24.59 32.99
C TYR C 425 -42.49 -25.69 32.64
N PHE C 426 -42.34 -25.95 31.34
CA PHE C 426 -41.58 -27.08 30.84
C PHE C 426 -40.42 -26.61 29.99
N TYR C 427 -39.30 -27.34 30.04
CA TYR C 427 -38.15 -27.04 29.20
C TYR C 427 -37.41 -28.32 28.87
N ARG C 428 -36.76 -28.31 27.70
CA ARG C 428 -36.03 -29.48 27.21
C ARG C 428 -34.57 -29.38 27.62
N SER C 429 -34.02 -30.50 28.11
CA SER C 429 -32.65 -30.49 28.60
C SER C 429 -31.84 -31.72 28.21
N HIS C 430 -32.40 -32.68 27.49
CA HIS C 430 -31.72 -33.93 27.20
C HIS C 430 -31.87 -34.31 25.73
N ARG C 431 -31.63 -33.36 24.84
CA ARG C 431 -31.62 -33.67 23.42
C ARG C 431 -30.26 -34.21 23.01
N ALA C 432 -30.28 -35.16 22.06
CA ALA C 432 -29.03 -35.78 21.61
C ALA C 432 -28.23 -34.85 20.72
N VAL C 433 -28.90 -34.15 19.81
CA VAL C 433 -28.26 -33.24 18.86
C VAL C 433 -28.77 -31.83 19.12
N LYS C 434 -27.88 -30.86 19.04
CA LYS C 434 -28.25 -29.46 19.18
C LYS C 434 -29.13 -29.01 18.02
N LEU C 435 -30.00 -28.03 18.29
CA LEU C 435 -30.91 -27.53 17.28
C LEU C 435 -30.21 -26.69 16.24
N LYS C 436 -30.76 -26.67 15.04
CA LYS C 436 -30.44 -25.67 14.05
C LYS C 436 -31.08 -24.34 14.46
N PRO C 437 -30.58 -23.21 13.96
CA PRO C 437 -31.17 -21.92 14.33
C PRO C 437 -32.62 -21.77 13.90
N PHE C 438 -33.41 -21.14 14.78
CA PHE C 438 -34.83 -20.83 14.58
C PHE C 438 -35.66 -22.09 14.32
N GLU C 439 -35.34 -23.17 15.01
CA GLU C 439 -36.04 -24.43 14.82
C GLU C 439 -36.83 -24.78 16.07
N ARG C 440 -37.78 -25.69 15.91
CA ARG C 440 -38.66 -26.09 17.00
C ARG C 440 -38.71 -27.62 17.09
N ASP C 441 -38.80 -28.12 18.32
CA ASP C 441 -38.90 -29.55 18.57
C ASP C 441 -39.94 -29.76 19.66
N LEU C 442 -40.87 -30.69 19.42
CA LEU C 442 -41.94 -30.97 20.37
C LEU C 442 -42.00 -32.44 20.78
N SER C 443 -41.00 -33.23 20.43
CA SER C 443 -40.98 -34.64 20.81
C SER C 443 -40.61 -34.74 22.29
N SER C 444 -41.58 -35.07 23.13
CA SER C 444 -41.33 -35.16 24.57
C SER C 444 -40.55 -36.41 24.95
N ASP C 445 -40.68 -37.48 24.18
CA ASP C 445 -40.07 -38.77 24.49
C ASP C 445 -39.25 -39.28 23.32
N GLU C 446 -38.40 -38.40 22.76
CA GLU C 446 -37.57 -38.80 21.62
C GLU C 446 -36.46 -39.74 22.05
N ASN C 447 -36.04 -39.69 23.31
CA ASN C 447 -35.07 -40.62 23.85
C ASN C 447 -35.73 -41.81 24.54
N GLY C 448 -37.05 -41.90 24.50
CA GLY C 448 -37.78 -42.92 25.25
C GLY C 448 -38.20 -42.44 26.62
N VAL C 449 -37.26 -41.85 27.36
CA VAL C 449 -37.54 -41.25 28.67
C VAL C 449 -38.14 -39.86 28.43
N ARG C 450 -38.67 -39.25 29.49
CA ARG C 450 -39.22 -37.91 29.38
C ARG C 450 -38.08 -36.90 29.32
N THR C 451 -37.96 -36.21 28.19
CA THR C 451 -36.90 -35.22 27.98
C THR C 451 -37.33 -33.81 28.38
N LEU C 452 -38.56 -33.62 28.83
CA LEU C 452 -39.08 -32.32 29.21
C LEU C 452 -39.18 -32.26 30.73
N SER C 453 -38.37 -31.41 31.33
CA SER C 453 -38.37 -31.24 32.78
C SER C 453 -39.16 -30.02 33.19
N THR C 454 -39.75 -30.10 34.38
CA THR C 454 -40.59 -29.03 34.90
C THR C 454 -39.79 -28.09 35.77
N TYR C 455 -40.26 -26.85 35.87
CA TYR C 455 -39.70 -25.87 36.79
C TYR C 455 -40.77 -24.89 37.20
N ASP C 456 -40.85 -24.64 38.50
CA ASP C 456 -41.96 -23.93 39.12
C ASP C 456 -41.67 -22.44 39.23
N PHE C 457 -42.75 -21.69 39.42
CA PHE C 457 -42.70 -20.23 39.50
C PHE C 457 -43.67 -19.78 40.59
N ASN C 458 -43.13 -19.27 41.68
CA ASN C 458 -43.86 -18.64 42.76
C ASN C 458 -43.21 -17.29 43.02
N PRO C 459 -43.94 -16.34 43.62
CA PRO C 459 -43.28 -15.07 44.01
C PRO C 459 -42.18 -15.23 45.04
N ASN C 460 -42.30 -16.21 45.93
CA ASN C 460 -41.33 -16.40 47.01
C ASN C 460 -40.23 -17.37 46.62
N VAL C 461 -39.57 -17.09 45.49
CA VAL C 461 -38.53 -17.94 44.94
C VAL C 461 -37.28 -17.07 44.81
N PRO C 462 -36.05 -17.62 44.98
CA PRO C 462 -34.83 -16.81 44.87
C PRO C 462 -34.57 -16.16 43.52
N LEU C 463 -33.42 -15.48 43.44
CA LEU C 463 -33.14 -14.46 42.43
C LEU C 463 -33.10 -15.06 41.02
N ASP C 464 -32.37 -16.15 40.86
CA ASP C 464 -32.12 -16.69 39.53
C ASP C 464 -33.33 -17.39 38.95
N TYR C 465 -34.15 -17.99 39.79
CA TYR C 465 -35.24 -18.87 39.36
C TYR C 465 -36.57 -18.14 39.26
N GLN C 466 -36.61 -17.00 38.56
CA GLN C 466 -37.86 -16.26 38.42
C GLN C 466 -38.18 -16.04 36.96
N ALA C 467 -39.46 -15.88 36.66
CA ALA C 467 -39.94 -15.85 35.29
C ALA C 467 -39.57 -14.56 34.60
N THR C 468 -39.14 -14.69 33.35
CA THR C 468 -38.79 -13.57 32.50
C THR C 468 -39.42 -13.79 31.14
N ARG C 469 -40.18 -12.81 30.68
CA ARG C 469 -40.82 -12.88 29.37
C ARG C 469 -39.85 -12.33 28.33
N VAL C 470 -39.57 -13.14 27.31
CA VAL C 470 -38.62 -12.79 26.27
C VAL C 470 -39.33 -12.74 24.93
N VAL C 471 -39.11 -11.66 24.19
CA VAL C 471 -39.55 -11.53 22.81
C VAL C 471 -38.33 -11.23 21.96
N VAL C 472 -38.10 -12.08 20.96
CA VAL C 472 -37.04 -11.87 19.99
C VAL C 472 -37.69 -11.33 18.73
N LEU C 473 -37.42 -10.08 18.39
CA LEU C 473 -37.96 -9.44 17.21
C LEU C 473 -36.94 -9.56 16.10
N SER C 474 -37.23 -10.41 15.11
CA SER C 474 -36.34 -10.63 13.98
C SER C 474 -36.96 -9.98 12.75
N PHE C 475 -36.21 -9.07 12.13
CA PHE C 475 -36.71 -8.28 11.02
C PHE C 475 -35.72 -8.24 9.88
N GLU C 476 -36.21 -7.87 8.69
CA GLU C 476 -35.29 -7.67 7.57
C GLU C 476 -35.61 -6.39 6.80
N LEU C 477 -34.58 -5.85 6.16
CA LEU C 477 -34.63 -4.57 5.46
C LEU C 477 -34.00 -4.74 4.08
N LEU C 478 -34.77 -4.48 3.03
CA LEU C 478 -34.32 -4.70 1.66
C LEU C 478 -35.21 -3.92 0.70
N ASN C 479 -35.01 -4.12 -0.60
CA ASN C 479 -35.78 -3.47 -1.66
C ASN C 479 -37.16 -4.09 -1.73
N ALA C 480 -38.05 -3.62 -0.86
CA ALA C 480 -39.43 -4.07 -0.81
C ALA C 480 -40.26 -2.95 -0.21
N PRO C 481 -41.54 -2.87 -0.56
CA PRO C 481 -42.43 -1.90 0.12
C PRO C 481 -42.63 -2.29 1.58
N ALA C 482 -42.32 -1.35 2.47
CA ALA C 482 -42.31 -1.63 3.90
C ALA C 482 -43.73 -1.78 4.45
N THR C 483 -43.85 -2.60 5.49
CA THR C 483 -45.12 -2.80 6.18
C THR C 483 -45.13 -2.19 7.57
N VAL C 484 -44.18 -2.58 8.43
CA VAL C 484 -44.05 -2.01 9.76
C VAL C 484 -43.05 -0.87 9.67
N CYS C 485 -43.47 0.33 10.06
CA CYS C 485 -42.60 1.50 9.91
C CYS C 485 -42.69 2.39 11.14
N GLY C 486 -41.72 3.31 11.26
CA GLY C 486 -41.58 4.14 12.43
C GLY C 486 -42.62 5.23 12.50
N PRO C 487 -42.67 5.91 13.65
CA PRO C 487 -43.70 6.93 13.88
C PRO C 487 -43.35 8.35 13.46
N LYS C 488 -42.32 8.55 12.62
CA LYS C 488 -41.94 9.89 12.22
C LYS C 488 -42.89 10.40 11.15
N LEU C 489 -43.44 11.60 11.38
CA LEU C 489 -44.36 12.20 10.42
C LEU C 489 -43.60 12.69 9.19
N SER C 490 -44.29 12.67 8.05
CA SER C 490 -43.67 13.07 6.81
C SER C 490 -43.61 14.60 6.71
N THR C 491 -42.78 15.08 5.79
CA THR C 491 -42.66 16.49 5.50
C THR C 491 -42.90 16.72 4.01
N GLN C 492 -42.92 17.99 3.63
CA GLN C 492 -43.16 18.36 2.24
C GLN C 492 -41.92 18.08 1.40
N LEU C 493 -42.12 17.47 0.24
CA LEU C 493 -41.02 17.19 -0.69
C LEU C 493 -40.57 18.49 -1.34
N VAL C 494 -39.33 18.88 -1.10
CA VAL C 494 -38.74 20.07 -1.70
C VAL C 494 -37.65 19.64 -2.66
N LYS C 495 -37.64 20.25 -3.84
CA LYS C 495 -36.71 19.90 -4.90
C LYS C 495 -35.75 21.06 -5.16
N ASN C 496 -34.66 20.73 -5.87
CA ASN C 496 -33.64 21.67 -6.34
C ASN C 496 -32.95 22.41 -5.19
N ARG C 497 -32.85 21.77 -4.02
CA ARG C 497 -32.11 22.30 -2.89
C ARG C 497 -31.34 21.16 -2.24
N CYS C 498 -30.16 21.46 -1.70
CA CYS C 498 -29.33 20.44 -1.08
C CYS C 498 -29.93 20.10 0.27
N VAL C 499 -30.58 18.94 0.35
CA VAL C 499 -31.40 18.57 1.50
C VAL C 499 -30.96 17.22 2.03
N ASN C 500 -31.21 17.02 3.32
CA ASN C 500 -31.11 15.71 3.93
C ASN C 500 -32.47 15.02 3.83
N PHE C 501 -32.48 13.82 3.29
CA PHE C 501 -33.72 13.08 3.07
C PHE C 501 -33.65 11.74 3.81
N ASN C 502 -34.82 11.29 4.25
CA ASN C 502 -34.97 10.01 4.93
C ASN C 502 -36.14 9.29 4.25
N PHE C 503 -35.84 8.55 3.19
CA PHE C 503 -36.84 7.84 2.40
C PHE C 503 -36.85 6.38 2.83
N ASN C 504 -37.86 6.02 3.63
CA ASN C 504 -38.07 4.65 4.15
C ASN C 504 -36.86 4.13 4.93
N GLY C 505 -36.20 5.01 5.67
CA GLY C 505 -34.99 4.62 6.35
C GLY C 505 -33.73 4.68 5.51
N LEU C 506 -33.77 5.33 4.35
CA LEU C 506 -32.58 5.52 3.52
C LEU C 506 -32.11 6.96 3.66
N ARG C 507 -31.32 7.21 4.70
CA ARG C 507 -30.84 8.56 4.97
C ARG C 507 -29.77 8.96 3.97
N GLY C 508 -29.86 10.18 3.46
CA GLY C 508 -28.89 10.65 2.49
C GLY C 508 -28.95 12.15 2.35
N THR C 509 -28.05 12.67 1.52
CA THR C 509 -27.94 14.10 1.26
C THR C 509 -27.85 14.33 -0.25
N GLY C 510 -28.67 15.23 -0.77
CA GLY C 510 -28.57 15.52 -2.19
C GLY C 510 -29.70 16.42 -2.65
N VAL C 511 -29.82 16.49 -3.98
CA VAL C 511 -30.84 17.28 -4.65
C VAL C 511 -31.78 16.31 -5.36
N LEU C 512 -33.08 16.42 -5.07
CA LEU C 512 -34.07 15.55 -5.67
C LEU C 512 -34.65 16.22 -6.91
N THR C 513 -34.66 15.49 -8.02
CA THR C 513 -35.13 16.00 -9.30
C THR C 513 -36.10 14.98 -9.88
N ASP C 514 -37.16 15.47 -10.53
CA ASP C 514 -38.15 14.58 -11.13
C ASP C 514 -37.53 13.84 -12.31
N SER C 515 -37.56 12.51 -12.25
CA SER C 515 -36.93 11.68 -13.27
C SER C 515 -37.89 10.56 -13.67
N ASP C 516 -37.57 9.91 -14.78
CA ASP C 516 -38.42 8.88 -15.34
C ASP C 516 -37.69 7.53 -15.46
N LYS C 517 -36.98 7.14 -14.41
CA LYS C 517 -36.27 5.88 -14.40
C LYS C 517 -37.25 4.71 -14.37
N ARG C 518 -36.78 3.56 -14.86
CA ARG C 518 -37.60 2.37 -15.00
C ARG C 518 -37.44 1.52 -13.74
N PHE C 519 -38.51 1.45 -12.95
CA PHE C 519 -38.56 0.60 -11.77
C PHE C 519 -39.59 -0.52 -11.96
N GLN C 520 -39.47 -1.54 -11.12
CA GLN C 520 -40.48 -2.57 -11.04
C GLN C 520 -41.59 -2.12 -10.09
N SER C 521 -42.53 -3.00 -9.79
CA SER C 521 -43.58 -2.66 -8.83
C SER C 521 -43.12 -2.79 -7.39
N PHE C 522 -41.98 -3.42 -7.14
CA PHE C 522 -41.50 -3.66 -5.80
C PHE C 522 -40.23 -2.90 -5.44
N GLN C 523 -39.58 -2.25 -6.41
CA GLN C 523 -38.33 -1.56 -6.14
C GLN C 523 -38.59 -0.26 -5.38
N GLN C 524 -37.71 0.04 -4.42
CA GLN C 524 -37.82 1.26 -3.63
C GLN C 524 -36.68 2.24 -3.84
N PHE C 525 -35.45 1.76 -4.03
CA PHE C 525 -34.37 2.64 -4.43
C PHE C 525 -33.54 1.96 -5.50
N GLY C 526 -32.83 2.77 -6.28
CA GLY C 526 -32.06 2.30 -7.42
C GLY C 526 -30.57 2.43 -7.17
N ARG C 527 -29.84 1.35 -7.47
CA ARG C 527 -28.40 1.32 -7.33
C ARG C 527 -27.75 1.68 -8.66
N ASP C 528 -26.68 2.47 -8.58
CA ASP C 528 -25.98 2.94 -9.77
C ASP C 528 -24.52 3.18 -9.39
N SER C 529 -23.64 3.07 -10.40
CA SER C 529 -22.20 3.25 -10.31
C SER C 529 -21.64 2.22 -9.32
N ALA C 530 -20.94 2.61 -8.28
CA ALA C 530 -20.35 1.68 -7.34
C ALA C 530 -21.23 1.54 -6.09
N ASP C 531 -22.43 1.00 -6.31
CA ASP C 531 -23.46 0.76 -5.29
C ASP C 531 -23.84 2.05 -4.56
N PHE C 532 -24.32 3.02 -5.34
CA PHE C 532 -24.81 4.28 -4.80
C PHE C 532 -26.30 4.38 -5.08
N THR C 533 -27.07 4.81 -4.08
CA THR C 533 -28.50 5.00 -4.25
C THR C 533 -28.72 6.31 -4.98
N ASP C 534 -29.10 6.23 -6.26
CA ASP C 534 -29.23 7.43 -7.08
C ASP C 534 -30.62 7.67 -7.62
N SER C 535 -31.51 6.68 -7.56
CA SER C 535 -32.90 6.88 -7.95
C SER C 535 -33.79 6.24 -6.91
N VAL C 536 -34.72 7.01 -6.35
CA VAL C 536 -35.56 6.57 -5.25
C VAL C 536 -37.02 6.78 -5.61
N ARG C 537 -37.89 6.23 -4.78
CA ARG C 537 -39.34 6.34 -4.95
C ARG C 537 -39.95 6.79 -3.63
N ASP C 538 -40.62 7.93 -3.64
CA ASP C 538 -41.26 8.43 -2.43
C ASP C 538 -42.50 7.59 -2.14
N PRO C 539 -42.77 7.29 -0.86
CA PRO C 539 -43.88 6.38 -0.54
C PRO C 539 -45.25 7.02 -0.69
N GLN C 540 -45.32 8.35 -0.59
CA GLN C 540 -46.55 9.08 -0.80
C GLN C 540 -46.49 9.76 -2.15
N THR C 541 -47.55 9.59 -2.95
CA THR C 541 -47.64 10.02 -4.35
C THR C 541 -46.47 9.47 -5.16
N LEU C 542 -46.51 8.14 -5.33
CA LEU C 542 -45.41 7.31 -5.82
C LEU C 542 -44.89 7.75 -7.19
N GLN C 543 -43.66 8.26 -7.21
CA GLN C 543 -43.01 8.69 -8.44
C GLN C 543 -41.52 8.52 -8.26
N ILE C 544 -40.77 8.75 -9.32
CA ILE C 544 -39.34 8.47 -9.33
C ILE C 544 -38.58 9.79 -9.17
N LEU C 545 -37.68 9.84 -8.19
CA LEU C 545 -36.87 11.01 -7.95
C LEU C 545 -35.40 10.62 -8.06
N ASP C 546 -34.65 11.36 -8.87
CA ASP C 546 -33.22 11.15 -9.00
C ASP C 546 -32.49 12.04 -8.00
N ILE C 547 -31.52 11.46 -7.31
CA ILE C 547 -30.72 12.18 -6.34
C ILE C 547 -29.44 12.59 -7.05
N SER C 548 -29.42 13.81 -7.55
CA SER C 548 -28.17 14.40 -7.99
C SER C 548 -27.36 14.80 -6.75
N PRO C 549 -26.02 14.73 -6.84
CA PRO C 549 -25.20 15.34 -5.79
C PRO C 549 -25.46 16.84 -5.73
N CYS C 550 -25.49 17.38 -4.52
CA CYS C 550 -26.10 18.68 -4.33
C CYS C 550 -25.18 19.86 -4.64
N SER C 551 -24.04 19.60 -5.27
CA SER C 551 -23.24 20.64 -5.90
C SER C 551 -22.53 20.00 -7.08
N PHE C 552 -21.51 20.68 -7.59
CA PHE C 552 -20.71 20.15 -8.69
C PHE C 552 -19.31 19.85 -8.21
N GLY C 553 -18.87 18.60 -8.37
CA GLY C 553 -17.52 18.24 -7.96
C GLY C 553 -16.46 18.66 -8.94
N GLY C 554 -16.81 18.80 -10.21
CA GLY C 554 -15.84 19.17 -11.24
C GLY C 554 -15.60 20.66 -11.34
N VAL C 555 -15.12 21.27 -10.26
CA VAL C 555 -14.82 22.69 -10.21
C VAL C 555 -13.32 22.85 -10.02
N SER C 556 -12.67 23.53 -10.96
CA SER C 556 -11.25 23.83 -10.88
C SER C 556 -11.07 25.31 -10.56
N VAL C 557 -9.99 25.63 -9.87
CA VAL C 557 -9.70 27.00 -9.46
C VAL C 557 -8.34 27.37 -10.02
N ILE C 558 -8.30 28.49 -10.76
CA ILE C 558 -7.10 28.97 -11.43
C ILE C 558 -6.66 30.25 -10.72
N THR C 559 -5.42 30.27 -10.26
CA THR C 559 -4.96 31.44 -9.53
C THR C 559 -3.50 31.69 -9.82
N PRO C 560 -3.03 32.93 -9.70
CA PRO C 560 -1.62 33.18 -9.43
C PRO C 560 -1.35 33.00 -7.95
N GLY C 561 -0.12 33.33 -7.54
CA GLY C 561 0.23 33.22 -6.14
C GLY C 561 -0.54 34.22 -5.28
N THR C 562 -0.85 33.81 -4.06
CA THR C 562 -1.55 34.70 -3.14
C THR C 562 -0.64 35.80 -2.62
N GLN C 563 0.67 35.66 -2.76
CA GLN C 563 1.60 36.75 -2.53
C GLN C 563 1.67 37.71 -3.72
N THR C 564 1.04 37.37 -4.85
CA THR C 564 1.08 38.20 -6.04
C THR C 564 -0.20 39.02 -6.22
N SER C 565 -1.35 38.36 -6.33
CA SER C 565 -2.57 39.07 -6.71
C SER C 565 -3.75 38.82 -5.79
N SER C 566 -3.86 37.59 -5.27
CA SER C 566 -5.04 37.07 -4.56
C SER C 566 -6.30 37.22 -5.42
N LYS C 567 -6.17 36.91 -6.70
CA LYS C 567 -7.27 36.97 -7.66
C LYS C 567 -7.53 35.56 -8.20
N VAL C 568 -8.81 35.24 -8.41
CA VAL C 568 -9.25 33.86 -8.62
C VAL C 568 -10.10 33.78 -9.88
N ALA C 569 -10.00 32.65 -10.58
CA ALA C 569 -10.89 32.32 -11.69
C ALA C 569 -11.41 30.90 -11.50
N VAL C 570 -12.63 30.65 -11.96
CA VAL C 570 -13.31 29.37 -11.70
C VAL C 570 -13.58 28.69 -13.04
N LEU C 571 -13.21 27.41 -13.14
CA LEU C 571 -13.49 26.60 -14.31
C LEU C 571 -14.50 25.52 -13.96
N TYR C 572 -15.57 25.44 -14.76
CA TYR C 572 -16.54 24.37 -14.66
C TYR C 572 -16.38 23.48 -15.88
N GLN C 573 -16.12 22.19 -15.65
CA GLN C 573 -15.93 21.24 -16.73
C GLN C 573 -17.20 20.40 -16.93
N ASP C 574 -17.22 19.67 -18.06
CA ASP C 574 -18.22 18.66 -18.41
C ASP C 574 -19.64 19.21 -18.48
N VAL C 575 -19.81 20.51 -18.72
CA VAL C 575 -21.11 21.16 -18.65
C VAL C 575 -21.05 22.45 -19.47
N ASN C 576 -22.21 22.87 -19.96
CA ASN C 576 -22.35 24.19 -20.58
C ASN C 576 -22.28 25.26 -19.50
N CYS C 577 -22.32 26.52 -19.88
CA CYS C 577 -22.14 27.55 -18.87
C CYS C 577 -23.46 28.26 -18.57
N THR C 578 -24.50 28.00 -19.36
CA THR C 578 -25.84 28.48 -19.06
C THR C 578 -26.46 27.76 -17.87
N ASP C 579 -26.26 26.45 -17.76
CA ASP C 579 -26.77 25.68 -16.63
C ASP C 579 -25.81 25.61 -15.45
N VAL C 580 -24.82 26.52 -15.40
CA VAL C 580 -24.00 26.64 -14.19
C VAL C 580 -24.81 27.07 -12.97
N PRO C 581 -25.75 28.03 -13.03
CA PRO C 581 -26.64 28.24 -11.86
C PRO C 581 -27.50 27.05 -11.49
N THR C 582 -27.90 26.21 -12.47
CA THR C 582 -28.70 25.03 -12.15
C THR C 582 -27.85 23.98 -11.45
N ALA C 583 -26.65 23.71 -11.97
CA ALA C 583 -25.81 22.66 -11.40
C ALA C 583 -25.19 23.11 -10.06
N LEU C 584 -24.76 24.36 -9.98
CA LEU C 584 -24.15 24.86 -8.76
C LEU C 584 -25.18 25.11 -7.66
N GLY C 585 -26.39 25.51 -8.03
CA GLY C 585 -27.43 25.77 -7.06
C GLY C 585 -27.22 27.01 -6.23
N LEU C 586 -27.35 28.20 -6.85
CA LEU C 586 -27.07 29.44 -6.16
C LEU C 586 -28.18 29.90 -5.21
N ASP C 587 -29.22 29.09 -5.01
CA ASP C 587 -30.24 29.41 -4.03
C ASP C 587 -29.72 29.30 -2.60
N GLN C 588 -28.67 28.51 -2.37
CA GLN C 588 -28.15 28.28 -1.04
C GLN C 588 -26.72 28.76 -0.82
N ILE C 589 -25.95 29.00 -1.88
CA ILE C 589 -24.54 29.38 -1.73
C ILE C 589 -24.45 30.85 -1.37
N SER C 590 -23.26 31.29 -0.97
CA SER C 590 -23.06 32.62 -0.40
C SER C 590 -23.12 33.70 -1.48
N ALA C 591 -23.12 34.95 -1.03
CA ALA C 591 -23.26 36.08 -1.94
C ALA C 591 -22.00 36.31 -2.77
N ALA C 592 -20.83 36.02 -2.19
CA ALA C 592 -19.59 36.17 -2.96
C ALA C 592 -19.44 35.06 -3.98
N TRP C 593 -20.06 33.90 -3.74
CA TRP C 593 -20.10 32.83 -4.74
C TRP C 593 -21.02 33.16 -5.90
N ARG C 594 -22.03 34.02 -5.70
CA ARG C 594 -22.99 34.32 -6.74
C ARG C 594 -22.43 35.18 -7.87
N VAL C 595 -21.31 35.87 -7.62
CA VAL C 595 -20.64 36.59 -8.69
C VAL C 595 -20.03 35.62 -9.69
N TYR C 596 -19.40 34.54 -9.20
CA TYR C 596 -18.78 33.57 -10.08
C TYR C 596 -19.75 32.55 -10.64
N ALA C 597 -20.95 32.45 -10.07
CA ALA C 597 -21.96 31.54 -10.64
C ALA C 597 -22.49 32.08 -11.97
N ILE C 598 -22.88 33.35 -11.98
CA ILE C 598 -23.25 34.03 -13.22
C ILE C 598 -22.71 35.45 -13.17
N GLY C 599 -22.12 35.92 -14.27
CA GLY C 599 -21.47 37.20 -14.31
C GLY C 599 -21.31 37.73 -15.73
N ASN C 600 -20.55 38.83 -15.82
CA ASN C 600 -20.27 39.45 -17.10
C ASN C 600 -19.06 38.85 -17.81
N ASP C 601 -18.30 37.98 -17.15
CA ASP C 601 -17.05 37.45 -17.68
C ASP C 601 -17.11 35.93 -17.86
N VAL C 602 -18.27 35.41 -18.27
CA VAL C 602 -18.38 33.99 -18.58
C VAL C 602 -17.78 33.73 -19.95
N PHE C 603 -17.12 32.58 -20.10
CA PHE C 603 -16.51 32.21 -21.37
C PHE C 603 -16.63 30.71 -21.56
N GLN C 604 -17.49 30.29 -22.49
CA GLN C 604 -17.64 28.88 -22.83
C GLN C 604 -16.46 28.43 -23.68
N THR C 605 -15.97 27.22 -23.42
CA THR C 605 -14.86 26.64 -24.17
C THR C 605 -15.15 25.15 -24.35
N GLN C 606 -14.13 24.40 -24.74
CA GLN C 606 -14.30 22.95 -24.88
C GLN C 606 -14.41 22.26 -23.53
N ALA C 607 -13.75 22.80 -22.50
CA ALA C 607 -13.68 22.17 -21.18
C ALA C 607 -14.61 22.84 -20.18
N GLY C 608 -15.81 23.24 -20.58
CA GLY C 608 -16.74 23.88 -19.69
C GLY C 608 -16.85 25.37 -19.95
N CYS C 609 -16.86 26.13 -18.86
CA CYS C 609 -16.68 27.57 -18.98
C CYS C 609 -15.77 28.11 -17.89
N LEU C 610 -15.14 29.23 -18.22
CA LEU C 610 -14.26 29.97 -17.32
C LEU C 610 -14.96 31.24 -16.89
N VAL C 611 -14.97 31.50 -15.59
CA VAL C 611 -15.57 32.70 -15.01
C VAL C 611 -14.47 33.47 -14.29
N GLY C 612 -14.35 34.75 -14.61
CA GLY C 612 -13.31 35.61 -14.07
C GLY C 612 -12.24 35.99 -15.07
N ALA C 613 -12.33 35.53 -16.31
CA ALA C 613 -11.32 35.81 -17.32
C ALA C 613 -12.02 36.14 -18.63
N GLU C 614 -11.37 36.99 -19.43
CA GLU C 614 -11.94 37.45 -20.69
C GLU C 614 -11.06 37.03 -21.87
N HIS C 615 -11.68 36.92 -23.03
CA HIS C 615 -11.02 36.43 -24.23
C HIS C 615 -10.25 37.56 -24.90
N THR C 616 -8.99 37.28 -25.23
CA THR C 616 -8.21 38.10 -26.15
C THR C 616 -7.82 37.25 -27.34
N ASN C 617 -7.99 37.80 -28.55
CA ASN C 617 -7.74 37.03 -29.76
C ASN C 617 -6.26 36.78 -29.98
N ILE C 618 -5.41 37.74 -29.59
CA ILE C 618 -3.97 37.55 -29.74
C ILE C 618 -3.46 36.55 -28.72
N SER C 619 -2.64 35.62 -29.18
CA SER C 619 -2.22 34.48 -28.39
C SER C 619 -0.79 34.65 -27.89
N TYR C 620 -0.58 34.26 -26.63
CA TYR C 620 0.75 34.31 -26.05
C TYR C 620 1.17 32.92 -25.58
N GLU C 621 2.31 32.83 -24.91
CA GLU C 621 2.78 31.58 -24.34
C GLU C 621 1.96 31.22 -23.13
N CYS C 622 1.73 29.92 -22.94
CA CYS C 622 0.88 29.43 -21.86
C CYS C 622 1.55 29.58 -20.51
N ASP C 623 0.88 30.26 -19.58
CA ASP C 623 1.33 30.35 -18.19
C ASP C 623 0.67 29.28 -17.32
N ILE C 624 -0.65 29.29 -17.26
CA ILE C 624 -1.44 28.31 -16.49
C ILE C 624 -2.19 27.44 -17.48
N PRO C 625 -1.89 26.14 -17.56
CA PRO C 625 -2.61 25.28 -18.52
C PRO C 625 -4.03 24.97 -18.09
N ILE C 626 -5.00 25.59 -18.77
CA ILE C 626 -6.41 25.28 -18.51
C ILE C 626 -6.75 23.90 -19.04
N GLY C 627 -6.31 23.60 -20.25
CA GLY C 627 -6.67 22.37 -20.93
C GLY C 627 -7.56 22.65 -22.14
N ALA C 628 -7.58 21.64 -23.03
CA ALA C 628 -8.31 21.66 -24.30
C ALA C 628 -7.92 22.82 -25.20
N GLY C 629 -6.66 23.24 -25.14
CA GLY C 629 -6.12 24.22 -26.05
C GLY C 629 -6.08 25.64 -25.54
N VAL C 630 -6.88 25.98 -24.54
CA VAL C 630 -6.91 27.34 -24.01
C VAL C 630 -5.97 27.43 -22.82
N CYS C 631 -5.55 28.66 -22.53
CA CYS C 631 -4.62 28.92 -21.43
C CYS C 631 -5.02 30.23 -20.75
N ALA C 632 -4.44 30.46 -19.58
CA ALA C 632 -4.67 31.68 -18.82
C ALA C 632 -3.34 32.21 -18.33
N SER C 633 -3.32 33.52 -18.08
CA SER C 633 -2.11 34.19 -17.63
C SER C 633 -2.50 35.39 -16.78
N TYR C 634 -1.50 36.01 -16.19
CA TYR C 634 -1.70 37.20 -15.38
C TYR C 634 -0.98 38.42 -15.92
N ASN C 635 0.10 38.21 -16.69
CA ASN C 635 0.85 39.33 -17.26
C ASN C 635 0.02 40.08 -18.29
N SER C 636 -0.75 39.36 -19.10
CA SER C 636 -1.61 39.87 -20.18
C SER C 636 -0.88 40.79 -21.17
N THR C 643 -6.20 46.74 -15.49
CA THR C 643 -4.82 46.80 -15.04
C THR C 643 -4.50 45.69 -14.04
N ASN C 644 -5.56 44.98 -13.60
CA ASN C 644 -5.39 43.86 -12.68
C ASN C 644 -6.50 42.85 -12.99
N SER C 645 -6.18 41.88 -13.84
CA SER C 645 -7.15 40.85 -14.21
C SER C 645 -6.39 39.62 -14.69
N ILE C 646 -7.08 38.48 -14.67
CA ILE C 646 -6.56 37.23 -15.22
C ILE C 646 -7.03 37.14 -16.66
N ILE C 647 -6.10 37.01 -17.59
CA ILE C 647 -6.44 36.98 -19.00
C ILE C 647 -6.50 35.52 -19.43
N ALA C 648 -7.27 35.26 -20.49
CA ALA C 648 -7.41 33.92 -21.03
C ALA C 648 -7.35 34.00 -22.55
N TYR C 649 -6.67 33.03 -23.16
CA TYR C 649 -6.44 33.05 -24.60
C TYR C 649 -6.31 31.61 -25.09
N ALA C 650 -5.91 31.46 -26.35
CA ALA C 650 -5.61 30.18 -26.94
C ALA C 650 -4.10 30.02 -27.10
N MET C 651 -3.67 28.78 -27.30
CA MET C 651 -2.25 28.47 -27.41
C MET C 651 -1.67 29.01 -28.71
N SER C 652 -0.55 29.74 -28.58
CA SER C 652 0.26 30.10 -29.74
C SER C 652 1.23 28.93 -29.94
N ILE C 653 0.96 28.13 -30.98
CA ILE C 653 1.80 26.98 -31.27
C ILE C 653 3.12 27.44 -31.89
N GLY C 654 3.10 28.63 -32.48
CA GLY C 654 4.30 29.21 -33.03
C GLY C 654 3.97 30.18 -34.13
N ALA C 655 5.00 30.86 -34.60
CA ALA C 655 4.85 31.78 -35.71
C ALA C 655 4.73 31.00 -37.01
N GLU C 656 3.71 31.32 -37.80
CA GLU C 656 3.48 30.62 -39.06
C GLU C 656 4.49 31.07 -40.09
N SER C 657 5.31 30.13 -40.56
CA SER C 657 6.37 30.42 -41.52
C SER C 657 6.10 29.70 -42.83
N SER C 658 6.79 30.15 -43.88
CA SER C 658 6.66 29.57 -45.20
C SER C 658 8.03 29.56 -45.87
N ILE C 659 8.33 28.48 -46.58
CA ILE C 659 9.61 28.31 -47.26
C ILE C 659 9.34 28.14 -48.75
N ALA C 660 10.08 28.88 -49.57
CA ALA C 660 9.90 28.88 -51.02
C ALA C 660 10.63 27.67 -51.61
N TYR C 661 9.91 26.56 -51.74
CA TYR C 661 10.42 25.38 -52.42
C TYR C 661 10.23 25.58 -53.91
N SER C 662 11.28 26.04 -54.60
CA SER C 662 11.19 26.45 -55.98
C SER C 662 11.73 25.41 -56.96
N ASN C 663 11.98 24.18 -56.48
CA ASN C 663 12.26 22.97 -57.26
C ASN C 663 13.63 22.96 -57.92
N ASN C 664 14.35 24.09 -57.90
CA ASN C 664 15.71 24.13 -58.44
C ASN C 664 16.62 25.03 -57.63
N SER C 665 16.17 25.59 -56.52
CA SER C 665 16.94 26.56 -55.75
C SER C 665 17.30 25.97 -54.40
N ILE C 666 18.49 26.34 -53.91
CA ILE C 666 18.93 25.98 -52.57
C ILE C 666 19.21 27.31 -51.86
N ALA C 667 19.20 27.27 -50.54
CA ALA C 667 19.74 28.33 -49.72
C ALA C 667 20.97 27.80 -49.00
N ILE C 668 22.06 28.57 -49.03
CA ILE C 668 23.35 28.16 -48.49
C ILE C 668 23.74 29.16 -47.41
N PRO C 669 24.13 28.71 -46.22
CA PRO C 669 24.65 29.66 -45.23
C PRO C 669 26.03 30.18 -45.62
N THR C 670 26.23 31.47 -45.36
CA THR C 670 27.50 32.14 -45.62
C THR C 670 28.22 32.60 -44.37
N ASN C 671 27.58 32.53 -43.21
CA ASN C 671 28.19 32.93 -41.95
C ASN C 671 27.57 32.13 -40.82
N PHE C 672 28.33 31.95 -39.75
CA PHE C 672 27.94 31.04 -38.68
C PHE C 672 27.99 31.74 -37.33
N SER C 673 27.73 30.96 -36.29
CA SER C 673 27.82 31.43 -34.92
C SER C 673 28.05 30.22 -34.03
N ILE C 674 28.55 30.50 -32.82
CA ILE C 674 28.77 29.49 -31.80
C ILE C 674 28.02 29.91 -30.56
N GLN C 675 27.19 29.03 -30.02
CA GLN C 675 26.42 29.33 -28.82
C GLN C 675 26.53 28.18 -27.83
N VAL C 676 26.46 28.52 -26.55
CA VAL C 676 26.59 27.53 -25.47
C VAL C 676 25.24 27.38 -24.80
N THR C 677 24.77 26.14 -24.74
CA THR C 677 23.47 25.79 -24.18
C THR C 677 23.67 25.02 -22.87
N THR C 678 22.78 25.25 -21.91
CA THR C 678 22.88 24.67 -20.59
C THR C 678 21.80 23.61 -20.41
N GLU C 679 22.21 22.39 -20.05
CA GLU C 679 21.28 21.33 -19.72
C GLU C 679 21.52 20.87 -18.29
N VAL C 680 20.44 20.69 -17.54
CA VAL C 680 20.51 20.35 -16.12
C VAL C 680 19.89 18.97 -15.93
N LEU C 681 20.63 18.07 -15.27
CA LEU C 681 20.17 16.70 -15.06
C LEU C 681 20.36 16.32 -13.60
N PRO C 682 19.30 15.90 -12.91
CA PRO C 682 19.47 15.37 -11.55
C PRO C 682 20.20 14.03 -11.56
N VAL C 683 20.87 13.74 -10.45
CA VAL C 683 21.73 12.57 -10.33
C VAL C 683 21.31 11.68 -9.18
N SER C 684 21.03 12.26 -8.00
CA SER C 684 20.63 11.51 -6.83
C SER C 684 19.66 12.34 -6.01
N VAL C 685 18.99 11.69 -5.07
CA VAL C 685 18.18 12.40 -4.08
C VAL C 685 18.81 12.16 -2.72
N SER C 686 18.24 12.79 -1.68
CA SER C 686 18.76 12.62 -0.34
C SER C 686 18.53 11.20 0.17
N LYS C 687 19.56 10.63 0.78
CA LYS C 687 19.50 9.25 1.27
C LYS C 687 18.85 9.27 2.65
N THR C 688 17.54 9.06 2.68
CA THR C 688 16.77 9.10 3.92
C THR C 688 16.65 7.68 4.48
N SER C 689 17.11 7.50 5.71
CA SER C 689 16.99 6.23 6.41
C SER C 689 16.08 6.43 7.61
N VAL C 690 15.05 5.61 7.71
CA VAL C 690 14.10 5.66 8.81
C VAL C 690 14.46 4.52 9.77
N ASP C 691 14.03 4.65 11.02
CA ASP C 691 14.35 3.66 12.04
C ASP C 691 13.08 2.98 12.54
N CYS C 692 13.23 1.71 12.92
CA CYS C 692 12.12 0.93 13.46
C CYS C 692 11.68 1.44 14.81
N THR C 693 12.62 1.52 15.75
CA THR C 693 12.42 2.25 16.99
C THR C 693 12.44 3.74 16.66
N MET C 694 11.86 4.54 17.56
CA MET C 694 11.84 6.00 17.65
C MET C 694 10.85 6.62 16.67
N TYR C 695 10.28 5.85 15.73
CA TYR C 695 9.27 6.37 14.81
C TYR C 695 7.87 6.07 15.30
N ILE C 696 7.51 4.79 15.38
CA ILE C 696 6.18 4.41 15.84
C ILE C 696 6.09 4.59 17.35
N CYS C 697 7.10 4.12 18.07
CA CYS C 697 7.08 4.05 19.51
C CYS C 697 7.98 5.14 20.07
N GLY C 698 7.45 5.95 20.97
CA GLY C 698 8.26 6.97 21.62
C GLY C 698 9.05 6.40 22.78
N ASP C 699 9.98 5.48 22.46
CA ASP C 699 10.75 4.69 23.42
C ASP C 699 9.84 3.94 24.40
N SER C 700 8.71 3.45 23.88
CA SER C 700 7.72 2.78 24.71
C SER C 700 7.98 1.28 24.76
N GLN C 701 7.86 0.71 25.95
CA GLN C 701 8.13 -0.72 26.11
C GLN C 701 7.02 -1.57 25.51
N GLU C 702 5.76 -1.19 25.74
CA GLU C 702 4.63 -1.99 25.25
C GLU C 702 4.49 -1.88 23.74
N CYS C 703 4.74 -0.69 23.18
CA CYS C 703 4.74 -0.49 21.74
C CYS C 703 5.83 -1.31 21.06
N ASN C 704 7.03 -1.33 21.64
CA ASN C 704 8.11 -2.15 21.10
C ASN C 704 7.80 -3.63 21.22
N LYS C 705 7.17 -4.03 22.34
CA LYS C 705 6.81 -5.42 22.56
C LYS C 705 5.79 -5.90 21.53
N LEU C 706 4.82 -5.05 21.19
CA LEU C 706 3.94 -5.37 20.07
C LEU C 706 4.64 -5.26 18.72
N LEU C 707 5.73 -4.49 18.63
CA LEU C 707 6.48 -4.36 17.39
C LEU C 707 7.36 -5.59 17.10
N LEU C 708 7.61 -6.39 18.13
CA LEU C 708 8.49 -7.57 17.97
C LEU C 708 7.66 -8.70 17.36
N GLN C 709 6.50 -8.37 16.78
CA GLN C 709 5.70 -9.42 16.07
C GLN C 709 5.63 -9.09 14.57
N TYR C 710 6.33 -8.05 14.11
CA TYR C 710 6.37 -7.74 12.66
C TYR C 710 7.82 -7.52 12.21
N GLY C 711 8.81 -7.67 13.09
CA GLY C 711 10.23 -7.42 12.87
C GLY C 711 10.64 -7.50 11.42
N SER C 712 10.07 -8.46 10.68
CA SER C 712 10.44 -8.67 9.28
C SER C 712 10.02 -7.50 8.38
N PHE C 713 8.92 -6.83 8.74
CA PHE C 713 8.45 -5.67 8.00
C PHE C 713 9.49 -4.56 8.01
N CYS C 714 9.94 -4.17 9.21
CA CYS C 714 10.94 -3.12 9.30
C CYS C 714 12.31 -3.57 8.86
N ALA C 715 12.60 -4.88 8.92
CA ALA C 715 13.82 -5.39 8.30
C ALA C 715 13.79 -5.16 6.79
N GLN C 716 12.64 -5.44 6.15
CA GLN C 716 12.49 -5.18 4.72
C GLN C 716 12.58 -3.69 4.41
N LEU C 717 11.98 -2.84 5.25
CA LEU C 717 12.03 -1.40 5.03
C LEU C 717 13.45 -0.85 5.14
N ASN C 718 14.19 -1.29 6.16
CA ASN C 718 15.57 -0.84 6.33
C ASN C 718 16.47 -1.36 5.21
N ARG C 719 16.27 -2.61 4.79
CA ARG C 719 17.05 -3.16 3.69
C ARG C 719 16.76 -2.44 2.38
N ALA C 720 15.48 -2.10 2.13
CA ALA C 720 15.13 -1.40 0.90
C ALA C 720 15.70 0.02 0.89
N LEU C 721 15.63 0.73 2.02
CA LEU C 721 16.17 2.09 2.05
C LEU C 721 17.71 2.09 2.00
N SER C 722 18.36 1.11 2.62
CA SER C 722 19.81 1.01 2.52
C SER C 722 20.23 0.64 1.10
N GLY C 723 19.44 -0.21 0.42
CA GLY C 723 19.72 -0.51 -0.97
C GLY C 723 19.53 0.69 -1.87
N VAL C 724 18.53 1.53 -1.57
CA VAL C 724 18.33 2.77 -2.31
C VAL C 724 19.51 3.72 -2.11
N ALA C 725 20.00 3.83 -0.87
CA ALA C 725 21.13 4.71 -0.57
C ALA C 725 22.41 4.23 -1.26
N VAL C 726 22.68 2.92 -1.22
CA VAL C 726 23.84 2.36 -1.91
C VAL C 726 23.68 2.50 -3.42
N GLU C 727 22.44 2.37 -3.92
CA GLU C 727 22.15 2.56 -5.33
C GLU C 727 22.43 3.98 -5.80
N GLN C 728 22.08 4.97 -4.99
CA GLN C 728 22.34 6.35 -5.40
C GLN C 728 23.79 6.76 -5.23
N ASP C 729 24.50 6.17 -4.26
CA ASP C 729 25.96 6.33 -4.23
C ASP C 729 26.60 5.73 -5.48
N LYS C 730 26.09 4.56 -5.91
CA LYS C 730 26.54 3.95 -7.15
C LYS C 730 26.19 4.81 -8.37
N ASN C 731 25.03 5.46 -8.35
CA ASN C 731 24.63 6.34 -9.45
C ASN C 731 25.56 7.55 -9.55
N THR C 732 25.86 8.18 -8.40
CA THR C 732 26.77 9.32 -8.37
C THR C 732 28.19 8.93 -8.79
N GLU C 733 28.66 7.75 -8.37
CA GLU C 733 29.96 7.26 -8.82
C GLU C 733 29.94 6.93 -10.31
N ALA C 734 28.84 6.34 -10.79
CA ALA C 734 28.78 5.89 -12.17
C ALA C 734 28.69 7.04 -13.15
N VAL C 735 28.00 8.13 -12.80
CA VAL C 735 27.94 9.26 -13.73
C VAL C 735 29.28 9.98 -13.78
N PHE C 736 29.89 10.31 -12.63
CA PHE C 736 31.03 11.21 -12.59
C PHE C 736 32.36 10.48 -12.75
N ALA C 737 32.61 9.46 -11.92
CA ALA C 737 33.90 8.77 -11.91
C ALA C 737 33.98 7.86 -13.13
N GLN C 738 34.33 8.46 -14.25
CA GLN C 738 34.53 7.72 -15.50
C GLN C 738 36.01 7.55 -15.82
N VAL C 739 36.80 8.59 -15.68
CA VAL C 739 38.25 8.50 -15.83
C VAL C 739 38.90 8.46 -14.46
N LYS C 740 39.97 7.70 -14.37
CA LYS C 740 40.60 7.40 -13.08
C LYS C 740 41.73 8.37 -12.75
N GLN C 741 42.49 8.80 -13.75
CA GLN C 741 43.60 9.71 -13.52
C GLN C 741 43.06 11.13 -13.38
N ILE C 742 43.34 11.76 -12.24
CA ILE C 742 42.90 13.13 -11.99
C ILE C 742 43.95 14.05 -12.60
N TYR C 743 43.67 14.55 -13.80
CA TYR C 743 44.61 15.42 -14.49
C TYR C 743 44.57 16.83 -13.91
N LYS C 744 45.74 17.43 -13.76
CA LYS C 744 45.86 18.75 -13.16
C LYS C 744 45.48 19.83 -14.16
N ALA C 745 45.20 21.02 -13.63
CA ALA C 745 44.87 22.16 -14.45
C ALA C 745 46.12 22.66 -15.19
N PRO C 746 45.96 23.20 -16.41
CA PRO C 746 47.09 23.80 -17.09
C PRO C 746 47.53 25.09 -16.41
N VAL C 747 48.80 25.43 -16.61
CA VAL C 747 49.37 26.63 -16.00
C VAL C 747 48.77 27.90 -16.62
N ILE C 748 48.34 27.84 -17.88
CA ILE C 748 47.77 28.98 -18.57
C ILE C 748 46.31 28.67 -18.89
N LYS C 749 45.42 29.57 -18.50
CA LYS C 749 43.99 29.40 -18.74
C LYS C 749 43.58 29.87 -20.13
N ASP C 750 44.50 30.41 -20.91
CA ASP C 750 44.22 30.87 -22.27
C ASP C 750 44.81 29.86 -23.25
N LEU C 751 43.95 29.05 -23.86
CA LEU C 751 44.38 27.98 -24.75
C LEU C 751 44.09 28.41 -26.18
N GLY C 752 45.06 29.09 -26.80
CA GLY C 752 44.91 29.50 -28.18
C GLY C 752 43.91 30.61 -28.42
N GLY C 753 43.62 31.41 -27.39
CA GLY C 753 42.65 32.48 -27.50
C GLY C 753 41.31 32.18 -26.86
N PHE C 754 41.05 30.93 -26.48
CA PHE C 754 39.80 30.55 -25.83
C PHE C 754 39.98 30.64 -24.32
N ASN C 755 39.17 31.49 -23.68
CA ASN C 755 39.28 31.67 -22.23
C ASN C 755 38.68 30.47 -21.50
N PHE C 756 39.41 29.97 -20.51
CA PHE C 756 38.98 28.82 -19.73
C PHE C 756 38.96 29.10 -18.24
N SER C 757 39.13 30.36 -17.81
CA SER C 757 39.18 30.67 -16.40
C SER C 757 37.82 30.57 -15.72
N GLN C 758 36.74 30.65 -16.49
CA GLN C 758 35.41 30.50 -15.92
C GLN C 758 35.12 29.05 -15.56
N LEU C 759 35.55 28.12 -16.41
CA LEU C 759 35.27 26.69 -16.20
C LEU C 759 36.15 26.06 -15.15
N LEU C 760 37.40 26.50 -15.02
CA LEU C 760 38.34 25.89 -14.09
C LEU C 760 38.46 26.75 -12.83
N PRO C 761 38.76 26.13 -11.67
CA PRO C 761 38.97 26.92 -10.46
C PRO C 761 40.25 27.75 -10.54
N ASP C 762 40.25 28.87 -9.82
CA ASP C 762 41.43 29.71 -9.78
C ASP C 762 42.55 29.05 -8.96
N PRO C 763 43.81 29.24 -9.35
CA PRO C 763 44.90 28.60 -8.59
C PRO C 763 45.17 29.23 -7.25
N THR C 764 44.74 30.47 -7.02
CA THR C 764 44.98 31.16 -5.76
C THR C 764 43.84 30.97 -4.77
N LYS C 765 43.45 29.70 -4.56
CA LYS C 765 42.38 29.33 -3.65
C LYS C 765 42.62 27.90 -3.21
N PRO C 766 42.34 27.55 -1.96
CA PRO C 766 42.48 26.17 -1.51
C PRO C 766 41.29 25.28 -1.85
N SER C 767 40.22 25.83 -2.41
CA SER C 767 39.03 25.06 -2.73
C SER C 767 39.20 24.38 -4.09
N GLN C 768 38.13 23.78 -4.58
CA GLN C 768 38.14 23.12 -5.88
C GLN C 768 36.98 23.50 -6.79
N ARG C 769 35.87 23.99 -6.24
CA ARG C 769 34.76 24.44 -7.08
C ARG C 769 35.14 25.70 -7.84
N SER C 770 34.78 25.75 -9.11
CA SER C 770 35.12 26.87 -9.96
C SER C 770 34.13 28.02 -9.75
N PHE C 771 34.24 29.05 -10.58
CA PHE C 771 33.36 30.20 -10.46
C PHE C 771 31.94 29.87 -10.88
N ILE C 772 31.80 29.13 -11.99
CA ILE C 772 30.48 28.75 -12.47
C ILE C 772 29.84 27.74 -11.51
N GLU C 773 30.65 26.85 -10.94
CA GLU C 773 30.14 25.93 -9.93
C GLU C 773 29.73 26.66 -8.66
N ASP C 774 30.43 27.75 -8.30
CA ASP C 774 30.02 28.57 -7.17
C ASP C 774 28.70 29.28 -7.44
N LEU C 775 28.52 29.78 -8.66
CA LEU C 775 27.24 30.37 -9.06
C LEU C 775 26.11 29.34 -9.01
N LEU C 776 26.39 28.12 -9.47
CA LEU C 776 25.39 27.06 -9.44
C LEU C 776 25.05 26.65 -8.01
N PHE C 777 26.04 26.67 -7.12
CA PHE C 777 25.78 26.36 -5.72
C PHE C 777 24.99 27.46 -5.06
N ASP C 778 25.20 28.72 -5.45
CA ASP C 778 24.43 29.81 -4.89
C ASP C 778 23.01 29.88 -5.44
N LYS C 779 22.78 29.39 -6.67
CA LYS C 779 21.42 29.36 -7.20
C LYS C 779 20.56 28.34 -6.46
N VAL C 780 21.07 27.12 -6.29
CA VAL C 780 20.30 26.04 -5.69
C VAL C 780 20.35 26.22 -4.17
N THR C 781 19.18 26.32 -3.56
CA THR C 781 19.04 26.45 -2.11
C THR C 781 18.51 25.14 -1.54
N LEU C 782 19.18 24.63 -0.52
CA LEU C 782 18.81 23.36 0.08
C LEU C 782 18.15 23.56 1.44
N GLN C 807 12.02 16.35 12.82
CA GLN C 807 11.67 15.00 12.33
C GLN C 807 12.55 13.98 13.05
N LYS C 808 13.74 14.37 13.49
CA LYS C 808 14.56 13.40 14.27
C LYS C 808 13.74 13.23 15.55
N PHE C 809 13.85 12.09 16.24
CA PHE C 809 12.93 11.75 17.37
C PHE C 809 11.83 11.00 16.62
N ASN C 810 12.03 10.82 15.32
CA ASN C 810 11.12 10.01 14.45
C ASN C 810 12.09 9.18 13.60
N GLY C 811 13.40 9.30 13.83
CA GLY C 811 14.36 8.43 13.18
C GLY C 811 14.62 8.73 11.72
N LEU C 812 14.00 9.76 11.17
CA LEU C 812 14.22 10.13 9.76
C LEU C 812 15.56 10.84 9.67
N THR C 813 16.60 10.06 9.37
CA THR C 813 17.98 10.55 9.35
C THR C 813 18.46 10.64 7.91
N VAL C 814 19.05 11.77 7.56
CA VAL C 814 19.56 12.00 6.21
C VAL C 814 21.05 11.63 6.22
N LEU C 815 21.38 10.50 5.61
CA LEU C 815 22.76 10.08 5.46
C LEU C 815 23.46 10.99 4.45
N PRO C 816 24.64 11.51 4.79
CA PRO C 816 25.39 12.31 3.83
C PRO C 816 25.89 11.45 2.68
N PRO C 817 26.07 12.03 1.49
CA PRO C 817 26.54 11.25 0.34
C PRO C 817 27.99 10.79 0.53
N LEU C 818 28.31 9.67 -0.12
CA LEU C 818 29.66 9.10 -0.02
C LEU C 818 30.70 10.01 -0.65
N LEU C 819 30.39 10.56 -1.82
CA LEU C 819 31.28 11.52 -2.47
C LEU C 819 30.90 12.92 -2.03
N THR C 820 31.84 13.61 -1.36
CA THR C 820 31.59 14.99 -0.99
C THR C 820 31.71 15.90 -2.21
N ASP C 821 31.31 17.16 -2.03
CA ASP C 821 31.22 18.08 -3.16
C ASP C 821 32.60 18.48 -3.66
N GLU C 822 33.62 18.42 -2.81
CA GLU C 822 34.97 18.73 -3.25
C GLU C 822 35.53 17.65 -4.18
N MET C 823 35.20 16.38 -3.92
CA MET C 823 35.64 15.31 -4.81
C MET C 823 34.94 15.36 -6.16
N ILE C 824 33.64 15.71 -6.14
CA ILE C 824 32.90 15.89 -7.38
C ILE C 824 33.44 17.09 -8.16
N ALA C 825 33.83 18.15 -7.45
CA ALA C 825 34.46 19.30 -8.09
C ALA C 825 35.81 18.93 -8.68
N ALA C 826 36.56 18.05 -8.01
CA ALA C 826 37.83 17.58 -8.55
C ALA C 826 37.63 16.75 -9.81
N TYR C 827 36.59 15.90 -9.82
CA TYR C 827 36.24 15.15 -11.02
C TYR C 827 35.87 16.07 -12.19
N THR C 828 35.05 17.10 -11.93
CA THR C 828 34.64 18.00 -12.99
C THR C 828 35.82 18.83 -13.50
N SER C 829 36.70 19.26 -12.58
CA SER C 829 37.89 20.01 -12.98
C SER C 829 38.83 19.14 -13.81
N ALA C 830 38.98 17.87 -13.43
CA ALA C 830 39.81 16.94 -14.21
C ALA C 830 39.23 16.70 -15.59
N LEU C 831 37.90 16.55 -15.70
CA LEU C 831 37.27 16.33 -16.99
C LEU C 831 37.38 17.56 -17.90
N VAL C 832 37.17 18.76 -17.35
CA VAL C 832 37.23 19.97 -18.17
C VAL C 832 38.67 20.26 -18.59
N SER C 833 39.63 20.08 -17.68
CA SER C 833 41.03 20.29 -18.03
C SER C 833 41.54 19.23 -19.00
N GLY C 834 41.01 18.01 -18.93
CA GLY C 834 41.38 16.99 -19.89
C GLY C 834 40.81 17.24 -21.27
N THR C 835 39.57 17.74 -21.34
CA THR C 835 39.02 18.12 -22.63
C THR C 835 39.71 19.36 -23.19
N ALA C 836 40.29 20.19 -22.31
CA ALA C 836 41.12 21.29 -22.77
C ALA C 836 42.47 20.82 -23.29
N THR C 837 43.09 19.85 -22.61
CA THR C 837 44.45 19.46 -22.98
C THR C 837 44.46 18.29 -23.96
N ALA C 838 43.79 17.19 -23.64
CA ALA C 838 43.78 16.02 -24.48
C ALA C 838 42.74 16.16 -25.59
N GLY C 839 42.52 15.09 -26.34
CA GLY C 839 41.56 15.10 -27.42
C GLY C 839 40.42 14.11 -27.23
N TRP C 840 40.13 13.32 -28.27
CA TRP C 840 39.09 12.31 -28.23
C TRP C 840 39.48 11.09 -27.42
N THR C 841 40.77 10.88 -27.18
CA THR C 841 41.30 9.72 -26.49
C THR C 841 41.43 9.94 -24.99
N PHE C 842 40.64 10.85 -24.43
CA PHE C 842 40.62 11.09 -22.99
C PHE C 842 40.10 9.89 -22.22
N GLY C 843 39.24 9.08 -22.83
CA GLY C 843 38.78 7.87 -22.19
C GLY C 843 39.52 6.63 -22.67
N ILE C 844 39.88 6.61 -23.94
CA ILE C 844 40.50 5.44 -24.55
C ILE C 844 42.01 5.56 -24.35
N GLY C 845 42.58 4.73 -23.47
CA GLY C 845 44.00 4.81 -23.20
C GLY C 845 44.36 6.02 -22.34
N ALA C 846 45.62 6.41 -22.44
CA ALA C 846 46.12 7.57 -21.71
C ALA C 846 45.72 8.87 -22.42
N ALA C 847 46.03 9.99 -21.78
CA ALA C 847 45.70 11.30 -22.32
C ALA C 847 46.80 11.75 -23.27
N LEU C 848 46.48 11.82 -24.55
CA LEU C 848 47.44 12.22 -25.58
C LEU C 848 47.31 13.72 -25.76
N GLN C 849 48.42 14.45 -25.64
CA GLN C 849 48.36 15.91 -25.70
C GLN C 849 48.12 16.37 -27.14
N VAL C 850 47.17 17.28 -27.31
CA VAL C 850 46.82 17.87 -28.61
C VAL C 850 46.61 19.36 -28.37
N PRO C 851 47.16 20.25 -29.22
CA PRO C 851 46.88 21.68 -29.08
C PRO C 851 45.41 22.00 -29.32
N PHE C 852 44.92 23.03 -28.63
CA PHE C 852 43.49 23.31 -28.59
C PHE C 852 42.94 23.84 -29.91
N ALA C 853 43.75 24.62 -30.64
CA ALA C 853 43.30 25.16 -31.92
C ALA C 853 43.09 24.05 -32.95
N MET C 854 44.03 23.11 -33.01
CA MET C 854 43.84 21.97 -33.90
C MET C 854 42.75 21.03 -33.39
N GLN C 855 42.53 20.97 -32.08
CA GLN C 855 41.51 20.07 -31.56
C GLN C 855 40.12 20.61 -31.85
N MET C 856 39.94 21.95 -31.82
CA MET C 856 38.76 22.56 -32.41
C MET C 856 38.67 22.34 -33.91
N ALA C 857 39.81 22.39 -34.62
CA ALA C 857 39.80 22.21 -36.07
C ALA C 857 39.31 20.83 -36.47
N TYR C 858 39.68 19.81 -35.70
CA TYR C 858 39.15 18.48 -35.93
C TYR C 858 37.81 18.23 -35.23
N ARG C 859 37.36 19.12 -34.36
CA ARG C 859 35.95 19.12 -33.99
C ARG C 859 35.07 19.56 -35.16
N PHE C 860 35.51 20.58 -35.90
CA PHE C 860 34.78 20.95 -37.12
C PHE C 860 34.92 19.92 -38.22
N ASN C 861 36.05 19.22 -38.27
CA ASN C 861 36.26 18.25 -39.35
C ASN C 861 35.38 17.00 -39.20
N GLY C 862 34.81 16.78 -38.02
CA GLY C 862 33.90 15.67 -37.82
C GLY C 862 32.44 16.08 -37.96
N ILE C 863 32.20 17.19 -38.65
CA ILE C 863 30.86 17.74 -38.83
C ILE C 863 30.46 17.76 -40.31
N GLY C 864 31.32 18.33 -41.15
CA GLY C 864 30.99 18.56 -42.54
C GLY C 864 31.55 19.90 -42.95
N VAL C 865 31.92 20.68 -41.95
CA VAL C 865 32.63 21.93 -42.16
C VAL C 865 34.10 21.61 -42.40
N THR C 866 34.65 22.15 -43.49
CA THR C 866 36.03 21.87 -43.87
C THR C 866 36.97 22.53 -42.85
N GLN C 867 38.11 21.87 -42.59
CA GLN C 867 39.07 22.27 -41.56
C GLN C 867 39.64 23.68 -41.76
N ASN C 868 39.59 24.21 -42.98
CA ASN C 868 40.19 25.51 -43.27
C ASN C 868 39.42 26.68 -42.65
N VAL C 869 38.19 26.44 -42.22
CA VAL C 869 37.28 27.53 -41.84
C VAL C 869 37.76 28.22 -40.56
N LEU C 870 38.16 27.44 -39.56
CA LEU C 870 38.60 27.99 -38.29
C LEU C 870 39.92 28.76 -38.39
N TYR C 871 40.75 28.43 -39.37
CA TYR C 871 42.07 29.02 -39.49
C TYR C 871 42.06 30.36 -40.21
N GLU C 872 40.89 30.87 -40.60
CA GLU C 872 40.76 32.22 -41.13
C GLU C 872 40.23 33.21 -40.11
N ASN C 873 39.34 32.79 -39.23
CA ASN C 873 38.71 33.66 -38.23
C ASN C 873 38.72 33.00 -36.86
N GLN C 874 39.90 32.54 -36.44
CA GLN C 874 40.05 31.92 -35.12
C GLN C 874 39.79 32.93 -34.00
N LYS C 875 40.18 34.19 -34.21
CA LYS C 875 39.91 35.22 -33.21
C LYS C 875 38.41 35.50 -33.08
N LEU C 876 37.69 35.49 -34.21
CA LEU C 876 36.24 35.69 -34.16
C LEU C 876 35.55 34.55 -33.44
N ILE C 877 36.00 33.31 -33.69
CA ILE C 877 35.43 32.13 -33.04
C ILE C 877 35.72 32.16 -31.54
N ALA C 878 36.95 32.52 -31.16
CA ALA C 878 37.32 32.59 -29.75
C ALA C 878 36.57 33.70 -29.02
N ASN C 879 36.38 34.85 -29.68
CA ASN C 879 35.61 35.93 -29.06
C ASN C 879 34.13 35.58 -28.97
N GLN C 880 33.61 34.82 -29.93
CA GLN C 880 32.24 34.33 -29.84
C GLN C 880 32.08 33.36 -28.67
N PHE C 881 33.08 32.49 -28.45
CA PHE C 881 33.05 31.55 -27.33
C PHE C 881 33.12 32.30 -26.00
N ASN C 882 33.98 33.33 -25.92
CA ASN C 882 34.09 34.12 -24.69
C ASN C 882 32.80 34.91 -24.42
N SER C 883 32.19 35.46 -25.47
CA SER C 883 30.93 36.18 -25.31
C SER C 883 29.80 35.25 -24.89
N ALA C 884 29.79 34.02 -25.43
CA ALA C 884 28.78 33.05 -25.03
C ALA C 884 28.97 32.60 -23.59
N ILE C 885 30.23 32.46 -23.15
CA ILE C 885 30.51 32.11 -21.75
C ILE C 885 30.06 33.23 -20.82
N GLY C 886 30.34 34.48 -21.19
CA GLY C 886 29.86 35.61 -20.39
C GLY C 886 28.35 35.71 -20.37
N LYS C 887 27.70 35.41 -21.50
CA LYS C 887 26.25 35.48 -21.58
C LYS C 887 25.59 34.38 -20.76
N ILE C 888 26.15 33.16 -20.75
CA ILE C 888 25.53 32.11 -19.94
C ILE C 888 25.83 32.34 -18.46
N GLN C 889 26.97 32.98 -18.14
CA GLN C 889 27.23 33.36 -16.75
C GLN C 889 26.24 34.41 -16.27
N ASP C 890 25.94 35.39 -17.12
CA ASP C 890 24.93 36.40 -16.77
C ASP C 890 23.53 35.80 -16.71
N SER C 891 23.24 34.81 -17.56
CA SER C 891 21.94 34.14 -17.51
C SER C 891 21.79 33.30 -16.25
N LEU C 892 22.88 32.68 -15.79
CA LEU C 892 22.86 31.99 -14.51
C LEU C 892 22.69 32.95 -13.35
N SER C 893 23.34 34.11 -13.42
CA SER C 893 23.26 35.07 -12.32
C SER C 893 21.90 35.75 -12.24
N SER C 894 21.25 36.00 -13.37
CA SER C 894 20.01 36.76 -13.36
C SER C 894 18.80 35.89 -13.04
N THR C 895 18.52 34.91 -13.88
CA THR C 895 17.27 34.15 -13.79
C THR C 895 17.42 33.00 -12.79
N ALA C 896 16.55 32.96 -11.78
CA ALA C 896 16.57 31.93 -10.76
C ALA C 896 15.63 30.77 -11.08
N SER C 897 15.40 30.50 -12.38
CA SER C 897 14.52 29.41 -12.80
C SER C 897 15.17 28.48 -13.81
N ALA C 898 16.45 28.68 -14.12
CA ALA C 898 17.12 27.81 -15.08
C ALA C 898 17.43 26.44 -14.48
N LEU C 899 17.70 26.39 -13.18
CA LEU C 899 17.98 25.14 -12.48
C LEU C 899 16.80 24.67 -11.66
N GLY C 900 15.59 24.82 -12.19
CA GLY C 900 14.40 24.47 -11.45
C GLY C 900 14.18 22.99 -11.25
N LYS C 901 14.82 22.14 -12.06
CA LYS C 901 14.61 20.70 -11.95
C LYS C 901 15.22 20.14 -10.66
N LEU C 902 16.40 20.61 -10.29
CA LEU C 902 17.02 20.19 -9.04
C LEU C 902 16.21 20.66 -7.83
N GLN C 903 15.67 21.88 -7.91
CA GLN C 903 14.80 22.38 -6.86
C GLN C 903 13.50 21.60 -6.79
N ASP C 904 13.00 21.11 -7.93
CA ASP C 904 11.83 20.23 -7.93
C ASP C 904 12.15 18.89 -7.26
N VAL C 905 13.37 18.38 -7.49
CA VAL C 905 13.78 17.13 -6.84
C VAL C 905 13.85 17.29 -5.33
N VAL C 906 14.49 18.39 -4.87
CA VAL C 906 14.61 18.67 -3.44
C VAL C 906 13.25 18.94 -2.82
N ASN C 907 12.38 19.64 -3.56
CA ASN C 907 11.03 19.91 -3.09
C ASN C 907 10.20 18.63 -3.00
N GLN C 908 10.39 17.70 -3.92
CA GLN C 908 9.68 16.42 -3.85
C GLN C 908 10.13 15.60 -2.65
N ASN C 909 11.43 15.57 -2.36
CA ASN C 909 11.91 14.88 -1.18
C ASN C 909 11.40 15.51 0.11
N ALA C 910 11.43 16.85 0.18
CA ALA C 910 10.95 17.56 1.36
C ALA C 910 9.45 17.40 1.53
N GLN C 911 8.70 17.37 0.42
CA GLN C 911 7.26 17.17 0.49
C GLN C 911 6.92 15.76 0.94
N ALA C 912 7.72 14.76 0.51
CA ALA C 912 7.50 13.39 0.99
C ALA C 912 7.77 13.27 2.48
N LEU C 913 8.85 13.88 2.97
CA LEU C 913 9.15 13.82 4.40
C LEU C 913 8.12 14.59 5.23
N ASN C 914 7.69 15.76 4.74
CA ASN C 914 6.65 16.52 5.41
C ASN C 914 5.32 15.80 5.41
N THR C 915 5.01 15.08 4.32
CA THR C 915 3.78 14.31 4.28
C THR C 915 3.85 13.12 5.24
N LEU C 916 5.04 12.52 5.40
CA LEU C 916 5.19 11.44 6.39
C LEU C 916 4.98 11.95 7.82
N VAL C 917 5.58 13.10 8.14
CA VAL C 917 5.39 13.61 9.51
C VAL C 917 4.01 14.22 9.70
N LYS C 918 3.29 14.54 8.61
CA LYS C 918 1.89 14.92 8.75
C LYS C 918 0.99 13.69 8.93
N GLN C 919 1.31 12.58 8.26
CA GLN C 919 0.56 11.34 8.42
C GLN C 919 0.78 10.72 9.79
N LEU C 920 1.90 11.03 10.44
CA LEU C 920 2.11 10.61 11.82
C LEU C 920 1.13 11.23 12.81
N SER C 921 0.47 12.34 12.45
CA SER C 921 -0.37 13.09 13.39
C SER C 921 -1.82 12.63 13.43
N SER C 922 -2.18 11.58 12.71
CA SER C 922 -3.54 11.07 12.72
C SER C 922 -3.67 9.95 13.76
N ASN C 923 -4.90 9.47 13.94
CA ASN C 923 -5.18 8.44 14.94
C ASN C 923 -5.45 7.06 14.35
N PHE C 924 -5.80 6.99 13.05
CA PHE C 924 -6.06 5.73 12.33
C PHE C 924 -7.16 4.90 12.99
N GLY C 925 -8.20 5.56 13.49
CA GLY C 925 -9.32 4.89 14.09
C GLY C 925 -9.19 4.62 15.57
N ALA C 926 -8.05 4.90 16.18
CA ALA C 926 -7.89 4.75 17.62
C ALA C 926 -8.48 5.96 18.33
N ILE C 927 -8.42 5.94 19.66
CA ILE C 927 -9.02 7.03 20.44
C ILE C 927 -8.17 8.30 20.46
N SER C 928 -6.91 8.22 20.05
CA SER C 928 -6.04 9.40 20.04
C SER C 928 -4.92 9.18 19.05
N SER C 929 -4.31 10.29 18.64
CA SER C 929 -3.17 10.22 17.73
C SER C 929 -1.90 9.79 18.43
N VAL C 930 -1.72 10.18 19.69
CA VAL C 930 -0.51 9.92 20.45
C VAL C 930 -0.74 8.71 21.35
N LEU C 931 0.33 7.95 21.61
CA LEU C 931 0.24 6.74 22.41
C LEU C 931 0.31 6.99 23.90
N ASN C 932 0.70 8.20 24.33
CA ASN C 932 0.94 8.44 25.74
C ASN C 932 -0.36 8.48 26.53
N ASP C 933 -1.37 9.19 26.01
CA ASP C 933 -2.65 9.23 26.72
C ASP C 933 -3.41 7.91 26.58
N ILE C 934 -3.14 7.14 25.53
CA ILE C 934 -3.73 5.81 25.41
C ILE C 934 -3.14 4.86 26.44
N LEU C 935 -1.82 4.92 26.62
CA LEU C 935 -1.17 4.09 27.64
C LEU C 935 -1.46 4.60 29.05
N SER C 936 -1.83 5.87 29.21
CA SER C 936 -2.11 6.41 30.52
C SER C 936 -3.55 6.21 30.96
N ARG C 937 -4.51 6.40 30.07
CA ARG C 937 -5.93 6.35 30.43
C ARG C 937 -6.51 4.95 30.42
N LEU C 938 -5.95 4.05 29.62
CA LEU C 938 -6.53 2.73 29.41
C LEU C 938 -5.66 1.65 30.03
N ASP C 939 -6.29 0.54 30.40
CA ASP C 939 -5.57 -0.66 30.81
C ASP C 939 -4.97 -1.35 29.59
N LYS C 940 -4.18 -2.39 29.86
CA LYS C 940 -3.43 -3.06 28.80
C LYS C 940 -4.35 -3.80 27.83
N VAL C 941 -5.39 -4.47 28.35
CA VAL C 941 -6.24 -5.31 27.52
C VAL C 941 -7.11 -4.50 26.57
N GLU C 942 -7.39 -3.23 26.90
CA GLU C 942 -8.14 -2.37 26.01
C GLU C 942 -7.24 -1.55 25.11
N ALA C 943 -6.10 -1.07 25.63
CA ALA C 943 -5.20 -0.25 24.83
C ALA C 943 -4.39 -1.08 23.84
N GLU C 944 -4.41 -2.42 23.97
CA GLU C 944 -3.72 -3.28 23.01
C GLU C 944 -4.30 -3.11 21.61
N VAL C 945 -5.63 -3.01 21.50
CA VAL C 945 -6.28 -2.85 20.20
C VAL C 945 -5.97 -1.48 19.60
N GLN C 946 -5.95 -0.43 20.44
CA GLN C 946 -5.66 0.91 19.95
C GLN C 946 -4.21 1.04 19.47
N ILE C 947 -3.27 0.47 20.23
CA ILE C 947 -1.87 0.48 19.82
C ILE C 947 -1.67 -0.36 18.57
N ASP C 948 -2.43 -1.46 18.43
CA ASP C 948 -2.37 -2.27 17.21
C ASP C 948 -2.87 -1.50 15.99
N ARG C 949 -3.96 -0.75 16.15
CA ARG C 949 -4.47 0.07 15.04
C ARG C 949 -3.48 1.17 14.66
N LEU C 950 -2.87 1.81 15.65
CA LEU C 950 -1.90 2.86 15.38
C LEU C 950 -0.64 2.31 14.72
N ILE C 951 -0.14 1.16 15.18
CA ILE C 951 1.06 0.59 14.60
C ILE C 951 0.78 0.05 13.19
N THR C 952 -0.44 -0.43 12.92
CA THR C 952 -0.80 -0.85 11.58
C THR C 952 -0.86 0.33 10.62
N GLY C 953 -1.47 1.44 11.06
CA GLY C 953 -1.52 2.63 10.22
C GLY C 953 -0.15 3.23 9.96
N ARG C 954 0.73 3.23 10.96
CA ARG C 954 2.06 3.78 10.76
C ARG C 954 2.94 2.86 9.90
N LEU C 955 2.76 1.53 10.01
CA LEU C 955 3.49 0.63 9.12
C LEU C 955 3.03 0.78 7.68
N GLN C 956 1.73 1.00 7.45
CA GLN C 956 1.27 1.24 6.09
C GLN C 956 1.75 2.59 5.56
N SER C 957 1.87 3.58 6.44
CA SER C 957 2.44 4.86 6.03
C SER C 957 3.91 4.73 5.64
N LEU C 958 4.68 3.95 6.41
CA LEU C 958 6.08 3.69 6.05
C LEU C 958 6.19 2.90 4.76
N GLN C 959 5.30 1.94 4.55
CA GLN C 959 5.31 1.14 3.32
C GLN C 959 5.00 2.01 2.10
N THR C 960 4.03 2.92 2.24
CA THR C 960 3.71 3.86 1.18
C THR C 960 4.90 4.78 0.87
N TYR C 961 5.56 5.27 1.92
CA TYR C 961 6.73 6.14 1.71
C TYR C 961 7.88 5.40 1.05
N VAL C 962 8.12 4.14 1.45
CA VAL C 962 9.21 3.36 0.86
C VAL C 962 8.91 3.04 -0.60
N THR C 963 7.66 2.71 -0.93
CA THR C 963 7.28 2.44 -2.31
C THR C 963 7.41 3.67 -3.20
N GLN C 964 6.97 4.83 -2.70
CA GLN C 964 7.12 6.06 -3.48
C GLN C 964 8.58 6.49 -3.60
N GLN C 965 9.39 6.21 -2.58
CA GLN C 965 10.83 6.45 -2.67
C GLN C 965 11.47 5.55 -3.70
N LEU C 966 11.00 4.30 -3.82
CA LEU C 966 11.51 3.39 -4.84
C LEU C 966 11.15 3.87 -6.24
N ILE C 967 9.94 4.39 -6.43
CA ILE C 967 9.54 4.93 -7.73
C ILE C 967 10.37 6.17 -8.08
N ARG C 968 10.57 7.07 -7.11
CA ARG C 968 11.39 8.25 -7.33
C ARG C 968 12.84 7.88 -7.62
N ALA C 969 13.37 6.87 -6.93
CA ALA C 969 14.72 6.41 -7.20
C ALA C 969 14.84 5.75 -8.57
N ALA C 970 13.76 5.11 -9.05
CA ALA C 970 13.78 4.58 -10.42
C ALA C 970 13.83 5.69 -11.45
N GLU C 971 13.04 6.76 -11.25
CA GLU C 971 13.08 7.90 -12.17
C GLU C 971 14.43 8.59 -12.15
N ILE C 972 15.00 8.75 -10.95
CA ILE C 972 16.32 9.37 -10.80
C ILE C 972 17.41 8.47 -11.38
N ARG C 973 17.24 7.14 -11.29
CA ARG C 973 18.15 6.20 -11.95
C ARG C 973 18.11 6.36 -13.47
N ALA C 974 16.92 6.54 -14.03
CA ALA C 974 16.80 6.76 -15.48
C ALA C 974 17.47 8.07 -15.90
N SER C 975 17.26 9.14 -15.12
CA SER C 975 17.91 10.42 -15.42
C SER C 975 19.43 10.35 -15.25
N ALA C 976 19.89 9.62 -14.24
CA ALA C 976 21.33 9.49 -14.02
C ALA C 976 22.00 8.66 -15.10
N ASN C 977 21.31 7.63 -15.59
CA ASN C 977 21.84 6.86 -16.71
C ASN C 977 21.85 7.66 -17.99
N LEU C 978 20.84 8.52 -18.19
CA LEU C 978 20.86 9.45 -19.31
C LEU C 978 22.03 10.43 -19.23
N ALA C 979 22.32 10.93 -18.02
CA ALA C 979 23.43 11.85 -17.82
C ALA C 979 24.77 11.14 -18.01
N ALA C 980 24.87 9.88 -17.56
CA ALA C 980 26.10 9.11 -17.77
C ALA C 980 26.35 8.85 -19.24
N THR C 981 25.28 8.51 -19.99
CA THR C 981 25.41 8.33 -21.44
C THR C 981 25.79 9.63 -22.12
N LYS C 982 25.21 10.75 -21.67
CA LYS C 982 25.55 12.06 -22.23
C LYS C 982 27.01 12.41 -22.00
N MET C 983 27.53 12.18 -20.80
CA MET C 983 28.89 12.66 -20.56
C MET C 983 29.89 11.66 -21.15
N SER C 984 29.51 10.40 -21.26
CA SER C 984 30.33 9.44 -21.99
C SER C 984 30.35 9.70 -23.49
N GLU C 985 29.31 10.33 -24.04
CA GLU C 985 29.27 10.58 -25.48
C GLU C 985 29.55 12.01 -25.88
N CYS C 986 29.21 13.00 -25.07
CA CYS C 986 29.38 14.40 -25.47
C CYS C 986 30.57 15.08 -24.83
N VAL C 987 30.99 14.68 -23.64
CA VAL C 987 32.20 15.25 -23.04
C VAL C 987 33.42 14.42 -23.40
N LEU C 988 33.33 13.11 -23.23
CA LEU C 988 34.43 12.19 -23.48
C LEU C 988 34.78 12.09 -24.96
N GLY C 989 33.87 12.49 -25.84
CA GLY C 989 34.12 12.52 -27.26
C GLY C 989 33.09 13.39 -27.94
N GLN C 990 33.05 13.30 -29.26
CA GLN C 990 32.07 14.02 -30.06
C GLN C 990 30.98 13.07 -30.50
N SER C 991 29.73 13.42 -30.21
CA SER C 991 28.57 12.65 -30.63
C SER C 991 28.00 13.27 -31.90
N LYS C 992 27.63 12.41 -32.85
CA LYS C 992 27.03 12.85 -34.10
C LYS C 992 25.52 12.71 -34.12
N ARG C 993 24.91 12.43 -32.98
CA ARG C 993 23.45 12.35 -32.90
C ARG C 993 22.85 13.74 -32.98
N VAL C 994 21.76 13.86 -33.74
CA VAL C 994 21.13 15.16 -33.96
C VAL C 994 20.31 15.53 -32.74
N ASP C 995 20.58 16.71 -32.18
CA ASP C 995 19.85 17.30 -31.05
C ASP C 995 19.87 16.42 -29.80
N PHE C 996 21.03 15.82 -29.54
CA PHE C 996 21.23 15.05 -28.31
C PHE C 996 21.82 15.92 -27.20
N CYS C 997 22.89 16.64 -27.51
CA CYS C 997 23.54 17.57 -26.58
C CYS C 997 23.53 18.95 -27.24
N GLY C 998 22.46 19.70 -27.00
CA GLY C 998 22.34 21.05 -27.50
C GLY C 998 21.84 21.11 -28.92
N LYS C 999 21.32 22.28 -29.29
CA LYS C 999 20.82 22.55 -30.63
C LYS C 999 21.99 23.06 -31.47
N GLY C 1000 22.55 22.18 -32.30
CA GLY C 1000 23.70 22.54 -33.10
C GLY C 1000 24.25 21.33 -33.82
N TYR C 1001 25.51 21.46 -34.24
CA TYR C 1001 26.15 20.42 -35.04
C TYR C 1001 27.18 19.61 -34.27
N HIS C 1002 28.14 20.25 -33.60
CA HIS C 1002 29.11 19.51 -32.80
C HIS C 1002 28.72 19.60 -31.34
N LEU C 1003 28.96 18.51 -30.61
CA LEU C 1003 28.38 18.29 -29.30
C LEU C 1003 29.44 18.21 -28.22
N MET C 1004 30.39 19.14 -28.26
CA MET C 1004 31.37 19.31 -27.18
C MET C 1004 30.63 19.82 -25.96
N SER C 1005 30.89 19.21 -24.80
CA SER C 1005 30.25 19.65 -23.58
C SER C 1005 31.26 19.74 -22.45
N PHE C 1006 31.01 20.65 -21.52
CA PHE C 1006 31.76 20.76 -20.29
C PHE C 1006 30.86 20.45 -19.11
N PRO C 1007 31.25 19.53 -18.23
CA PRO C 1007 30.42 19.22 -17.06
C PRO C 1007 30.77 20.07 -15.84
N GLN C 1008 29.73 20.52 -15.15
CA GLN C 1008 29.87 21.25 -13.90
C GLN C 1008 28.99 20.60 -12.86
N SER C 1009 29.45 20.59 -11.61
CA SER C 1009 28.68 19.97 -10.54
C SER C 1009 27.54 20.89 -10.11
N ALA C 1010 26.60 20.31 -9.39
CA ALA C 1010 25.47 21.03 -8.81
C ALA C 1010 24.96 20.21 -7.63
N PRO C 1011 24.29 20.85 -6.65
CA PRO C 1011 23.77 20.08 -5.50
C PRO C 1011 22.73 19.06 -5.91
N HIS C 1012 23.13 17.79 -5.81
CA HIS C 1012 22.41 16.64 -6.37
C HIS C 1012 22.09 16.84 -7.85
N GLY C 1013 23.10 17.19 -8.63
CA GLY C 1013 22.87 17.30 -10.06
C GLY C 1013 24.12 17.61 -10.83
N VAL C 1014 23.99 17.57 -12.16
CA VAL C 1014 25.06 17.91 -13.08
C VAL C 1014 24.51 18.89 -14.10
N VAL C 1015 25.38 19.77 -14.58
CA VAL C 1015 25.01 20.80 -15.55
C VAL C 1015 26.01 20.73 -16.69
N PHE C 1016 25.52 20.49 -17.90
CA PHE C 1016 26.35 20.40 -19.09
C PHE C 1016 26.25 21.69 -19.87
N LEU C 1017 27.40 22.23 -20.25
CA LEU C 1017 27.49 23.37 -21.15
C LEU C 1017 27.91 22.83 -22.52
N HIS C 1018 26.97 22.78 -23.45
CA HIS C 1018 27.26 22.34 -24.81
C HIS C 1018 27.64 23.53 -25.67
N VAL C 1019 28.77 23.40 -26.36
CA VAL C 1019 29.25 24.41 -27.29
C VAL C 1019 28.82 23.94 -28.67
N THR C 1020 27.80 24.59 -29.24
CA THR C 1020 27.18 24.15 -30.48
C THR C 1020 27.37 25.20 -31.57
N TYR C 1021 27.35 24.71 -32.81
CA TYR C 1021 27.67 25.48 -34.01
C TYR C 1021 26.40 25.64 -34.83
N VAL C 1022 25.97 26.89 -35.02
CA VAL C 1022 24.69 27.15 -35.69
C VAL C 1022 24.92 28.11 -36.86
N PRO C 1023 24.52 27.75 -38.09
CA PRO C 1023 24.59 28.71 -39.20
C PRO C 1023 23.62 29.85 -39.02
N ALA C 1024 24.03 31.05 -39.46
CA ALA C 1024 23.26 32.26 -39.19
C ALA C 1024 22.71 32.92 -40.45
N GLN C 1025 23.56 33.27 -41.41
CA GLN C 1025 23.15 34.09 -42.55
C GLN C 1025 23.02 33.21 -43.78
N GLU C 1026 21.96 33.42 -44.56
CA GLU C 1026 21.63 32.55 -45.68
C GLU C 1026 21.63 33.33 -46.98
N LYS C 1027 21.83 32.61 -48.09
CA LYS C 1027 21.82 33.23 -49.40
C LYS C 1027 21.21 32.28 -50.41
N ASN C 1028 20.37 32.83 -51.28
CA ASN C 1028 19.68 32.05 -52.31
C ASN C 1028 20.60 31.76 -53.48
N PHE C 1029 20.50 30.55 -54.02
CA PHE C 1029 21.21 30.15 -55.24
C PHE C 1029 20.34 29.20 -56.03
N THR C 1030 20.58 29.12 -57.35
CA THR C 1030 19.96 28.09 -58.17
C THR C 1030 20.91 26.91 -58.30
N THR C 1031 20.33 25.72 -58.50
CA THR C 1031 21.04 24.48 -58.22
C THR C 1031 20.68 23.43 -59.25
N ALA C 1032 21.68 22.68 -59.72
CA ALA C 1032 21.48 21.49 -60.52
C ALA C 1032 22.25 20.33 -59.91
N PRO C 1033 21.75 19.10 -60.01
CA PRO C 1033 22.46 17.96 -59.42
C PRO C 1033 23.74 17.59 -60.14
N ALA C 1034 23.70 17.47 -61.46
CA ALA C 1034 24.81 16.93 -62.23
C ALA C 1034 25.26 17.93 -63.27
N ILE C 1035 26.48 17.71 -63.78
CA ILE C 1035 27.08 18.58 -64.78
C ILE C 1035 27.48 17.73 -65.98
N CYS C 1036 26.97 18.06 -67.16
CA CYS C 1036 27.29 17.31 -68.37
C CYS C 1036 28.50 17.94 -69.04
N TYR C 1037 29.62 17.21 -69.05
CA TYR C 1037 30.82 17.61 -69.77
C TYR C 1037 31.26 16.46 -70.66
N ASP C 1038 31.45 16.75 -71.95
CA ASP C 1038 31.94 15.81 -72.96
C ASP C 1038 31.04 14.57 -73.07
N GLY C 1039 29.74 14.76 -72.89
CA GLY C 1039 28.82 13.65 -72.91
C GLY C 1039 28.90 12.75 -71.70
N LYS C 1040 29.40 13.27 -70.58
CA LYS C 1040 29.52 12.50 -69.34
C LYS C 1040 28.96 13.32 -68.18
N ALA C 1041 28.25 12.65 -67.27
CA ALA C 1041 27.60 13.32 -66.15
C ALA C 1041 28.51 13.24 -64.92
N HIS C 1042 28.98 14.40 -64.48
CA HIS C 1042 29.81 14.51 -63.29
C HIS C 1042 28.95 14.91 -62.10
N PHE C 1043 29.19 14.24 -60.98
CA PHE C 1043 28.52 14.44 -59.70
C PHE C 1043 29.52 14.93 -58.66
N PRO C 1044 29.11 15.80 -57.74
CA PRO C 1044 30.08 16.34 -56.77
C PRO C 1044 30.47 15.30 -55.72
N ARG C 1045 31.76 15.29 -55.38
CA ARG C 1045 32.26 14.36 -54.37
C ARG C 1045 31.78 14.76 -52.97
N GLU C 1046 31.89 16.05 -52.63
CA GLU C 1046 31.29 16.59 -51.42
C GLU C 1046 30.76 17.98 -51.75
N GLY C 1047 29.62 18.33 -51.13
CA GLY C 1047 29.00 19.62 -51.35
C GLY C 1047 28.04 19.61 -52.52
N VAL C 1048 27.37 20.75 -52.69
CA VAL C 1048 26.37 20.94 -53.72
C VAL C 1048 26.94 21.89 -54.78
N PHE C 1049 26.34 21.83 -55.96
CA PHE C 1049 26.68 22.72 -57.07
C PHE C 1049 25.82 23.97 -56.97
N VAL C 1050 26.44 25.09 -56.62
CA VAL C 1050 25.74 26.36 -56.55
C VAL C 1050 26.03 27.15 -57.81
N SER C 1051 25.22 28.16 -58.07
CA SER C 1051 25.39 28.97 -59.27
C SER C 1051 25.21 30.44 -58.94
N ASN C 1052 26.13 31.26 -59.40
CA ASN C 1052 26.00 32.70 -59.36
C ASN C 1052 25.31 33.15 -60.66
N GLY C 1053 25.30 34.45 -60.91
CA GLY C 1053 24.72 34.95 -62.15
C GLY C 1053 25.57 34.74 -63.37
N THR C 1054 26.84 34.35 -63.21
CA THR C 1054 27.74 34.17 -64.33
C THR C 1054 28.36 32.77 -64.39
N HIS C 1055 28.77 32.21 -63.26
CA HIS C 1055 29.53 30.97 -63.23
C HIS C 1055 28.80 29.92 -62.40
N TRP C 1056 29.34 28.70 -62.44
CA TRP C 1056 28.87 27.58 -61.64
C TRP C 1056 30.01 27.12 -60.74
N PHE C 1057 29.74 27.00 -59.45
CA PHE C 1057 30.75 26.60 -58.47
C PHE C 1057 30.24 25.41 -57.67
N VAL C 1058 31.11 24.84 -56.85
CA VAL C 1058 30.75 23.76 -55.94
C VAL C 1058 31.21 24.17 -54.54
N THR C 1059 30.39 23.86 -53.53
CA THR C 1059 30.70 24.27 -52.18
C THR C 1059 30.22 23.20 -51.20
N GLN C 1060 30.64 23.34 -49.95
CA GLN C 1060 30.16 22.44 -48.92
C GLN C 1060 28.73 22.82 -48.52
N ARG C 1061 28.05 21.88 -47.85
CA ARG C 1061 26.64 22.09 -47.53
C ARG C 1061 26.46 23.07 -46.37
N ASN C 1062 27.37 23.09 -45.42
CA ASN C 1062 27.17 23.85 -44.19
C ASN C 1062 27.92 25.17 -44.15
N PHE C 1063 28.57 25.56 -45.24
CA PHE C 1063 29.25 26.84 -45.30
C PHE C 1063 29.36 27.26 -46.76
N TYR C 1064 29.53 28.57 -46.98
CA TYR C 1064 29.81 29.10 -48.31
C TYR C 1064 31.32 29.26 -48.48
N GLU C 1065 31.92 28.31 -49.18
CA GLU C 1065 33.29 28.44 -49.69
C GLU C 1065 33.31 27.82 -51.07
N PRO C 1066 33.15 28.63 -52.12
CA PRO C 1066 33.08 28.08 -53.48
C PRO C 1066 34.43 28.03 -54.19
N GLN C 1067 34.61 26.98 -55.00
CA GLN C 1067 35.75 26.83 -55.88
C GLN C 1067 35.25 26.45 -57.27
N ILE C 1068 36.16 26.43 -58.24
CA ILE C 1068 35.80 26.09 -59.60
C ILE C 1068 35.54 24.60 -59.71
N ILE C 1069 34.80 24.20 -60.75
CA ILE C 1069 34.47 22.79 -60.95
C ILE C 1069 35.71 22.08 -61.49
N THR C 1070 36.25 21.17 -60.69
CA THR C 1070 37.52 20.50 -60.97
C THR C 1070 37.28 19.00 -60.94
N THR C 1071 38.05 18.26 -61.75
CA THR C 1071 37.97 16.81 -61.80
C THR C 1071 38.30 16.17 -60.45
N ASP C 1072 39.12 16.84 -59.63
CA ASP C 1072 39.37 16.34 -58.28
C ASP C 1072 38.14 16.46 -57.38
N ASN C 1073 37.30 17.46 -57.60
CA ASN C 1073 36.14 17.69 -56.75
C ASN C 1073 34.89 16.96 -57.22
N THR C 1074 34.90 16.37 -58.41
CA THR C 1074 33.77 15.64 -58.96
C THR C 1074 34.18 14.22 -59.29
N PHE C 1075 33.19 13.39 -59.62
CA PHE C 1075 33.45 12.08 -60.18
C PHE C 1075 32.46 11.81 -61.31
N VAL C 1076 32.92 11.06 -62.30
CA VAL C 1076 32.15 10.75 -63.49
C VAL C 1076 31.33 9.49 -63.25
N SER C 1077 30.09 9.50 -63.73
CA SER C 1077 29.18 8.37 -63.60
C SER C 1077 28.04 8.50 -64.60
N GLY C 1078 27.76 7.41 -65.31
CA GLY C 1078 26.59 7.36 -66.17
C GLY C 1078 26.73 8.18 -67.44
N SER C 1079 25.57 8.54 -67.99
CA SER C 1079 25.46 9.31 -69.23
C SER C 1079 24.70 10.60 -68.96
N CYS C 1080 24.54 11.41 -70.01
CA CYS C 1080 23.96 12.73 -69.88
C CYS C 1080 22.46 12.77 -70.17
N ASP C 1081 21.84 11.64 -70.48
CA ASP C 1081 20.40 11.59 -70.74
C ASP C 1081 19.63 10.81 -69.69
N VAL C 1082 20.32 10.08 -68.80
CA VAL C 1082 19.64 9.28 -67.78
C VAL C 1082 19.29 10.06 -66.54
N VAL C 1083 19.77 11.30 -66.41
CA VAL C 1083 19.55 12.12 -65.23
C VAL C 1083 18.70 13.32 -65.62
N ILE C 1084 17.75 13.69 -64.76
CA ILE C 1084 16.88 14.83 -64.98
C ILE C 1084 17.40 16.00 -64.18
N GLY C 1085 17.04 17.21 -64.61
CA GLY C 1085 17.46 18.42 -63.93
C GLY C 1085 18.90 18.83 -64.15
N ILE C 1086 19.57 18.24 -65.13
CA ILE C 1086 21.01 18.45 -65.30
C ILE C 1086 21.23 19.66 -66.20
N VAL C 1087 22.12 20.56 -65.79
CA VAL C 1087 22.62 21.61 -66.65
C VAL C 1087 24.05 21.26 -67.08
N ASN C 1088 24.56 22.02 -68.06
CA ASN C 1088 25.86 21.69 -68.63
C ASN C 1088 26.73 22.93 -68.85
N ASN C 1089 28.03 22.73 -68.60
CA ASN C 1089 29.09 23.69 -68.89
C ASN C 1089 30.40 22.92 -68.94
N THR C 1090 31.52 23.64 -68.89
CA THR C 1090 32.83 23.01 -68.91
C THR C 1090 33.31 22.73 -67.49
N VAL C 1091 34.07 21.66 -67.34
CA VAL C 1091 34.70 21.28 -66.09
C VAL C 1091 36.20 21.47 -66.24
N TYR C 1092 36.81 22.24 -65.33
CA TYR C 1092 38.23 22.54 -65.41
C TYR C 1092 39.07 21.30 -65.10
N ASP C 1093 40.27 21.26 -65.69
CA ASP C 1093 41.20 20.17 -65.49
C ASP C 1093 42.39 20.65 -64.67
N PRO C 1094 42.80 19.89 -63.65
CA PRO C 1094 43.93 20.33 -62.82
C PRO C 1094 45.27 20.14 -63.49
N LEU C 1095 45.36 19.19 -64.42
CA LEU C 1095 46.62 18.93 -65.11
C LEU C 1095 46.82 19.91 -66.26
C1 NAG D . 26.93 -18.46 -53.68
C2 NAG D . 25.45 -18.79 -53.84
C3 NAG D . 25.00 -19.75 -52.74
C4 NAG D . 25.86 -21.02 -52.75
C5 NAG D . 27.31 -20.61 -52.57
C6 NAG D . 28.31 -21.74 -52.64
C7 NAG D . 23.53 -17.42 -54.56
C8 NAG D . 22.82 -16.11 -54.41
N2 NAG D . 24.64 -17.58 -53.82
O3 NAG D . 23.62 -20.08 -52.89
O4 NAG D . 25.42 -21.87 -51.69
O5 NAG D . 27.70 -19.69 -53.62
O6 NAG D . 27.92 -22.71 -53.61
O7 NAG D . 23.13 -18.30 -55.32
C1 NAG D . 25.02 -23.25 -52.01
C2 NAG D . 24.29 -23.45 -53.36
C3 NAG D . 24.10 -24.95 -53.65
C4 NAG D . 25.41 -25.70 -53.53
C5 NAG D . 26.00 -25.47 -52.14
C6 NAG D . 27.34 -26.15 -51.95
C7 NAG D . 22.37 -22.38 -54.50
C8 NAG D . 21.06 -21.69 -54.30
N2 NAG D . 23.01 -22.76 -53.38
O3 NAG D . 23.57 -25.14 -54.96
O4 NAG D . 25.19 -27.10 -53.72
O5 NAG D . 26.22 -24.07 -51.96
O6 NAG D . 28.22 -25.35 -51.16
O7 NAG D . 22.84 -22.59 -55.61
C1 NAG E . 15.29 -4.24 -59.05
C2 NAG E . 15.02 -4.48 -60.53
C3 NAG E . 13.83 -3.65 -61.00
C4 NAG E . 12.61 -3.88 -60.11
C5 NAG E . 12.98 -3.71 -58.63
C6 NAG E . 11.87 -4.10 -57.69
C7 NAG E . 17.08 -5.13 -61.71
C8 NAG E . 18.24 -4.64 -62.53
N2 NAG E . 16.20 -4.19 -61.33
O3 NAG E . 13.52 -3.98 -62.35
O4 NAG E . 11.61 -2.92 -60.43
O5 NAG E . 14.11 -4.53 -58.30
O6 NAG E . 12.36 -4.89 -56.61
O7 NAG E . 16.94 -6.30 -61.40
C1 NAG E . 10.48 -3.55 -61.07
C2 NAG E . 9.27 -2.59 -61.02
C3 NAG E . 8.07 -3.18 -61.76
C4 NAG E . 8.46 -3.60 -63.17
C5 NAG E . 9.68 -4.54 -63.13
C6 NAG E . 10.18 -4.91 -64.50
C7 NAG E . 8.51 -2.98 -58.65
C8 NAG E . 8.21 -2.26 -57.36
N2 NAG E . 8.92 -2.18 -59.66
O3 NAG E . 7.02 -2.21 -61.82
O4 NAG E . 7.38 -4.28 -63.80
O5 NAG E . 10.76 -3.89 -62.44
O6 NAG E . 10.25 -3.77 -65.34
O7 NAG E . 8.38 -4.19 -58.76
C1 NAG F . -31.72 -33.49 36.93
C2 NAG F . -31.51 -34.56 35.85
C3 NAG F . -31.23 -35.91 36.52
C4 NAG F . -30.10 -35.81 37.55
C5 NAG F . -30.30 -34.62 38.49
C6 NAG F . -29.09 -34.35 39.36
C7 NAG F . -32.72 -34.00 33.80
C8 NAG F . -33.98 -34.22 33.01
N2 NAG F . -32.65 -34.64 34.96
O3 NAG F . -30.90 -36.85 35.50
O4 NAG F . -30.14 -36.96 38.39
O5 NAG F . -30.56 -33.41 37.75
O6 NAG F . -28.26 -33.33 38.79
O7 NAG F . -31.82 -33.28 33.40
C1 NAG F . -29.24 -38.02 38.05
C2 NAG F . -29.05 -38.90 39.30
C3 NAG F . -28.19 -40.12 38.98
C4 NAG F . -28.76 -40.88 37.79
C5 NAG F . -28.91 -39.94 36.59
C6 NAG F . -29.57 -40.60 35.41
C7 NAG F . -29.06 -37.91 41.58
C8 NAG F . -30.43 -38.52 41.75
N2 NAG F . -28.47 -38.13 40.39
O3 NAG F . -28.13 -40.97 40.12
O4 NAG F . -27.89 -41.95 37.44
O5 NAG F . -29.74 -38.82 36.96
O6 NAG F . -30.81 -39.97 35.10
O7 NAG F . -28.52 -37.26 42.46
C1 NAG G . 56.33 13.93 -23.99
C2 NAG G . 56.58 12.75 -23.04
C3 NAG G . 56.10 13.10 -21.63
C4 NAG G . 56.79 14.37 -21.14
C5 NAG G . 56.46 15.50 -22.12
C6 NAG G . 57.13 16.82 -21.80
C7 NAG G . 56.43 10.32 -23.37
C8 NAG G . 55.60 9.20 -23.92
N2 NAG G . 55.91 11.55 -23.52
O3 NAG G . 56.35 12.02 -20.74
O4 NAG G . 56.32 14.66 -19.82
O5 NAG G . 56.90 15.14 -23.43
O6 NAG G . 58.44 16.63 -21.31
O7 NAG G . 57.50 10.13 -22.81
C1 NAG G . 57.30 14.81 -18.73
C2 NAG G . 58.54 13.89 -18.81
C3 NAG G . 59.56 14.27 -17.73
C4 NAG G . 59.90 15.76 -17.79
C5 NAG G . 58.61 16.57 -17.66
C6 NAG G . 58.85 18.06 -17.79
C7 NAG G . 58.87 11.45 -19.10
C8 NAG G . 58.31 10.09 -18.84
N2 NAG G . 58.15 12.49 -18.65
O3 NAG G . 60.76 13.52 -17.88
O4 NAG G . 60.77 16.10 -16.73
O5 NAG G . 57.73 16.20 -18.73
O6 NAG G . 58.04 18.63 -18.79
O7 NAG G . 59.94 11.61 -19.68
C1 NAG H . 53.06 -3.74 -30.10
C2 NAG H . 54.44 -4.32 -30.40
C3 NAG H . 54.36 -5.83 -30.55
C4 NAG H . 53.69 -6.47 -29.34
C5 NAG H . 52.36 -5.77 -29.04
C6 NAG H . 51.73 -6.24 -27.74
C7 NAG H . 55.83 -2.67 -31.60
C8 NAG H . 56.30 -2.18 -32.93
N2 NAG H . 55.00 -3.71 -31.61
O3 NAG H . 55.67 -6.35 -30.71
O4 NAG H . 53.44 -7.84 -29.61
O5 NAG H . 52.54 -4.36 -28.92
O6 NAG H . 51.08 -5.16 -27.08
O7 NAG H . 56.19 -2.14 -30.54
C1 NAG H . 54.28 -8.69 -28.80
C2 NAG H . 53.69 -10.12 -28.79
C3 NAG H . 54.60 -11.09 -28.02
C4 NAG H . 56.03 -11.01 -28.55
C5 NAG H . 56.52 -9.56 -28.52
C6 NAG H . 57.90 -9.41 -29.14
C7 NAG H . 51.87 -9.83 -27.08
C8 NAG H . 50.39 -9.98 -26.86
N2 NAG H . 52.31 -10.17 -28.31
O3 NAG H . 54.10 -12.41 -28.16
O4 NAG H . 56.89 -11.80 -27.73
O5 NAG H . 55.64 -8.73 -29.30
O6 NAG H . 57.97 -10.03 -30.41
O7 NAG H . 52.61 -9.41 -26.19
C1 NAG I . -15.05 0.42 57.12
C2 NAG I . -13.55 0.65 57.32
C3 NAG I . -13.34 1.69 58.42
C4 NAG I . -14.15 2.96 58.16
C5 NAG I . -15.60 2.65 57.78
C6 NAG I . -16.34 3.86 57.25
C7 NAG I . -12.24 -1.34 56.74
C8 NAG I . -11.58 -2.59 57.26
N2 NAG I . -12.88 -0.59 57.65
O3 NAG I . -11.94 1.99 58.48
O4 NAG I . -14.23 3.70 59.38
O5 NAG I . -15.68 1.65 56.75
O6 NAG I . -16.97 3.58 56.01
O7 NAG I . -12.20 -1.03 55.55
C1 NAG I . -13.29 4.78 59.55
C2 NAG I . -13.84 5.68 60.66
C3 NAG I . -12.84 6.79 60.99
C4 NAG I . -11.48 6.22 61.31
C5 NAG I . -11.01 5.33 60.16
C6 NAG I . -9.71 4.62 60.46
C7 NAG I . -16.28 6.05 60.95
C8 NAG I . -16.20 5.16 62.16
N2 NAG I . -15.13 6.25 60.27
O3 NAG I . -13.33 7.53 62.11
O4 NAG I . -10.54 7.26 61.52
O5 NAG I . -11.98 4.30 59.91
O6 NAG I . -9.91 3.23 60.68
O7 NAG I . -17.33 6.55 60.57
C1 NAG J . 14.94 33.21 -51.50
C2 NAG J . 14.71 34.04 -50.24
C3 NAG J . 13.26 33.90 -49.76
C4 NAG J . 12.29 34.25 -50.88
C5 NAG J . 12.60 33.41 -52.12
C6 NAG J . 11.76 33.79 -53.32
C7 NAG J . 16.21 34.57 -48.37
C8 NAG J . 17.15 34.02 -47.34
N2 NAG J . 15.64 33.68 -49.19
O3 NAG J . 13.08 34.74 -48.63
O4 NAG J . 10.94 33.98 -50.51
O5 NAG J . 13.97 33.58 -52.50
O6 NAG J . 11.77 35.19 -53.54
O7 NAG J . 15.97 35.77 -48.46
C1 NAG J . 10.13 35.04 -49.90
C2 NAG J . 10.59 36.48 -50.28
C3 NAG J . 9.48 37.25 -50.99
C4 NAG J . 8.94 36.41 -52.13
C5 NAG J . 8.16 35.23 -51.55
C6 NAG J . 8.22 33.99 -52.40
C7 NAG J . 11.99 38.11 -49.07
C8 NAG J . 12.30 38.74 -47.75
N2 NAG J . 11.02 37.20 -49.08
O3 NAG J . 10.00 38.47 -51.49
O4 NAG J . 8.06 37.19 -52.93
O5 NAG J . 8.66 34.87 -50.23
O6 NAG J . 8.22 32.81 -51.62
O7 NAG J . 12.60 38.41 -50.10
C1 NAG K . 29.51 36.70 -39.08
C2 NAG K . 30.10 38.03 -39.54
C3 NAG K . 30.99 38.62 -38.46
C4 NAG K . 30.27 38.71 -37.13
C5 NAG K . 29.62 37.36 -36.77
C6 NAG K . 28.72 37.44 -35.57
C7 NAG K . 30.30 38.11 -41.99
C8 NAG K . 31.20 37.89 -43.17
N2 NAG K . 30.84 37.87 -40.79
O3 NAG K . 31.43 39.91 -38.87
O4 NAG K . 31.19 39.05 -36.11
O5 NAG K . 28.80 36.90 -37.86
O6 NAG K . 27.53 36.69 -35.76
O7 NAG K . 29.13 38.49 -42.12
C1 NAG K . 30.95 40.39 -35.61
C2 NAG K . 31.66 40.55 -34.25
C3 NAG K . 31.50 41.99 -33.72
C4 NAG K . 31.93 42.99 -34.77
C5 NAG K . 31.20 42.75 -36.08
C6 NAG K . 31.66 43.64 -37.21
C7 NAG K . 30.00 39.39 -32.75
C8 NAG K . 29.88 38.29 -31.73
N2 NAG K . 31.25 39.57 -33.25
O3 NAG K . 32.28 42.14 -32.54
O4 NAG K . 31.66 44.32 -34.33
O5 NAG K . 31.42 41.40 -36.52
O6 NAG K . 33.08 43.65 -37.30
O7 NAG K . 29.03 40.08 -33.08
C1 NAG L . -49.55 5.04 31.89
C2 NAG L . -49.73 6.22 30.96
C3 NAG L . -51.19 6.31 30.52
C4 NAG L . -51.71 4.98 29.97
C5 NAG L . -51.31 3.79 30.86
C6 NAG L . -51.54 2.46 30.19
C7 NAG L . -48.09 7.99 31.44
C8 NAG L . -47.84 9.27 32.17
N2 NAG L . -49.32 7.46 31.60
O3 NAG L . -51.31 7.33 29.54
O4 NAG L . -53.13 5.00 29.99
O5 NAG L . -49.91 3.83 31.20
O6 NAG L . -50.35 1.93 29.64
O7 NAG L . -47.24 7.46 30.74
C1 NAG L . -53.81 5.36 28.78
C2 NAG L . -55.25 4.85 28.90
C3 NAG L . -56.08 5.30 27.70
C4 NAG L . -55.98 6.81 27.49
C5 NAG L . -54.52 7.22 27.39
C6 NAG L . -54.32 8.71 27.31
C7 NAG L . -55.67 2.76 30.16
C8 NAG L . -56.09 3.62 31.32
N2 NAG L . -55.29 3.41 29.05
O3 NAG L . -57.44 4.93 27.90
O4 NAG L . -56.66 7.19 26.31
O5 NAG L . -53.80 6.77 28.56
O6 NAG L . -53.63 9.21 28.44
O7 NAG L . -55.69 1.53 30.22
C1 NAG M . -59.88 -26.91 0.59
C2 NAG M . -61.39 -26.63 0.68
C3 NAG M . -61.65 -25.48 1.64
C4 NAG M . -61.01 -25.74 3.00
C5 NAG M . -59.53 -26.07 2.84
C6 NAG M . -58.88 -26.48 4.13
C7 NAG M . -62.55 -27.28 -1.38
C8 NAG M . -63.08 -26.81 -2.70
N2 NAG M . -61.95 -26.35 -0.63
O3 NAG M . -63.06 -25.31 1.79
O4 NAG M . -61.16 -24.60 3.84
O5 NAG M . -59.36 -27.16 1.91
O6 NAG M . -59.81 -27.08 5.02
O7 NAG M . -62.67 -28.44 -1.00
C1 NAG N . -7.78 -46.94 23.45
C2 NAG N . -8.14 -47.12 21.96
C3 NAG N . -7.01 -47.81 21.22
C4 NAG N . -5.70 -47.07 21.42
C5 NAG N . -5.39 -46.95 22.90
C6 NAG N . -4.13 -46.14 23.18
C7 NAG N . -10.57 -47.31 21.60
C8 NAG N . -11.73 -48.26 21.46
N2 NAG N . -9.38 -47.88 21.82
O3 NAG N . -7.32 -47.87 19.83
O4 NAG N . -4.63 -47.76 20.77
O5 NAG N . -6.47 -46.29 23.58
O6 NAG N . -3.86 -45.22 22.13
O7 NAG N . -10.71 -46.10 21.51
C1 NAG O . -16.45 -15.73 -34.46
C2 NAG O . -16.72 -14.23 -34.55
C3 NAG O . -18.19 -13.95 -34.22
C4 NAG O . -19.12 -14.80 -35.07
C5 NAG O . -18.75 -16.28 -34.95
C6 NAG O . -19.55 -17.17 -35.87
C7 NAG O . -15.31 -12.29 -34.03
C8 NAG O . -14.43 -11.66 -33.00
N2 NAG O . -15.84 -13.48 -33.69
O3 NAG O . -18.47 -12.57 -34.43
O4 NAG O . -20.46 -14.62 -34.65
O5 NAG O . -17.36 -16.46 -35.30
O6 NAG O . -19.45 -18.54 -35.49
O7 NAG O . -15.56 -11.77 -35.11
C1 NAG P . 40.96 -20.32 -47.68
C2 NAG P . 42.15 -19.88 -48.52
C3 NAG P . 42.41 -20.89 -49.65
C4 NAG P . 42.56 -22.30 -49.07
C5 NAG P . 41.35 -22.66 -48.22
C6 NAG P . 41.49 -23.99 -47.53
C7 NAG P . 42.94 -17.67 -49.24
C8 NAG P . 42.56 -16.35 -49.82
N2 NAG P . 41.95 -18.56 -49.07
O3 NAG P . 43.59 -20.53 -50.35
O4 NAG P . 42.70 -23.24 -50.13
O5 NAG P . 41.17 -21.67 -47.19
O6 NAG P . 42.85 -24.31 -47.27
O7 NAG P . 44.10 -17.94 -48.95
C1 NAG Q . 33.18 -10.25 -66.65
C2 NAG Q . 33.05 -11.05 -67.94
C3 NAG Q . 33.99 -10.49 -69.00
C4 NAG Q . 33.75 -9.01 -69.21
C5 NAG Q . 33.84 -8.27 -67.87
C6 NAG Q . 33.48 -6.80 -67.99
C7 NAG Q . 32.34 -13.37 -67.58
C8 NAG Q . 32.79 -14.78 -67.35
N2 NAG Q . 33.31 -12.46 -67.71
O3 NAG Q . 33.81 -11.19 -70.23
O4 NAG Q . 34.70 -8.47 -70.11
O5 NAG Q . 32.94 -8.85 -66.92
O6 NAG Q . 34.37 -6.10 -68.83
O7 NAG Q . 31.15 -13.07 -67.64
C1 NAG R . -52.39 -31.69 21.97
C2 NAG R . -51.28 -31.25 22.94
C3 NAG R . -51.75 -31.43 24.38
C4 NAG R . -53.07 -30.70 24.62
C5 NAG R . -54.11 -31.16 23.61
C6 NAG R . -55.40 -30.37 23.71
C7 NAG R . -48.83 -31.46 22.88
C8 NAG R . -47.68 -32.37 22.58
N2 NAG R . -50.05 -31.99 22.70
O3 NAG R . -50.76 -30.93 25.27
O4 NAG R . -53.54 -30.96 25.94
O5 NAG R . -53.62 -30.98 22.26
O6 NAG R . -55.15 -29.04 24.12
O7 NAG R . -48.68 -30.31 23.27
C1 NAG S . -36.58 -5.36 -19.54
C2 NAG S . -35.87 -5.89 -20.80
C3 NAG S . -36.25 -5.05 -22.01
C4 NAG S . -37.77 -4.97 -22.16
C5 NAG S . -38.41 -4.48 -20.87
C6 NAG S . -39.92 -4.51 -20.90
C7 NAG S . -33.70 -7.02 -20.65
C8 NAG S . -32.22 -6.85 -20.46
N2 NAG S . -34.43 -5.90 -20.62
O3 NAG S . -35.66 -5.61 -23.18
O4 NAG S . -38.11 -4.09 -23.22
O5 NAG S . -38.00 -5.32 -19.78
O6 NAG S . -40.47 -3.36 -20.26
O7 NAG S . -34.21 -8.12 -20.85
C1 NAG T . -24.97 -30.01 46.20
C2 NAG T . -26.18 -30.70 45.57
C3 NAG T . -27.45 -30.36 46.37
C4 NAG T . -27.25 -30.69 47.85
C5 NAG T . -26.00 -30.01 48.38
C6 NAG T . -25.69 -30.39 49.81
C7 NAG T . -25.81 -31.00 43.17
C8 NAG T . -26.06 -30.47 41.79
N2 NAG T . -26.34 -30.31 44.18
O3 NAG T . -28.55 -31.10 45.85
O4 NAG T . -28.39 -30.24 48.59
O5 NAG T . -24.87 -30.39 47.59
O6 NAG T . -25.04 -31.65 49.88
O7 NAG T . -25.15 -32.02 43.35
C1 NAG U . 7.68 -38.57 -11.63
C2 NAG U . 8.62 -39.38 -12.53
C3 NAG U . 9.92 -39.70 -11.79
C4 NAG U . 10.55 -38.44 -11.22
C5 NAG U . 9.53 -37.67 -10.38
C6 NAG U . 10.04 -36.33 -9.90
C7 NAG U . 7.49 -41.62 -12.42
C8 NAG U . 6.91 -42.72 -13.26
N2 NAG U . 8.00 -40.58 -13.09
O3 NAG U . 10.83 -40.33 -12.70
O4 NAG U . 11.66 -38.78 -10.40
O5 NAG U . 8.35 -37.40 -11.16
O6 NAG U . 9.11 -35.30 -10.15
O7 NAG U . 7.51 -41.71 -11.18
C1 NAG V . -28.76 -43.76 -12.79
C2 NAG V . -29.65 -44.92 -12.31
C3 NAG V . -28.87 -45.84 -11.37
C4 NAG V . -27.56 -46.31 -12.01
C5 NAG V . -26.75 -45.10 -12.46
C6 NAG V . -25.50 -45.47 -13.21
C7 NAG V . -32.04 -45.02 -11.74
C8 NAG V . -33.16 -44.35 -10.99
N2 NAG V . -30.85 -44.42 -11.65
O3 NAG V . -29.67 -46.97 -11.05
O4 NAG V . -26.81 -47.05 -11.07
O5 NAG V . -27.53 -44.29 -13.35
O6 NAG V . -25.29 -44.63 -14.34
O7 NAG V . -32.21 -46.03 -12.41
C1 NAG W . -24.46 -32.80 -20.37
C2 NAG W . -23.11 -32.73 -21.10
C3 NAG W . -23.30 -32.48 -22.60
C4 NAG W . -24.27 -33.48 -23.20
C5 NAG W . -25.58 -33.49 -22.41
C6 NAG W . -26.56 -34.54 -22.88
C7 NAG W . -22.36 -30.43 -20.40
C8 NAG W . -21.23 -29.68 -19.74
N2 NAG W . -22.18 -31.76 -20.50
O3 NAG W . -22.04 -32.56 -23.26
O4 NAG W . -24.54 -33.16 -24.56
O5 NAG W . -25.31 -33.76 -21.03
O6 NAG W . -26.96 -35.39 -21.82
O7 NAG W . -23.36 -29.85 -20.82
C1 NAG X . -51.99 -41.70 15.60
C2 NAG X . -51.23 -43.03 15.43
C3 NAG X . -52.19 -44.20 15.64
C4 NAG X . -52.90 -44.08 16.97
C5 NAG X . -53.58 -42.71 17.11
C6 NAG X . -54.19 -42.48 18.47
C7 NAG X . -49.30 -43.48 13.94
C8 NAG X . -48.50 -43.81 15.18
N2 NAG X . -50.58 -43.11 14.14
O3 NAG X . -51.45 -45.42 15.58
O4 NAG X . -53.89 -45.10 17.09
O5 NAG X . -52.62 -41.66 16.90
O6 NAG X . -55.52 -42.97 18.54
O7 NAG X . -48.80 -43.54 12.82
C1 NAG Y . -35.13 -33.65 12.85
C2 NAG Y . -33.71 -34.22 12.88
C3 NAG Y . -33.75 -35.67 13.37
C4 NAG Y . -34.47 -35.77 14.71
C5 NAG Y . -35.84 -35.11 14.62
C6 NAG Y . -36.56 -35.05 15.96
C7 NAG Y . -32.11 -33.29 11.24
C8 NAG Y . -31.62 -32.37 12.32
N2 NAG Y . -33.09 -34.14 11.57
O3 NAG Y . -32.42 -36.15 13.50
O4 NAG Y . -34.63 -37.13 15.08
O5 NAG Y . -35.72 -33.75 14.17
O6 NAG Y . -36.05 -34.00 16.77
O7 NAG Y . -31.63 -33.27 10.11
C1 NAG Z . 5.68 -36.28 -37.21
C2 NAG Z . 6.87 -36.84 -37.98
C3 NAG Z . 6.56 -36.88 -39.48
C4 NAG Z . 5.26 -37.63 -39.75
C5 NAG Z . 4.13 -37.01 -38.92
C6 NAG Z . 2.83 -37.76 -39.05
C7 NAG Z . 9.30 -36.58 -37.69
C8 NAG Z . 10.42 -35.62 -37.42
N2 NAG Z . 8.07 -36.05 -37.74
O3 NAG Z . 7.64 -37.53 -40.17
O4 NAG Z . 4.93 -37.56 -41.13
O5 NAG Z . 4.48 -37.03 -37.53
O6 NAG Z . 3.05 -39.15 -39.26
O7 NAG Z . 9.50 -37.77 -37.88
C1 NAG AA . 52.19 -12.31 -59.13
C2 NAG AA . 53.71 -12.10 -59.03
C3 NAG AA . 54.45 -13.39 -59.37
C4 NAG AA . 53.93 -14.56 -58.53
C5 NAG AA . 52.41 -14.67 -58.68
C6 NAG AA . 51.80 -15.73 -57.78
C7 NAG AA . 55.16 -10.20 -59.57
C8 NAG AA . 55.48 -9.14 -60.58
N2 NAG AA . 54.15 -11.02 -59.89
O3 NAG AA . 55.84 -13.24 -59.14
O4 NAG AA . 54.53 -15.78 -58.96
O5 NAG AA . 51.79 -13.43 -58.32
O6 NAG AA . 50.82 -15.17 -56.93
O7 NAG AA . 55.78 -10.31 -58.53
C1 NAG BA . 11.44 -37.59 52.59
C2 NAG BA . 11.16 -38.94 53.24
C3 NAG BA . 9.74 -39.39 52.95
C4 NAG BA . 8.73 -38.32 53.37
C5 NAG BA . 9.09 -36.97 52.73
C6 NAG BA . 8.22 -35.84 53.21
C7 NAG BA . 13.21 -40.27 53.50
C8 NAG BA . 14.09 -41.32 52.90
N2 NAG BA . 12.12 -39.94 52.81
O3 NAG BA . 9.47 -40.59 53.65
O4 NAG BA . 7.42 -38.69 52.95
O5 NAG BA . 10.45 -36.62 53.05
O6 NAG BA . 7.69 -36.11 54.51
O7 NAG BA . 13.49 -39.72 54.57
C1 NAG CA . 4.20 22.13 48.11
C2 NAG CA . 5.53 21.41 47.79
C3 NAG CA . 6.58 22.43 47.34
C4 NAG CA . 6.08 23.27 46.18
C5 NAG CA . 4.78 23.97 46.57
C6 NAG CA . 4.16 24.75 45.43
C7 NAG CA . 5.82 19.35 49.08
C8 NAG CA . 6.38 18.74 50.33
N2 NAG CA . 6.00 20.67 48.94
O3 NAG CA . 7.77 21.75 46.96
O4 NAG CA . 7.04 24.25 45.83
O5 NAG CA . 3.80 22.99 46.97
O6 NAG CA . 4.53 24.20 44.17
O7 NAG CA . 5.23 18.68 48.23
C1 NAG DA . 37.03 -17.24 5.98
C2 NAG DA . 36.33 -18.19 5.00
C3 NAG DA . 35.86 -19.45 5.74
C4 NAG DA . 37.02 -20.09 6.49
C5 NAG DA . 37.70 -19.07 7.40
C6 NAG DA . 38.93 -19.61 8.10
C7 NAG DA . 34.89 -17.74 3.07
C8 NAG DA . 33.70 -16.98 2.56
N2 NAG DA . 35.21 -17.53 4.35
O3 NAG DA . 35.32 -20.38 4.81
O4 NAG DA . 36.54 -21.18 7.28
O5 NAG DA . 38.11 -17.93 6.64
O6 NAG DA . 39.27 -18.83 9.24
O7 NAG DA . 35.53 -18.51 2.35
C1 NAG EA . 52.70 28.65 -27.74
C2 NAG EA . 53.24 29.20 -29.07
C3 NAG EA . 54.72 29.55 -28.92
C4 NAG EA . 54.94 30.48 -27.74
C5 NAG EA . 54.35 29.89 -26.47
C6 NAG EA . 54.43 30.81 -25.28
C7 NAG EA . 52.78 28.64 -31.40
C8 NAG EA . 52.61 27.54 -32.40
N2 NAG EA . 53.05 28.26 -30.15
O3 NAG EA . 55.20 30.16 -30.12
O4 NAG EA . 56.34 30.72 -27.55
O5 NAG EA . 52.96 29.59 -26.68
O6 NAG EA . 54.41 32.17 -25.67
O7 NAG EA . 52.68 29.82 -31.72
C1 NAG FA . 63.35 11.60 -38.75
C2 NAG FA . 64.86 11.45 -38.63
C3 NAG FA . 65.52 11.65 -39.99
C4 NAG FA . 64.91 10.71 -41.03
C5 NAG FA . 63.39 10.88 -41.06
C6 NAG FA . 62.71 9.88 -41.97
C7 NAG FA . 65.74 12.00 -36.40
C8 NAG FA . 66.29 13.08 -35.52
N2 NAG FA . 65.42 12.37 -37.65
O3 NAG FA . 66.92 11.43 -39.89
O4 NAG FA . 65.44 10.99 -42.31
O5 NAG FA . 62.84 10.69 -39.75
O6 NAG FA . 63.07 10.10 -43.34
O7 NAG FA . 65.58 10.85 -36.00
C1 NAG GA . -4.09 -22.51 60.91
C2 NAG GA . -5.11 -21.49 60.38
C3 NAG GA . -6.28 -21.35 61.34
C4 NAG GA . -6.90 -22.71 61.64
C5 NAG GA . -5.83 -23.68 62.15
C6 NAG GA . -6.36 -25.08 62.33
C7 NAG GA . -4.85 -19.37 59.15
C8 NAG GA . -4.10 -18.09 59.06
N2 NAG GA . -4.48 -20.21 60.14
O3 NAG GA . -7.26 -20.48 60.80
O4 NAG GA . -7.92 -22.58 62.63
O5 NAG GA . -4.76 -23.77 61.19
O6 NAG GA . -7.38 -25.37 61.39
O7 NAG GA . -5.78 -19.66 58.39
C1 NAG HA . 18.29 -34.15 15.85
C2 NAG HA . 19.65 -33.68 15.33
C3 NAG HA . 20.29 -34.75 14.45
C4 NAG HA . 20.36 -36.09 15.20
C5 NAG HA . 18.98 -36.48 15.72
C6 NAG HA . 19.00 -37.71 16.58
C7 NAG HA . 20.16 -31.31 14.96
C8 NAG HA . 19.93 -30.11 14.09
N2 NAG HA . 19.54 -32.43 14.60
O3 NAG HA . 21.59 -34.35 14.06
O4 NAG HA . 20.84 -37.11 14.33
O5 NAG HA . 18.44 -35.41 16.53
O6 NAG HA . 17.72 -38.34 16.62
O7 NAG HA . 20.89 -31.26 15.95
C1 NAG IA . -24.50 7.00 54.74
C2 NAG IA . -23.60 6.14 55.62
C3 NAG IA . -24.46 5.16 56.42
C4 NAG IA . -25.56 5.89 57.19
C5 NAG IA . -26.37 6.78 56.25
C6 NAG IA . -27.39 7.63 56.97
C7 NAG IA . -21.39 5.89 54.60
C8 NAG IA . -20.51 5.03 53.75
N2 NAG IA . -22.62 5.42 54.83
O3 NAG IA . -23.63 4.43 57.34
O4 NAG IA . -26.43 4.96 57.81
O5 NAG IA . -25.49 7.67 55.55
O6 NAG IA . -26.78 8.74 57.60
O7 NAG IA . -21.01 6.96 55.05
C1 NAG JA . 30.39 20.36 18.85
C2 NAG JA . 31.64 21.19 18.57
C3 NAG JA . 31.27 22.68 18.39
C4 NAG JA . 30.16 22.83 17.36
C5 NAG JA . 28.97 21.92 17.70
C6 NAG JA . 27.90 21.94 16.64
C7 NAG JA . 32.63 21.28 20.88
C8 NAG JA . 33.87 20.99 21.66
N2 NAG JA . 32.69 21.01 19.56
O3 NAG JA . 32.43 23.40 17.99
O4 NAG JA . 29.71 24.19 17.34
O5 NAG JA . 29.42 20.56 17.81
O6 NAG JA . 27.51 20.62 16.29
O7 NAG JA . 31.62 21.74 21.43
C1 NAG KA . 32.69 -8.40 42.57
C2 NAG KA . 32.87 -8.58 44.09
C3 NAG KA . 32.50 -7.28 44.82
C4 NAG KA . 33.26 -6.10 44.26
C5 NAG KA . 33.03 -6.00 42.75
C6 NAG KA . 33.84 -4.90 42.11
C7 NAG KA . 32.44 -10.51 45.55
C8 NAG KA . 31.46 -11.59 45.92
N2 NAG KA . 32.05 -9.69 44.57
O3 NAG KA . 32.78 -7.43 46.21
O4 NAG KA . 32.81 -4.90 44.88
O5 NAG KA . 33.43 -7.23 42.14
O6 NAG KA . 34.65 -5.41 41.06
O7 NAG KA . 33.51 -10.39 46.12
C1 NAG LA . 33.62 -12.05 28.73
C2 NAG LA . 34.31 -11.19 27.65
C3 NAG LA . 35.47 -11.96 27.00
C4 NAG LA . 36.43 -12.50 28.07
C5 NAG LA . 35.66 -13.33 29.08
C6 NAG LA . 36.51 -13.82 30.22
C7 NAG LA . 32.63 -11.39 25.80
C8 NAG LA . 31.75 -10.59 24.88
N2 NAG LA . 33.38 -10.68 26.66
O3 NAG LA . 36.17 -11.09 26.12
O4 NAG LA . 37.42 -13.32 27.45
O5 NAG LA . 34.61 -12.53 29.66
O6 NAG LA . 36.16 -13.22 31.45
O7 NAG LA . 32.62 -12.62 25.76
C1 NAG MA . 6.35 -19.78 65.36
C2 NAG MA . 7.07 -18.58 65.99
C3 NAG MA . 7.38 -18.87 67.47
C4 NAG MA . 6.11 -19.27 68.21
C5 NAG MA . 5.43 -20.43 67.50
C6 NAG MA . 4.09 -20.79 68.12
C7 NAG MA . 8.66 -17.01 64.91
C8 NAG MA . 7.73 -15.90 65.27
N2 NAG MA . 8.30 -18.25 65.27
O3 NAG MA . 7.96 -17.71 68.06
O4 NAG MA . 6.43 -19.65 69.54
O5 NAG MA . 5.16 -20.08 66.14
O6 NAG MA . 4.25 -21.22 69.46
O7 NAG MA . 9.71 -16.81 64.30
C1 NAG NA . 5.08 -9.95 49.12
C2 NAG NA . 5.44 -8.48 49.01
C3 NAG NA . 5.74 -7.90 50.39
C4 NAG NA . 4.58 -8.18 51.34
C5 NAG NA . 4.21 -9.66 51.34
C6 NAG NA . 2.97 -9.95 52.16
C7 NAG NA . 6.51 -7.74 46.90
C8 NAG NA . 5.14 -7.29 46.44
N2 NAG NA . 6.58 -8.29 48.12
O3 NAG NA . 5.98 -6.51 50.28
O4 NAG NA . 4.94 -7.78 52.66
O5 NAG NA . 3.94 -10.10 50.00
O6 NAG NA . 1.95 -9.01 51.91
O7 NAG NA . 7.50 -7.61 46.19
C1 NAG OA . 50.76 9.84 7.47
C2 NAG OA . 51.71 10.88 6.86
C3 NAG OA . 53.01 10.22 6.40
C4 NAG OA . 53.63 9.42 7.54
C5 NAG OA . 52.62 8.43 8.10
C6 NAG OA . 53.14 7.67 9.30
C7 NAG OA . 51.31 12.86 5.46
C8 NAG OA . 50.56 13.41 4.28
N2 NAG OA . 51.07 11.58 5.74
O3 NAG OA . 53.92 11.22 5.96
O4 NAG OA . 54.78 8.72 7.08
O5 NAG OA . 51.43 9.12 8.52
O6 NAG OA . 54.01 8.48 10.08
O7 NAG OA . 52.09 13.55 6.12
C1 NAG PA . 58.88 30.85 -44.33
C2 NAG PA . 58.77 32.12 -45.17
C3 NAG PA . 59.82 33.14 -44.72
C4 NAG PA . 59.72 33.40 -43.22
C5 NAG PA . 59.78 32.08 -42.44
C6 NAG PA . 59.54 32.24 -40.97
C7 NAG PA . 58.30 32.47 -47.55
C8 NAG PA . 58.58 32.02 -48.95
N2 NAG PA . 58.94 31.82 -46.58
O3 NAG PA . 59.63 34.36 -45.42
O4 NAG PA . 60.78 34.24 -42.79
O5 NAG PA . 58.77 31.18 -42.93
O6 NAG PA . 58.28 31.71 -40.58
O7 NAG PA . 57.51 33.39 -47.30
C1 NAG QA . -24.87 42.99 42.91
C2 NAG QA . -24.75 43.59 44.32
C3 NAG QA . -24.32 42.52 45.30
C4 NAG QA . -25.27 41.32 45.25
C5 NAG QA . -25.39 40.81 43.82
C6 NAG QA . -26.43 39.71 43.68
C7 NAG QA . -24.22 45.99 44.25
C8 NAG QA . -23.12 47.01 44.29
N2 NAG QA . -23.83 44.71 44.33
O3 NAG QA . -24.31 43.07 46.62
O4 NAG QA . -24.76 40.28 46.08
O5 NAG QA . -25.80 41.88 42.94
O6 NAG QA . -27.45 39.83 44.66
O7 NAG QA . -25.40 46.30 44.15
C1 NAG RA . -52.40 8.42 1.82
C2 NAG RA . -51.73 9.75 1.45
C3 NAG RA . -51.84 10.03 -0.04
C4 NAG RA . -51.29 8.86 -0.85
C5 NAG RA . -52.01 7.58 -0.46
C6 NAG RA . -51.46 6.36 -1.16
C7 NAG RA . -51.76 11.36 3.32
C8 NAG RA . -52.51 12.49 3.97
N2 NAG RA . -52.32 10.85 2.22
O3 NAG RA . -51.14 11.22 -0.36
O4 NAG RA . -51.47 9.10 -2.24
O5 NAG RA . -51.88 7.35 0.95
O6 NAG RA . -50.12 6.57 -1.60
O7 NAG RA . -50.71 10.92 3.79
C1 NAG SA . 5.13 40.58 -5.40
C2 NAG SA . 6.43 40.13 -4.74
C3 NAG SA . 6.44 40.55 -3.27
C4 NAG SA . 6.18 42.04 -3.12
C5 NAG SA . 4.89 42.42 -3.84
C6 NAG SA . 4.62 43.91 -3.85
C7 NAG SA . 7.80 38.11 -5.08
C8 NAG SA . 7.80 36.63 -5.18
N2 NAG SA . 6.61 38.69 -4.86
O3 NAG SA . 7.71 40.23 -2.69
O4 NAG SA . 6.07 42.39 -1.75
O5 NAG SA . 4.95 42.00 -5.21
O6 NAG SA . 3.25 44.18 -4.10
O7 NAG SA . 8.82 38.77 -5.19
C1 NAG TA . 11.01 22.18 -61.11
C2 NAG TA . 11.97 21.90 -62.28
C3 NAG TA . 11.89 23.02 -63.31
C4 NAG TA . 10.45 23.22 -63.77
C5 NAG TA . 9.54 23.46 -62.57
C6 NAG TA . 8.08 23.55 -62.93
C7 NAG TA . 14.21 20.91 -62.33
C8 NAG TA . 15.58 20.87 -61.72
N2 NAG TA . 13.34 21.75 -61.79
O3 NAG TA . 12.71 22.69 -64.43
O4 NAG TA . 10.37 24.34 -64.65
O5 NAG TA . 9.67 22.37 -61.64
O6 NAG TA . 7.78 22.73 -64.05
O7 NAG TA . 13.93 20.20 -63.30
C1 NAG UA . 29.20 35.56 -59.42
C2 NAG UA . 29.24 36.93 -60.11
C3 NAG UA . 30.33 36.94 -61.17
C4 NAG UA . 31.68 36.54 -60.59
C5 NAG UA . 31.56 35.19 -59.88
C6 NAG UA . 32.82 34.79 -59.15
C7 NAG UA . 27.08 38.08 -60.08
C8 NAG UA . 25.80 38.33 -60.81
N2 NAG UA . 27.95 37.27 -60.68
O3 NAG UA . 30.42 38.24 -61.75
O4 NAG UA . 32.67 36.45 -61.60
O5 NAG UA . 30.51 35.24 -58.89
O6 NAG UA . 33.93 34.73 -60.03
O7 NAG UA . 27.32 38.60 -58.99
C1 NAG VA . -40.36 25.77 44.03
C2 NAG VA . -40.48 24.29 43.62
C3 NAG VA . -41.43 23.56 44.57
C4 NAG VA . -40.98 23.74 46.02
C5 NAG VA . -40.85 25.23 46.35
C6 NAG VA . -40.28 25.46 47.73
C7 NAG VA . -40.56 23.17 41.44
C8 NAG VA . -41.12 23.18 40.06
N2 NAG VA . -40.94 24.16 42.24
O3 NAG VA . -41.46 22.18 44.25
O4 NAG VA . -41.92 23.15 46.90
O5 NAG VA . -39.95 25.86 45.42
O6 NAG VA . -39.41 24.42 48.11
O7 NAG VA . -39.80 22.27 41.82
C1 NAG WA . 4.90 35.64 21.17
C2 NAG WA . 5.14 36.37 19.86
C3 NAG WA . 6.48 37.12 19.92
C4 NAG WA . 6.53 38.04 21.14
C5 NAG WA . 6.23 37.24 22.40
C6 NAG WA . 6.14 38.10 23.64
C7 NAG WA . 4.31 35.62 17.68
C8 NAG WA . 4.42 34.59 16.60
N2 NAG WA . 5.12 35.46 18.73
O3 NAG WA . 6.64 37.89 18.73
O4 NAG WA . 7.81 38.63 21.24
O5 NAG WA . 4.97 36.57 22.28
O6 NAG WA . 6.33 37.34 24.82
O7 NAG WA . 3.51 36.55 17.61
C1 NAG XA . -51.31 -6.61 31.21
C2 NAG XA . -51.70 -5.21 31.68
C3 NAG XA . -51.98 -5.22 33.18
C4 NAG XA . -53.01 -6.28 33.53
C5 NAG XA . -52.57 -7.64 33.01
C6 NAG XA . -53.60 -8.72 33.22
C7 NAG XA . -50.67 -3.51 30.23
C8 NAG XA . -49.52 -2.57 30.05
N2 NAG XA . -50.66 -4.25 31.35
O3 NAG XA . -52.47 -3.93 33.57
O4 NAG XA . -53.15 -6.37 34.95
O5 NAG XA . -52.34 -7.55 31.59
O6 NAG XA . -54.74 -8.53 32.40
O7 NAG XA . -51.56 -3.62 29.39
C1 NAG YA . -25.61 21.80 -23.44
C2 NAG YA . -25.78 22.31 -24.88
C3 NAG YA . -26.39 21.24 -25.77
C4 NAG YA . -25.61 19.93 -25.66
C5 NAG YA . -25.45 19.52 -24.20
C6 NAG YA . -24.57 18.31 -24.02
C7 NAG YA . -27.79 23.80 -24.56
C8 NAG YA . -28.28 25.20 -24.76
N2 NAG YA . -26.52 23.57 -24.96
O3 NAG YA . -26.41 21.69 -27.12
O4 NAG YA . -26.29 18.89 -26.37
O5 NAG YA . -24.84 20.58 -23.45
O6 NAG YA . -23.50 18.58 -23.12
O7 NAG YA . -28.51 22.93 -24.08
C1 NAG ZA . -30.18 43.82 5.72
C2 NAG ZA . -31.41 44.55 6.30
C3 NAG ZA . -32.55 44.54 5.28
C4 NAG ZA . -32.07 45.12 3.94
C5 NAG ZA . -30.83 44.37 3.46
C6 NAG ZA . -30.24 44.96 2.20
C7 NAG ZA . -32.31 44.66 8.58
C8 NAG ZA . -32.72 43.88 9.78
N2 NAG ZA . -31.84 43.94 7.54
O3 NAG ZA . -33.64 45.31 5.78
O4 NAG ZA . -33.10 44.98 2.97
O5 NAG ZA . -29.80 44.44 4.47
O6 NAG ZA . -29.30 44.07 1.60
O7 NAG ZA . -32.41 45.88 8.53
C1 NAG AB . -17.02 42.06 2.49
C2 NAG AB . -16.61 42.03 0.99
C3 NAG AB . -15.80 43.27 0.59
C4 NAG AB . -16.52 44.54 1.02
C5 NAG AB . -16.78 44.50 2.52
C6 NAG AB . -17.52 45.70 3.04
C7 NAG AB . -14.73 40.36 1.06
C8 NAG AB . -14.26 39.06 0.48
N2 NAG AB . -15.92 40.80 0.60
O3 NAG AB . -15.59 43.27 -0.81
O4 NAG AB . -15.72 45.68 0.71
O5 NAG AB . -17.59 43.35 2.83
O6 NAG AB . -18.88 45.68 2.63
O7 NAG AB . -14.06 40.97 1.91
C1 NAG BB . -45.18 34.74 37.89
C2 NAG BB . -46.16 35.08 36.76
C3 NAG BB . -47.27 35.98 37.30
C4 NAG BB . -47.95 35.35 38.51
C5 NAG BB . -46.90 34.98 39.57
C6 NAG BB . -47.49 34.21 40.74
C7 NAG BB . -45.66 35.35 34.35
C8 NAG BB . -46.61 34.21 34.09
N2 NAG BB . -45.49 35.71 35.63
O3 NAG BB . -48.23 36.22 36.27
O4 NAG BB . -48.87 36.25 39.08
O5 NAG BB . -45.89 34.13 38.99
O6 NAG BB . -48.03 35.09 41.71
O7 NAG BB . -45.07 35.92 33.44
C1 NAG CB . -36.28 24.46 24.82
C2 NAG CB . -36.78 23.96 23.48
C3 NAG CB . -38.23 24.35 23.26
C4 NAG CB . -39.10 23.89 24.42
C5 NAG CB . -38.51 24.38 25.75
C6 NAG CB . -39.24 23.85 26.96
C7 NAG CB . -35.07 23.72 21.68
C8 NAG CB . -34.98 22.26 22.06
N2 NAG CB . -35.94 24.45 22.38
O3 NAG CB . -38.71 23.76 22.05
O4 NAG CB . -40.42 24.40 24.29
O5 NAG CB . -37.14 23.96 25.87
O6 NAG CB . -38.74 22.58 27.36
O7 NAG CB . -34.40 24.20 20.78
C1 NAG DB . -9.57 40.20 -31.78
C2 NAG DB . -9.61 40.37 -33.30
C3 NAG DB . -8.82 41.61 -33.72
C4 NAG DB . -9.30 42.84 -32.97
C5 NAG DB . -9.26 42.58 -31.46
C6 NAG DB . -9.83 43.73 -30.66
C7 NAG DB . -9.55 38.73 -35.14
C8 NAG DB . -8.89 37.49 -35.67
N2 NAG DB . -9.09 39.18 -33.97
O3 NAG DB . -8.96 41.81 -35.13
O4 NAG DB . -8.49 43.96 -33.29
O5 NAG DB . -10.04 41.43 -31.14
O6 NAG DB . -10.97 44.29 -31.29
O7 NAG DB . -10.45 39.29 -35.74
C1 NAG EB . 23.86 21.32 -73.19
C2 NAG EB . 23.92 20.39 -74.42
C3 NAG EB . 23.04 20.94 -75.54
C4 NAG EB . 21.62 21.20 -75.04
C5 NAG EB . 21.64 22.10 -73.81
C6 NAG EB . 20.28 22.29 -73.18
C7 NAG EB . 25.75 19.11 -75.42
C8 NAG EB . 27.19 19.11 -75.84
N2 NAG EB . 25.29 20.23 -74.87
O3 NAG EB . 23.00 20.01 -76.62
O4 NAG EB . 20.86 21.84 -76.06
O5 NAG EB . 22.49 21.51 -72.80
O6 NAG EB . 20.20 21.63 -71.93
O7 NAG EB . 25.03 18.11 -75.58
#